data_7OLH
#
_entry.id   7OLH
#
_cell.length_a   62.205
_cell.length_b   227.561
_cell.length_c   151.604
_cell.angle_alpha   90.000
_cell.angle_beta   99.660
_cell.angle_gamma   90.000
#
_symmetry.space_group_name_H-M   'P 1 21 1'
#
loop_
_entity.id
_entity.type
_entity.pdbx_description
1 polymer 'Phosphoglucosamine mutase'
2 polymer 'Cyclic di-AMP synthase CdaA'
#
loop_
_entity_poly.entity_id
_entity_poly.type
_entity_poly.pdbx_seq_one_letter_code
_entity_poly.pdbx_strand_id
1 'polypeptide(L)'
;MGKYFGTDGVRGVANSELTPELAFKVGRFGGYVLTKDKQRPKVLIGRDTRISGHMLEGALVAGLLSIGAEVMRLGVISTP
GVSYLTKAMDAEAGVMISASHNPVQDNGIKFFGGDGFKLSDEQEAEIERLMDEPEDKLPRPVGADLGLVNDYFEGGQKYL
QFLKQTADEDFTGIHVALDCANGATSSLATHLFADLDADVSTMGTSPNGLNINDGVGSTHPEALSAFVKEKNADLGLAFD
GDGDRLIAVDEKGNIVDGDQIMYICSKHLKSEGRLKDDTVVSTVMSNLGFYKALEKEGIKSVQTAVGDRYVVEAMKKDGY
NVGGEQSGHLIFLDYNTTGDGLLSAIMLMNTLKATGKPLSELAAEMQKFPQLLVNVRVTDKYKVEENEKVKAVISEVEKE
MNGDGRILVRPSGTEPLVRVMAEAKTKELCDEYVNRIVEVVRSEMGLELVPRGSSGLEHHHHHH
;
A,B,C,D,E,F
2 'polypeptide(L)'
;EAQQKTIEAITKAINYMAKRRIGALLTIERDTGMGDYIETGIPLNAKVSSELLINIFIPNTPLHDGAVIMKNNEIAAAAC
YLPLSESPFISKELGTRHRAAVGISEVTDSLTIIVSEETGGVSVAKNGDLHRELTEEALKEMLEAEFKKNTRDTSSNRWY
WRGKKNG
;
G,H,I,J,K,L
#
# COMPACT_ATOMS: atom_id res chain seq x y z
N GLY A 2 8.10 -9.56 19.58
CA GLY A 2 6.66 -9.41 19.63
C GLY A 2 6.20 -7.97 19.67
N LYS A 3 6.70 -7.16 18.73
CA LYS A 3 6.36 -5.75 18.61
C LYS A 3 6.61 -5.01 19.93
N TYR A 4 5.64 -5.01 20.84
CA TYR A 4 5.84 -4.43 22.16
C TYR A 4 5.91 -5.46 23.27
N PHE A 5 5.20 -6.58 23.15
CA PHE A 5 5.08 -7.57 24.22
C PHE A 5 5.95 -8.77 23.86
N GLY A 6 7.19 -8.75 24.34
CA GLY A 6 8.10 -9.86 24.20
C GLY A 6 7.79 -10.96 25.20
N THR A 7 8.81 -11.78 25.47
CA THR A 7 8.68 -12.81 26.50
C THR A 7 8.40 -12.19 27.86
N ASP A 8 9.24 -11.27 28.28
CA ASP A 8 9.09 -10.59 29.58
C ASP A 8 8.38 -9.25 29.42
N GLY A 9 7.25 -9.25 28.71
CA GLY A 9 6.49 -8.03 28.53
C GLY A 9 7.18 -7.01 27.65
N VAL A 10 6.97 -5.74 27.99
CA VAL A 10 7.58 -4.62 27.28
C VAL A 10 8.86 -4.25 27.98
N ARG A 11 9.99 -4.31 27.26
CA ARG A 11 11.28 -4.00 27.83
C ARG A 11 12.04 -3.03 26.94
N GLY A 12 12.89 -2.22 27.58
CA GLY A 12 13.81 -1.36 26.86
C GLY A 12 14.65 -0.61 27.85
N VAL A 13 15.63 0.11 27.32
CA VAL A 13 16.43 1.01 28.15
C VAL A 13 15.60 2.26 28.42
N ALA A 14 15.57 2.67 29.69
CA ALA A 14 14.57 3.63 30.15
C ALA A 14 14.73 4.99 29.47
N ASN A 15 13.60 5.67 29.29
CA ASN A 15 13.51 7.03 28.76
C ASN A 15 13.88 7.09 27.28
N SER A 16 14.97 6.44 26.90
CA SER A 16 15.41 6.49 25.51
C SER A 16 14.63 5.51 24.64
N GLU A 17 14.51 4.26 25.08
CA GLU A 17 13.73 3.25 24.36
C GLU A 17 12.35 3.04 24.99
N LEU A 18 12.32 2.73 26.28
CA LEU A 18 11.07 2.62 27.03
C LEU A 18 10.74 4.01 27.56
N THR A 19 10.03 4.79 26.74
CA THR A 19 9.76 6.18 27.08
C THR A 19 8.56 6.29 28.02
N PRO A 20 8.53 7.32 28.87
CA PRO A 20 7.34 7.55 29.70
C PRO A 20 6.08 7.75 28.88
N GLU A 21 6.17 8.35 27.69
CA GLU A 21 5.01 8.40 26.79
C GLU A 21 4.55 6.99 26.45
N LEU A 22 5.49 6.09 26.17
CA LEU A 22 5.14 4.71 25.86
C LEU A 22 4.47 4.03 27.05
N ALA A 23 5.00 4.24 28.26
CA ALA A 23 4.38 3.66 29.44
C ALA A 23 2.97 4.20 29.66
N PHE A 24 2.77 5.48 29.36
CA PHE A 24 1.44 6.08 29.47
C PHE A 24 0.47 5.40 28.51
N LYS A 25 0.87 5.26 27.24
CA LYS A 25 0.01 4.58 26.27
C LYS A 25 -0.26 3.14 26.70
N VAL A 26 0.76 2.46 27.24
CA VAL A 26 0.57 1.10 27.74
C VAL A 26 -0.52 1.06 28.80
N GLY A 27 -0.38 1.91 29.83
CA GLY A 27 -1.36 1.92 30.90
C GLY A 27 -2.77 2.22 30.39
N ARG A 28 -2.89 3.22 29.52
CA ARG A 28 -4.21 3.63 29.05
C ARG A 28 -4.87 2.53 28.23
N PHE A 29 -4.17 2.02 27.21
CA PHE A 29 -4.77 1.04 26.32
C PHE A 29 -5.00 -0.29 27.02
N GLY A 30 -4.04 -0.73 27.84
CA GLY A 30 -4.24 -1.94 28.62
C GLY A 30 -5.39 -1.85 29.59
N GLY A 31 -5.53 -0.72 30.29
CA GLY A 31 -6.67 -0.57 31.16
C GLY A 31 -7.98 -0.60 30.41
N TYR A 32 -8.02 0.03 29.23
CA TYR A 32 -9.23 -0.03 28.42
C TYR A 32 -9.56 -1.45 28.00
N VAL A 33 -8.56 -2.21 27.53
CA VAL A 33 -8.85 -3.56 27.05
C VAL A 33 -9.33 -4.46 28.18
N LEU A 34 -8.75 -4.31 29.37
CA LEU A 34 -9.23 -5.10 30.50
C LEU A 34 -10.35 -4.42 31.27
N THR A 35 -10.95 -3.37 30.71
CA THR A 35 -12.10 -2.75 31.36
C THR A 35 -13.43 -3.32 30.88
N LYS A 36 -13.50 -3.68 29.60
CA LYS A 36 -14.73 -3.95 28.84
C LYS A 36 -15.94 -4.40 29.66
N ASP A 37 -15.76 -5.40 30.51
CA ASP A 37 -16.87 -5.97 31.26
C ASP A 37 -17.26 -5.12 32.46
N LYS A 38 -16.34 -4.95 33.41
CA LYS A 38 -16.70 -4.27 34.65
C LYS A 38 -16.40 -2.79 34.58
N GLN A 39 -17.31 -2.00 35.13
CA GLN A 39 -17.21 -0.54 35.17
C GLN A 39 -16.29 -0.19 36.32
N ARG A 40 -15.01 0.11 35.99
CA ARG A 40 -13.91 0.59 36.83
C ARG A 40 -13.05 -0.59 37.24
N PRO A 41 -12.07 -0.97 36.42
CA PRO A 41 -11.19 -2.09 36.77
C PRO A 41 -10.33 -1.76 37.99
N LYS A 42 -9.77 -2.81 38.58
CA LYS A 42 -8.91 -2.71 39.75
C LYS A 42 -7.53 -3.22 39.36
N VAL A 43 -6.74 -2.36 38.72
CA VAL A 43 -5.34 -2.66 38.44
C VAL A 43 -4.49 -2.22 39.62
N LEU A 44 -3.64 -3.11 40.10
CA LEU A 44 -2.64 -2.73 41.09
C LEU A 44 -1.26 -2.90 40.48
N ILE A 45 -0.32 -2.08 40.95
CA ILE A 45 0.93 -1.87 40.26
C ILE A 45 2.07 -1.93 41.26
N GLY A 46 3.18 -2.54 40.86
CA GLY A 46 4.34 -2.68 41.70
C GLY A 46 5.59 -2.59 40.86
N ARG A 47 6.73 -2.43 41.52
CA ARG A 47 7.96 -2.16 40.81
C ARG A 47 9.14 -2.70 41.59
N ASP A 48 10.30 -2.69 40.97
CA ASP A 48 11.55 -2.92 41.67
C ASP A 48 12.12 -1.57 42.11
N THR A 49 13.36 -1.56 42.58
CA THR A 49 13.97 -0.37 43.16
C THR A 49 14.69 0.50 42.13
N ARG A 50 14.43 0.32 40.84
CA ARG A 50 15.13 1.05 39.79
C ARG A 50 14.78 2.53 39.82
N ILE A 51 15.78 3.37 39.52
CA ILE A 51 15.58 4.81 39.50
C ILE A 51 14.54 5.22 38.46
N SER A 52 14.38 4.43 37.40
CA SER A 52 13.35 4.67 36.40
C SER A 52 11.97 4.20 36.83
N GLY A 53 11.90 3.43 37.92
CA GLY A 53 10.62 2.92 38.39
C GLY A 53 9.63 4.03 38.69
N HIS A 54 10.09 5.10 39.33
CA HIS A 54 9.18 6.17 39.73
C HIS A 54 8.58 6.85 38.50
N MET A 55 9.41 7.20 37.53
CA MET A 55 8.91 7.83 36.32
C MET A 55 7.92 6.92 35.59
N LEU A 56 8.29 5.64 35.42
CA LEU A 56 7.39 4.74 34.70
C LEU A 56 6.09 4.49 35.46
N GLU A 57 6.16 4.44 36.80
CA GLU A 57 4.95 4.28 37.61
C GLU A 57 4.04 5.50 37.49
N GLY A 58 4.63 6.70 37.48
CA GLY A 58 3.81 7.89 37.30
C GLY A 58 3.10 7.90 35.97
N ALA A 59 3.84 7.60 34.90
CA ALA A 59 3.21 7.57 33.58
C ALA A 59 2.13 6.48 33.50
N LEU A 60 2.41 5.32 34.08
CA LEU A 60 1.47 4.20 34.02
C LEU A 60 0.19 4.51 34.79
N VAL A 61 0.32 5.13 35.98
CA VAL A 61 -0.85 5.47 36.76
C VAL A 61 -1.65 6.59 36.07
N ALA A 62 -0.96 7.55 35.44
CA ALA A 62 -1.67 8.56 34.67
C ALA A 62 -2.49 7.91 33.56
N GLY A 63 -1.88 6.98 32.82
CA GLY A 63 -2.61 6.26 31.78
C GLY A 63 -3.81 5.50 32.34
N LEU A 64 -3.58 4.73 33.41
CA LEU A 64 -4.64 3.90 33.98
C LEU A 64 -5.79 4.75 34.50
N LEU A 65 -5.49 5.93 35.06
CA LEU A 65 -6.55 6.81 35.52
C LEU A 65 -7.25 7.53 34.37
N SER A 66 -6.57 7.69 33.24
CA SER A 66 -7.20 8.34 32.08
C SER A 66 -8.28 7.50 31.43
N ILE A 67 -8.61 6.31 31.94
CA ILE A 67 -9.68 5.51 31.38
C ILE A 67 -10.54 4.95 32.51
N GLY A 68 -10.33 5.44 33.73
CA GLY A 68 -11.20 5.13 34.84
C GLY A 68 -10.80 3.96 35.71
N ALA A 69 -9.66 3.33 35.44
CA ALA A 69 -9.27 2.17 36.23
C ALA A 69 -8.89 2.58 37.64
N GLU A 70 -9.39 1.84 38.63
CA GLU A 70 -8.99 2.03 40.01
C GLU A 70 -7.60 1.45 40.20
N VAL A 71 -6.67 2.27 40.69
CA VAL A 71 -5.25 1.95 40.74
C VAL A 71 -4.83 1.76 42.19
N MET A 72 -4.14 0.65 42.46
CA MET A 72 -3.67 0.31 43.80
C MET A 72 -2.15 0.22 43.76
N ARG A 73 -1.49 1.33 44.07
CA ARG A 73 -0.03 1.35 44.14
C ARG A 73 0.48 0.46 45.26
N LEU A 74 1.56 -0.28 44.98
CA LEU A 74 2.15 -1.18 45.96
C LEU A 74 3.55 -0.78 46.42
N GLY A 75 4.23 0.11 45.71
CA GLY A 75 5.59 0.45 46.06
C GLY A 75 6.57 -0.59 45.58
N VAL A 76 7.58 -0.91 46.39
CA VAL A 76 8.58 -1.90 46.02
C VAL A 76 8.14 -3.26 46.53
N ILE A 77 7.97 -4.22 45.60
CA ILE A 77 7.54 -5.56 45.95
C ILE A 77 7.92 -6.46 44.79
N SER A 78 8.25 -7.72 45.10
CA SER A 78 8.66 -8.66 44.08
C SER A 78 7.50 -8.99 43.14
N THR A 79 7.85 -9.41 41.94
CA THR A 79 6.84 -9.87 40.99
C THR A 79 5.99 -11.01 41.55
N PRO A 80 6.54 -12.02 42.24
CA PRO A 80 5.68 -12.97 42.97
C PRO A 80 4.65 -12.29 43.88
N GLY A 81 5.09 -11.29 44.65
CA GLY A 81 4.15 -10.56 45.49
C GLY A 81 3.06 -9.88 44.69
N VAL A 82 3.42 -9.33 43.52
CA VAL A 82 2.42 -8.70 42.66
C VAL A 82 1.39 -9.72 42.23
N SER A 83 1.83 -10.88 41.73
CA SER A 83 0.89 -11.92 41.30
CA SER A 83 0.88 -11.91 41.30
C SER A 83 0.01 -12.37 42.47
N TYR A 84 0.62 -12.61 43.62
CA TYR A 84 -0.13 -13.09 44.77
C TYR A 84 -1.19 -12.08 45.20
N LEU A 85 -0.85 -10.80 45.19
CA LEU A 85 -1.83 -9.80 45.61
C LEU A 85 -2.93 -9.63 44.58
N THR A 86 -2.59 -9.65 43.28
CA THR A 86 -3.62 -9.55 42.26
C THR A 86 -4.60 -10.71 42.34
N LYS A 87 -4.11 -11.91 42.61
CA LYS A 87 -5.04 -13.04 42.74
C LYS A 87 -5.83 -12.95 44.04
N ALA A 88 -5.14 -12.80 45.17
CA ALA A 88 -5.78 -12.84 46.47
C ALA A 88 -6.74 -11.67 46.70
N MET A 89 -6.74 -10.66 45.82
CA MET A 89 -7.65 -9.54 45.95
C MET A 89 -8.65 -9.47 44.81
N ASP A 90 -8.71 -10.51 43.97
CA ASP A 90 -9.67 -10.62 42.88
C ASP A 90 -9.65 -9.40 41.97
N ALA A 91 -8.45 -8.88 41.72
CA ALA A 91 -8.28 -7.68 40.91
C ALA A 91 -8.13 -8.03 39.44
N GLU A 92 -8.56 -7.10 38.59
CA GLU A 92 -8.66 -7.39 37.16
C GLU A 92 -7.29 -7.61 36.52
N ALA A 93 -6.26 -6.91 37.00
CA ALA A 93 -4.94 -7.03 36.41
C ALA A 93 -3.89 -6.52 37.39
N GLY A 94 -2.65 -6.91 37.15
CA GLY A 94 -1.55 -6.45 37.96
C GLY A 94 -0.35 -6.15 37.09
N VAL A 95 0.41 -5.13 37.50
CA VAL A 95 1.53 -4.62 36.72
C VAL A 95 2.79 -4.67 37.58
N MET A 96 3.89 -5.08 36.96
CA MET A 96 5.20 -5.05 37.60
C MET A 96 6.13 -4.28 36.68
N ILE A 97 6.61 -3.13 37.15
CA ILE A 97 7.59 -2.35 36.41
C ILE A 97 8.97 -2.79 36.91
N SER A 98 9.64 -3.61 36.11
CA SER A 98 10.96 -4.14 36.41
C SER A 98 11.49 -4.83 35.17
N ALA A 99 12.78 -5.18 35.21
CA ALA A 99 13.44 -5.90 34.15
C ALA A 99 14.49 -6.80 34.82
N SER A 100 14.00 -7.81 35.53
CA SER A 100 14.75 -8.86 36.23
C SER A 100 16.21 -8.96 35.83
N HIS A 101 17.11 -8.81 36.81
CA HIS A 101 18.55 -9.07 36.72
C HIS A 101 19.29 -8.26 35.65
N ASN A 102 18.56 -7.54 34.80
CA ASN A 102 19.19 -6.68 33.83
C ASN A 102 19.84 -5.48 34.53
N PRO A 103 20.73 -4.76 33.84
CA PRO A 103 21.38 -3.61 34.48
C PRO A 103 20.38 -2.50 34.78
N VAL A 104 20.82 -1.59 35.67
CA VAL A 104 19.92 -0.59 36.21
C VAL A 104 19.34 0.30 35.12
N GLN A 105 20.07 0.48 34.03
CA GLN A 105 19.60 1.37 32.96
C GLN A 105 18.37 0.82 32.26
N ASP A 106 18.17 -0.49 32.28
CA ASP A 106 17.05 -1.12 31.60
C ASP A 106 15.87 -1.23 32.56
N ASN A 107 14.68 -1.33 31.98
CA ASN A 107 13.46 -1.51 32.78
C ASN A 107 12.41 -2.15 31.89
N GLY A 108 11.26 -2.47 32.48
CA GLY A 108 10.23 -3.14 31.73
C GLY A 108 8.88 -3.23 32.40
N ILE A 109 7.81 -3.33 31.62
CA ILE A 109 6.44 -3.45 32.11
C ILE A 109 5.96 -4.87 31.86
N LYS A 110 5.42 -5.51 32.89
CA LYS A 110 4.88 -6.85 32.80
C LYS A 110 3.47 -6.89 33.37
N PHE A 111 2.60 -7.67 32.75
CA PHE A 111 1.19 -7.71 33.08
C PHE A 111 0.78 -9.09 33.60
N PHE A 112 -0.14 -9.10 34.55
CA PHE A 112 -0.74 -10.31 35.10
C PHE A 112 -2.25 -10.18 35.09
N GLY A 113 -2.93 -11.25 34.66
CA GLY A 113 -4.36 -11.29 34.67
C GLY A 113 -4.92 -11.50 36.07
N GLY A 114 -6.24 -11.66 36.12
CA GLY A 114 -6.91 -11.87 37.39
C GLY A 114 -6.52 -13.17 38.06
N ASP A 115 -6.25 -14.21 37.26
CA ASP A 115 -5.87 -15.50 37.78
C ASP A 115 -4.46 -15.52 38.34
N GLY A 116 -3.65 -14.51 38.05
CA GLY A 116 -2.26 -14.47 38.45
C GLY A 116 -1.28 -14.86 37.37
N PHE A 117 -1.74 -15.03 36.13
CA PHE A 117 -0.92 -15.46 35.02
C PHE A 117 -0.77 -14.33 34.00
N LYS A 118 0.24 -14.47 33.15
CA LYS A 118 0.47 -13.53 32.06
C LYS A 118 -0.82 -13.32 31.27
N LEU A 119 -1.02 -12.07 30.82
CA LEU A 119 -2.23 -11.73 30.07
C LEU A 119 -2.37 -12.62 28.84
N SER A 120 -3.61 -12.94 28.50
CA SER A 120 -3.86 -13.74 27.32
C SER A 120 -3.32 -13.03 26.07
N ASP A 121 -2.78 -13.82 25.15
CA ASP A 121 -2.20 -13.26 23.93
C ASP A 121 -3.22 -12.48 23.11
N GLU A 122 -4.51 -12.80 23.24
CA GLU A 122 -5.54 -12.00 22.58
C GLU A 122 -5.58 -10.59 23.15
N GLN A 123 -5.52 -10.46 24.47
CA GLN A 123 -5.54 -9.14 25.09
C GLN A 123 -4.31 -8.34 24.71
N GLU A 124 -3.14 -8.96 24.75
CA GLU A 124 -1.91 -8.29 24.31
C GLU A 124 -2.01 -7.88 22.85
N ALA A 125 -2.59 -8.75 22.02
CA ALA A 125 -2.79 -8.43 20.61
C ALA A 125 -3.64 -7.18 20.45
N GLU A 126 -4.74 -7.09 21.21
CA GLU A 126 -5.58 -5.90 21.13
C GLU A 126 -4.86 -4.66 21.62
N ILE A 127 -4.10 -4.79 22.71
CA ILE A 127 -3.31 -3.67 23.22
C ILE A 127 -2.38 -3.15 22.15
N GLU A 128 -1.73 -4.05 21.41
CA GLU A 128 -0.84 -3.63 20.34
C GLU A 128 -1.61 -3.08 19.15
N ARG A 129 -2.82 -3.60 18.90
CA ARG A 129 -3.67 -3.03 17.86
C ARG A 129 -3.96 -1.56 18.14
N LEU A 130 -4.28 -1.23 19.40
CA LEU A 130 -4.61 0.14 19.72
C LEU A 130 -3.37 1.05 19.72
N MET A 131 -2.19 0.48 19.94
CA MET A 131 -0.95 1.26 19.91
C MET A 131 -0.49 1.59 18.49
N ASP A 132 -1.25 1.21 17.47
CA ASP A 132 -0.91 1.52 16.09
C ASP A 132 -1.81 2.58 15.47
N GLU A 133 -3.07 2.64 15.86
CA GLU A 133 -3.96 3.70 15.42
C GLU A 133 -3.43 5.05 15.89
N PRO A 134 -3.14 5.99 14.99
CA PRO A 134 -2.61 7.29 15.43
C PRO A 134 -3.69 8.23 15.94
N GLU A 135 -4.82 7.67 16.38
CA GLU A 135 -5.93 8.46 16.89
C GLU A 135 -6.35 7.88 18.24
N ASP A 136 -6.16 8.65 19.31
CA ASP A 136 -6.55 8.23 20.66
C ASP A 136 -8.06 8.40 20.85
N LYS A 137 -8.81 7.63 20.06
CA LYS A 137 -10.27 7.69 20.06
C LYS A 137 -10.88 6.91 21.21
N LEU A 138 -10.14 6.67 22.29
CA LEU A 138 -10.66 5.94 23.42
C LEU A 138 -11.38 6.88 24.36
N PRO A 139 -12.33 6.37 25.15
CA PRO A 139 -13.09 7.25 26.05
C PRO A 139 -12.18 8.01 27.00
N ARG A 140 -12.55 9.27 27.28
CA ARG A 140 -11.81 10.13 28.19
C ARG A 140 -12.76 10.54 29.31
N PRO A 141 -12.94 9.67 30.31
CA PRO A 141 -13.84 10.01 31.42
C PRO A 141 -13.40 11.29 32.12
N VAL A 142 -14.38 11.99 32.70
CA VAL A 142 -14.16 13.29 33.29
C VAL A 142 -14.92 13.38 34.61
N GLY A 143 -14.50 14.32 35.45
CA GLY A 143 -15.13 14.52 36.74
C GLY A 143 -15.04 13.28 37.58
N ALA A 144 -16.19 12.74 37.96
CA ALA A 144 -16.22 11.55 38.81
C ALA A 144 -15.98 10.27 38.03
N ASP A 145 -16.08 10.32 36.71
CA ASP A 145 -15.82 9.14 35.88
C ASP A 145 -14.34 8.81 35.79
N LEU A 146 -13.46 9.73 36.20
CA LEU A 146 -12.02 9.51 36.13
C LEU A 146 -11.60 8.34 37.02
N GLY A 147 -10.35 7.91 36.85
CA GLY A 147 -9.81 6.85 37.66
C GLY A 147 -9.72 7.22 39.13
N LEU A 148 -9.51 6.19 39.95
CA LEU A 148 -9.44 6.32 41.40
C LEU A 148 -8.16 5.64 41.86
N VAL A 149 -7.64 6.09 43.00
CA VAL A 149 -6.34 5.65 43.49
C VAL A 149 -6.45 5.30 44.98
N ASN A 150 -6.02 4.09 45.33
CA ASN A 150 -6.00 3.62 46.72
C ASN A 150 -4.63 3.01 46.99
N ASP A 151 -3.67 3.83 47.43
CA ASP A 151 -2.35 3.34 47.77
C ASP A 151 -2.45 2.21 48.79
N TYR A 152 -1.74 1.12 48.53
CA TYR A 152 -1.74 -0.03 49.43
C TYR A 152 -0.30 -0.49 49.67
N PHE A 153 0.50 0.38 50.26
CA PHE A 153 1.90 0.05 50.52
C PHE A 153 2.08 -1.02 51.58
N GLU A 154 1.03 -1.36 52.32
CA GLU A 154 1.06 -2.47 53.26
C GLU A 154 0.94 -3.83 52.57
N GLY A 155 0.61 -3.84 51.29
CA GLY A 155 0.38 -5.09 50.57
C GLY A 155 1.48 -6.11 50.77
N GLY A 156 2.73 -5.65 50.79
CA GLY A 156 3.86 -6.53 51.04
C GLY A 156 3.62 -7.48 52.19
N GLN A 157 3.19 -6.93 53.33
CA GLN A 157 3.00 -7.75 54.52
C GLN A 157 1.91 -8.79 54.34
N LYS A 158 0.92 -8.52 53.49
CA LYS A 158 0.02 -9.60 53.07
C LYS A 158 0.81 -10.71 52.41
N TYR A 159 1.52 -10.39 51.32
CA TYR A 159 2.38 -11.36 50.65
C TYR A 159 3.41 -11.94 51.58
N LEU A 160 3.85 -11.17 52.58
CA LEU A 160 4.73 -11.71 53.61
C LEU A 160 3.99 -12.73 54.46
N GLN A 161 2.82 -12.35 55.01
CA GLN A 161 2.04 -13.27 55.83
C GLN A 161 1.74 -14.56 55.10
N PHE A 162 1.66 -14.51 53.78
CA PHE A 162 1.48 -15.73 53.00
C PHE A 162 2.74 -16.59 53.06
N LEU A 163 3.88 -16.02 52.66
CA LEU A 163 5.12 -16.79 52.68
C LEU A 163 5.37 -17.37 54.06
N LYS A 164 5.13 -16.57 55.10
CA LYS A 164 5.39 -17.02 56.47
C LYS A 164 4.60 -18.27 56.82
N GLN A 165 3.39 -18.43 56.28
CA GLN A 165 2.61 -19.61 56.62
C GLN A 165 3.03 -20.84 55.84
N THR A 166 3.78 -20.67 54.76
CA THR A 166 4.24 -21.80 53.95
C THR A 166 5.54 -22.39 54.45
N ALA A 167 5.86 -22.19 55.73
CA ALA A 167 7.05 -22.76 56.35
C ALA A 167 6.62 -23.82 57.36
N ASP A 168 7.15 -25.04 57.21
CA ASP A 168 6.73 -26.15 58.05
C ASP A 168 7.05 -25.95 59.52
N GLU A 169 7.92 -24.99 59.84
CA GLU A 169 8.23 -24.56 61.21
C GLU A 169 9.28 -23.47 61.10
N ASP A 170 9.43 -22.70 62.18
CA ASP A 170 10.45 -21.66 62.20
C ASP A 170 11.83 -22.29 62.09
N PHE A 171 12.75 -21.55 61.47
CA PHE A 171 14.08 -22.06 61.16
C PHE A 171 15.10 -21.70 62.24
N THR A 172 14.75 -21.99 63.49
CA THR A 172 15.61 -21.65 64.61
C THR A 172 16.93 -22.40 64.53
N GLY A 173 18.02 -21.69 64.82
CA GLY A 173 19.34 -22.30 64.81
C GLY A 173 19.99 -22.44 63.46
N ILE A 174 19.51 -21.72 62.45
CA ILE A 174 20.05 -21.79 61.11
C ILE A 174 20.62 -20.42 60.76
N HIS A 175 21.91 -20.39 60.42
CA HIS A 175 22.55 -19.17 59.96
C HIS A 175 22.43 -19.10 58.44
N VAL A 176 21.79 -18.05 57.94
CA VAL A 176 21.52 -17.90 56.51
C VAL A 176 22.01 -16.53 56.07
N ALA A 177 22.75 -16.50 54.96
CA ALA A 177 23.18 -15.25 54.34
C ALA A 177 22.25 -14.94 53.18
N LEU A 178 21.89 -13.67 53.05
CA LEU A 178 20.96 -13.24 52.02
C LEU A 178 21.63 -12.26 51.07
N ASP A 179 21.47 -12.50 49.77
CA ASP A 179 21.89 -11.57 48.73
C ASP A 179 20.65 -11.22 47.94
N CYS A 180 20.15 -9.99 48.14
CA CYS A 180 18.88 -9.56 47.56
C CYS A 180 19.07 -8.71 46.33
N ALA A 181 20.26 -8.73 45.73
CA ALA A 181 20.56 -8.05 44.48
C ALA A 181 20.31 -6.55 44.55
N ASN A 182 20.18 -5.99 45.76
CA ASN A 182 19.72 -4.61 45.93
C ASN A 182 18.41 -4.40 45.21
N GLY A 183 17.56 -5.43 45.23
CA GLY A 183 16.33 -5.42 44.47
C GLY A 183 15.06 -5.32 45.29
N ALA A 184 13.96 -5.88 44.74
CA ALA A 184 12.67 -5.74 45.39
C ALA A 184 12.61 -6.49 46.72
N THR A 185 13.32 -7.61 46.84
CA THR A 185 13.27 -8.41 48.05
C THR A 185 14.06 -7.81 49.21
N SER A 186 14.68 -6.64 49.03
CA SER A 186 15.59 -6.09 50.02
C SER A 186 14.91 -5.92 51.36
N SER A 187 13.75 -5.28 51.37
CA SER A 187 13.01 -5.12 52.62
C SER A 187 12.27 -6.39 53.00
N LEU A 188 11.84 -7.18 52.01
CA LEU A 188 10.98 -8.32 52.30
C LEU A 188 11.76 -9.46 52.97
N ALA A 189 12.78 -9.97 52.28
CA ALA A 189 13.47 -11.18 52.73
C ALA A 189 14.02 -11.02 54.14
N THR A 190 14.70 -9.90 54.40
CA THR A 190 15.30 -9.69 55.72
C THR A 190 14.23 -9.68 56.80
N HIS A 191 13.01 -9.24 56.46
CA HIS A 191 11.89 -9.34 57.39
C HIS A 191 11.45 -10.80 57.54
N LEU A 192 11.28 -11.49 56.41
CA LEU A 192 10.67 -12.82 56.41
C LEU A 192 11.46 -13.79 57.28
N PHE A 193 12.72 -14.03 56.91
CA PHE A 193 13.54 -14.97 57.66
C PHE A 193 13.82 -14.47 59.07
N ALA A 194 13.61 -13.18 59.35
CA ALA A 194 13.69 -12.73 60.73
C ALA A 194 12.48 -13.19 61.53
N ASP A 195 11.29 -13.16 60.91
CA ASP A 195 10.09 -13.65 61.58
C ASP A 195 10.04 -15.16 61.68
N LEU A 196 10.94 -15.86 61.00
CA LEU A 196 11.04 -17.31 61.09
C LEU A 196 12.17 -17.74 62.01
N ASP A 197 12.67 -16.81 62.82
CA ASP A 197 13.65 -17.09 63.87
C ASP A 197 14.94 -17.69 63.30
N ALA A 198 15.53 -17.00 62.34
CA ALA A 198 16.82 -17.39 61.79
C ALA A 198 17.77 -16.21 61.84
N ASP A 199 19.04 -16.48 62.15
CA ASP A 199 20.05 -15.43 62.20
C ASP A 199 20.42 -15.09 60.77
N VAL A 200 19.92 -13.96 60.28
CA VAL A 200 20.15 -13.52 58.91
C VAL A 200 21.40 -12.65 58.88
N SER A 201 22.19 -12.85 57.83
CA SER A 201 23.35 -12.01 57.53
C SER A 201 23.14 -11.43 56.14
N THR A 202 23.10 -10.11 56.05
CA THR A 202 22.62 -9.45 54.86
C THR A 202 23.76 -8.93 53.99
N MET A 203 23.47 -8.84 52.69
CA MET A 203 24.32 -8.21 51.70
C MET A 203 23.46 -7.98 50.48
N GLY A 204 23.79 -6.94 49.71
CA GLY A 204 22.90 -6.57 48.61
C GLY A 204 21.50 -6.24 49.06
N THR A 205 21.34 -5.73 50.29
CA THR A 205 20.05 -5.32 50.82
C THR A 205 20.00 -3.81 51.06
N SER A 206 20.72 -3.04 50.25
CA SER A 206 20.86 -1.60 50.46
C SER A 206 20.68 -0.87 49.14
N PRO A 207 19.46 -0.88 48.60
CA PRO A 207 19.25 -0.29 47.27
C PRO A 207 19.21 1.22 47.32
N ASN A 208 19.63 1.83 46.21
CA ASN A 208 19.55 3.28 46.07
C ASN A 208 19.11 3.68 44.67
N GLY A 209 18.40 2.81 43.96
CA GLY A 209 17.97 3.10 42.61
C GLY A 209 19.03 3.00 41.54
N LEU A 210 20.31 2.88 41.93
CA LEU A 210 21.38 2.77 40.96
C LEU A 210 22.18 1.48 41.08
N ASN A 211 22.04 0.75 42.17
CA ASN A 211 22.92 -0.37 42.48
C ASN A 211 22.21 -1.73 42.36
N ILE A 212 21.14 -1.80 41.59
CA ILE A 212 20.41 -3.06 41.44
C ILE A 212 21.22 -3.98 40.54
N ASN A 213 21.35 -5.25 40.96
CA ASN A 213 22.04 -6.28 40.18
C ASN A 213 23.47 -5.86 39.84
N ASP A 214 24.12 -5.15 40.76
CA ASP A 214 25.44 -4.57 40.56
C ASP A 214 26.46 -5.44 41.28
N GLY A 215 26.97 -6.45 40.58
CA GLY A 215 27.86 -7.41 41.20
C GLY A 215 27.22 -8.23 42.30
N VAL A 216 25.89 -8.24 42.36
CA VAL A 216 25.15 -8.98 43.37
C VAL A 216 23.97 -9.65 42.69
N GLY A 217 23.25 -10.47 43.46
CA GLY A 217 22.10 -11.15 42.91
C GLY A 217 22.43 -12.52 42.35
N SER A 218 21.38 -13.16 41.82
CA SER A 218 21.51 -14.53 41.31
C SER A 218 22.49 -14.61 40.15
N THR A 219 22.57 -13.57 39.32
CA THR A 219 23.47 -13.62 38.18
C THR A 219 24.92 -13.43 38.57
N HIS A 220 25.19 -12.84 39.75
CA HIS A 220 26.55 -12.64 40.24
C HIS A 220 26.67 -13.20 41.66
N PRO A 221 26.61 -14.52 41.80
CA PRO A 221 26.58 -15.13 43.13
C PRO A 221 27.95 -15.27 43.79
N GLU A 222 29.02 -14.85 43.11
CA GLU A 222 30.35 -15.02 43.67
C GLU A 222 30.55 -14.16 44.91
N ALA A 223 29.98 -12.96 44.92
CA ALA A 223 30.03 -12.12 46.12
C ALA A 223 29.39 -12.85 47.29
N LEU A 224 28.20 -13.42 47.08
CA LEU A 224 27.56 -14.21 48.12
C LEU A 224 28.37 -15.46 48.44
N SER A 225 29.02 -16.06 47.44
CA SER A 225 29.86 -17.22 47.69
C SER A 225 30.96 -16.89 48.69
N ALA A 226 31.62 -15.75 48.51
CA ALA A 226 32.64 -15.33 49.47
C ALA A 226 32.02 -14.95 50.81
N PHE A 227 30.87 -14.27 50.77
CA PHE A 227 30.26 -13.79 52.01
C PHE A 227 29.80 -14.95 52.90
N VAL A 228 29.35 -16.04 52.31
CA VAL A 228 28.92 -17.20 53.10
C VAL A 228 30.10 -17.78 53.86
N LYS A 229 31.23 -17.96 53.17
CA LYS A 229 32.43 -18.45 53.85
C LYS A 229 32.93 -17.45 54.89
N GLU A 230 32.77 -16.15 54.64
CA GLU A 230 33.22 -15.14 55.59
C GLU A 230 32.45 -15.25 56.91
N LYS A 231 31.12 -15.23 56.83
CA LYS A 231 30.28 -15.32 58.02
C LYS A 231 30.01 -16.76 58.45
N ASN A 232 30.69 -17.74 57.83
CA ASN A 232 30.50 -19.16 58.07
C ASN A 232 29.02 -19.51 58.28
N ALA A 233 28.20 -19.02 57.35
CA ALA A 233 26.77 -19.32 57.40
C ALA A 233 26.50 -20.73 56.90
N ASP A 234 25.31 -21.23 57.23
CA ASP A 234 24.92 -22.58 56.79
C ASP A 234 24.56 -22.61 55.32
N LEU A 235 24.05 -21.51 54.79
CA LEU A 235 23.72 -21.42 53.37
C LEU A 235 23.54 -19.96 52.99
N GLY A 236 23.64 -19.70 51.70
CA GLY A 236 23.39 -18.37 51.15
C GLY A 236 22.28 -18.43 50.12
N LEU A 237 21.46 -17.38 50.08
CA LEU A 237 20.34 -17.27 49.16
C LEU A 237 20.54 -16.04 48.29
N ALA A 238 20.53 -16.22 46.97
CA ALA A 238 20.72 -15.13 46.03
C ALA A 238 19.46 -15.00 45.16
N PHE A 239 18.64 -14.01 45.47
CA PHE A 239 17.53 -13.64 44.60
C PHE A 239 18.03 -12.66 43.53
N ASP A 240 17.15 -12.34 42.60
CA ASP A 240 17.54 -11.39 41.57
C ASP A 240 16.79 -10.07 41.78
N GLY A 241 16.72 -9.26 40.73
CA GLY A 241 16.17 -7.92 40.87
C GLY A 241 14.72 -7.91 41.32
N ASP A 242 13.86 -8.64 40.61
CA ASP A 242 12.44 -8.69 40.90
C ASP A 242 12.05 -9.85 41.80
N GLY A 243 13.02 -10.60 42.30
CA GLY A 243 12.74 -11.65 43.27
C GLY A 243 11.97 -12.84 42.74
N ASP A 244 12.15 -13.18 41.46
CA ASP A 244 11.48 -14.33 40.88
C ASP A 244 12.39 -15.55 40.73
N ARG A 245 13.70 -15.35 40.77
CA ARG A 245 14.68 -16.42 40.73
C ARG A 245 15.28 -16.64 42.12
N LEU A 246 15.96 -17.76 42.27
CA LEU A 246 16.68 -18.05 43.51
C LEU A 246 17.89 -18.91 43.17
N ILE A 247 19.05 -18.50 43.70
CA ILE A 247 20.29 -19.25 43.56
C ILE A 247 20.86 -19.44 44.96
N ALA A 248 21.09 -20.69 45.34
CA ALA A 248 21.57 -21.02 46.68
C ALA A 248 23.09 -21.18 46.69
N VAL A 249 23.65 -21.09 47.89
CA VAL A 249 25.08 -21.26 48.12
C VAL A 249 25.25 -22.12 49.35
N ASP A 250 25.99 -23.22 49.22
CA ASP A 250 26.18 -24.13 50.34
C ASP A 250 27.22 -23.57 51.32
N GLU A 251 27.32 -24.22 52.48
CA GLU A 251 28.27 -23.79 53.49
C GLU A 251 29.70 -23.82 52.99
N LYS A 252 29.99 -24.63 51.97
CA LYS A 252 31.33 -24.68 51.39
C LYS A 252 31.61 -23.52 50.47
N GLY A 253 30.60 -22.75 50.07
CA GLY A 253 30.77 -21.65 49.15
C GLY A 253 30.47 -21.96 47.71
N ASN A 254 30.01 -23.18 47.40
CA ASN A 254 29.70 -23.56 46.03
C ASN A 254 28.28 -23.14 45.65
N ILE A 255 28.08 -22.91 44.36
CA ILE A 255 26.79 -22.45 43.85
C ILE A 255 25.84 -23.63 43.72
N VAL A 256 24.57 -23.39 44.01
CA VAL A 256 23.53 -24.41 43.96
C VAL A 256 22.45 -23.86 43.02
N ASP A 257 22.53 -24.24 41.74
CA ASP A 257 21.70 -23.63 40.71
C ASP A 257 20.26 -24.16 40.83
N GLY A 258 19.44 -23.81 39.85
CA GLY A 258 18.03 -24.15 39.91
C GLY A 258 17.75 -25.63 39.79
N ASP A 259 18.59 -26.36 39.05
CA ASP A 259 18.38 -27.80 38.91
C ASP A 259 18.57 -28.51 40.24
N GLN A 260 19.63 -28.16 40.98
CA GLN A 260 19.88 -28.81 42.26
C GLN A 260 18.79 -28.47 43.28
N ILE A 261 18.34 -27.22 43.28
CA ILE A 261 17.28 -26.84 44.21
C ILE A 261 15.96 -27.53 43.84
N MET A 262 15.68 -27.63 42.54
CA MET A 262 14.52 -28.39 42.09
C MET A 262 14.58 -29.83 42.58
N TYR A 263 15.74 -30.49 42.38
CA TYR A 263 15.89 -31.86 42.85
C TYR A 263 15.65 -31.96 44.35
N ILE A 264 16.31 -31.11 45.13
CA ILE A 264 16.21 -31.17 46.59
C ILE A 264 14.76 -30.99 47.03
N CYS A 265 14.09 -29.95 46.52
CA CYS A 265 12.75 -29.63 46.98
C CYS A 265 11.73 -30.65 46.52
N SER A 266 11.86 -31.13 45.27
CA SER A 266 10.94 -32.16 44.80
C SER A 266 11.13 -33.47 45.55
N LYS A 267 12.37 -33.80 45.90
CA LYS A 267 12.63 -34.99 46.70
C LYS A 267 12.00 -34.87 48.08
N HIS A 268 12.14 -33.70 48.71
CA HIS A 268 11.50 -33.47 50.01
C HIS A 268 9.97 -33.54 49.90
N LEU A 269 9.41 -32.97 48.83
CA LEU A 269 7.97 -32.98 48.67
C LEU A 269 7.45 -34.40 48.42
N LYS A 270 8.22 -35.21 47.69
CA LYS A 270 7.88 -36.63 47.57
C LYS A 270 7.96 -37.32 48.92
N SER A 271 8.97 -36.95 49.75
CA SER A 271 9.06 -37.51 51.09
C SER A 271 7.88 -37.11 51.96
N GLU A 272 7.22 -35.98 51.64
CA GLU A 272 5.97 -35.61 52.30
C GLU A 272 4.74 -36.01 51.49
N GLY A 273 4.92 -36.67 50.35
CA GLY A 273 3.80 -37.04 49.51
C GLY A 273 3.12 -35.89 48.80
N ARG A 274 3.62 -34.66 48.93
CA ARG A 274 2.98 -33.51 48.32
C ARG A 274 3.27 -33.38 46.84
N LEU A 275 4.29 -34.07 46.32
CA LEU A 275 4.62 -33.98 44.90
C LEU A 275 3.57 -34.70 44.08
N LYS A 276 2.85 -33.95 43.23
CA LYS A 276 1.73 -34.50 42.49
C LYS A 276 2.22 -35.44 41.39
N ASP A 277 1.76 -36.68 41.43
CA ASP A 277 2.12 -37.75 40.49
C ASP A 277 3.62 -38.03 40.48
N ASP A 278 4.37 -37.47 41.42
CA ASP A 278 5.83 -37.62 41.48
C ASP A 278 6.48 -37.29 40.14
N THR A 279 6.09 -36.14 39.58
CA THR A 279 6.70 -35.62 38.36
C THR A 279 7.16 -34.19 38.60
N VAL A 280 8.14 -33.77 37.81
CA VAL A 280 8.73 -32.43 37.92
C VAL A 280 8.91 -31.86 36.52
N VAL A 281 8.39 -30.67 36.30
CA VAL A 281 8.50 -30.01 34.99
C VAL A 281 9.78 -29.19 34.95
N SER A 282 10.44 -29.18 33.81
CA SER A 282 11.70 -28.45 33.63
C SER A 282 11.86 -28.15 32.14
N THR A 283 12.95 -27.44 31.82
CA THR A 283 13.25 -27.02 30.46
C THR A 283 14.41 -27.81 29.88
N VAL A 284 14.63 -27.61 28.58
CA VAL A 284 15.79 -28.18 27.89
C VAL A 284 17.09 -27.82 28.59
N MET A 285 17.15 -26.63 29.19
CA MET A 285 18.38 -26.14 29.80
C MET A 285 18.85 -26.96 30.99
N SER A 286 18.07 -27.94 31.45
CA SER A 286 18.46 -28.70 32.63
C SER A 286 19.61 -29.65 32.31
N ASN A 287 20.38 -29.99 33.34
CA ASN A 287 21.55 -30.84 33.20
C ASN A 287 21.16 -32.31 33.16
N LEU A 288 22.00 -33.12 32.50
CA LEU A 288 21.72 -34.55 32.38
C LEU A 288 21.65 -35.20 33.76
N GLY A 289 22.61 -34.90 34.63
CA GLY A 289 22.62 -35.48 35.97
C GLY A 289 21.39 -35.15 36.78
N PHE A 290 20.73 -34.02 36.48
CA PHE A 290 19.47 -33.70 37.14
C PHE A 290 18.43 -34.78 36.86
N TYR A 291 18.24 -35.12 35.58
CA TYR A 291 17.32 -36.20 35.25
C TYR A 291 17.82 -37.54 35.75
N LYS A 292 19.14 -37.75 35.75
CA LYS A 292 19.68 -38.99 36.30
C LYS A 292 19.26 -39.17 37.75
N ALA A 293 19.46 -38.15 38.58
CA ALA A 293 19.08 -38.25 39.99
C ALA A 293 17.57 -38.29 40.16
N LEU A 294 16.82 -37.65 39.26
CA LEU A 294 15.37 -37.75 39.30
C LEU A 294 14.93 -39.19 39.11
N GLU A 295 15.51 -39.87 38.13
CA GLU A 295 15.28 -41.30 37.96
C GLU A 295 15.72 -42.08 39.19
N LYS A 296 16.89 -41.73 39.74
CA LYS A 296 17.41 -42.45 40.91
C LYS A 296 16.44 -42.38 42.08
N GLU A 297 15.68 -41.29 42.19
CA GLU A 297 14.69 -41.17 43.26
C GLU A 297 13.27 -41.43 42.76
N GLY A 298 13.14 -42.10 41.61
CA GLY A 298 11.82 -42.50 41.13
C GLY A 298 10.89 -41.36 40.84
N ILE A 299 11.41 -40.24 40.37
CA ILE A 299 10.61 -39.06 40.03
C ILE A 299 10.54 -38.93 38.52
N LYS A 300 9.33 -39.04 37.96
CA LYS A 300 9.14 -38.77 36.55
C LYS A 300 9.38 -37.28 36.29
N SER A 301 9.50 -36.92 35.01
CA SER A 301 9.77 -35.53 34.68
C SER A 301 9.28 -35.24 33.27
N VAL A 302 8.75 -34.05 33.09
CA VAL A 302 8.30 -33.56 31.79
C VAL A 302 9.15 -32.36 31.41
N GLN A 303 9.64 -32.36 30.17
CA GLN A 303 10.50 -31.30 29.66
C GLN A 303 9.74 -30.46 28.64
N THR A 304 9.94 -29.15 28.71
CA THR A 304 9.32 -28.20 27.79
C THR A 304 10.41 -27.32 27.19
N ALA A 305 10.00 -26.46 26.27
CA ALA A 305 10.93 -25.52 25.68
C ALA A 305 11.40 -24.49 26.71
N VAL A 306 12.45 -23.76 26.37
CA VAL A 306 12.98 -22.76 27.28
C VAL A 306 11.95 -21.64 27.46
N GLY A 307 12.02 -20.96 28.60
CA GLY A 307 11.02 -19.97 28.95
C GLY A 307 9.96 -20.56 29.86
N ASP A 308 9.53 -19.80 30.87
CA ASP A 308 8.66 -20.35 31.89
C ASP A 308 7.19 -20.37 31.49
N ARG A 309 6.81 -19.71 30.40
CA ARG A 309 5.42 -19.81 29.96
C ARG A 309 5.08 -21.23 29.52
N TYR A 310 6.04 -21.96 28.96
CA TYR A 310 5.79 -23.35 28.57
C TYR A 310 5.84 -24.27 29.79
N VAL A 311 6.72 -23.97 30.75
CA VAL A 311 6.73 -24.72 32.01
C VAL A 311 5.38 -24.61 32.69
N VAL A 312 4.82 -23.39 32.74
CA VAL A 312 3.54 -23.23 33.40
C VAL A 312 2.41 -23.77 32.54
N GLU A 313 2.56 -23.76 31.21
CA GLU A 313 1.60 -24.43 30.34
C GLU A 313 1.48 -25.91 30.66
N ALA A 314 2.63 -26.58 30.82
CA ALA A 314 2.63 -28.00 31.13
C ALA A 314 2.06 -28.27 32.51
N MET A 315 2.54 -27.53 33.53
CA MET A 315 1.98 -27.68 34.86
C MET A 315 0.49 -27.40 34.90
N LYS A 316 0.01 -26.50 34.04
CA LYS A 316 -1.41 -26.21 33.92
C LYS A 316 -2.17 -27.41 33.39
N LYS A 317 -1.83 -27.83 32.16
CA LYS A 317 -2.63 -28.86 31.50
C LYS A 317 -2.59 -30.18 32.25
N ASP A 318 -1.42 -30.59 32.73
CA ASP A 318 -1.31 -31.89 33.38
C ASP A 318 -1.50 -31.84 34.89
N GLY A 319 -1.71 -30.65 35.45
CA GLY A 319 -1.94 -30.52 36.88
C GLY A 319 -0.75 -30.95 37.71
N TYR A 320 0.43 -30.44 37.38
CA TYR A 320 1.66 -30.84 38.03
C TYR A 320 2.02 -29.86 39.15
N ASN A 321 2.71 -30.38 40.16
CA ASN A 321 2.90 -29.63 41.40
C ASN A 321 4.08 -28.66 41.34
N VAL A 322 5.17 -29.07 40.69
CA VAL A 322 6.44 -28.37 40.78
C VAL A 322 7.04 -28.21 39.39
N GLY A 323 7.63 -27.05 39.14
CA GLY A 323 8.33 -26.82 37.89
C GLY A 323 9.43 -25.81 38.11
N GLY A 324 10.36 -25.74 37.18
CA GLY A 324 11.45 -24.79 37.35
C GLY A 324 12.39 -24.78 36.17
N GLU A 325 13.39 -23.91 36.27
CA GLU A 325 14.44 -23.77 35.28
C GLU A 325 15.79 -23.77 35.97
N GLN A 326 16.85 -23.95 35.19
CA GLN A 326 18.19 -23.83 35.75
C GLN A 326 18.46 -22.42 36.24
N SER A 327 17.70 -21.43 35.75
CA SER A 327 17.89 -20.04 36.17
C SER A 327 17.64 -19.84 37.66
N GLY A 328 16.86 -20.72 38.29
CA GLY A 328 16.38 -20.51 39.64
C GLY A 328 14.93 -20.11 39.72
N HIS A 329 14.26 -19.94 38.57
CA HIS A 329 12.85 -19.56 38.51
C HIS A 329 12.03 -20.82 38.76
N LEU A 330 11.51 -20.97 39.98
CA LEU A 330 10.80 -22.15 40.40
C LEU A 330 9.35 -21.82 40.69
N ILE A 331 8.44 -22.63 40.15
CA ILE A 331 7.00 -22.47 40.34
C ILE A 331 6.51 -23.65 41.17
N PHE A 332 5.91 -23.33 42.32
CA PHE A 332 5.24 -24.29 43.19
C PHE A 332 3.74 -23.95 43.10
N LEU A 333 3.04 -24.59 42.16
CA LEU A 333 1.66 -24.23 41.88
C LEU A 333 0.74 -24.48 43.05
N ASP A 334 1.19 -25.21 44.08
CA ASP A 334 0.43 -25.32 45.30
C ASP A 334 0.23 -23.96 45.97
N TYR A 335 1.14 -23.02 45.75
CA TYR A 335 1.13 -21.76 46.48
C TYR A 335 1.11 -20.51 45.62
N ASN A 336 1.69 -20.54 44.42
CA ASN A 336 1.76 -19.33 43.60
C ASN A 336 1.79 -19.72 42.13
N THR A 337 1.58 -18.72 41.27
CA THR A 337 1.40 -18.95 39.85
C THR A 337 2.59 -18.55 38.99
N THR A 338 3.59 -17.89 39.56
CA THR A 338 4.82 -17.58 38.86
C THR A 338 6.00 -18.01 39.72
N GLY A 339 7.20 -17.78 39.21
CA GLY A 339 8.39 -18.10 39.97
C GLY A 339 8.52 -17.18 41.18
N ASP A 340 8.87 -17.77 42.32
CA ASP A 340 8.93 -17.06 43.59
C ASP A 340 10.24 -17.39 44.26
N GLY A 341 11.16 -16.43 44.26
CA GLY A 341 12.44 -16.62 44.93
C GLY A 341 12.27 -16.95 46.40
N LEU A 342 11.49 -16.16 47.13
CA LEU A 342 11.39 -16.35 48.58
C LEU A 342 10.67 -17.65 48.92
N LEU A 343 9.65 -18.01 48.12
CA LEU A 343 8.96 -19.28 48.34
C LEU A 343 9.91 -20.46 48.12
N SER A 344 10.66 -20.44 47.01
CA SER A 344 11.67 -21.46 46.79
C SER A 344 12.66 -21.54 47.93
N ALA A 345 13.09 -20.38 48.42
CA ALA A 345 14.00 -20.35 49.57
C ALA A 345 13.37 -21.01 50.79
N ILE A 346 12.10 -20.74 51.02
CA ILE A 346 11.40 -21.32 52.17
C ILE A 346 11.31 -22.84 52.03
N MET A 347 11.08 -23.32 50.80
CA MET A 347 11.04 -24.76 50.58
C MET A 347 12.40 -25.40 50.82
N LEU A 348 13.47 -24.74 50.36
CA LEU A 348 14.82 -25.23 50.62
C LEU A 348 15.12 -25.27 52.12
N MET A 349 14.69 -24.23 52.84
CA MET A 349 14.88 -24.21 54.29
C MET A 349 14.06 -25.29 54.97
N ASN A 350 12.86 -25.57 54.45
CA ASN A 350 12.07 -26.70 54.94
C ASN A 350 12.84 -28.01 54.83
N THR A 351 13.40 -28.26 53.64
CA THR A 351 14.19 -29.46 53.45
C THR A 351 15.37 -29.51 54.43
N LEU A 352 16.13 -28.41 54.50
CA LEU A 352 17.28 -28.35 55.41
C LEU A 352 16.88 -28.68 56.84
N LYS A 353 15.85 -28.00 57.35
CA LYS A 353 15.43 -28.21 58.73
C LYS A 353 14.90 -29.64 58.94
N ALA A 354 14.09 -30.15 58.01
CA ALA A 354 13.45 -31.44 58.22
C ALA A 354 14.43 -32.60 58.10
N THR A 355 15.46 -32.47 57.28
CA THR A 355 16.43 -33.55 57.11
C THR A 355 17.67 -33.38 57.98
N GLY A 356 17.90 -32.19 58.53
CA GLY A 356 19.08 -31.92 59.33
C GLY A 356 20.39 -31.95 58.59
N LYS A 357 20.42 -32.39 57.35
CA LYS A 357 21.65 -32.42 56.57
C LYS A 357 22.04 -31.00 56.16
N PRO A 358 23.32 -30.77 55.91
CA PRO A 358 23.74 -29.48 55.38
C PRO A 358 23.42 -29.37 53.89
N LEU A 359 23.43 -28.13 53.40
CA LEU A 359 23.04 -27.88 52.03
C LEU A 359 23.96 -28.60 51.04
N SER A 360 25.26 -28.64 51.35
CA SER A 360 26.19 -29.34 50.46
C SER A 360 25.83 -30.81 50.33
N GLU A 361 25.48 -31.47 51.44
CA GLU A 361 25.13 -32.88 51.39
C GLU A 361 23.84 -33.12 50.61
N LEU A 362 22.85 -32.25 50.79
CA LEU A 362 21.60 -32.40 50.04
C LEU A 362 21.82 -32.18 48.55
N ALA A 363 22.62 -31.18 48.18
CA ALA A 363 22.87 -30.90 46.77
C ALA A 363 23.81 -31.89 46.13
N ALA A 364 24.60 -32.62 46.94
CA ALA A 364 25.51 -33.61 46.38
C ALA A 364 24.79 -34.85 45.87
N GLU A 365 23.54 -35.06 46.26
CA GLU A 365 22.80 -36.23 45.77
C GLU A 365 22.63 -36.19 44.26
N MET A 366 22.53 -34.99 43.69
CA MET A 366 22.41 -34.81 42.26
C MET A 366 23.79 -34.45 41.70
N GLN A 367 24.32 -35.31 40.85
CA GLN A 367 25.67 -35.17 40.31
C GLN A 367 25.59 -34.54 38.92
N LYS A 368 26.25 -33.39 38.76
CA LYS A 368 26.29 -32.72 37.47
C LYS A 368 27.27 -33.41 36.53
N PHE A 369 26.92 -33.44 35.24
CA PHE A 369 27.79 -34.02 34.21
C PHE A 369 28.76 -32.98 33.68
N LYS B 3 -0.40 29.33 23.21
CA LYS B 3 -0.86 29.99 24.42
C LYS B 3 -1.40 28.98 25.42
N TYR B 4 -0.54 28.55 26.34
CA TYR B 4 -0.91 27.62 27.39
C TYR B 4 -0.98 28.25 28.78
N PHE B 5 -0.19 29.29 29.04
CA PHE B 5 -0.04 29.84 30.38
C PHE B 5 -0.87 31.12 30.48
N GLY B 6 -2.09 30.98 30.98
CA GLY B 6 -2.95 32.11 31.25
C GLY B 6 -2.54 32.82 32.53
N THR B 7 -3.51 33.53 33.11
CA THR B 7 -3.27 34.17 34.40
C THR B 7 -2.91 33.15 35.47
N ASP B 8 -3.77 32.14 35.65
CA ASP B 8 -3.57 31.11 36.66
C ASP B 8 -2.88 29.88 36.09
N GLY B 9 -1.79 30.11 35.34
CA GLY B 9 -1.06 29.01 34.73
C GLY B 9 -1.86 28.34 33.62
N VAL B 10 -1.68 27.02 33.50
CA VAL B 10 -2.38 26.24 32.49
C VAL B 10 -3.62 25.64 33.15
N ARG B 11 -4.80 25.91 32.59
CA ARG B 11 -6.04 25.42 33.17
C ARG B 11 -6.89 24.74 32.12
N GLY B 12 -7.66 23.75 32.56
CA GLY B 12 -8.66 23.15 31.69
C GLY B 12 -9.42 22.09 32.45
N VAL B 13 -10.47 21.58 31.81
CA VAL B 13 -11.21 20.46 32.37
C VAL B 13 -10.41 19.19 32.15
N ALA B 14 -10.29 18.39 33.21
CA ALA B 14 -9.31 17.31 33.25
C ALA B 14 -9.59 16.25 32.19
N ASN B 15 -8.51 15.64 31.71
CA ASN B 15 -8.53 14.51 30.78
C ASN B 15 -8.99 14.94 29.38
N SER B 16 -10.07 15.72 29.29
CA SER B 16 -10.58 16.12 27.98
C SER B 16 -9.81 17.30 27.40
N GLU B 17 -9.62 18.37 28.18
CA GLU B 17 -8.82 19.50 27.76
C GLU B 17 -7.43 19.50 28.37
N LEU B 18 -7.34 19.44 29.70
CA LEU B 18 -6.05 19.31 30.37
C LEU B 18 -5.72 17.82 30.43
N THR B 19 -5.08 17.34 29.36
CA THR B 19 -4.80 15.93 29.21
C THR B 19 -3.51 15.55 29.96
N PRO B 20 -3.42 14.30 30.42
CA PRO B 20 -2.16 13.85 31.03
C PRO B 20 -0.97 13.95 30.09
N GLU B 21 -1.17 13.76 28.79
CA GLU B 21 -0.10 14.03 27.84
C GLU B 21 0.37 15.48 27.93
N LEU B 22 -0.59 16.41 28.03
CA LEU B 22 -0.23 17.82 28.14
C LEU B 22 0.53 18.08 29.44
N ALA B 23 0.08 17.48 30.55
CA ALA B 23 0.77 17.66 31.82
C ALA B 23 2.20 17.10 31.75
N PHE B 24 2.37 15.98 31.05
CA PHE B 24 3.70 15.42 30.87
C PHE B 24 4.59 16.38 30.08
N LYS B 25 4.07 16.91 28.97
CA LYS B 25 4.83 17.87 28.20
C LYS B 25 5.19 19.10 29.05
N VAL B 26 4.25 19.55 29.88
CA VAL B 26 4.50 20.67 30.79
C VAL B 26 5.67 20.35 31.70
N GLY B 27 5.60 19.20 32.40
CA GLY B 27 6.66 18.84 33.30
C GLY B 27 8.01 18.76 32.62
N ARG B 28 8.05 18.09 31.47
CA ARG B 28 9.33 17.88 30.78
C ARG B 28 9.93 19.19 30.30
N PHE B 29 9.14 19.99 29.56
CA PHE B 29 9.69 21.21 28.99
C PHE B 29 9.99 22.25 30.07
N GLY B 30 9.11 22.38 31.07
CA GLY B 30 9.41 23.28 32.18
C GLY B 30 10.65 22.87 32.94
N GLY B 31 10.83 21.57 33.16
CA GLY B 31 12.04 21.11 33.82
C GLY B 31 13.29 21.41 33.01
N TYR B 32 13.20 21.25 31.68
CA TYR B 32 14.32 21.65 30.84
C TYR B 32 14.60 23.14 30.97
N VAL B 33 13.54 23.96 30.97
CA VAL B 33 13.74 25.40 31.07
C VAL B 33 14.39 25.76 32.40
N LEU B 34 13.98 25.08 33.47
CA LEU B 34 14.55 25.30 34.79
C LEU B 34 15.78 24.45 35.06
N THR B 35 16.33 23.80 34.04
CA THR B 35 17.53 22.98 34.21
C THR B 35 18.81 23.75 33.96
N LYS B 36 18.74 24.91 33.30
CA LYS B 36 19.92 25.58 32.77
C LYS B 36 21.00 25.82 33.81
N ASP B 37 20.65 25.93 35.10
CA ASP B 37 21.68 26.20 36.09
C ASP B 37 22.45 24.92 36.43
N LYS B 38 21.89 24.09 37.32
CA LYS B 38 22.50 22.82 37.67
C LYS B 38 21.80 21.70 36.92
N GLN B 39 22.58 20.68 36.53
CA GLN B 39 22.03 19.57 35.75
C GLN B 39 21.23 18.60 36.61
N ARG B 40 20.58 19.11 37.66
CA ARG B 40 19.60 18.42 38.48
C ARG B 40 18.81 19.44 39.28
N PRO B 41 17.76 20.03 38.70
CA PRO B 41 16.96 21.00 39.44
C PRO B 41 16.19 20.33 40.57
N LYS B 42 15.74 21.15 41.51
CA LYS B 42 14.95 20.68 42.64
C LYS B 42 13.57 21.33 42.53
N VAL B 43 12.74 20.75 41.68
CA VAL B 43 11.33 21.12 41.59
C VAL B 43 10.55 20.30 42.60
N LEU B 44 9.72 20.95 43.39
CA LEU B 44 8.80 20.24 44.27
C LEU B 44 7.38 20.52 43.84
N ILE B 45 6.50 19.56 44.12
CA ILE B 45 5.18 19.49 43.49
C ILE B 45 4.13 19.18 44.56
N GLY B 46 2.97 19.84 44.45
CA GLY B 46 1.89 19.65 45.39
C GLY B 46 0.57 19.80 44.66
N ARG B 47 -0.51 19.39 45.34
CA ARG B 47 -1.82 19.38 44.72
C ARG B 47 -2.88 19.65 45.77
N ASP B 48 -4.10 19.89 45.29
CA ASP B 48 -5.29 19.92 46.15
C ASP B 48 -5.95 18.55 46.12
N THR B 49 -7.18 18.46 46.60
CA THR B 49 -7.85 17.17 46.75
C THR B 49 -8.59 16.72 45.50
N ARG B 50 -8.31 17.33 44.35
CA ARG B 50 -9.04 16.97 43.13
C ARG B 50 -8.69 15.55 42.68
N ILE B 51 -9.71 14.82 42.23
CA ILE B 51 -9.51 13.43 41.80
C ILE B 51 -8.57 13.36 40.61
N SER B 52 -8.52 14.43 39.81
CA SER B 52 -7.57 14.50 38.72
C SER B 52 -6.16 14.86 39.20
N GLY B 53 -6.03 15.23 40.47
CA GLY B 53 -4.73 15.58 41.00
C GLY B 53 -3.72 14.47 40.88
N HIS B 54 -4.14 13.23 41.17
CA HIS B 54 -3.20 12.10 41.10
C HIS B 54 -2.74 11.85 39.68
N MET B 55 -3.67 11.84 38.72
CA MET B 55 -3.30 11.62 37.33
C MET B 55 -2.35 12.71 36.83
N LEU B 56 -2.70 13.98 37.09
CA LEU B 56 -1.85 15.07 36.60
C LEU B 56 -0.50 15.07 37.31
N GLU B 57 -0.47 14.73 38.59
CA GLU B 57 0.80 14.64 39.32
C GLU B 57 1.65 13.52 38.76
N GLY B 58 1.05 12.37 38.44
CA GLY B 58 1.83 11.29 37.87
C GLY B 58 2.45 11.69 36.54
N ALA B 59 1.66 12.31 35.66
CA ALA B 59 2.19 12.75 34.39
C ALA B 59 3.28 13.81 34.57
N LEU B 60 3.07 14.73 35.52
CA LEU B 60 4.02 15.80 35.76
C LEU B 60 5.34 15.26 36.30
N VAL B 61 5.27 14.30 37.22
CA VAL B 61 6.49 13.72 37.77
C VAL B 61 7.21 12.90 36.71
N ALA B 62 6.47 12.19 35.86
CA ALA B 62 7.11 11.49 34.75
C ALA B 62 7.87 12.48 33.86
N GLY B 63 7.23 13.58 33.50
CA GLY B 63 7.91 14.60 32.71
C GLY B 63 9.14 15.16 33.39
N LEU B 64 9.02 15.54 34.66
CA LEU B 64 10.13 16.14 35.38
C LEU B 64 11.30 15.15 35.53
N LEU B 65 11.00 13.87 35.71
CA LEU B 65 12.08 12.90 35.80
C LEU B 65 12.68 12.56 34.43
N SER B 66 11.93 12.78 33.34
CA SER B 66 12.46 12.52 32.02
C SER B 66 13.52 13.53 31.58
N ILE B 67 13.90 14.50 32.41
CA ILE B 67 14.95 15.44 32.05
C ILE B 67 15.90 15.65 33.23
N GLY B 68 15.77 14.82 34.26
CA GLY B 68 16.74 14.79 35.33
C GLY B 68 16.43 15.65 36.54
N ALA B 69 15.28 16.33 36.57
CA ALA B 69 14.96 17.18 37.70
C ALA B 69 14.67 16.34 38.94
N GLU B 70 15.24 16.73 40.08
CA GLU B 70 14.91 16.09 41.35
C GLU B 70 13.54 16.57 41.84
N VAL B 71 12.64 15.63 42.10
CA VAL B 71 11.24 15.93 42.36
C VAL B 71 10.93 15.61 43.81
N MET B 72 10.28 16.55 44.50
CA MET B 72 9.90 16.41 45.91
C MET B 72 8.38 16.51 45.99
N ARG B 73 7.70 15.36 45.98
CA ARG B 73 6.26 15.35 46.15
C ARG B 73 5.88 15.86 47.53
N LEU B 74 4.80 16.64 47.59
CA LEU B 74 4.33 17.23 48.84
C LEU B 74 2.99 16.69 49.30
N GLY B 75 2.24 16.02 48.43
CA GLY B 75 0.91 15.57 48.79
C GLY B 75 -0.10 16.68 48.69
N VAL B 76 -1.03 16.72 49.64
CA VAL B 76 -2.07 17.74 49.66
C VAL B 76 -1.55 18.93 50.47
N ILE B 77 -1.47 20.10 49.83
CA ILE B 77 -0.99 21.30 50.49
C ILE B 77 -1.48 22.49 49.70
N SER B 78 -1.73 23.60 50.39
CA SER B 78 -2.20 24.82 49.75
C SER B 78 -1.10 25.42 48.88
N THR B 79 -1.53 26.18 47.87
CA THR B 79 -0.58 26.90 47.03
C THR B 79 0.31 27.86 47.82
N PRO B 80 -0.20 28.62 48.81
CA PRO B 80 0.72 29.35 49.71
C PRO B 80 1.81 28.48 50.29
N GLY B 81 1.44 27.30 50.77
CA GLY B 81 2.44 26.37 51.29
C GLY B 81 3.45 25.99 50.23
N VAL B 82 3.00 25.82 48.99
CA VAL B 82 3.92 25.50 47.91
C VAL B 82 4.95 26.62 47.74
N SER B 83 4.50 27.86 47.66
CA SER B 83 5.42 28.98 47.49
CA SER B 83 5.42 28.98 47.48
C SER B 83 6.38 29.09 48.66
N TYR B 84 5.84 29.00 49.89
CA TYR B 84 6.68 29.12 51.07
C TYR B 84 7.75 28.02 51.10
N LEU B 85 7.37 26.80 50.73
CA LEU B 85 8.34 25.71 50.76
C LEU B 85 9.39 25.85 49.67
N THR B 86 8.98 26.25 48.47
CA THR B 86 9.95 26.46 47.40
C THR B 86 10.97 27.53 47.77
N LYS B 87 10.52 28.59 48.43
CA LYS B 87 11.48 29.61 48.85
C LYS B 87 12.35 29.12 50.00
N ALA B 88 11.72 28.61 51.06
CA ALA B 88 12.44 28.21 52.27
C ALA B 88 13.36 27.02 52.06
N MET B 89 13.31 26.37 50.90
CA MET B 89 14.15 25.22 50.61
C MET B 89 15.18 25.52 49.54
N ASP B 90 15.27 26.78 49.11
CA ASP B 90 16.21 27.19 48.07
C ASP B 90 16.03 26.31 46.83
N ALA B 91 14.79 25.95 46.55
CA ALA B 91 14.47 25.05 45.45
C ALA B 91 14.21 25.82 44.16
N GLU B 92 14.53 25.18 43.03
CA GLU B 92 14.48 25.88 41.75
C GLU B 92 13.05 26.22 41.33
N ALA B 93 12.08 25.37 41.66
CA ALA B 93 10.72 25.63 41.23
C ALA B 93 9.72 24.82 42.04
N GLY B 94 8.48 25.26 42.00
CA GLY B 94 7.39 24.56 42.65
C GLY B 94 6.15 24.56 41.77
N VAL B 95 5.43 23.45 41.83
CA VAL B 95 4.28 23.20 40.96
C VAL B 95 3.07 22.95 41.83
N MET B 96 1.92 23.51 41.43
CA MET B 96 0.66 23.27 42.11
C MET B 96 -0.38 22.79 41.11
N ILE B 97 -0.89 21.58 41.33
CA ILE B 97 -1.98 21.03 40.54
C ILE B 97 -3.27 21.41 41.25
N SER B 98 -3.95 22.43 40.74
CA SER B 98 -5.20 22.89 41.33
C SER B 98 -5.85 23.88 40.37
N ALA B 99 -7.10 24.21 40.67
CA ALA B 99 -7.89 25.18 39.92
C ALA B 99 -8.81 25.87 40.92
N SER B 100 -8.21 26.69 41.79
CA SER B 100 -8.87 27.50 42.81
C SER B 100 -10.37 27.69 42.60
N HIS B 101 -11.17 27.21 43.55
CA HIS B 101 -12.62 27.44 43.66
C HIS B 101 -13.42 26.95 42.46
N ASN B 102 -12.77 26.54 41.38
CA ASN B 102 -13.47 25.99 40.22
C ASN B 102 -14.07 24.63 40.58
N PRO B 103 -15.00 24.13 39.78
CA PRO B 103 -15.59 22.82 40.08
C PRO B 103 -14.59 21.69 39.92
N VAL B 104 -14.96 20.54 40.51
CA VAL B 104 -14.03 19.42 40.64
C VAL B 104 -13.56 18.93 39.29
N GLN B 105 -14.37 19.09 38.25
CA GLN B 105 -13.99 18.58 36.94
C GLN B 105 -12.82 19.34 36.34
N ASP B 106 -12.60 20.59 36.75
CA ASP B 106 -11.52 21.39 36.21
C ASP B 106 -10.26 21.22 37.06
N ASN B 107 -9.11 21.50 36.45
CA ASN B 107 -7.84 21.47 37.16
C ASN B 107 -6.86 22.37 36.41
N GLY B 108 -5.66 22.52 36.99
CA GLY B 108 -4.66 23.39 36.43
C GLY B 108 -3.28 23.26 37.06
N ILE B 109 -2.26 23.57 36.27
CA ILE B 109 -0.87 23.56 36.69
C ILE B 109 -0.39 25.00 36.85
N LYS B 110 0.21 25.30 37.99
CA LYS B 110 0.74 26.63 38.27
C LYS B 110 2.19 26.49 38.71
N PHE B 111 3.03 27.43 38.26
CA PHE B 111 4.47 27.39 38.49
C PHE B 111 4.93 28.55 39.35
N PHE B 112 5.90 28.28 40.23
CA PHE B 112 6.55 29.28 41.07
C PHE B 112 8.06 29.11 40.97
N GLY B 113 8.75 30.23 40.83
CA GLY B 113 10.20 30.22 40.79
C GLY B 113 10.80 30.01 42.17
N GLY B 114 12.13 30.11 42.21
CA GLY B 114 12.83 29.94 43.47
C GLY B 114 12.51 31.03 44.48
N ASP B 115 12.26 32.25 44.00
CA ASP B 115 11.94 33.35 44.89
C ASP B 115 10.55 33.22 45.49
N GLY B 116 9.71 32.35 44.94
CA GLY B 116 8.35 32.21 45.40
C GLY B 116 7.31 32.93 44.56
N PHE B 117 7.69 33.47 43.41
CA PHE B 117 6.80 34.22 42.55
C PHE B 117 6.56 33.46 41.25
N LYS B 118 5.48 33.83 40.56
CA LYS B 118 5.18 33.27 39.26
C LYS B 118 6.39 33.34 38.33
N LEU B 119 6.57 32.29 37.52
CA LEU B 119 7.72 32.22 36.64
C LEU B 119 7.79 33.45 35.74
N SER B 120 9.03 33.89 35.45
CA SER B 120 9.23 35.02 34.57
C SER B 120 8.63 34.74 33.20
N ASP B 121 8.04 35.79 32.60
CA ASP B 121 7.39 35.63 31.31
C ASP B 121 8.33 35.14 30.23
N GLU B 122 9.64 35.38 30.37
CA GLU B 122 10.61 34.82 29.44
C GLU B 122 10.63 33.30 29.53
N GLN B 123 10.63 32.76 30.76
CA GLN B 123 10.66 31.31 30.93
C GLN B 123 9.38 30.67 30.40
N GLU B 124 8.22 31.25 30.73
CA GLU B 124 6.95 30.74 30.19
C GLU B 124 6.93 30.82 28.66
N ALA B 125 7.46 31.91 28.11
CA ALA B 125 7.54 32.05 26.66
C ALA B 125 8.37 30.92 26.06
N GLU B 126 9.52 30.61 26.67
CA GLU B 126 10.36 29.52 26.15
C GLU B 126 9.66 28.18 26.29
N ILE B 127 8.99 27.95 27.42
CA ILE B 127 8.24 26.71 27.62
C ILE B 127 7.19 26.54 26.52
N GLU B 128 6.50 27.62 26.16
CA GLU B 128 5.53 27.52 25.08
C GLU B 128 6.21 27.38 23.73
N ARG B 129 7.39 27.97 23.56
CA ARG B 129 8.17 27.76 22.33
C ARG B 129 8.46 26.29 22.12
N LEU B 130 8.85 25.58 23.19
CA LEU B 130 9.19 24.17 23.03
C LEU B 130 7.96 23.32 22.81
N MET B 131 6.79 23.77 23.27
CA MET B 131 5.54 23.04 23.05
C MET B 131 5.00 23.20 21.64
N ASP B 132 5.72 23.87 20.75
CA ASP B 132 5.30 24.02 19.36
C ASP B 132 6.12 23.20 18.38
N GLU B 133 7.39 23.00 18.66
CA GLU B 133 8.22 22.12 17.85
C GLU B 133 7.68 20.70 17.93
N PRO B 134 7.32 20.07 16.80
CA PRO B 134 6.80 18.69 16.86
C PRO B 134 7.90 17.65 17.00
N GLU B 135 9.04 18.05 17.54
CA GLU B 135 10.18 17.16 17.73
C GLU B 135 10.64 17.26 19.17
N ASP B 136 10.50 16.17 19.93
CA ASP B 136 10.96 16.14 21.32
C ASP B 136 12.48 15.92 21.35
N LYS B 137 13.20 16.88 20.79
CA LYS B 137 14.65 16.83 20.67
C LYS B 137 15.36 17.24 21.94
N LEU B 138 14.70 17.17 23.08
CA LEU B 138 15.36 17.52 24.33
C LEU B 138 16.11 16.30 24.87
N PRO B 139 17.15 16.51 25.68
CA PRO B 139 17.93 15.38 26.18
C PRO B 139 17.06 14.38 26.93
N ARG B 140 17.40 13.10 26.77
CA ARG B 140 16.70 11.99 27.42
C ARG B 140 17.72 11.27 28.29
N PRO B 141 17.97 11.79 29.49
CA PRO B 141 18.95 11.14 30.37
C PRO B 141 18.59 9.69 30.64
N VAL B 142 19.62 8.87 30.88
CA VAL B 142 19.45 7.44 31.00
C VAL B 142 20.31 6.95 32.17
N GLY B 143 19.94 5.77 32.68
CA GLY B 143 20.67 5.19 33.80
C GLY B 143 20.66 6.10 35.01
N ALA B 144 21.86 6.51 35.44
CA ALA B 144 21.99 7.37 36.61
C ALA B 144 21.72 8.83 36.31
N ASP B 145 21.71 9.23 35.04
CA ASP B 145 21.43 10.61 34.69
C ASP B 145 19.95 10.96 34.85
N LEU B 146 19.08 9.96 35.01
CA LEU B 146 17.65 10.19 35.12
C LEU B 146 17.32 11.04 36.35
N GLY B 147 16.08 11.53 36.38
CA GLY B 147 15.62 12.29 37.52
C GLY B 147 15.53 11.45 38.78
N LEU B 148 15.42 12.14 39.91
CA LEU B 148 15.34 11.50 41.22
C LEU B 148 14.15 12.09 41.98
N VAL B 149 13.54 11.27 42.82
CA VAL B 149 12.35 11.68 43.56
C VAL B 149 12.47 11.18 45.00
N ASN B 150 12.35 12.09 45.95
CA ASN B 150 12.38 11.79 47.39
C ASN B 150 11.20 12.53 48.01
N ASP B 151 10.08 11.82 48.13
CA ASP B 151 8.86 12.39 48.67
C ASP B 151 9.12 13.16 49.95
N TYR B 152 8.52 14.35 50.04
CA TYR B 152 8.68 15.23 51.20
C TYR B 152 7.29 15.64 51.68
N PHE B 153 6.50 14.65 52.08
CA PHE B 153 5.14 14.92 52.56
C PHE B 153 5.13 15.68 53.87
N GLU B 154 6.29 15.82 54.51
CA GLU B 154 6.42 16.57 55.75
C GLU B 154 6.45 18.08 55.55
N GLY B 155 6.61 18.55 54.31
CA GLY B 155 6.69 19.97 54.06
C GLY B 155 5.52 20.73 54.66
N GLY B 156 4.33 20.14 54.58
CA GLY B 156 3.16 20.74 55.22
C GLY B 156 3.45 21.20 56.64
N GLN B 157 3.98 20.28 57.47
CA GLN B 157 4.22 20.65 58.86
C GLN B 157 5.23 21.76 58.99
N LYS B 158 6.18 21.87 58.04
CA LYS B 158 7.04 23.04 57.97
C LYS B 158 6.21 24.30 57.76
N TYR B 159 5.42 24.31 56.66
CA TYR B 159 4.55 25.44 56.37
C TYR B 159 3.56 25.69 57.50
N LEU B 160 3.16 24.62 58.21
CA LEU B 160 2.37 24.80 59.42
C LEU B 160 3.21 25.46 60.51
N GLN B 161 4.38 24.89 60.79
CA GLN B 161 5.26 25.43 61.83
C GLN B 161 5.57 26.91 61.57
N PHE B 162 5.56 27.32 60.31
CA PHE B 162 5.74 28.73 60.00
C PHE B 162 4.52 29.54 60.43
N LEU B 163 3.33 29.16 59.94
CA LEU B 163 2.13 29.89 60.29
C LEU B 163 1.97 30.01 61.80
N LYS B 164 2.27 28.93 62.52
CA LYS B 164 2.09 28.93 63.97
C LYS B 164 2.91 30.03 64.64
N GLN B 165 4.09 30.36 64.10
CA GLN B 165 4.90 31.39 64.73
C GLN B 165 4.45 32.80 64.37
N THR B 166 3.63 32.95 63.33
CA THR B 166 3.16 34.27 62.92
C THR B 166 1.88 34.69 63.64
N ALA B 167 1.62 34.11 64.81
CA ALA B 167 0.48 34.48 65.64
C ALA B 167 0.99 35.16 66.90
N ASP B 168 0.49 36.36 67.18
CA ASP B 168 1.01 37.15 68.29
C ASP B 168 0.75 36.50 69.64
N GLU B 169 -0.12 35.51 69.71
CA GLU B 169 -0.35 34.67 70.88
C GLU B 169 -1.43 33.67 70.52
N ASP B 170 -1.53 32.60 71.30
CA ASP B 170 -2.57 31.62 71.06
C ASP B 170 -3.95 32.24 71.27
N PHE B 171 -4.92 31.73 70.53
CA PHE B 171 -6.25 32.33 70.48
C PHE B 171 -7.20 31.68 71.49
N THR B 172 -6.76 31.59 72.74
CA THR B 172 -7.55 30.92 73.76
C THR B 172 -8.86 31.66 74.00
N GLY B 173 -9.95 30.90 74.12
CA GLY B 173 -11.24 31.48 74.38
C GLY B 173 -11.97 32.00 73.16
N ILE B 174 -11.56 31.60 71.97
CA ILE B 174 -12.19 32.05 70.73
C ILE B 174 -12.80 30.85 70.03
N HIS B 175 -14.11 30.91 69.78
CA HIS B 175 -14.81 29.90 69.03
C HIS B 175 -14.81 30.30 67.56
N VAL B 176 -14.23 29.46 66.71
CA VAL B 176 -14.06 29.77 65.29
C VAL B 176 -14.62 28.60 64.46
N ALA B 177 -15.41 28.93 63.46
CA ALA B 177 -15.92 27.94 62.52
C ALA B 177 -15.05 27.97 61.25
N LEU B 178 -14.75 26.79 60.73
CA LEU B 178 -13.87 26.64 59.58
C LEU B 178 -14.63 25.99 58.43
N ASP B 179 -14.53 26.60 57.25
CA ASP B 179 -15.03 26.00 56.00
C ASP B 179 -13.85 25.92 55.04
N CYS B 180 -13.35 24.71 54.83
CA CYS B 180 -12.12 24.50 54.05
C CYS B 180 -12.40 24.03 52.64
N ALA B 181 -13.65 24.17 52.16
CA ALA B 181 -14.03 23.88 50.78
C ALA B 181 -13.73 22.44 50.37
N ASN B 182 -13.48 21.55 51.34
CA ASN B 182 -12.99 20.20 51.06
C ASN B 182 -11.71 20.24 50.24
N GLY B 183 -10.88 21.26 50.47
CA GLY B 183 -9.69 21.46 49.67
C GLY B 183 -8.40 21.22 50.41
N ALA B 184 -7.34 21.92 50.00
CA ALA B 184 -6.02 21.68 50.58
C ALA B 184 -5.97 22.09 52.05
N THR B 185 -6.73 23.11 52.43
CA THR B 185 -6.70 23.61 53.80
C THR B 185 -7.43 22.70 54.78
N SER B 186 -7.97 21.56 54.33
CA SER B 186 -8.78 20.72 55.20
C SER B 186 -7.96 20.20 56.38
N SER B 187 -6.81 19.59 56.10
CA SER B 187 -6.00 19.03 57.18
C SER B 187 -5.18 20.10 57.89
N LEU B 188 -4.74 21.13 57.17
CA LEU B 188 -3.83 22.12 57.77
C LEU B 188 -4.53 23.00 58.78
N ALA B 189 -5.58 23.71 58.34
CA ALA B 189 -6.23 24.71 59.18
C ALA B 189 -6.74 24.09 60.48
N THR B 190 -7.40 22.93 60.39
CA THR B 190 -7.93 22.28 61.58
C THR B 190 -6.81 21.93 62.56
N HIS B 191 -5.62 21.62 62.06
CA HIS B 191 -4.48 21.43 62.96
C HIS B 191 -4.03 22.76 63.54
N LEU B 192 -3.99 23.80 62.71
CA LEU B 192 -3.43 25.09 63.10
C LEU B 192 -4.19 25.69 64.28
N PHE B 193 -5.45 26.04 64.05
CA PHE B 193 -6.22 26.71 65.08
C PHE B 193 -6.49 25.83 66.29
N ALA B 194 -6.42 24.51 66.14
CA ALA B 194 -6.50 23.64 67.31
C ALA B 194 -5.19 23.65 68.08
N ASP B 195 -4.05 23.70 67.39
CA ASP B 195 -2.77 23.78 68.06
C ASP B 195 -2.51 25.18 68.63
N LEU B 196 -3.34 26.15 68.28
CA LEU B 196 -3.26 27.49 68.86
C LEU B 196 -4.32 27.71 69.93
N ASP B 197 -4.89 26.62 70.44
CA ASP B 197 -5.81 26.65 71.59
C ASP B 197 -7.03 27.51 71.29
N ALA B 198 -7.74 27.15 70.22
CA ALA B 198 -8.99 27.80 69.87
C ALA B 198 -10.06 26.74 69.71
N ASP B 199 -11.28 27.07 70.12
CA ASP B 199 -12.41 26.13 69.98
C ASP B 199 -12.82 26.10 68.52
N VAL B 200 -12.39 25.08 67.79
CA VAL B 200 -12.67 24.97 66.37
C VAL B 200 -13.94 24.15 66.15
N SER B 201 -14.77 24.61 65.22
CA SER B 201 -15.92 23.85 64.73
C SER B 201 -15.78 23.76 63.22
N THR B 202 -15.71 22.54 62.70
CA THR B 202 -15.31 22.32 61.33
C THR B 202 -16.51 22.02 60.43
N MET B 203 -16.34 22.31 59.14
CA MET B 203 -17.28 21.93 58.10
C MET B 203 -16.56 22.07 56.77
N GLY B 204 -16.96 21.25 55.80
CA GLY B 204 -16.21 21.20 54.56
C GLY B 204 -14.77 20.79 54.75
N THR B 205 -14.49 19.98 55.77
CA THR B 205 -13.16 19.46 56.03
C THR B 205 -13.09 17.95 55.83
N SER B 206 -13.89 17.44 54.90
CA SER B 206 -14.02 16.00 54.67
C SER B 206 -13.96 15.72 53.18
N PRO B 207 -12.80 15.92 52.56
CA PRO B 207 -12.70 15.78 51.11
C PRO B 207 -12.69 14.32 50.68
N ASN B 208 -13.19 14.08 49.45
CA ASN B 208 -13.16 12.75 48.87
C ASN B 208 -12.80 12.78 47.39
N GLY B 209 -12.11 13.82 46.93
CA GLY B 209 -11.74 13.94 45.54
C GLY B 209 -12.84 14.34 44.59
N LEU B 210 -14.10 14.33 45.04
CA LEU B 210 -15.23 14.72 44.22
C LEU B 210 -16.02 15.89 44.78
N ASN B 211 -15.80 16.26 46.04
CA ASN B 211 -16.64 17.22 46.73
C ASN B 211 -15.94 18.56 46.98
N ILE B 212 -14.91 18.88 46.20
CA ILE B 212 -14.18 20.13 46.40
C ILE B 212 -15.02 21.28 45.86
N ASN B 213 -15.10 22.36 46.65
CA ASN B 213 -15.81 23.58 46.26
C ASN B 213 -17.28 23.28 45.92
N ASP B 214 -17.88 22.36 46.67
CA ASP B 214 -19.24 21.90 46.42
C ASP B 214 -20.17 22.55 47.43
N GLY B 215 -20.69 23.72 47.09
CA GLY B 215 -21.52 24.47 48.01
C GLY B 215 -20.80 24.91 49.27
N VAL B 216 -19.47 24.91 49.24
CA VAL B 216 -18.64 25.32 50.37
C VAL B 216 -17.50 26.17 49.84
N GLY B 217 -16.70 26.71 50.76
CA GLY B 217 -15.58 27.55 50.38
C GLY B 217 -15.93 29.02 50.31
N SER B 218 -14.92 29.80 49.95
CA SER B 218 -15.06 31.26 49.92
C SER B 218 -16.10 31.72 48.91
N THR B 219 -16.23 31.00 47.79
CA THR B 219 -17.21 31.38 46.78
C THR B 219 -18.64 31.01 47.15
N HIS B 220 -18.82 30.08 48.08
CA HIS B 220 -20.14 29.64 48.52
C HIS B 220 -20.23 29.76 50.04
N PRO B 221 -20.23 30.99 50.57
CA PRO B 221 -20.13 31.17 52.02
C PRO B 221 -21.45 31.04 52.78
N GLU B 222 -22.57 30.79 52.11
CA GLU B 222 -23.85 30.76 52.81
C GLU B 222 -23.94 29.57 53.77
N ALA B 223 -23.38 28.42 53.38
CA ALA B 223 -23.35 27.27 54.28
C ALA B 223 -22.63 27.61 55.57
N LEU B 224 -21.44 28.21 55.47
CA LEU B 224 -20.73 28.65 56.66
C LEU B 224 -21.50 29.74 57.39
N SER B 225 -22.20 30.61 56.67
CA SER B 225 -23.01 31.64 57.32
C SER B 225 -24.04 31.02 58.23
N ALA B 226 -24.73 29.98 57.76
CA ALA B 226 -25.69 29.28 58.62
C ALA B 226 -24.98 28.53 59.73
N PHE B 227 -23.83 27.93 59.43
CA PHE B 227 -23.12 27.12 60.42
C PHE B 227 -22.62 27.96 61.58
N VAL B 228 -22.22 29.20 61.33
CA VAL B 228 -21.73 30.07 62.39
C VAL B 228 -22.85 30.37 63.39
N LYS B 229 -24.02 30.74 62.87
CA LYS B 229 -25.16 30.99 63.76
C LYS B 229 -25.62 29.71 64.46
N GLU B 230 -25.52 28.57 63.80
CA GLU B 230 -25.94 27.32 64.43
C GLU B 230 -25.08 27.01 65.66
N LYS B 231 -23.76 26.99 65.48
CA LYS B 231 -22.83 26.71 66.58
C LYS B 231 -22.49 27.94 67.40
N ASN B 232 -23.17 29.06 67.16
CA ASN B 232 -22.92 30.35 67.82
C ASN B 232 -21.43 30.62 68.02
N ALA B 233 -20.67 30.46 66.94
CA ALA B 233 -19.25 30.74 67.00
C ALA B 233 -19.00 32.24 66.94
N ASP B 234 -17.79 32.64 67.33
CA ASP B 234 -17.43 34.05 67.29
C ASP B 234 -17.21 34.52 65.86
N LEU B 235 -16.74 33.63 64.99
CA LEU B 235 -16.53 33.97 63.59
C LEU B 235 -16.37 32.68 62.80
N GLY B 236 -16.56 32.80 61.50
CA GLY B 236 -16.35 31.69 60.58
C GLY B 236 -15.34 32.09 59.52
N LEU B 237 -14.51 31.13 59.12
CA LEU B 237 -13.48 31.34 58.11
C LEU B 237 -13.73 30.40 56.95
N ALA B 238 -13.82 30.95 55.74
CA ALA B 238 -14.06 30.16 54.54
C ALA B 238 -12.86 30.34 53.61
N PHE B 239 -12.00 29.34 53.55
CA PHE B 239 -10.97 29.29 52.53
C PHE B 239 -11.55 28.65 51.27
N ASP B 240 -10.78 28.67 50.19
CA ASP B 240 -11.26 28.10 48.94
C ASP B 240 -10.52 26.79 48.64
N GLY B 241 -10.56 26.37 47.37
CA GLY B 241 -10.04 25.06 47.02
C GLY B 241 -8.57 24.89 47.31
N ASP B 242 -7.75 25.82 46.81
CA ASP B 242 -6.31 25.76 47.01
C ASP B 242 -5.84 26.59 48.18
N GLY B 243 -6.76 27.16 48.95
CA GLY B 243 -6.41 27.86 50.17
C GLY B 243 -5.67 29.17 50.01
N ASP B 244 -5.91 29.90 48.91
CA ASP B 244 -5.26 31.19 48.72
C ASP B 244 -6.18 32.37 49.01
N ARG B 245 -7.50 32.16 49.03
CA ARG B 245 -8.45 33.19 49.39
C ARG B 245 -9.00 32.94 50.79
N LEU B 246 -9.67 33.97 51.33
CA LEU B 246 -10.31 33.87 52.62
C LEU B 246 -11.51 34.81 52.66
N ILE B 247 -12.65 34.29 53.12
CA ILE B 247 -13.86 35.08 53.33
C ILE B 247 -14.32 34.83 54.75
N ALA B 248 -14.47 35.91 55.52
CA ALA B 248 -14.84 35.82 56.91
C ALA B 248 -16.35 35.99 57.09
N VAL B 249 -16.84 35.52 58.23
CA VAL B 249 -18.24 35.63 58.60
C VAL B 249 -18.30 36.03 60.06
N ASP B 250 -19.00 37.14 60.35
CA ASP B 250 -19.08 37.62 61.72
C ASP B 250 -20.08 36.76 62.52
N GLU B 251 -20.09 36.99 63.83
CA GLU B 251 -20.99 36.26 64.72
C GLU B 251 -22.46 36.44 64.34
N LYS B 252 -22.80 37.53 63.67
CA LYS B 252 -24.17 37.75 63.22
C LYS B 252 -24.51 36.94 61.97
N GLY B 253 -23.53 36.35 61.31
CA GLY B 253 -23.78 35.59 60.11
C GLY B 253 -23.54 36.35 58.81
N ASN B 254 -23.07 37.58 58.87
CA ASN B 254 -22.85 38.39 57.69
C ASN B 254 -21.50 38.08 57.06
N ILE B 255 -21.41 38.30 55.75
CA ILE B 255 -20.19 38.03 55.00
C ILE B 255 -19.21 39.17 55.20
N VAL B 256 -17.92 38.85 55.29
CA VAL B 256 -16.87 39.83 55.50
C VAL B 256 -15.86 39.66 54.37
N ASP B 257 -16.01 40.44 53.32
CA ASP B 257 -15.26 40.24 52.08
C ASP B 257 -13.80 40.67 52.25
N GLY B 258 -13.06 40.66 51.15
CA GLY B 258 -11.64 40.94 51.20
C GLY B 258 -11.30 42.36 51.57
N ASP B 259 -12.16 43.31 51.18
CA ASP B 259 -11.89 44.71 51.53
C ASP B 259 -11.96 44.92 53.04
N GLN B 260 -12.97 44.34 53.70
CA GLN B 260 -13.09 44.52 55.14
C GLN B 260 -11.93 43.85 55.87
N ILE B 261 -11.51 42.67 55.41
CA ILE B 261 -10.40 41.99 56.06
C ILE B 261 -9.11 42.77 55.85
N MET B 262 -8.90 43.30 54.64
CA MET B 262 -7.75 44.15 54.39
C MET B 262 -7.74 45.34 55.33
N TYR B 263 -8.88 46.02 55.46
CA TYR B 263 -8.99 47.16 56.37
C TYR B 263 -8.64 46.77 57.79
N ILE B 264 -9.26 45.70 58.29
CA ILE B 264 -9.05 45.29 59.68
C ILE B 264 -7.58 44.97 59.93
N CYS B 265 -6.98 44.16 59.05
CA CYS B 265 -5.62 43.70 59.30
C CYS B 265 -4.61 44.82 59.13
N SER B 266 -4.80 45.68 58.12
CA SER B 266 -3.89 46.81 57.93
C SER B 266 -4.01 47.81 59.07
N LYS B 267 -5.22 48.02 59.59
CA LYS B 267 -5.42 48.90 60.73
C LYS B 267 -4.70 48.37 61.97
N HIS B 268 -4.84 47.07 62.23
CA HIS B 268 -4.12 46.47 63.36
C HIS B 268 -2.61 46.55 63.16
N LEU B 269 -2.14 46.33 61.94
CA LEU B 269 -0.71 46.37 61.67
C LEU B 269 -0.16 47.79 61.83
N LYS B 270 -0.93 48.79 61.43
CA LYS B 270 -0.55 50.17 61.71
C LYS B 270 -0.52 50.44 63.21
N SER B 271 -1.49 49.89 63.94
CA SER B 271 -1.49 50.03 65.40
C SER B 271 -0.28 49.36 66.03
N GLU B 272 0.31 48.37 65.35
CA GLU B 272 1.57 47.77 65.79
C GLU B 272 2.77 48.35 65.06
N GLY B 273 2.57 49.33 64.18
CA GLY B 273 3.64 49.91 63.42
C GLY B 273 4.26 49.01 62.35
N ARG B 274 3.73 47.81 62.15
CA ARG B 274 4.30 46.89 61.16
C ARG B 274 3.88 47.20 59.74
N LEU B 275 2.84 48.02 59.54
CA LEU B 275 2.40 48.37 58.20
C LEU B 275 3.41 49.33 57.57
N LYS B 276 4.04 48.90 56.48
CA LYS B 276 5.14 49.66 55.90
C LYS B 276 4.61 50.92 55.21
N ASP B 277 5.10 52.07 55.62
CA ASP B 277 4.72 53.39 55.12
C ASP B 277 3.24 53.69 55.28
N ASP B 278 2.51 52.87 56.04
CA ASP B 278 1.07 53.02 56.24
C ASP B 278 0.33 53.14 54.91
N THR B 279 0.65 52.23 53.98
CA THR B 279 -0.03 52.13 52.70
C THR B 279 -0.52 50.71 52.49
N VAL B 280 -1.56 50.58 51.66
CA VAL B 280 -2.17 49.30 51.34
C VAL B 280 -2.46 49.26 49.84
N VAL B 281 -1.99 48.22 49.17
CA VAL B 281 -2.21 48.05 47.74
C VAL B 281 -3.51 47.28 47.52
N SER B 282 -4.25 47.65 46.48
CA SER B 282 -5.52 47.02 46.18
C SER B 282 -5.82 47.21 44.69
N THR B 283 -6.94 46.66 44.25
CA THR B 283 -7.34 46.70 42.85
C THR B 283 -8.50 47.68 42.65
N VAL B 284 -8.80 47.91 41.36
CA VAL B 284 -9.95 48.73 40.99
C VAL B 284 -11.22 48.18 41.62
N MET B 285 -11.34 46.86 41.76
CA MET B 285 -12.54 46.21 42.25
C MET B 285 -12.89 46.57 43.70
N SER B 286 -12.01 47.28 44.41
CA SER B 286 -12.28 47.60 45.81
C SER B 286 -13.40 48.62 45.94
N ASN B 287 -14.06 48.60 47.09
CA ASN B 287 -15.21 49.45 47.34
C ASN B 287 -14.77 50.85 47.75
N LEU B 288 -15.62 51.83 47.45
CA LEU B 288 -15.32 53.23 47.78
C LEU B 288 -15.15 53.41 49.28
N GLY B 289 -16.07 52.86 50.07
CA GLY B 289 -15.98 52.99 51.52
C GLY B 289 -14.72 52.40 52.11
N PHE B 290 -14.12 51.43 51.43
CA PHE B 290 -12.83 50.90 51.88
C PHE B 290 -11.77 52.00 51.87
N TYR B 291 -11.65 52.73 50.76
CA TYR B 291 -10.71 53.84 50.69
C TYR B 291 -11.13 54.97 51.62
N LYS B 292 -12.43 55.20 51.78
CA LYS B 292 -12.91 56.21 52.72
C LYS B 292 -12.40 55.92 54.13
N ALA B 293 -12.59 54.70 54.61
CA ALA B 293 -12.13 54.34 55.94
C ALA B 293 -10.60 54.30 56.01
N LEU B 294 -9.93 53.99 54.90
CA LEU B 294 -8.48 54.05 54.87
C LEU B 294 -7.99 55.48 55.11
N GLU B 295 -8.60 56.45 54.43
CA GLU B 295 -8.29 57.85 54.72
C GLU B 295 -8.63 58.21 56.17
N LYS B 296 -9.79 57.73 56.64
CA LYS B 296 -10.21 58.02 58.01
C LYS B 296 -9.21 57.53 59.04
N GLU B 297 -8.49 56.45 58.73
CA GLU B 297 -7.46 55.93 59.62
C GLU B 297 -6.06 56.31 59.18
N GLY B 298 -5.93 57.31 58.33
CA GLY B 298 -4.62 57.81 57.94
C GLY B 298 -3.75 56.81 57.22
N ILE B 299 -4.35 55.90 56.44
CA ILE B 299 -3.61 54.89 55.69
C ILE B 299 -3.68 55.26 54.22
N LYS B 300 -2.51 55.50 53.62
CA LYS B 300 -2.44 55.72 52.19
C LYS B 300 -2.81 54.45 51.43
N SER B 301 -3.00 54.59 50.12
CA SER B 301 -3.46 53.46 49.32
C SER B 301 -2.97 53.60 47.89
N VAL B 302 -2.55 52.47 47.30
CA VAL B 302 -2.15 52.37 45.91
C VAL B 302 -3.08 51.40 45.20
N GLN B 303 -3.60 51.80 44.05
CA GLN B 303 -4.51 50.97 43.27
C GLN B 303 -3.82 50.46 42.02
N THR B 304 -4.07 49.19 41.69
CA THR B 304 -3.53 48.57 40.50
C THR B 304 -4.67 47.91 39.73
N ALA B 305 -4.34 47.37 38.56
CA ALA B 305 -5.33 46.67 37.75
C ALA B 305 -5.73 45.36 38.43
N VAL B 306 -6.83 44.78 37.95
CA VAL B 306 -7.31 43.53 38.52
C VAL B 306 -6.29 42.41 38.25
N GLY B 307 -6.31 41.39 39.10
CA GLY B 307 -5.31 40.35 39.03
C GLY B 307 -4.19 40.62 40.02
N ASP B 308 -3.71 39.59 40.70
CA ASP B 308 -2.77 39.78 41.80
C ASP B 308 -1.33 39.95 41.33
N ARG B 309 -1.03 39.69 40.06
CA ARG B 309 0.33 39.94 39.58
C ARG B 309 0.66 41.43 39.62
N TYR B 310 -0.34 42.29 39.39
CA TYR B 310 -0.08 43.73 39.46
C TYR B 310 -0.02 44.23 40.90
N VAL B 311 -0.86 43.66 41.77
CA VAL B 311 -0.78 43.98 43.20
C VAL B 311 0.61 43.66 43.71
N VAL B 312 1.13 42.48 43.38
CA VAL B 312 2.44 42.10 43.87
C VAL B 312 3.53 42.85 43.11
N GLU B 313 3.28 43.25 41.87
CA GLU B 313 4.20 44.14 41.16
C GLU B 313 4.40 45.44 41.90
N ALA B 314 3.31 46.06 42.35
CA ALA B 314 3.41 47.31 43.08
C ALA B 314 4.08 47.11 44.42
N MET B 315 3.64 46.09 45.18
CA MET B 315 4.29 45.79 46.45
C MET B 315 5.77 45.48 46.26
N LYS B 316 6.14 44.90 45.12
CA LYS B 316 7.54 44.63 44.79
C LYS B 316 8.31 45.92 44.64
N LYS B 317 7.94 46.74 43.66
CA LYS B 317 8.74 47.90 43.33
C LYS B 317 8.80 48.90 44.48
N ASP B 318 7.68 49.13 45.15
CA ASP B 318 7.63 50.15 46.20
C ASP B 318 7.93 49.61 47.60
N GLY B 319 8.14 48.30 47.74
CA GLY B 319 8.45 47.73 49.04
C GLY B 319 7.32 47.88 50.05
N TYR B 320 6.11 47.52 49.65
CA TYR B 320 4.92 47.68 50.47
C TYR B 320 4.59 46.40 51.22
N ASN B 321 3.95 46.56 52.38
CA ASN B 321 3.79 45.44 53.31
C ASN B 321 2.58 44.58 52.99
N VAL B 322 1.46 45.19 52.59
CA VAL B 322 0.17 44.51 52.53
C VAL B 322 -0.52 44.84 51.22
N GLY B 323 -1.17 43.83 50.63
CA GLY B 323 -1.95 44.03 49.42
C GLY B 323 -3.07 43.02 49.40
N GLY B 324 -4.07 43.26 48.56
CA GLY B 324 -5.18 42.33 48.50
C GLY B 324 -6.20 42.71 47.45
N GLU B 325 -7.22 41.86 47.36
CA GLU B 325 -8.35 42.04 46.46
C GLU B 325 -9.63 41.83 47.25
N GLN B 326 -10.75 42.25 46.66
CA GLN B 326 -12.05 41.96 47.25
C GLN B 326 -12.34 40.46 47.28
N SER B 327 -11.66 39.69 46.43
CA SER B 327 -11.87 38.25 46.38
C SER B 327 -11.52 37.55 47.69
N GLY B 328 -10.67 38.16 48.51
CA GLY B 328 -10.10 37.50 49.67
C GLY B 328 -8.65 37.11 49.50
N HIS B 329 -8.07 37.35 48.33
CA HIS B 329 -6.67 37.03 48.05
C HIS B 329 -5.81 38.13 48.66
N LEU B 330 -5.21 37.84 49.81
CA LEU B 330 -4.44 38.83 50.57
C LEU B 330 -2.98 38.41 50.62
N ILE B 331 -2.08 39.35 50.33
CA ILE B 331 -0.65 39.13 50.34
C ILE B 331 -0.05 39.95 51.48
N PHE B 332 0.62 39.27 52.41
CA PHE B 332 1.40 39.88 53.47
C PHE B 332 2.86 39.56 53.17
N LEU B 333 3.53 40.46 52.44
CA LEU B 333 4.87 40.19 51.94
C LEU B 333 5.90 40.04 53.05
N ASP B 334 5.57 40.43 54.28
CA ASP B 334 6.45 40.13 55.40
C ASP B 334 6.64 38.64 55.61
N TYR B 335 5.66 37.83 55.20
CA TYR B 335 5.66 36.41 55.51
C TYR B 335 5.55 35.50 54.29
N ASN B 336 4.89 35.93 53.21
CA ASN B 336 4.70 35.05 52.06
C ASN B 336 4.61 35.89 50.80
N THR B 337 4.73 35.22 49.65
CA THR B 337 4.87 35.89 48.37
C THR B 337 3.63 35.81 47.49
N THR B 338 2.63 35.03 47.86
CA THR B 338 1.35 34.97 47.16
C THR B 338 0.23 35.11 48.18
N GLY B 339 -1.00 35.06 47.69
CA GLY B 339 -2.15 35.10 48.59
C GLY B 339 -2.21 33.86 49.44
N ASP B 340 -2.47 34.07 50.74
CA ASP B 340 -2.44 33.00 51.74
C ASP B 340 -3.70 33.10 52.59
N GLY B 341 -4.63 32.17 52.38
CA GLY B 341 -5.84 32.13 53.19
C GLY B 341 -5.54 32.02 54.68
N LEU B 342 -4.71 31.04 55.06
CA LEU B 342 -4.47 30.81 56.48
C LEU B 342 -3.69 31.97 57.11
N LEU B 343 -2.77 32.57 56.37
CA LEU B 343 -2.05 33.72 56.91
C LEU B 343 -3.01 34.89 57.18
N SER B 344 -3.87 35.19 56.21
CA SER B 344 -4.89 36.21 56.41
C SER B 344 -5.76 35.88 57.62
N ALA B 345 -6.17 34.62 57.75
CA ALA B 345 -6.97 34.21 58.91
C ALA B 345 -6.22 34.45 60.21
N ILE B 346 -4.92 34.15 60.23
CA ILE B 346 -4.13 34.34 61.45
C ILE B 346 -4.04 35.83 61.79
N MET B 347 -3.89 36.68 60.77
CA MET B 347 -3.85 38.12 61.03
C MET B 347 -5.19 38.62 61.57
N LEU B 348 -6.29 38.14 61.00
CA LEU B 348 -7.61 38.51 61.49
C LEU B 348 -7.79 38.07 62.95
N MET B 349 -7.34 36.85 63.27
CA MET B 349 -7.43 36.37 64.64
C MET B 349 -6.52 37.17 65.57
N ASN B 350 -5.37 37.61 65.07
CA ASN B 350 -4.52 38.50 65.84
C ASN B 350 -5.26 39.77 66.22
N THR B 351 -5.91 40.41 65.23
CA THR B 351 -6.70 41.59 65.51
C THR B 351 -7.79 41.30 66.55
N LEU B 352 -8.55 40.22 66.32
CA LEU B 352 -9.61 39.84 67.25
C LEU B 352 -9.09 39.70 68.68
N LYS B 353 -8.03 38.91 68.85
CA LYS B 353 -7.49 38.68 70.19
C LYS B 353 -6.95 39.96 70.81
N ALA B 354 -6.22 40.77 70.04
CA ALA B 354 -5.56 41.93 70.62
C ALA B 354 -6.56 43.03 70.97
N THR B 355 -7.65 43.15 70.22
CA THR B 355 -8.65 44.17 70.51
C THR B 355 -9.83 43.62 71.32
N GLY B 356 -9.99 42.30 71.39
CA GLY B 356 -11.10 41.70 72.10
C GLY B 356 -12.46 41.98 71.50
N LYS B 357 -12.51 42.87 70.50
CA LYS B 357 -13.78 43.22 69.88
C LYS B 357 -14.29 42.05 69.03
N PRO B 358 -15.60 41.99 68.81
CA PRO B 358 -16.14 40.99 67.89
C PRO B 358 -15.92 41.40 66.44
N LEU B 359 -16.03 40.42 65.56
CA LEU B 359 -15.74 40.65 64.15
C LEU B 359 -16.68 41.68 63.55
N SER B 360 -17.97 41.62 63.94
CA SER B 360 -18.93 42.60 63.43
C SER B 360 -18.51 44.02 63.77
N GLU B 361 -18.06 44.25 65.01
CA GLU B 361 -17.66 45.59 65.42
C GLU B 361 -16.42 46.05 64.65
N LEU B 362 -15.46 45.15 64.44
CA LEU B 362 -14.28 45.51 63.68
C LEU B 362 -14.62 45.83 62.23
N ALA B 363 -15.51 45.04 61.62
CA ALA B 363 -15.89 45.25 60.23
C ALA B 363 -16.82 46.44 60.04
N ALA B 364 -17.49 46.89 61.10
CA ALA B 364 -18.39 48.03 60.96
C ALA B 364 -17.64 49.34 60.79
N GLU B 365 -16.35 49.38 61.11
CA GLU B 365 -15.57 50.60 60.93
C GLU B 365 -15.45 50.98 59.45
N MET B 366 -15.47 49.99 58.57
CA MET B 366 -15.45 50.23 57.13
C MET B 366 -16.87 50.08 56.60
N GLN B 367 -17.42 51.17 56.07
CA GLN B 367 -18.80 51.21 55.61
C GLN B 367 -18.83 51.02 54.10
N LYS B 368 -19.55 49.99 53.65
CA LYS B 368 -19.70 49.74 52.21
C LYS B 368 -20.64 50.74 51.56
N GLY C 2 7.71 -14.25 10.03
CA GLY C 2 8.82 -14.22 10.96
C GLY C 2 9.09 -15.57 11.61
N LYS C 3 8.04 -16.38 11.76
CA LYS C 3 8.15 -17.71 12.36
C LYS C 3 7.21 -18.64 11.59
N TYR C 4 7.77 -19.34 10.59
CA TYR C 4 7.01 -20.32 9.83
C TYR C 4 7.46 -21.75 10.09
N PHE C 5 8.72 -21.96 10.43
CA PHE C 5 9.32 -23.30 10.53
C PHE C 5 9.44 -23.66 12.00
N GLY C 6 8.43 -24.36 12.53
CA GLY C 6 8.47 -24.90 13.87
C GLY C 6 9.33 -26.13 13.93
N THR C 7 9.09 -26.95 14.96
CA THR C 7 9.76 -28.23 15.06
C THR C 7 9.49 -29.10 13.84
N ASP C 8 8.21 -29.32 13.53
CA ASP C 8 7.80 -30.16 12.41
C ASP C 8 7.55 -29.33 11.15
N GLY C 9 8.49 -28.45 10.82
CA GLY C 9 8.34 -27.63 9.65
C GLY C 9 7.20 -26.63 9.80
N VAL C 10 6.53 -26.35 8.69
CA VAL C 10 5.40 -25.43 8.66
C VAL C 10 4.12 -26.25 8.82
N ARG C 11 3.33 -25.95 9.85
CA ARG C 11 2.10 -26.68 10.09
C ARG C 11 0.93 -25.73 10.29
N GLY C 12 -0.24 -26.19 9.89
CA GLY C 12 -1.45 -25.43 10.19
C GLY C 12 -2.64 -26.19 9.67
N VAL C 13 -3.82 -25.67 10.01
CA VAL C 13 -5.05 -26.22 9.45
C VAL C 13 -5.19 -25.71 8.03
N ALA C 14 -5.53 -26.61 7.11
CA ALA C 14 -5.37 -26.35 5.68
C ALA C 14 -6.29 -25.22 5.21
N ASN C 15 -5.81 -24.48 4.21
CA ASN C 15 -6.53 -23.43 3.52
C ASN C 15 -6.74 -22.19 4.39
N SER C 16 -7.16 -22.37 5.65
CA SER C 16 -7.43 -21.23 6.52
C SER C 16 -6.14 -20.67 7.13
N GLU C 17 -5.31 -21.53 7.70
CA GLU C 17 -4.02 -21.11 8.24
C GLU C 17 -2.87 -21.45 7.31
N LEU C 18 -2.74 -22.71 6.92
CA LEU C 18 -1.74 -23.12 5.92
C LEU C 18 -2.36 -22.92 4.56
N THR C 19 -2.21 -21.72 4.03
CA THR C 19 -2.86 -21.35 2.79
C THR C 19 -2.05 -21.84 1.59
N PRO C 20 -2.72 -22.15 0.48
CA PRO C 20 -1.97 -22.48 -0.75
C PRO C 20 -1.04 -21.37 -1.20
N GLU C 21 -1.40 -20.10 -0.99
CA GLU C 21 -0.45 -19.02 -1.24
C GLU C 21 0.81 -19.19 -0.39
N LEU C 22 0.63 -19.56 0.88
CA LEU C 22 1.78 -19.78 1.74
C LEU C 22 2.63 -20.95 1.25
N ALA C 23 1.97 -22.04 0.81
CA ALA C 23 2.71 -23.18 0.29
C ALA C 23 3.48 -22.81 -0.98
N PHE C 24 2.89 -21.95 -1.82
CA PHE C 24 3.60 -21.47 -3.00
C PHE C 24 4.82 -20.65 -2.62
N LYS C 25 4.66 -19.71 -1.68
CA LYS C 25 5.80 -18.93 -1.22
C LYS C 25 6.87 -19.83 -0.63
N VAL C 26 6.46 -20.85 0.11
CA VAL C 26 7.41 -21.83 0.66
C VAL C 26 8.20 -22.47 -0.47
N GLY C 27 7.49 -23.03 -1.46
CA GLY C 27 8.18 -23.69 -2.56
C GLY C 27 9.16 -22.77 -3.27
N ARG C 28 8.71 -21.55 -3.58
CA ARG C 28 9.54 -20.63 -4.35
C ARG C 28 10.79 -20.21 -3.56
N PHE C 29 10.60 -19.73 -2.33
CA PHE C 29 11.73 -19.22 -1.56
C PHE C 29 12.67 -20.35 -1.14
N GLY C 30 12.12 -21.49 -0.74
CA GLY C 30 12.96 -22.63 -0.42
C GLY C 30 13.76 -23.12 -1.61
N GLY C 31 13.14 -23.15 -2.80
CA GLY C 31 13.88 -23.53 -3.99
C GLY C 31 14.99 -22.55 -4.31
N TYR C 32 14.72 -21.25 -4.13
CA TYR C 32 15.81 -20.29 -4.29
C TYR C 32 16.92 -20.53 -3.29
N VAL C 33 16.56 -20.80 -2.03
CA VAL C 33 17.59 -21.02 -1.00
C VAL C 33 18.41 -22.26 -1.32
N LEU C 34 17.77 -23.30 -1.83
CA LEU C 34 18.45 -24.53 -2.22
C LEU C 34 18.93 -24.50 -3.67
N THR C 35 18.91 -23.34 -4.31
CA THR C 35 19.38 -23.20 -5.68
C THR C 35 20.86 -22.81 -5.78
N LYS C 36 21.43 -22.28 -4.69
CA LYS C 36 22.71 -21.59 -4.75
C LYS C 36 23.83 -22.42 -5.38
N ASP C 37 23.73 -23.75 -5.34
CA ASP C 37 24.82 -24.54 -5.93
C ASP C 37 24.69 -24.59 -7.44
N LYS C 38 23.83 -25.46 -7.95
CA LYS C 38 23.58 -25.56 -9.38
C LYS C 38 22.29 -24.82 -9.71
N GLN C 39 22.27 -24.19 -10.89
CA GLN C 39 21.10 -23.39 -11.27
C GLN C 39 19.94 -24.25 -11.76
N ARG C 40 19.79 -25.45 -11.19
CA ARG C 40 18.64 -26.33 -11.37
C ARG C 40 18.64 -27.37 -10.25
N PRO C 41 18.10 -27.05 -9.08
CA PRO C 41 18.07 -28.02 -7.99
C PRO C 41 17.16 -29.19 -8.30
N LYS C 42 17.35 -30.28 -7.56
CA LYS C 42 16.53 -31.48 -7.69
C LYS C 42 15.79 -31.67 -6.37
N VAL C 43 14.69 -30.94 -6.21
CA VAL C 43 13.78 -31.16 -5.09
C VAL C 43 12.78 -32.22 -5.49
N LEU C 44 12.62 -33.23 -4.64
CA LEU C 44 11.57 -34.21 -4.84
C LEU C 44 10.56 -34.11 -3.70
N ILE C 45 9.32 -34.45 -4.00
CA ILE C 45 8.19 -34.07 -3.17
C ILE C 45 7.27 -35.26 -2.99
N GLY C 46 6.73 -35.42 -1.78
CA GLY C 46 5.83 -36.51 -1.46
C GLY C 46 4.82 -36.05 -0.44
N ARG C 47 3.77 -36.86 -0.26
CA ARG C 47 2.66 -36.46 0.59
C ARG C 47 2.05 -37.70 1.24
N ASP C 48 1.17 -37.46 2.20
CA ASP C 48 0.31 -38.49 2.75
C ASP C 48 -1.04 -38.46 2.02
N THR C 49 -2.04 -39.13 2.58
CA THR C 49 -3.34 -39.27 1.92
C THR C 49 -4.30 -38.13 2.24
N ARG C 50 -3.82 -37.03 2.80
CA ARG C 50 -4.72 -35.94 3.17
C ARG C 50 -5.29 -35.25 1.93
N ILE C 51 -6.58 -34.90 2.00
CA ILE C 51 -7.25 -34.27 0.87
C ILE C 51 -6.63 -32.92 0.54
N SER C 52 -6.04 -32.25 1.53
CA SER C 52 -5.32 -31.01 1.28
C SER C 52 -3.93 -31.25 0.70
N GLY C 53 -3.47 -32.51 0.70
CA GLY C 53 -2.18 -32.82 0.12
C GLY C 53 -2.07 -32.41 -1.33
N HIS C 54 -3.14 -32.65 -2.10
CA HIS C 54 -3.11 -32.32 -3.53
C HIS C 54 -2.98 -30.81 -3.74
N MET C 55 -3.79 -30.03 -3.03
CA MET C 55 -3.71 -28.57 -3.16
C MET C 55 -2.34 -28.05 -2.76
N LEU C 56 -1.83 -28.52 -1.61
CA LEU C 56 -0.53 -28.02 -1.15
C LEU C 56 0.59 -28.47 -2.08
N GLU C 57 0.49 -29.69 -2.61
CA GLU C 57 1.49 -30.15 -3.58
C GLU C 57 1.45 -29.33 -4.85
N GLY C 58 0.26 -29.00 -5.34
CA GLY C 58 0.16 -28.19 -6.54
C GLY C 58 0.79 -26.82 -6.34
N ALA C 59 0.48 -26.17 -5.21
CA ALA C 59 1.08 -24.87 -4.93
C ALA C 59 2.60 -24.97 -4.75
N LEU C 60 3.05 -26.04 -4.07
CA LEU C 60 4.48 -26.21 -3.82
C LEU C 60 5.24 -26.44 -5.12
N VAL C 61 4.69 -27.26 -6.01
CA VAL C 61 5.35 -27.52 -7.28
C VAL C 61 5.33 -26.28 -8.15
N ALA C 62 4.24 -25.50 -8.12
CA ALA C 62 4.23 -24.23 -8.83
C ALA C 62 5.36 -23.33 -8.34
N GLY C 63 5.51 -23.21 -7.02
CA GLY C 63 6.59 -22.42 -6.46
C GLY C 63 7.96 -22.93 -6.89
N LEU C 64 8.19 -24.24 -6.75
CA LEU C 64 9.48 -24.82 -7.06
C LEU C 64 9.83 -24.66 -8.54
N LEU C 65 8.83 -24.74 -9.42
CA LEU C 65 9.08 -24.53 -10.84
C LEU C 65 9.24 -23.06 -11.19
N SER C 66 8.70 -22.16 -10.37
CA SER C 66 8.86 -20.74 -10.63
C SER C 66 10.28 -20.23 -10.38
N ILE C 67 11.23 -21.08 -10.02
CA ILE C 67 12.61 -20.64 -9.84
C ILE C 67 13.57 -21.62 -10.51
N GLY C 68 13.03 -22.55 -11.30
CA GLY C 68 13.85 -23.41 -12.12
C GLY C 68 14.21 -24.76 -11.53
N ALA C 69 13.72 -25.07 -10.34
CA ALA C 69 14.08 -26.34 -9.70
C ALA C 69 13.43 -27.51 -10.43
N GLU C 70 14.21 -28.56 -10.67
CA GLU C 70 13.69 -29.80 -11.22
C GLU C 70 12.95 -30.55 -10.12
N VAL C 71 11.67 -30.87 -10.36
CA VAL C 71 10.77 -31.40 -9.35
C VAL C 71 10.44 -32.84 -9.70
N MET C 72 10.55 -33.73 -8.71
CA MET C 72 10.25 -35.15 -8.88
C MET C 72 9.11 -35.50 -7.93
N ARG C 73 7.89 -35.45 -8.45
CA ARG C 73 6.73 -35.87 -7.67
C ARG C 73 6.83 -37.36 -7.35
N LEU C 74 6.48 -37.73 -6.11
CA LEU C 74 6.54 -39.11 -5.65
C LEU C 74 5.17 -39.70 -5.35
N GLY C 75 4.14 -38.87 -5.23
CA GLY C 75 2.84 -39.37 -4.86
C GLY C 75 2.73 -39.59 -3.37
N VAL C 76 2.04 -40.66 -2.96
CA VAL C 76 1.88 -40.97 -1.55
C VAL C 76 3.00 -41.90 -1.11
N ILE C 77 3.79 -41.46 -0.13
CA ILE C 77 4.92 -42.22 0.38
C ILE C 77 5.25 -41.68 1.75
N SER C 78 5.73 -42.57 2.63
CA SER C 78 6.06 -42.16 3.99
C SER C 78 7.23 -41.20 4.00
N THR C 79 7.29 -40.37 5.04
CA THR C 79 8.42 -39.46 5.22
C THR C 79 9.75 -40.19 5.29
N PRO C 80 9.89 -41.33 5.99
CA PRO C 80 11.12 -42.12 5.85
C PRO C 80 11.51 -42.38 4.40
N GLY C 81 10.54 -42.80 3.58
CA GLY C 81 10.82 -43.00 2.17
C GLY C 81 11.30 -41.74 1.48
N VAL C 82 10.72 -40.59 1.84
CA VAL C 82 11.16 -39.32 1.27
C VAL C 82 12.62 -39.07 1.60
N SER C 83 13.00 -39.21 2.88
CA SER C 83 14.39 -38.99 3.26
CA SER C 83 14.39 -38.99 3.26
C SER C 83 15.32 -39.97 2.56
N TYR C 84 14.92 -41.24 2.51
CA TYR C 84 15.77 -42.26 1.87
C TYR C 84 15.98 -41.96 0.39
N LEU C 85 14.93 -41.52 -0.30
CA LEU C 85 15.08 -41.23 -1.72
C LEU C 85 15.88 -39.95 -1.96
N THR C 86 15.68 -38.93 -1.13
CA THR C 86 16.49 -37.71 -1.28
C THR C 86 17.96 -38.01 -1.08
N LYS C 87 18.28 -38.88 -0.12
CA LYS C 87 19.69 -39.23 0.07
C LYS C 87 20.20 -40.10 -1.08
N ALA C 88 19.49 -41.21 -1.37
CA ALA C 88 19.95 -42.18 -2.36
C ALA C 88 19.99 -41.62 -3.78
N MET C 89 19.45 -40.43 -4.01
CA MET C 89 19.46 -39.80 -5.32
C MET C 89 20.33 -38.56 -5.37
N ASP C 90 21.09 -38.29 -4.31
CA ASP C 90 21.98 -37.14 -4.25
C ASP C 90 21.23 -35.87 -4.62
N ALA C 91 19.97 -35.79 -4.19
CA ALA C 91 19.10 -34.68 -4.56
C ALA C 91 19.22 -33.56 -3.54
N GLU C 92 19.00 -32.33 -4.02
CA GLU C 92 19.26 -31.15 -3.20
C GLU C 92 18.29 -31.05 -2.03
N ALA C 93 17.05 -31.48 -2.21
CA ALA C 93 16.08 -31.35 -1.13
C ALA C 93 14.89 -32.27 -1.35
N GLY C 94 14.18 -32.52 -0.26
CA GLY C 94 12.96 -33.30 -0.30
C GLY C 94 11.88 -32.71 0.58
N VAL C 95 10.64 -32.81 0.13
CA VAL C 95 9.51 -32.15 0.77
C VAL C 95 8.47 -33.21 1.11
N MET C 96 7.88 -33.09 2.30
CA MET C 96 6.79 -33.96 2.71
C MET C 96 5.60 -33.11 3.13
N ILE C 97 4.48 -33.27 2.44
CA ILE C 97 3.22 -32.63 2.80
C ILE C 97 2.45 -33.61 3.67
N SER C 98 2.48 -33.37 4.98
CA SER C 98 1.79 -34.23 5.93
C SER C 98 1.79 -33.54 7.29
N ALA C 99 1.00 -34.10 8.21
CA ALA C 99 0.89 -33.62 9.57
C ALA C 99 0.62 -34.85 10.43
N SER C 100 1.65 -35.70 10.55
CA SER C 100 1.68 -36.93 11.35
C SER C 100 0.63 -36.99 12.45
N HIS C 101 -0.23 -38.00 12.39
CA HIS C 101 -1.18 -38.37 13.44
C HIS C 101 -2.19 -37.27 13.80
N ASN C 102 -2.00 -36.05 13.29
CA ASN C 102 -2.97 -34.99 13.52
C ASN C 102 -4.25 -35.26 12.74
N PRO C 103 -5.36 -34.58 13.07
CA PRO C 103 -6.61 -34.81 12.34
C PRO C 103 -6.50 -34.34 10.89
N VAL C 104 -7.45 -34.83 10.09
CA VAL C 104 -7.39 -34.68 8.64
C VAL C 104 -7.39 -33.22 8.23
N GLN C 105 -8.00 -32.34 9.03
CA GLN C 105 -8.08 -30.94 8.65
C GLN C 105 -6.72 -30.24 8.67
N ASP C 106 -5.76 -30.75 9.43
CA ASP C 106 -4.44 -30.13 9.53
C ASP C 106 -3.49 -30.71 8.48
N ASN C 107 -2.47 -29.94 8.16
CA ASN C 107 -1.43 -30.39 7.22
C ASN C 107 -0.16 -29.61 7.51
N GLY C 108 0.90 -29.97 6.79
CA GLY C 108 2.20 -29.36 6.98
C GLY C 108 3.23 -29.70 5.94
N ILE C 109 4.19 -28.79 5.76
CA ILE C 109 5.32 -28.95 4.85
C ILE C 109 6.58 -29.16 5.68
N LYS C 110 7.33 -30.21 5.33
CA LYS C 110 8.58 -30.53 6.02
C LYS C 110 9.69 -30.68 4.99
N PHE C 111 10.88 -30.20 5.33
CA PHE C 111 12.01 -30.13 4.41
C PHE C 111 13.16 -31.01 4.89
N PHE C 112 13.82 -31.65 3.93
CA PHE C 112 15.01 -32.46 4.17
C PHE C 112 16.11 -32.08 3.21
N GLY C 113 17.33 -31.94 3.74
CA GLY C 113 18.47 -31.64 2.91
C GLY C 113 18.95 -32.85 2.12
N GLY C 114 20.08 -32.67 1.45
CA GLY C 114 20.64 -33.75 0.65
C GLY C 114 21.08 -34.93 1.49
N ASP C 115 21.56 -34.68 2.70
CA ASP C 115 21.99 -35.76 3.58
C ASP C 115 20.83 -36.57 4.14
N GLY C 116 19.60 -36.07 4.04
CA GLY C 116 18.45 -36.74 4.60
C GLY C 116 17.97 -36.19 5.93
N PHE C 117 18.51 -35.05 6.37
CA PHE C 117 18.20 -34.44 7.65
C PHE C 117 17.44 -33.14 7.44
N LYS C 118 16.76 -32.72 8.51
CA LYS C 118 16.09 -31.44 8.53
C LYS C 118 17.02 -30.33 8.06
N LEU C 119 16.47 -29.36 7.32
CA LEU C 119 17.27 -28.28 6.79
C LEU C 119 17.99 -27.54 7.92
N SER C 120 19.21 -27.09 7.62
CA SER C 120 19.98 -26.32 8.60
C SER C 120 19.21 -25.06 9.01
N ASP C 121 19.32 -24.71 10.29
CA ASP C 121 18.59 -23.55 10.80
C ASP C 121 18.99 -22.26 10.10
N GLU C 122 20.20 -22.19 9.54
CA GLU C 122 20.57 -21.03 8.72
C GLU C 122 19.70 -20.94 7.47
N GLN C 123 19.50 -22.06 6.79
CA GLN C 123 18.69 -22.08 5.58
C GLN C 123 17.24 -21.71 5.89
N GLU C 124 16.67 -22.30 6.95
CA GLU C 124 15.32 -21.92 7.37
C GLU C 124 15.24 -20.46 7.74
N ALA C 125 16.27 -19.94 8.41
CA ALA C 125 16.32 -18.53 8.75
C ALA C 125 16.26 -17.67 7.50
N GLU C 126 17.04 -18.03 6.47
CA GLU C 126 17.02 -17.26 5.23
C GLU C 126 15.67 -17.37 4.51
N ILE C 127 15.09 -18.56 4.51
CA ILE C 127 13.77 -18.74 3.91
C ILE C 127 12.75 -17.83 4.58
N GLU C 128 12.81 -17.73 5.91
CA GLU C 128 11.89 -16.83 6.61
C GLU C 128 12.25 -15.37 6.37
N ARG C 129 13.53 -15.06 6.18
CA ARG C 129 13.93 -13.70 5.80
C ARG C 129 13.26 -13.29 4.51
N LEU C 130 13.24 -14.19 3.52
CA LEU C 130 12.65 -13.84 2.23
C LEU C 130 11.12 -13.76 2.32
N MET C 131 10.52 -14.48 3.28
CA MET C 131 9.08 -14.41 3.48
C MET C 131 8.64 -13.14 4.21
N ASP C 132 9.56 -12.22 4.49
CA ASP C 132 9.23 -10.96 5.15
C ASP C 132 9.30 -9.75 4.23
N GLU C 133 10.22 -9.75 3.27
CA GLU C 133 10.26 -8.68 2.28
C GLU C 133 8.99 -8.71 1.43
N PRO C 134 8.23 -7.61 1.38
CA PRO C 134 7.01 -7.60 0.58
C PRO C 134 7.27 -7.40 -0.91
N GLU C 135 8.47 -7.77 -1.37
CA GLU C 135 8.86 -7.62 -2.77
C GLU C 135 9.41 -8.96 -3.26
N ASP C 136 8.70 -9.58 -4.20
CA ASP C 136 9.14 -10.83 -4.81
C ASP C 136 10.20 -10.56 -5.88
N LYS C 137 11.33 -10.02 -5.42
CA LYS C 137 12.45 -9.64 -6.29
C LYS C 137 13.35 -10.82 -6.65
N LEU C 138 12.85 -12.06 -6.58
CA LEU C 138 13.67 -13.20 -6.94
C LEU C 138 13.60 -13.45 -8.44
N PRO C 139 14.64 -14.10 -9.00
CA PRO C 139 14.64 -14.34 -10.46
C PRO C 139 13.42 -15.13 -10.89
N ARG C 140 12.94 -14.80 -12.09
CA ARG C 140 11.77 -15.46 -12.70
C ARG C 140 12.23 -16.07 -14.02
N PRO C 141 12.84 -17.25 -13.99
CA PRO C 141 13.30 -17.88 -15.23
C PRO C 141 12.16 -18.06 -16.21
N VAL C 142 12.49 -18.04 -17.49
CA VAL C 142 11.50 -18.01 -18.55
C VAL C 142 11.93 -18.95 -19.68
N GLY C 143 10.94 -19.36 -20.47
CA GLY C 143 11.19 -20.26 -21.59
C GLY C 143 11.77 -21.58 -21.13
N ALA C 144 12.98 -21.88 -21.60
CA ALA C 144 13.62 -23.13 -21.23
C ALA C 144 14.27 -23.08 -19.86
N ASP C 145 14.46 -21.87 -19.31
CA ASP C 145 15.04 -21.71 -17.98
C ASP C 145 14.08 -22.12 -16.88
N LEU C 146 12.80 -22.32 -17.20
CA LEU C 146 11.79 -22.65 -16.22
C LEU C 146 12.11 -24.00 -15.55
N GLY C 147 11.39 -24.26 -14.46
CA GLY C 147 11.54 -25.54 -13.79
C GLY C 147 11.08 -26.69 -14.64
N LEU C 148 11.48 -27.89 -14.23
CA LEU C 148 11.17 -29.12 -14.95
C LEU C 148 10.58 -30.12 -13.97
N VAL C 149 9.71 -30.98 -14.49
CA VAL C 149 9.01 -31.96 -13.66
C VAL C 149 9.02 -33.30 -14.38
N ASN C 150 9.53 -34.33 -13.70
CA ASN C 150 9.55 -35.70 -14.21
C ASN C 150 9.08 -36.59 -13.06
N ASP C 151 7.76 -36.84 -13.03
CA ASP C 151 7.15 -37.66 -11.99
C ASP C 151 7.91 -38.96 -11.78
N TYR C 152 8.13 -39.32 -10.52
CA TYR C 152 8.82 -40.55 -10.16
C TYR C 152 7.98 -41.32 -9.14
N PHE C 153 6.79 -41.72 -9.59
CA PHE C 153 5.86 -42.45 -8.74
C PHE C 153 6.35 -43.86 -8.42
N GLU C 154 7.37 -44.35 -9.13
CA GLU C 154 7.99 -45.62 -8.81
C GLU C 154 8.92 -45.54 -7.62
N GLY C 155 9.22 -44.32 -7.16
CA GLY C 155 10.17 -44.15 -6.06
C GLY C 155 9.86 -45.02 -4.86
N GLY C 156 8.56 -45.17 -4.55
CA GLY C 156 8.13 -46.06 -3.49
C GLY C 156 8.84 -47.39 -3.51
N GLN C 157 8.86 -48.02 -4.69
CA GLN C 157 9.42 -49.36 -4.80
C GLN C 157 10.89 -49.39 -4.45
N LYS C 158 11.62 -48.30 -4.76
CA LYS C 158 12.99 -48.16 -4.29
C LYS C 158 13.03 -48.25 -2.77
N TYR C 159 12.32 -47.36 -2.10
CA TYR C 159 12.24 -47.39 -0.65
C TYR C 159 11.69 -48.73 -0.18
N LEU C 160 10.85 -49.36 -0.99
CA LEU C 160 10.41 -50.71 -0.66
C LEU C 160 11.56 -51.69 -0.78
N GLN C 161 12.22 -51.72 -1.96
CA GLN C 161 13.33 -52.65 -2.18
C GLN C 161 14.41 -52.50 -1.14
N PHE C 162 14.55 -51.29 -0.57
CA PHE C 162 15.51 -51.10 0.51
C PHE C 162 15.05 -51.83 1.77
N LEU C 163 13.84 -51.54 2.24
CA LEU C 163 13.34 -52.17 3.46
C LEU C 163 13.41 -53.69 3.36
N LYS C 164 13.04 -54.23 2.19
CA LYS C 164 13.02 -55.67 2.02
C LYS C 164 14.38 -56.31 2.26
N GLN C 165 15.47 -55.61 1.92
CA GLN C 165 16.78 -56.22 2.11
C GLN C 165 17.27 -56.11 3.55
N THR C 166 16.64 -55.26 4.37
CA THR C 166 17.04 -55.11 5.77
C THR C 166 16.32 -56.10 6.67
N ALA C 167 15.84 -57.21 6.13
CA ALA C 167 15.19 -58.26 6.89
C ALA C 167 16.10 -59.49 6.91
N ASP C 168 16.40 -59.99 8.10
CA ASP C 168 17.37 -61.07 8.23
C ASP C 168 16.91 -62.36 7.57
N GLU C 169 15.62 -62.48 7.26
CA GLU C 169 15.03 -63.56 6.48
C GLU C 169 13.53 -63.28 6.38
N ASP C 170 12.88 -63.96 5.44
CA ASP C 170 11.44 -63.80 5.30
C ASP C 170 10.73 -64.30 6.56
N PHE C 171 9.60 -63.68 6.86
CA PHE C 171 8.88 -63.95 8.11
C PHE C 171 7.82 -65.02 7.94
N THR C 172 8.22 -66.15 7.38
CA THR C 172 7.27 -67.24 7.12
C THR C 172 6.70 -67.78 8.42
N GLY C 173 5.38 -68.00 8.43
CA GLY C 173 4.72 -68.54 9.59
C GLY C 173 4.37 -67.54 10.66
N ILE C 174 4.38 -66.24 10.35
CA ILE C 174 4.08 -65.19 11.30
C ILE C 174 2.83 -64.47 10.85
N HIS C 175 1.81 -64.45 11.70
CA HIS C 175 0.58 -63.71 11.44
C HIS C 175 0.73 -62.31 12.03
N VAL C 176 0.62 -61.30 11.19
CA VAL C 176 0.83 -59.91 11.61
C VAL C 176 -0.37 -59.08 11.16
N ALA C 177 -0.88 -58.25 12.06
CA ALA C 177 -1.95 -57.31 11.76
C ALA C 177 -1.36 -55.94 11.49
N LEU C 178 -1.91 -55.25 10.50
CA LEU C 178 -1.42 -53.95 10.08
C LEU C 178 -2.52 -52.91 10.26
N ASP C 179 -2.17 -51.81 10.92
CA ASP C 179 -3.01 -50.62 11.02
C ASP C 179 -2.21 -49.45 10.48
N CYS C 180 -2.56 -48.98 9.29
CA CYS C 180 -1.79 -47.97 8.60
C CYS C 180 -2.39 -46.57 8.71
N ALA C 181 -3.31 -46.37 9.65
CA ALA C 181 -3.89 -45.05 9.95
C ALA C 181 -4.56 -44.42 8.74
N ASN C 182 -4.83 -45.22 7.68
CA ASN C 182 -5.28 -44.71 6.39
C ASN C 182 -4.30 -43.67 5.84
N GLY C 183 -3.02 -43.87 6.11
CA GLY C 183 -2.00 -42.89 5.74
C GLY C 183 -1.07 -43.35 4.65
N ALA C 184 0.17 -42.85 4.67
CA ALA C 184 1.12 -43.14 3.60
C ALA C 184 1.52 -44.61 3.56
N THR C 185 1.58 -45.28 4.72
CA THR C 185 1.99 -46.67 4.79
C THR C 185 0.93 -47.64 4.29
N SER C 186 -0.22 -47.13 3.84
CA SER C 186 -1.32 -48.02 3.46
C SER C 186 -0.93 -48.91 2.30
N SER C 187 -0.42 -48.32 1.22
CA SER C 187 -0.04 -49.09 0.04
C SER C 187 1.32 -49.78 0.21
N LEU C 188 2.25 -49.16 0.93
CA LEU C 188 3.60 -49.71 1.02
C LEU C 188 3.64 -50.94 1.92
N ALA C 189 3.19 -50.79 3.16
CA ALA C 189 3.33 -51.86 4.14
C ALA C 189 2.69 -53.16 3.67
N THR C 190 1.49 -53.08 3.09
CA THR C 190 0.81 -54.27 2.63
C THR C 190 1.63 -55.02 1.57
N HIS C 191 2.43 -54.30 0.78
CA HIS C 191 3.35 -54.97 -0.12
C HIS C 191 4.49 -55.61 0.65
N LEU C 192 5.08 -54.86 1.57
CA LEU C 192 6.33 -55.27 2.21
C LEU C 192 6.16 -56.60 2.93
N PHE C 193 5.28 -56.63 3.93
CA PHE C 193 5.10 -57.86 4.68
C PHE C 193 4.51 -58.97 3.81
N ALA C 194 3.90 -58.63 2.67
CA ALA C 194 3.51 -59.67 1.74
C ALA C 194 4.70 -60.22 0.98
N ASP C 195 5.65 -59.36 0.61
CA ASP C 195 6.86 -59.79 -0.06
C ASP C 195 7.83 -60.50 0.87
N LEU C 196 7.59 -60.47 2.18
CA LEU C 196 8.40 -61.19 3.14
C LEU C 196 7.70 -62.46 3.64
N ASP C 197 6.65 -62.90 2.95
CA ASP C 197 5.99 -64.17 3.21
C ASP C 197 5.45 -64.24 4.64
N ALA C 198 4.61 -63.27 4.98
CA ALA C 198 3.93 -63.24 6.27
C ALA C 198 2.43 -63.10 6.06
N ASP C 199 1.66 -63.77 6.92
CA ASP C 199 0.21 -63.71 6.85
C ASP C 199 -0.25 -62.35 7.36
N VAL C 200 -0.58 -61.45 6.44
CA VAL C 200 -0.97 -60.10 6.80
C VAL C 200 -2.48 -60.04 6.96
N SER C 201 -2.93 -59.34 7.99
CA SER C 201 -4.33 -59.01 8.19
C SER C 201 -4.44 -57.50 8.32
N THR C 202 -5.16 -56.87 7.41
CA THR C 202 -5.10 -55.41 7.27
C THR C 202 -6.30 -54.74 7.92
N MET C 203 -6.10 -53.49 8.30
CA MET C 203 -7.16 -52.61 8.76
C MET C 203 -6.62 -51.18 8.72
N GLY C 204 -7.52 -50.22 8.50
CA GLY C 204 -7.07 -48.87 8.28
C GLY C 204 -6.15 -48.74 7.08
N THR C 205 -6.33 -49.59 6.07
CA THR C 205 -5.56 -49.55 4.84
C THR C 205 -6.43 -49.15 3.66
N SER C 206 -7.43 -48.32 3.90
CA SER C 206 -8.44 -47.95 2.90
C SER C 206 -8.66 -46.45 2.96
N PRO C 207 -7.66 -45.67 2.57
CA PRO C 207 -7.77 -44.21 2.71
C PRO C 207 -8.66 -43.60 1.64
N ASN C 208 -9.29 -42.48 2.01
CA ASN C 208 -10.10 -41.73 1.06
C ASN C 208 -9.90 -40.22 1.21
N GLY C 209 -8.76 -39.78 1.75
CA GLY C 209 -8.50 -38.37 1.92
C GLY C 209 -9.22 -37.71 3.07
N LEU C 210 -10.17 -38.40 3.70
CA LEU C 210 -10.90 -37.85 4.85
C LEU C 210 -10.76 -38.69 6.10
N ASN C 211 -10.26 -39.91 6.00
CA ASN C 211 -10.28 -40.87 7.10
C ASN C 211 -8.90 -41.14 7.69
N ILE C 212 -7.96 -40.22 7.51
CA ILE C 212 -6.61 -40.42 8.05
C ILE C 212 -6.64 -40.20 9.55
N ASN C 213 -6.00 -41.11 10.28
CA ASN C 213 -5.88 -41.03 11.74
C ASN C 213 -7.25 -40.92 12.42
N ASP C 214 -8.23 -41.62 11.85
CA ASP C 214 -9.61 -41.55 12.32
C ASP C 214 -9.91 -42.82 13.13
N GLY C 215 -9.65 -42.75 14.43
CA GLY C 215 -9.78 -43.92 15.28
C GLY C 215 -8.83 -45.04 14.95
N VAL C 216 -7.77 -44.74 14.20
CA VAL C 216 -6.76 -45.73 13.80
C VAL C 216 -5.39 -45.08 13.93
N GLY C 217 -4.36 -45.88 13.71
CA GLY C 217 -3.00 -45.41 13.79
C GLY C 217 -2.38 -45.58 15.16
N SER C 218 -1.12 -45.14 15.26
CA SER C 218 -0.35 -45.33 16.47
C SER C 218 -0.96 -44.59 17.65
N THR C 219 -1.56 -43.42 17.42
CA THR C 219 -2.16 -42.66 18.51
C THR C 219 -3.49 -43.24 18.96
N HIS C 220 -4.14 -44.06 18.14
CA HIS C 220 -5.41 -44.70 18.48
C HIS C 220 -5.28 -46.20 18.29
N PRO C 221 -4.47 -46.87 19.12
CA PRO C 221 -4.16 -48.28 18.89
C PRO C 221 -5.20 -49.26 19.42
N GLU C 222 -6.29 -48.78 20.04
CA GLU C 222 -7.25 -49.70 20.65
C GLU C 222 -7.99 -50.50 19.58
N ALA C 223 -8.30 -49.89 18.44
CA ALA C 223 -8.92 -50.62 17.35
C ALA C 223 -8.05 -51.79 16.90
N LEU C 224 -6.76 -51.54 16.69
CA LEU C 224 -5.85 -52.62 16.34
C LEU C 224 -5.69 -53.61 17.49
N SER C 225 -5.74 -53.14 18.74
CA SER C 225 -5.66 -54.05 19.87
C SER C 225 -6.80 -55.07 19.83
N ALA C 226 -8.02 -54.61 19.55
CA ALA C 226 -9.13 -55.53 19.42
C ALA C 226 -8.99 -56.39 18.16
N PHE C 227 -8.50 -55.80 17.07
CA PHE C 227 -8.39 -56.53 15.82
C PHE C 227 -7.41 -57.69 15.91
N VAL C 228 -6.32 -57.52 16.68
CA VAL C 228 -5.33 -58.58 16.83
C VAL C 228 -5.96 -59.78 17.53
N LYS C 229 -6.69 -59.53 18.62
CA LYS C 229 -7.38 -60.62 19.31
C LYS C 229 -8.47 -61.23 18.43
N GLU C 230 -9.11 -60.42 17.59
CA GLU C 230 -10.16 -60.93 16.70
C GLU C 230 -9.60 -61.96 15.73
N LYS C 231 -8.55 -61.59 15.00
CA LYS C 231 -7.91 -62.48 14.04
C LYS C 231 -6.87 -63.39 14.67
N ASN C 232 -6.77 -63.39 16.01
CA ASN C 232 -5.76 -64.14 16.77
C ASN C 232 -4.40 -64.13 16.08
N ALA C 233 -3.97 -62.92 15.70
CA ALA C 233 -2.66 -62.76 15.07
C ALA C 233 -1.56 -62.79 16.12
N ASP C 234 -0.33 -63.00 15.65
CA ASP C 234 0.82 -63.04 16.56
C ASP C 234 1.19 -61.65 17.05
N LEU C 235 0.98 -60.62 16.24
CA LEU C 235 1.24 -59.24 16.65
C LEU C 235 0.55 -58.30 15.66
N GLY C 236 0.34 -57.08 16.12
CA GLY C 236 -0.22 -56.02 15.30
C GLY C 236 0.71 -54.83 15.27
N LEU C 237 0.77 -54.17 14.11
CA LEU C 237 1.62 -53.00 13.90
C LEU C 237 0.76 -51.81 13.54
N ALA C 238 0.91 -50.71 14.29
CA ALA C 238 0.15 -49.49 14.07
C ALA C 238 1.14 -48.39 13.71
N PHE C 239 1.21 -48.04 12.43
CA PHE C 239 1.93 -46.87 11.99
C PHE C 239 1.01 -45.65 12.09
N ASP C 240 1.59 -44.47 11.87
CA ASP C 240 0.78 -43.27 11.94
C ASP C 240 0.58 -42.69 10.52
N GLY C 241 0.20 -41.42 10.46
CA GLY C 241 -0.18 -40.83 9.18
C GLY C 241 0.95 -40.84 8.17
N ASP C 242 2.12 -40.34 8.56
CA ASP C 242 3.26 -40.25 7.65
C ASP C 242 4.21 -41.44 7.79
N GLY C 243 3.84 -42.45 8.57
CA GLY C 243 4.62 -43.67 8.64
C GLY C 243 5.99 -43.52 9.29
N ASP C 244 6.13 -42.60 10.25
CA ASP C 244 7.39 -42.43 10.95
C ASP C 244 7.38 -43.01 12.35
N ARG C 245 6.20 -43.26 12.92
CA ARG C 245 6.07 -43.89 14.23
C ARG C 245 5.62 -45.33 14.07
N LEU C 246 5.74 -46.08 15.15
CA LEU C 246 5.26 -47.46 15.20
C LEU C 246 4.87 -47.81 16.62
N ILE C 247 3.67 -48.38 16.77
CA ILE C 247 3.18 -48.87 18.05
C ILE C 247 2.78 -50.32 17.86
N ALA C 248 3.36 -51.20 18.66
CA ALA C 248 3.11 -52.63 18.52
C ALA C 248 2.00 -53.08 19.47
N VAL C 249 1.41 -54.21 19.13
CA VAL C 249 0.37 -54.84 19.93
C VAL C 249 0.70 -56.33 19.99
N ASP C 250 0.81 -56.88 21.19
CA ASP C 250 1.15 -58.28 21.31
C ASP C 250 -0.08 -59.15 21.01
N GLU C 251 0.16 -60.46 20.88
CA GLU C 251 -0.93 -61.40 20.63
C GLU C 251 -1.99 -61.36 21.71
N LYS C 252 -1.63 -60.89 22.90
CA LYS C 252 -2.56 -60.77 24.02
C LYS C 252 -3.47 -59.54 23.90
N GLY C 253 -3.16 -58.62 23.00
CA GLY C 253 -3.93 -57.40 22.82
C GLY C 253 -3.41 -56.20 23.57
N ASN C 254 -2.27 -56.30 24.25
CA ASN C 254 -1.71 -55.20 25.01
C ASN C 254 -0.85 -54.32 24.13
N ILE C 255 -0.74 -53.05 24.50
CA ILE C 255 0.03 -52.08 23.73
C ILE C 255 1.51 -52.23 24.06
N VAL C 256 2.35 -52.06 23.04
CA VAL C 256 3.80 -52.16 23.18
C VAL C 256 4.37 -50.85 22.64
N ASP C 257 4.61 -49.90 23.54
CA ASP C 257 4.96 -48.54 23.15
C ASP C 257 6.40 -48.47 22.64
N GLY C 258 6.88 -47.25 22.42
CA GLY C 258 8.19 -47.07 21.83
C GLY C 258 9.35 -47.49 22.71
N ASP C 259 9.18 -47.36 24.03
CA ASP C 259 10.24 -47.77 24.95
C ASP C 259 10.46 -49.28 24.89
N GLN C 260 9.38 -50.05 24.90
CA GLN C 260 9.52 -51.50 24.85
C GLN C 260 10.10 -51.96 23.53
N ILE C 261 9.69 -51.33 22.43
CA ILE C 261 10.23 -51.70 21.13
C ILE C 261 11.71 -51.33 21.04
N MET C 262 12.08 -50.17 21.58
CA MET C 262 13.49 -49.80 21.67
C MET C 262 14.28 -50.85 22.43
N TYR C 263 13.78 -51.24 23.60
CA TYR C 263 14.47 -52.26 24.39
C TYR C 263 14.63 -53.55 23.60
N ILE C 264 13.54 -54.05 23.01
CA ILE C 264 13.57 -55.32 22.29
C ILE C 264 14.57 -55.26 21.15
N CYS C 265 14.50 -54.21 20.32
CA CYS C 265 15.33 -54.14 19.14
C CYS C 265 16.79 -53.90 19.48
N SER C 266 17.06 -53.06 20.49
CA SER C 266 18.43 -52.84 20.91
C SER C 266 19.03 -54.10 21.53
N LYS C 267 18.22 -54.86 22.26
CA LYS C 267 18.70 -56.11 22.83
C LYS C 267 19.06 -57.10 21.72
N HIS C 268 18.19 -57.22 20.71
CA HIS C 268 18.48 -58.11 19.58
C HIS C 268 19.72 -57.65 18.82
N LEU C 269 19.87 -56.35 18.63
CA LEU C 269 21.02 -55.83 17.88
C LEU C 269 22.32 -56.03 18.65
N LYS C 270 22.27 -55.90 19.98
CA LYS C 270 23.44 -56.22 20.79
C LYS C 270 23.75 -57.72 20.70
N SER C 271 22.71 -58.55 20.68
CA SER C 271 22.92 -59.99 20.49
C SER C 271 23.52 -60.29 19.12
N GLU C 272 23.32 -59.41 18.14
CA GLU C 272 23.96 -59.51 16.85
C GLU C 272 25.22 -58.66 16.75
N GLY C 273 25.61 -57.96 17.82
CA GLY C 273 26.75 -57.08 17.77
C GLY C 273 26.60 -55.83 16.95
N ARG C 274 25.42 -55.58 16.36
CA ARG C 274 25.24 -54.42 15.52
C ARG C 274 25.00 -53.13 16.30
N LEU C 275 24.67 -53.23 17.58
CA LEU C 275 24.45 -52.03 18.39
C LEU C 275 25.79 -51.36 18.68
N LYS C 276 25.96 -50.13 18.18
CA LYS C 276 27.25 -49.46 18.24
C LYS C 276 27.56 -49.04 19.68
N ASP C 277 28.68 -49.51 20.19
CA ASP C 277 29.17 -49.24 21.55
C ASP C 277 28.20 -49.70 22.62
N ASP C 278 27.17 -50.47 22.26
CA ASP C 278 26.15 -50.94 23.19
C ASP C 278 25.58 -49.79 24.02
N THR C 279 25.20 -48.73 23.33
CA THR C 279 24.49 -47.59 23.93
C THR C 279 23.23 -47.32 23.13
N VAL C 280 22.26 -46.70 23.80
CA VAL C 280 20.97 -46.38 23.19
C VAL C 280 20.60 -44.96 23.58
N VAL C 281 20.29 -44.14 22.59
CA VAL C 281 19.90 -42.75 22.83
C VAL C 281 18.39 -42.70 23.03
N SER C 282 17.96 -41.85 23.95
CA SER C 282 16.54 -41.72 24.26
C SER C 282 16.32 -40.35 24.87
N THR C 283 15.07 -40.06 25.20
CA THR C 283 14.71 -38.77 25.76
C THR C 283 14.41 -38.93 27.24
N VAL C 284 14.29 -37.78 27.91
CA VAL C 284 13.90 -37.77 29.31
C VAL C 284 12.55 -38.45 29.51
N MET C 285 11.64 -38.33 28.53
CA MET C 285 10.28 -38.85 28.67
C MET C 285 10.21 -40.37 28.79
N SER C 286 11.32 -41.08 28.66
CA SER C 286 11.31 -42.53 28.71
C SER C 286 11.02 -43.02 30.14
N ASN C 287 10.52 -44.25 30.23
CA ASN C 287 10.11 -44.82 31.50
C ASN C 287 11.31 -45.31 32.29
N LEU C 288 11.18 -45.28 33.62
CA LEU C 288 12.26 -45.71 34.50
C LEU C 288 12.63 -47.18 34.26
N GLY C 289 11.61 -48.05 34.19
CA GLY C 289 11.89 -49.45 33.96
C GLY C 289 12.61 -49.73 32.66
N PHE C 290 12.45 -48.84 31.68
CA PHE C 290 13.22 -48.95 30.44
C PHE C 290 14.71 -48.86 30.71
N TYR C 291 15.13 -47.84 31.47
CA TYR C 291 16.53 -47.71 31.84
C TYR C 291 16.97 -48.84 32.76
N LYS C 292 16.08 -49.28 33.65
CA LYS C 292 16.38 -50.41 34.53
C LYS C 292 16.73 -51.65 33.73
N ALA C 293 15.89 -52.02 32.77
CA ALA C 293 16.16 -53.19 31.94
C ALA C 293 17.36 -52.96 31.02
N LEU C 294 17.60 -51.71 30.62
CA LEU C 294 18.80 -51.41 29.84
C LEU C 294 20.05 -51.73 30.63
N GLU C 295 20.11 -51.31 31.89
CA GLU C 295 21.21 -51.70 32.76
C GLU C 295 21.25 -53.22 32.96
N LYS C 296 20.08 -53.84 33.15
CA LYS C 296 20.01 -55.28 33.36
C LYS C 296 20.60 -56.05 32.19
N GLU C 297 20.52 -55.50 30.98
CA GLU C 297 21.10 -56.13 29.81
C GLU C 297 22.43 -55.50 29.41
N GLY C 298 23.06 -54.77 30.32
CA GLY C 298 24.39 -54.23 30.08
C GLY C 298 24.47 -53.26 28.92
N ILE C 299 23.42 -52.48 28.69
CA ILE C 299 23.38 -51.50 27.61
C ILE C 299 23.44 -50.12 28.24
N LYS C 300 24.49 -49.37 27.90
CA LYS C 300 24.58 -47.98 28.34
C LYS C 300 23.46 -47.16 27.69
N SER C 301 23.29 -45.93 28.18
CA SER C 301 22.20 -45.11 27.69
C SER C 301 22.58 -43.64 27.77
N VAL C 302 22.21 -42.89 26.74
CA VAL C 302 22.38 -41.45 26.68
C VAL C 302 21.00 -40.82 26.59
N GLN C 303 20.74 -39.83 27.43
CA GLN C 303 19.46 -39.16 27.46
C GLN C 303 19.62 -37.75 26.91
N THR C 304 18.65 -37.33 26.09
CA THR C 304 18.66 -36.02 25.47
C THR C 304 17.33 -35.33 25.73
N ALA C 305 17.24 -34.07 25.29
CA ALA C 305 16.02 -33.32 25.45
C ALA C 305 14.91 -33.88 24.58
N VAL C 306 13.68 -33.46 24.89
CA VAL C 306 12.53 -33.93 24.11
C VAL C 306 12.61 -33.38 22.69
N GLY C 307 12.00 -34.09 21.76
CA GLY C 307 12.12 -33.77 20.36
C GLY C 307 13.20 -34.62 19.73
N ASP C 308 12.97 -35.11 18.51
CA ASP C 308 13.89 -36.07 17.91
C ASP C 308 15.09 -35.40 17.26
N ARG C 309 15.07 -34.07 17.11
CA ARG C 309 16.26 -33.39 16.59
C ARG C 309 17.43 -33.51 17.56
N TYR C 310 17.17 -33.54 18.87
CA TYR C 310 18.25 -33.72 19.83
C TYR C 310 18.72 -35.17 19.89
N VAL C 311 17.79 -36.12 19.75
CA VAL C 311 18.16 -37.52 19.67
C VAL C 311 19.09 -37.76 18.48
N VAL C 312 18.76 -37.16 17.33
CA VAL C 312 19.60 -37.37 16.16
C VAL C 312 20.88 -36.55 16.25
N GLU C 313 20.84 -35.40 16.95
CA GLU C 313 22.06 -34.65 17.22
C GLU C 313 23.06 -35.50 18.01
N ALA C 314 22.57 -36.17 19.06
CA ALA C 314 23.45 -37.00 19.88
C ALA C 314 23.96 -38.20 19.09
N MET C 315 23.06 -38.91 18.40
CA MET C 315 23.50 -40.02 17.55
C MET C 315 24.49 -39.57 16.49
N LYS C 316 24.36 -38.33 16.01
CA LYS C 316 25.32 -37.78 15.06
C LYS C 316 26.69 -37.63 15.70
N LYS C 317 26.78 -36.78 16.73
CA LYS C 317 28.09 -36.44 17.28
C LYS C 317 28.80 -37.65 17.86
N ASP C 318 28.07 -38.50 18.59
CA ASP C 318 28.71 -39.64 19.23
C ASP C 318 28.72 -40.89 18.38
N GLY C 319 28.11 -40.86 17.19
CA GLY C 319 28.11 -41.99 16.29
C GLY C 319 27.40 -43.21 16.84
N TYR C 320 26.19 -43.03 17.35
CA TYR C 320 25.43 -44.09 17.99
C TYR C 320 24.44 -44.72 17.02
N ASN C 321 24.15 -46.00 17.25
CA ASN C 321 23.43 -46.79 16.27
C ASN C 321 21.92 -46.62 16.36
N VAL C 322 21.38 -46.51 17.56
CA VAL C 322 19.93 -46.64 17.78
C VAL C 322 19.47 -45.49 18.67
N GLY C 323 18.30 -44.95 18.35
CA GLY C 323 17.68 -43.93 19.19
C GLY C 323 16.18 -44.00 19.02
N GLY C 324 15.47 -43.40 19.96
CA GLY C 324 14.03 -43.45 19.87
C GLY C 324 13.36 -42.66 20.98
N GLU C 325 12.03 -42.64 20.92
CA GLU C 325 11.18 -42.00 21.90
C GLU C 325 10.06 -42.95 22.29
N GLN C 326 9.37 -42.62 23.37
CA GLN C 326 8.18 -43.38 23.75
C GLN C 326 7.08 -43.30 22.71
N SER C 327 7.12 -42.27 21.86
CA SER C 327 6.10 -42.09 20.82
C SER C 327 6.07 -43.25 19.83
N GLY C 328 7.17 -43.98 19.69
CA GLY C 328 7.32 -44.96 18.62
C GLY C 328 8.23 -44.51 17.50
N HIS C 329 8.74 -43.28 17.57
CA HIS C 329 9.64 -42.73 16.56
C HIS C 329 11.04 -43.27 16.83
N LEU C 330 11.45 -44.27 16.07
CA LEU C 330 12.72 -44.95 16.27
C LEU C 330 13.63 -44.71 15.08
N ILE C 331 14.87 -44.33 15.35
CA ILE C 331 15.88 -44.06 14.33
C ILE C 331 16.98 -45.11 14.44
N PHE C 332 17.20 -45.85 13.35
CA PHE C 332 18.30 -46.79 13.21
C PHE C 332 19.25 -46.21 12.16
N LEU C 333 20.25 -45.44 12.63
CA LEU C 333 21.12 -44.70 11.72
C LEU C 333 21.95 -45.59 10.81
N ASP C 334 22.04 -46.90 11.09
CA ASP C 334 22.67 -47.81 10.15
C ASP C 334 21.95 -47.81 8.81
N TYR C 335 20.65 -47.50 8.78
CA TYR C 335 19.85 -47.67 7.59
C TYR C 335 19.15 -46.39 7.12
N ASN C 336 18.77 -45.49 8.02
CA ASN C 336 18.04 -44.29 7.62
C ASN C 336 18.33 -43.18 8.61
N THR C 337 17.92 -41.97 8.24
CA THR C 337 18.29 -40.77 8.97
C THR C 337 17.16 -40.16 9.78
N THR C 338 15.93 -40.65 9.63
CA THR C 338 14.80 -40.20 10.44
C THR C 338 14.08 -41.41 11.02
N GLY C 339 13.02 -41.15 11.78
CA GLY C 339 12.22 -42.23 12.32
C GLY C 339 11.47 -42.95 11.21
N ASP C 340 11.48 -44.28 11.28
CA ASP C 340 10.93 -45.13 10.23
C ASP C 340 10.05 -46.19 10.88
N GLY C 341 8.74 -46.05 10.71
CA GLY C 341 7.80 -47.05 11.21
C GLY C 341 8.08 -48.44 10.66
N LEU C 342 8.20 -48.54 9.33
CA LEU C 342 8.36 -49.86 8.72
C LEU C 342 9.71 -50.48 9.07
N LEU C 343 10.76 -49.66 9.15
CA LEU C 343 12.07 -50.19 9.55
C LEU C 343 12.03 -50.74 10.97
N SER C 344 11.48 -49.98 11.90
CA SER C 344 11.29 -50.47 13.26
C SER C 344 10.48 -51.76 13.27
N ALA C 345 9.42 -51.81 12.47
CA ALA C 345 8.61 -53.04 12.38
C ALA C 345 9.45 -54.21 11.89
N ILE C 346 10.30 -53.97 10.90
CA ILE C 346 11.15 -55.04 10.36
C ILE C 346 12.13 -55.52 11.41
N MET C 347 12.68 -54.59 12.21
CA MET C 347 13.57 -54.99 13.28
C MET C 347 12.85 -55.83 14.33
N LEU C 348 11.63 -55.42 14.68
CA LEU C 348 10.83 -56.18 15.64
C LEU C 348 10.53 -57.58 15.11
N MET C 349 10.18 -57.68 13.83
CA MET C 349 9.91 -58.99 13.22
C MET C 349 11.18 -59.83 13.15
N ASN C 350 12.33 -59.21 12.89
CA ASN C 350 13.60 -59.91 12.95
C ASN C 350 13.82 -60.51 14.33
N THR C 351 13.63 -59.71 15.37
CA THR C 351 13.77 -60.22 16.74
C THR C 351 12.83 -61.39 16.99
N LEU C 352 11.55 -61.22 16.64
CA LEU C 352 10.57 -62.28 16.82
C LEU C 352 11.02 -63.57 16.14
N LYS C 353 11.39 -63.49 14.86
CA LYS C 353 11.79 -64.68 14.11
C LYS C 353 13.04 -65.32 14.71
N ALA C 354 14.04 -64.50 15.06
CA ALA C 354 15.31 -65.06 15.52
C ALA C 354 15.20 -65.67 16.90
N THR C 355 14.33 -65.14 17.76
CA THR C 355 14.19 -65.69 19.10
C THR C 355 13.05 -66.67 19.25
N GLY C 356 12.12 -66.72 18.29
CA GLY C 356 10.97 -67.59 18.38
C GLY C 356 9.98 -67.27 19.48
N LYS C 357 10.32 -66.36 20.38
CA LYS C 357 9.42 -66.00 21.46
C LYS C 357 8.25 -65.18 20.92
N PRO C 358 7.13 -65.17 21.63
CA PRO C 358 6.04 -64.27 21.26
C PRO C 358 6.31 -62.85 21.73
N LEU C 359 5.58 -61.90 21.13
CA LEU C 359 5.83 -60.49 21.40
C LEU C 359 5.61 -60.16 22.88
N SER C 360 4.60 -60.78 23.50
CA SER C 360 4.36 -60.54 24.92
C SER C 360 5.57 -60.93 25.76
N GLU C 361 6.18 -62.07 25.46
CA GLU C 361 7.34 -62.51 26.23
C GLU C 361 8.53 -61.58 26.04
N LEU C 362 8.76 -61.11 24.81
CA LEU C 362 9.86 -60.18 24.57
C LEU C 362 9.62 -58.85 25.28
N ALA C 363 8.40 -58.34 25.26
CA ALA C 363 8.10 -57.07 25.89
C ALA C 363 8.02 -57.18 27.41
N ALA C 364 7.83 -58.39 27.95
CA ALA C 364 7.78 -58.54 29.40
C ALA C 364 9.14 -58.42 30.05
N GLU C 365 10.23 -58.51 29.28
CA GLU C 365 11.55 -58.37 29.86
C GLU C 365 11.78 -56.98 30.44
N MET C 366 11.14 -55.97 29.86
CA MET C 366 11.21 -54.60 30.36
C MET C 366 9.95 -54.31 31.16
N GLN C 367 10.11 -54.06 32.45
CA GLN C 367 8.99 -53.84 33.36
C GLN C 367 8.78 -52.34 33.55
N LYS C 368 7.59 -51.86 33.21
CA LYS C 368 7.27 -50.45 33.38
C LYS C 368 7.00 -50.13 34.85
N PHE C 369 7.32 -48.89 35.22
CA PHE C 369 7.06 -48.41 36.58
C PHE C 369 5.68 -47.78 36.68
N LYS D 3 -7.42 -5.57 -16.44
CA LYS D 3 -7.58 -6.23 -17.73
C LYS D 3 -6.72 -7.49 -17.81
N TYR D 4 -7.32 -8.63 -17.48
CA TYR D 4 -6.64 -9.92 -17.55
C TYR D 4 -7.12 -10.81 -18.68
N PHE D 5 -8.38 -10.69 -19.08
CA PHE D 5 -9.00 -11.62 -20.02
C PHE D 5 -9.08 -10.95 -21.40
N GLY D 6 -8.07 -11.22 -22.23
CA GLY D 6 -8.08 -10.76 -23.61
C GLY D 6 -8.97 -11.63 -24.47
N THR D 7 -8.70 -11.60 -25.78
CA THR D 7 -9.43 -12.46 -26.71
C THR D 7 -9.24 -13.93 -26.34
N ASP D 8 -8.00 -14.37 -26.24
CA ASP D 8 -7.67 -15.77 -25.93
C ASP D 8 -7.45 -15.98 -24.44
N GLY D 9 -8.37 -15.47 -23.61
CA GLY D 9 -8.23 -15.61 -22.18
C GLY D 9 -7.07 -14.79 -21.64
N VAL D 10 -6.41 -15.32 -20.62
CA VAL D 10 -5.26 -14.66 -20.01
C VAL D 10 -4.00 -15.20 -20.67
N ARG D 11 -3.20 -14.33 -21.25
CA ARG D 11 -1.99 -14.77 -21.93
C ARG D 11 -0.79 -13.96 -21.48
N GLY D 12 0.38 -14.61 -21.48
CA GLY D 12 1.62 -13.91 -21.24
C GLY D 12 2.77 -14.87 -21.35
N VAL D 13 3.98 -14.33 -21.31
CA VAL D 13 5.16 -15.18 -21.26
C VAL D 13 5.29 -15.73 -19.84
N ALA D 14 5.53 -17.03 -19.74
CA ALA D 14 5.34 -17.74 -18.48
C ALA D 14 6.29 -17.25 -17.39
N ASN D 15 5.81 -17.34 -16.14
CA ASN D 15 6.55 -17.04 -14.93
C ASN D 15 6.83 -15.54 -14.77
N SER D 16 7.27 -14.89 -15.85
CA SER D 16 7.60 -13.47 -15.77
C SER D 16 6.35 -12.60 -15.87
N GLU D 17 5.50 -12.86 -16.87
CA GLU D 17 4.24 -12.14 -17.01
C GLU D 17 3.05 -12.97 -16.52
N LEU D 18 2.88 -14.17 -17.05
CA LEU D 18 1.86 -15.09 -16.56
C LEU D 18 2.46 -15.86 -15.40
N THR D 19 2.37 -15.29 -14.21
CA THR D 19 3.00 -15.85 -13.03
C THR D 19 2.14 -16.94 -12.41
N PRO D 20 2.77 -17.92 -11.76
CA PRO D 20 1.97 -18.92 -11.02
C PRO D 20 1.09 -18.31 -9.95
N GLU D 21 1.51 -17.20 -9.33
CA GLU D 21 0.61 -16.47 -8.44
C GLU D 21 -0.65 -16.02 -9.18
N LEU D 22 -0.46 -15.50 -10.40
CA LEU D 22 -1.60 -15.05 -11.19
C LEU D 22 -2.50 -16.23 -11.55
N ALA D 23 -1.90 -17.35 -11.93
CA ALA D 23 -2.71 -18.53 -12.26
C ALA D 23 -3.47 -19.03 -11.05
N PHE D 24 -2.87 -18.97 -9.86
CA PHE D 24 -3.56 -19.36 -8.65
C PHE D 24 -4.75 -18.45 -8.37
N LYS D 25 -4.53 -17.13 -8.47
CA LYS D 25 -5.62 -16.19 -8.28
C LYS D 25 -6.73 -16.43 -9.29
N VAL D 26 -6.35 -16.73 -10.54
CA VAL D 26 -7.33 -17.07 -11.57
C VAL D 26 -8.16 -18.26 -11.13
N GLY D 27 -7.49 -19.36 -10.77
CA GLY D 27 -8.23 -20.54 -10.36
C GLY D 27 -9.18 -20.28 -9.21
N ARG D 28 -8.70 -19.59 -8.18
CA ARG D 28 -9.50 -19.37 -6.99
C ARG D 28 -10.71 -18.48 -7.29
N PHE D 29 -10.48 -17.31 -7.89
CA PHE D 29 -11.58 -16.39 -8.13
C PHE D 29 -12.55 -16.92 -9.18
N GLY D 30 -12.03 -17.53 -10.24
CA GLY D 30 -12.91 -18.16 -11.22
C GLY D 30 -13.74 -19.28 -10.64
N GLY D 31 -13.14 -20.10 -9.77
CA GLY D 31 -13.92 -21.14 -9.11
C GLY D 31 -15.00 -20.57 -8.22
N TYR D 32 -14.70 -19.47 -7.53
CA TYR D 32 -15.75 -18.81 -6.76
C TYR D 32 -16.87 -18.31 -7.68
N VAL D 33 -16.49 -17.71 -8.82
CA VAL D 33 -17.50 -17.17 -9.72
C VAL D 33 -18.36 -18.28 -10.30
N LEU D 34 -17.76 -19.43 -10.59
CA LEU D 34 -18.48 -20.59 -11.10
C LEU D 34 -18.98 -21.50 -9.99
N THR D 35 -18.93 -21.04 -8.74
CA THR D 35 -19.43 -21.81 -7.61
C THR D 35 -20.89 -21.50 -7.27
N LYS D 36 -21.41 -20.36 -7.75
CA LYS D 36 -22.68 -19.83 -7.26
C LYS D 36 -23.82 -20.84 -7.36
N ASP D 37 -23.75 -21.81 -8.27
CA ASP D 37 -24.84 -22.77 -8.38
C ASP D 37 -24.76 -23.82 -7.29
N LYS D 38 -23.92 -24.82 -7.46
CA LYS D 38 -23.70 -25.86 -6.46
C LYS D 38 -22.42 -25.56 -5.69
N GLN D 39 -22.44 -25.89 -4.39
CA GLN D 39 -21.29 -25.61 -3.54
C GLN D 39 -20.17 -26.63 -3.74
N ARG D 40 -20.04 -27.14 -4.96
CA ARG D 40 -18.93 -27.98 -5.41
C ARG D 40 -18.92 -27.99 -6.94
N PRO D 41 -18.31 -27.01 -7.58
CA PRO D 41 -18.26 -26.99 -9.05
C PRO D 41 -17.43 -28.15 -9.59
N LYS D 42 -17.64 -28.43 -10.87
CA LYS D 42 -16.90 -29.46 -11.60
C LYS D 42 -16.14 -28.77 -12.71
N VAL D 43 -14.98 -28.24 -12.36
CA VAL D 43 -14.01 -27.74 -13.33
C VAL D 43 -13.09 -28.88 -13.72
N LEU D 44 -12.91 -29.07 -15.02
CA LEU D 44 -11.91 -29.99 -15.52
C LEU D 44 -10.88 -29.19 -16.31
N ILE D 45 -9.64 -29.68 -16.32
CA ILE D 45 -8.49 -28.88 -16.71
C ILE D 45 -7.60 -29.69 -17.62
N GLY D 46 -7.05 -29.04 -18.66
CA GLY D 46 -6.16 -29.69 -19.60
C GLY D 46 -5.14 -28.69 -20.09
N ARG D 47 -4.10 -29.20 -20.75
CA ARG D 47 -2.98 -28.36 -21.15
C ARG D 47 -2.38 -28.90 -22.43
N ASP D 48 -1.47 -28.12 -23.01
CA ASP D 48 -0.62 -28.59 -24.08
C ASP D 48 0.70 -29.08 -23.49
N THR D 49 1.70 -29.31 -24.33
CA THR D 49 2.95 -29.90 -23.89
C THR D 49 3.96 -28.88 -23.39
N ARG D 50 3.54 -27.65 -23.12
CA ARG D 50 4.49 -26.62 -22.71
C ARG D 50 5.05 -26.91 -21.33
N ILE D 51 6.34 -26.62 -21.14
CA ILE D 51 7.02 -26.88 -19.87
C ILE D 51 6.40 -26.07 -18.74
N SER D 52 5.80 -24.92 -19.07
CA SER D 52 5.07 -24.13 -18.07
C SER D 52 3.68 -24.68 -17.80
N GLY D 53 3.22 -25.64 -18.60
CA GLY D 53 1.92 -26.23 -18.39
C GLY D 53 1.77 -26.85 -17.01
N HIS D 54 2.80 -27.58 -16.56
CA HIS D 54 2.73 -28.23 -15.26
C HIS D 54 2.65 -27.21 -14.12
N MET D 55 3.50 -26.18 -14.16
CA MET D 55 3.46 -25.15 -13.12
C MET D 55 2.12 -24.45 -13.09
N LEU D 56 1.62 -24.03 -14.26
CA LEU D 56 0.35 -23.32 -14.29
C LEU D 56 -0.80 -24.23 -13.88
N GLU D 57 -0.75 -25.50 -14.26
CA GLU D 57 -1.77 -26.46 -13.84
C GLU D 57 -1.75 -26.66 -12.34
N GLY D 58 -0.56 -26.76 -11.75
CA GLY D 58 -0.48 -26.91 -10.30
C GLY D 58 -1.07 -25.71 -9.57
N ALA D 59 -0.70 -24.51 -10.00
CA ALA D 59 -1.25 -23.31 -9.37
C ALA D 59 -2.76 -23.22 -9.57
N LEU D 60 -3.24 -23.57 -10.77
CA LEU D 60 -4.66 -23.48 -11.06
C LEU D 60 -5.46 -24.48 -10.23
N VAL D 61 -4.94 -25.69 -10.08
CA VAL D 61 -5.63 -26.69 -9.27
C VAL D 61 -5.60 -26.30 -7.80
N ALA D 62 -4.49 -25.72 -7.35
CA ALA D 62 -4.44 -25.21 -5.98
C ALA D 62 -5.54 -24.16 -5.76
N GLY D 63 -5.66 -23.21 -6.70
CA GLY D 63 -6.71 -22.22 -6.61
C GLY D 63 -8.10 -22.82 -6.61
N LEU D 64 -8.35 -23.74 -7.54
CA LEU D 64 -9.67 -24.37 -7.66
C LEU D 64 -10.03 -25.17 -6.41
N LEU D 65 -9.04 -25.82 -5.78
CA LEU D 65 -9.31 -26.55 -4.56
C LEU D 65 -9.44 -25.65 -3.34
N SER D 66 -8.86 -24.45 -3.38
CA SER D 66 -8.99 -23.54 -2.25
C SER D 66 -10.39 -22.95 -2.12
N ILE D 67 -11.35 -23.34 -2.96
CA ILE D 67 -12.71 -22.85 -2.82
C ILE D 67 -13.70 -24.00 -2.98
N GLY D 68 -13.18 -25.23 -2.97
CA GLY D 68 -14.04 -26.41 -2.91
C GLY D 68 -14.42 -27.01 -4.25
N ALA D 69 -13.89 -26.49 -5.36
CA ALA D 69 -14.25 -27.01 -6.67
C ALA D 69 -13.67 -28.40 -6.89
N GLU D 70 -14.49 -29.32 -7.40
CA GLU D 70 -14.03 -30.64 -7.80
C GLU D 70 -13.28 -30.54 -9.12
N VAL D 71 -12.03 -31.00 -9.13
CA VAL D 71 -11.11 -30.77 -10.25
C VAL D 71 -10.82 -32.12 -10.91
N MET D 72 -10.94 -32.16 -12.23
CA MET D 72 -10.68 -33.36 -13.01
C MET D 72 -9.55 -33.05 -14.00
N ARG D 73 -8.32 -33.37 -13.61
CA ARG D 73 -7.18 -33.20 -14.51
C ARG D 73 -7.32 -34.10 -15.72
N LEU D 74 -6.98 -33.57 -16.90
CA LEU D 74 -7.07 -34.30 -18.15
C LEU D 74 -5.73 -34.61 -18.76
N GLY D 75 -4.66 -33.96 -18.32
CA GLY D 75 -3.36 -34.15 -18.94
C GLY D 75 -3.23 -33.38 -20.22
N VAL D 76 -2.60 -33.97 -21.23
CA VAL D 76 -2.41 -33.31 -22.51
C VAL D 76 -3.59 -33.66 -23.41
N ILE D 77 -4.32 -32.64 -23.86
CA ILE D 77 -5.48 -32.81 -24.72
C ILE D 77 -5.74 -31.49 -25.41
N SER D 78 -6.26 -31.56 -26.64
CA SER D 78 -6.53 -30.36 -27.41
C SER D 78 -7.66 -29.56 -26.78
N THR D 79 -7.64 -28.25 -27.03
CA THR D 79 -8.74 -27.38 -26.60
C THR D 79 -10.10 -27.82 -27.14
N PRO D 80 -10.23 -28.22 -28.41
CA PRO D 80 -11.50 -28.86 -28.83
C PRO D 80 -11.94 -29.99 -27.92
N GLY D 81 -11.00 -30.89 -27.58
CA GLY D 81 -11.33 -31.96 -26.66
C GLY D 81 -11.80 -31.44 -25.31
N VAL D 82 -11.17 -30.35 -24.84
CA VAL D 82 -11.58 -29.76 -23.57
C VAL D 82 -13.03 -29.30 -23.65
N SER D 83 -13.38 -28.55 -24.70
CA SER D 83 -14.75 -28.06 -24.83
CA SER D 83 -14.75 -28.06 -24.83
C SER D 83 -15.73 -29.22 -24.95
N TYR D 84 -15.41 -30.22 -25.77
CA TYR D 84 -16.30 -31.36 -25.94
C TYR D 84 -16.53 -32.10 -24.64
N LEU D 85 -15.47 -32.29 -23.84
CA LEU D 85 -15.60 -33.02 -22.60
C LEU D 85 -16.37 -32.22 -21.56
N THR D 86 -16.11 -30.90 -21.48
CA THR D 86 -16.86 -30.07 -20.55
C THR D 86 -18.34 -30.07 -20.87
N LYS D 87 -18.69 -30.06 -22.16
CA LYS D 87 -20.11 -30.09 -22.51
C LYS D 87 -20.72 -31.47 -22.27
N ALA D 88 -20.10 -32.51 -22.82
CA ALA D 88 -20.66 -33.86 -22.77
C ALA D 88 -20.72 -34.45 -21.37
N MET D 89 -20.13 -33.80 -20.37
CA MET D 89 -20.11 -34.31 -19.01
C MET D 89 -20.93 -33.45 -18.05
N ASP D 90 -21.64 -32.46 -18.57
CA ASP D 90 -22.45 -31.55 -17.77
C ASP D 90 -21.63 -30.94 -16.63
N ALA D 91 -20.36 -30.66 -16.92
CA ALA D 91 -19.46 -30.13 -15.91
C ALA D 91 -19.52 -28.61 -15.91
N GLU D 92 -19.28 -28.02 -14.73
CA GLU D 92 -19.49 -26.58 -14.58
C GLU D 92 -18.49 -25.76 -15.39
N ALA D 93 -17.26 -26.24 -15.55
CA ALA D 93 -16.30 -25.40 -16.27
C ALA D 93 -15.13 -26.22 -16.80
N GLY D 94 -14.43 -25.65 -17.77
CA GLY D 94 -13.23 -26.25 -18.30
C GLY D 94 -12.12 -25.25 -18.55
N VAL D 95 -10.89 -25.68 -18.31
CA VAL D 95 -9.73 -24.80 -18.38
C VAL D 95 -8.71 -25.41 -19.33
N MET D 96 -8.10 -24.55 -20.15
CA MET D 96 -7.03 -24.98 -21.05
C MET D 96 -5.81 -24.09 -20.83
N ILE D 97 -4.70 -24.70 -20.40
CA ILE D 97 -3.43 -24.00 -20.26
C ILE D 97 -2.68 -24.19 -21.57
N SER D 98 -2.67 -23.16 -22.41
CA SER D 98 -1.99 -23.23 -23.70
C SER D 98 -1.91 -21.83 -24.27
N ALA D 99 -1.12 -21.70 -25.34
CA ALA D 99 -0.93 -20.48 -26.08
C ALA D 99 -0.69 -20.87 -27.53
N SER D 100 -1.76 -21.38 -28.16
CA SER D 100 -1.80 -21.78 -29.57
C SER D 100 -0.74 -21.12 -30.44
N HIS D 101 0.09 -21.93 -31.09
CA HIS D 101 1.04 -21.54 -32.13
C HIS D 101 2.08 -20.53 -31.65
N ASN D 102 1.91 -19.96 -30.47
CA ASN D 102 2.90 -19.05 -29.92
C ASN D 102 4.15 -19.82 -29.52
N PRO D 103 5.28 -19.14 -29.30
CA PRO D 103 6.50 -19.84 -28.91
C PRO D 103 6.36 -20.47 -27.53
N VAL D 104 7.29 -21.41 -27.26
CA VAL D 104 7.17 -22.25 -26.07
C VAL D 104 7.23 -21.43 -24.79
N GLN D 105 7.91 -20.27 -24.82
CA GLN D 105 8.06 -19.45 -23.62
C GLN D 105 6.74 -18.83 -23.17
N ASP D 106 5.79 -18.67 -24.07
CA ASP D 106 4.50 -18.07 -23.76
C ASP D 106 3.50 -19.14 -23.35
N ASN D 107 2.48 -18.71 -22.62
CA ASN D 107 1.41 -19.61 -22.21
C ASN D 107 0.16 -18.77 -21.94
N GLY D 108 -0.93 -19.46 -21.64
CA GLY D 108 -2.21 -18.81 -21.39
C GLY D 108 -3.26 -19.72 -20.81
N ILE D 109 -4.18 -19.13 -20.05
CA ILE D 109 -5.30 -19.83 -19.44
C ILE D 109 -6.57 -19.41 -20.18
N LYS D 110 -7.37 -20.39 -20.58
CA LYS D 110 -8.61 -20.15 -21.30
C LYS D 110 -9.73 -20.90 -20.60
N PHE D 111 -10.91 -20.26 -20.55
CA PHE D 111 -12.06 -20.77 -19.79
C PHE D 111 -13.21 -21.11 -20.72
N PHE D 112 -13.92 -22.19 -20.40
CA PHE D 112 -15.11 -22.61 -21.12
C PHE D 112 -16.22 -22.89 -20.12
N GLY D 113 -17.41 -22.40 -20.42
CA GLY D 113 -18.57 -22.66 -19.60
C GLY D 113 -19.11 -24.06 -19.79
N GLY D 114 -20.26 -24.32 -19.16
CA GLY D 114 -20.89 -25.62 -19.26
C GLY D 114 -21.35 -25.96 -20.66
N ASP D 115 -21.81 -24.95 -21.42
CA ASP D 115 -22.28 -25.20 -22.78
C ASP D 115 -21.14 -25.50 -23.74
N GLY D 116 -19.90 -25.21 -23.35
CA GLY D 116 -18.76 -25.38 -24.23
C GLY D 116 -18.26 -24.11 -24.89
N PHE D 117 -18.76 -22.95 -24.47
CA PHE D 117 -18.40 -21.66 -25.05
C PHE D 117 -17.62 -20.84 -24.05
N LYS D 118 -16.90 -19.84 -24.56
CA LYS D 118 -16.19 -18.89 -23.74
C LYS D 118 -17.11 -18.32 -22.66
N LEU D 119 -16.55 -18.11 -21.47
CA LEU D 119 -17.34 -17.60 -20.35
C LEU D 119 -18.00 -16.28 -20.70
N SER D 120 -19.20 -16.06 -20.18
CA SER D 120 -19.91 -14.81 -20.41
C SER D 120 -19.08 -13.63 -19.91
N ASP D 121 -19.16 -12.52 -20.63
CA ASP D 121 -18.38 -11.34 -20.27
C ASP D 121 -18.71 -10.82 -18.88
N GLU D 122 -19.92 -11.11 -18.39
CA GLU D 122 -20.26 -10.76 -17.02
C GLU D 122 -19.41 -11.56 -16.03
N GLN D 123 -19.23 -12.85 -16.29
CA GLN D 123 -18.44 -13.69 -15.41
C GLN D 123 -16.98 -13.24 -15.39
N GLU D 124 -16.41 -12.99 -16.57
CA GLU D 124 -15.04 -12.48 -16.64
C GLU D 124 -14.92 -11.13 -15.94
N ALA D 125 -15.93 -10.27 -16.10
CA ALA D 125 -15.93 -8.98 -15.43
C ALA D 125 -15.86 -9.16 -13.91
N GLU D 126 -16.67 -10.08 -13.38
CA GLU D 126 -16.65 -10.31 -11.93
C GLU D 126 -15.33 -10.91 -11.49
N ILE D 127 -14.79 -11.85 -12.27
CA ILE D 127 -13.49 -12.45 -11.95
C ILE D 127 -12.41 -11.37 -11.86
N GLU D 128 -12.43 -10.42 -12.79
CA GLU D 128 -11.46 -9.33 -12.73
C GLU D 128 -11.77 -8.35 -11.60
N ARG D 129 -13.05 -8.18 -11.25
CA ARG D 129 -13.39 -7.38 -10.07
C ARG D 129 -12.73 -7.95 -8.83
N LEU D 130 -12.76 -9.28 -8.68
CA LEU D 130 -12.18 -9.88 -7.48
C LEU D 130 -10.66 -9.80 -7.50
N MET D 131 -10.06 -9.74 -8.69
CA MET D 131 -8.61 -9.60 -8.82
C MET D 131 -8.13 -8.18 -8.56
N ASP D 132 -9.02 -7.27 -8.15
CA ASP D 132 -8.64 -5.90 -7.84
C ASP D 132 -8.68 -5.60 -6.35
N GLU D 133 -9.61 -6.20 -5.62
CA GLU D 133 -9.65 -6.06 -4.17
C GLU D 133 -8.39 -6.66 -3.56
N PRO D 134 -7.61 -5.89 -2.79
CA PRO D 134 -6.39 -6.45 -2.19
C PRO D 134 -6.68 -7.29 -0.95
N GLU D 135 -7.90 -7.81 -0.84
CA GLU D 135 -8.31 -8.62 0.30
C GLU D 135 -8.94 -9.91 -0.22
N ASP D 136 -8.29 -11.04 0.03
CA ASP D 136 -8.81 -12.35 -0.37
C ASP D 136 -9.89 -12.81 0.62
N LYS D 137 -10.98 -12.05 0.67
CA LYS D 137 -12.08 -12.30 1.60
C LYS D 137 -13.04 -13.37 1.10
N LEU D 138 -12.61 -14.26 0.22
CA LEU D 138 -13.45 -15.33 -0.28
C LEU D 138 -13.42 -16.52 0.67
N PRO D 139 -14.46 -17.36 0.65
CA PRO D 139 -14.50 -18.50 1.58
C PRO D 139 -13.28 -19.40 1.43
N ARG D 140 -12.82 -19.93 2.56
CA ARG D 140 -11.68 -20.85 2.63
C ARG D 140 -12.17 -22.14 3.28
N PRO D 141 -12.80 -23.02 2.51
CA PRO D 141 -13.29 -24.29 3.07
C PRO D 141 -12.16 -25.07 3.72
N VAL D 142 -12.52 -25.88 4.73
CA VAL D 142 -11.55 -26.58 5.54
C VAL D 142 -12.01 -28.00 5.79
N GLY D 143 -11.06 -28.86 6.16
CA GLY D 143 -11.37 -30.25 6.42
C GLY D 143 -11.96 -30.93 5.20
N ALA D 144 -13.19 -31.44 5.34
CA ALA D 144 -13.84 -32.13 4.25
C ALA D 144 -14.47 -31.17 3.24
N ASP D 145 -14.63 -29.90 3.60
CA ASP D 145 -15.21 -28.92 2.70
C ASP D 145 -14.25 -28.52 1.58
N LEU D 146 -12.98 -28.89 1.67
CA LEU D 146 -12.00 -28.52 0.66
C LEU D 146 -12.36 -29.15 -0.69
N GLY D 147 -11.68 -28.67 -1.73
CA GLY D 147 -11.86 -29.22 -3.07
C GLY D 147 -11.39 -30.66 -3.15
N LEU D 148 -11.80 -31.29 -4.25
CA LEU D 148 -11.47 -32.68 -4.52
C LEU D 148 -10.92 -32.80 -5.93
N VAL D 149 -10.03 -33.78 -6.12
CA VAL D 149 -9.37 -33.96 -7.41
C VAL D 149 -9.36 -35.46 -7.73
N ASN D 150 -9.91 -35.81 -8.89
CA ASN D 150 -9.95 -37.19 -9.38
C ASN D 150 -9.53 -37.16 -10.85
N ASP D 151 -8.23 -37.39 -11.09
CA ASP D 151 -7.67 -37.37 -12.44
C ASP D 151 -8.53 -38.18 -13.41
N TYR D 152 -8.77 -37.60 -14.59
CA TYR D 152 -9.57 -38.23 -15.63
C TYR D 152 -8.78 -38.21 -16.94
N PHE D 153 -7.63 -38.88 -16.94
CA PHE D 153 -6.77 -38.93 -18.11
C PHE D 153 -7.38 -39.75 -19.24
N GLU D 154 -8.46 -40.51 -18.98
CA GLU D 154 -9.13 -41.25 -20.03
C GLU D 154 -10.00 -40.37 -20.92
N GLY D 155 -10.28 -39.14 -20.48
CA GLY D 155 -11.17 -38.26 -21.24
C GLY D 155 -10.75 -38.11 -22.68
N GLY D 156 -9.45 -38.02 -22.92
CA GLY D 156 -8.95 -37.96 -24.29
C GLY D 156 -9.60 -39.00 -25.18
N GLN D 157 -9.55 -40.27 -24.76
CA GLN D 157 -10.09 -41.32 -25.63
C GLN D 157 -11.57 -41.13 -25.88
N LYS D 158 -12.29 -40.58 -24.88
CA LYS D 158 -13.67 -40.22 -25.08
C LYS D 158 -13.80 -39.25 -26.25
N TYR D 159 -13.07 -38.13 -26.19
CA TYR D 159 -13.07 -37.20 -27.32
C TYR D 159 -12.59 -37.88 -28.59
N LEU D 160 -11.66 -38.83 -28.46
CA LEU D 160 -11.26 -39.62 -29.61
C LEU D 160 -12.43 -40.45 -30.12
N GLN D 161 -13.07 -41.20 -29.21
CA GLN D 161 -14.23 -41.98 -29.58
C GLN D 161 -15.29 -41.10 -30.23
N PHE D 162 -15.33 -39.81 -29.89
CA PHE D 162 -16.26 -38.92 -30.56
C PHE D 162 -15.83 -38.69 -32.00
N LEU D 163 -14.60 -38.20 -32.19
CA LEU D 163 -14.13 -37.91 -33.55
C LEU D 163 -14.23 -39.13 -34.43
N LYS D 164 -13.88 -40.30 -33.90
CA LYS D 164 -13.89 -41.52 -34.69
C LYS D 164 -15.28 -41.83 -35.26
N GLN D 165 -16.35 -41.49 -34.54
CA GLN D 165 -17.67 -41.78 -35.07
C GLN D 165 -18.13 -40.75 -36.10
N THR D 166 -17.49 -39.59 -36.16
CA THR D 166 -17.84 -38.56 -37.11
C THR D 166 -17.16 -38.73 -38.45
N ALA D 167 -16.72 -39.94 -38.78
CA ALA D 167 -16.12 -40.25 -40.07
C ALA D 167 -17.07 -41.17 -40.83
N ASP D 168 -17.43 -40.76 -42.05
CA ASP D 168 -18.42 -41.49 -42.82
C ASP D 168 -17.99 -42.90 -43.17
N GLU D 169 -16.70 -43.22 -43.04
CA GLU D 169 -16.14 -44.55 -43.20
C GLU D 169 -14.64 -44.45 -42.95
N ASP D 170 -14.02 -45.60 -42.70
CA ASP D 170 -12.58 -45.63 -42.49
C ASP D 170 -11.85 -45.21 -43.77
N PHE D 171 -10.68 -44.61 -43.59
CA PHE D 171 -9.94 -44.00 -44.69
C PHE D 171 -8.93 -44.97 -45.30
N THR D 172 -9.39 -46.17 -45.64
CA THR D 172 -8.50 -47.19 -46.19
C THR D 172 -7.94 -46.75 -47.53
N GLY D 173 -6.64 -46.99 -47.72
CA GLY D 173 -5.99 -46.65 -48.98
C GLY D 173 -5.54 -45.21 -49.12
N ILE D 174 -5.49 -44.46 -48.03
CA ILE D 174 -5.10 -43.05 -48.07
C ILE D 174 -3.82 -42.89 -47.25
N HIS D 175 -2.78 -42.38 -47.89
CA HIS D 175 -1.53 -42.06 -47.21
C HIS D 175 -1.57 -40.62 -46.73
N VAL D 176 -1.44 -40.42 -45.42
CA VAL D 176 -1.57 -39.10 -44.81
C VAL D 176 -0.36 -38.82 -43.93
N ALA D 177 0.21 -37.63 -44.07
CA ALA D 177 1.29 -37.17 -43.22
C ALA D 177 0.73 -36.24 -42.17
N LEU D 178 1.23 -36.38 -40.94
CA LEU D 178 0.75 -35.61 -39.79
C LEU D 178 1.87 -34.77 -39.22
N ASP D 179 1.59 -33.47 -39.01
CA ASP D 179 2.47 -32.56 -38.30
C ASP D 179 1.67 -31.98 -37.13
N CYS D 180 1.99 -32.42 -35.92
CA CYS D 180 1.20 -32.08 -34.73
C CYS D 180 1.84 -30.98 -33.90
N ALA D 181 2.80 -30.24 -34.47
CA ALA D 181 3.41 -29.08 -33.83
C ALA D 181 4.06 -29.40 -32.50
N ASN D 182 4.30 -30.67 -32.21
CA ASN D 182 4.75 -31.12 -30.89
C ASN D 182 3.80 -30.66 -29.79
N GLY D 183 2.50 -30.61 -30.10
CA GLY D 183 1.50 -30.08 -29.20
C GLY D 183 0.54 -31.13 -28.68
N ALA D 184 -0.68 -30.71 -28.36
CA ALA D 184 -1.66 -31.61 -27.76
C ALA D 184 -2.08 -32.72 -28.71
N THR D 185 -2.09 -32.45 -30.02
CA THR D 185 -2.54 -33.43 -31.00
C THR D 185 -1.52 -34.52 -31.26
N SER D 186 -0.36 -34.50 -30.59
CA SER D 186 0.70 -35.46 -30.88
C SER D 186 0.25 -36.88 -30.61
N SER D 187 -0.26 -37.14 -29.41
CA SER D 187 -0.69 -38.49 -29.06
C SER D 187 -2.05 -38.84 -29.63
N LEU D 188 -2.95 -37.86 -29.74
CA LEU D 188 -4.32 -38.16 -30.16
C LEU D 188 -4.39 -38.47 -31.64
N ALA D 189 -3.97 -37.53 -32.48
CA ALA D 189 -4.16 -37.64 -33.93
C ALA D 189 -3.54 -38.91 -34.48
N THR D 190 -2.30 -39.21 -34.08
CA THR D 190 -1.63 -40.40 -34.60
C THR D 190 -2.40 -41.67 -34.24
N HIS D 191 -3.08 -41.68 -33.10
CA HIS D 191 -3.95 -42.81 -32.77
C HIS D 191 -5.20 -42.81 -33.65
N LEU D 192 -5.78 -41.63 -33.87
CA LEU D 192 -7.06 -41.52 -34.58
C LEU D 192 -6.98 -42.08 -35.99
N PHE D 193 -6.18 -41.43 -36.85
CA PHE D 193 -6.13 -41.82 -38.25
C PHE D 193 -5.51 -43.21 -38.46
N ALA D 194 -4.72 -43.69 -37.50
CA ALA D 194 -4.27 -45.07 -37.56
C ALA D 194 -5.38 -46.04 -37.21
N ASP D 195 -6.22 -45.65 -36.24
CA ASP D 195 -7.36 -46.49 -35.88
C ASP D 195 -8.48 -46.42 -36.91
N LEU D 196 -8.37 -45.49 -37.87
CA LEU D 196 -9.31 -45.40 -38.98
C LEU D 196 -8.72 -45.99 -40.27
N ASP D 197 -7.67 -46.81 -40.14
CA ASP D 197 -7.10 -47.59 -41.24
C ASP D 197 -6.57 -46.66 -42.35
N ALA D 198 -5.67 -45.77 -41.96
CA ALA D 198 -4.97 -44.91 -42.91
C ALA D 198 -3.47 -45.04 -42.68
N ASP D 199 -2.70 -45.01 -43.75
CA ASP D 199 -1.25 -45.09 -43.67
C ASP D 199 -0.72 -43.74 -43.19
N VAL D 200 -0.41 -43.65 -41.90
CA VAL D 200 0.05 -42.39 -41.31
C VAL D 200 1.56 -42.34 -41.34
N SER D 201 2.08 -41.16 -41.68
CA SER D 201 3.51 -40.85 -41.58
C SER D 201 3.64 -39.61 -40.71
N THR D 202 4.36 -39.74 -39.60
CA THR D 202 4.32 -38.72 -38.55
C THR D 202 5.57 -37.83 -38.61
N MET D 203 5.40 -36.62 -38.08
CA MET D 203 6.49 -35.68 -37.87
C MET D 203 5.98 -34.62 -36.92
N GLY D 204 6.90 -34.06 -36.13
CA GLY D 204 6.50 -33.15 -35.08
C GLY D 204 5.55 -33.76 -34.07
N THR D 205 5.64 -35.07 -33.86
CA THR D 205 4.81 -35.78 -32.89
C THR D 205 5.65 -36.32 -31.73
N SER D 206 6.73 -35.61 -31.39
CA SER D 206 7.69 -36.04 -30.38
C SER D 206 7.99 -34.88 -29.46
N PRO D 207 7.03 -34.46 -28.65
CA PRO D 207 7.21 -33.25 -27.83
C PRO D 207 8.11 -33.49 -26.63
N ASN D 208 8.78 -32.43 -26.21
CA ASN D 208 9.61 -32.50 -25.02
C ASN D 208 9.46 -31.26 -24.12
N GLY D 209 8.33 -30.56 -24.21
CA GLY D 209 8.10 -29.37 -23.40
C GLY D 209 8.82 -28.12 -23.84
N LEU D 210 9.77 -28.21 -24.77
CA LEU D 210 10.50 -27.05 -25.25
C LEU D 210 10.38 -26.83 -26.75
N ASN D 211 9.88 -27.82 -27.50
CA ASN D 211 9.93 -27.80 -28.96
C ASN D 211 8.56 -27.60 -29.61
N ILE D 212 7.61 -27.01 -28.90
CA ILE D 212 6.28 -26.80 -29.48
C ILE D 212 6.34 -25.66 -30.48
N ASN D 213 5.73 -25.87 -31.64
CA ASN D 213 5.62 -24.86 -32.70
C ASN D 213 7.00 -24.35 -33.12
N ASP D 214 7.98 -25.24 -33.14
CA ASP D 214 9.37 -24.88 -33.46
C ASP D 214 9.64 -25.38 -34.88
N GLY D 215 9.38 -24.52 -35.86
CA GLY D 215 9.51 -24.91 -37.24
C GLY D 215 8.54 -25.99 -37.66
N VAL D 216 7.48 -26.21 -36.89
CA VAL D 216 6.45 -27.20 -37.20
C VAL D 216 5.09 -26.58 -36.89
N GLY D 217 4.04 -27.30 -37.23
CA GLY D 217 2.69 -26.84 -37.00
C GLY D 217 2.12 -26.04 -38.16
N SER D 218 0.89 -25.59 -37.96
CA SER D 218 0.18 -24.88 -39.02
C SER D 218 0.87 -23.58 -39.39
N THR D 219 1.49 -22.91 -38.43
CA THR D 219 2.17 -21.64 -38.71
C THR D 219 3.49 -21.83 -39.43
N HIS D 220 4.08 -23.02 -39.37
CA HIS D 220 5.34 -23.32 -40.04
C HIS D 220 5.15 -24.56 -40.90
N PRO D 221 4.35 -24.47 -41.97
CA PRO D 221 3.98 -25.66 -42.75
C PRO D 221 5.00 -26.08 -43.79
N GLU D 222 6.12 -25.37 -43.95
CA GLU D 222 7.07 -25.70 -44.99
C GLU D 222 7.75 -27.05 -44.73
N ALA D 223 8.03 -27.35 -43.46
CA ALA D 223 8.58 -28.65 -43.12
C ALA D 223 7.64 -29.77 -43.56
N LEU D 224 6.35 -29.64 -43.25
CA LEU D 224 5.37 -30.61 -43.71
C LEU D 224 5.25 -30.60 -45.24
N SER D 225 5.40 -29.43 -45.86
CA SER D 225 5.37 -29.36 -47.32
C SER D 225 6.45 -30.22 -47.94
N ALA D 226 7.66 -30.16 -47.40
CA ALA D 226 8.73 -31.02 -47.88
C ALA D 226 8.49 -32.48 -47.52
N PHE D 227 7.98 -32.73 -46.31
CA PHE D 227 7.79 -34.10 -45.85
C PHE D 227 6.75 -34.84 -46.67
N VAL D 228 5.69 -34.15 -47.12
CA VAL D 228 4.66 -34.80 -47.92
C VAL D 228 5.24 -35.31 -49.24
N LYS D 229 6.03 -34.46 -49.91
CA LYS D 229 6.69 -34.89 -51.13
C LYS D 229 7.71 -35.99 -50.86
N GLU D 230 8.37 -35.95 -49.70
CA GLU D 230 9.36 -36.97 -49.37
C GLU D 230 8.72 -38.36 -49.30
N LYS D 231 7.68 -38.51 -48.48
CA LYS D 231 6.98 -39.77 -48.32
C LYS D 231 5.91 -39.99 -49.39
N ASN D 232 5.85 -39.10 -50.39
CA ASN D 232 4.82 -39.13 -51.45
C ASN D 232 3.45 -39.51 -50.91
N ALA D 233 3.06 -38.85 -49.83
CA ALA D 233 1.75 -39.06 -49.24
C ALA D 233 0.67 -38.36 -50.05
N ASP D 234 -0.58 -38.76 -49.81
CA ASP D 234 -1.68 -38.13 -50.54
C ASP D 234 -1.98 -36.73 -50.02
N LEU D 235 -1.73 -36.47 -48.74
CA LEU D 235 -1.93 -35.15 -48.17
C LEU D 235 -1.22 -35.08 -46.82
N GLY D 236 -0.97 -33.86 -46.38
CA GLY D 236 -0.39 -33.61 -45.07
C GLY D 236 -1.29 -32.72 -44.24
N LEU D 237 -1.35 -32.98 -42.94
CA LEU D 237 -2.17 -32.22 -42.01
C LEU D 237 -1.28 -31.58 -40.95
N ALA D 238 -1.39 -30.26 -40.79
CA ALA D 238 -0.60 -29.52 -39.82
C ALA D 238 -1.55 -28.86 -38.83
N PHE D 239 -1.64 -29.43 -37.63
CA PHE D 239 -2.31 -28.77 -36.52
C PHE D 239 -1.33 -27.85 -35.82
N ASP D 240 -1.82 -27.06 -34.87
CA ASP D 240 -0.98 -26.16 -34.14
C ASP D 240 -0.79 -26.67 -32.70
N GLY D 241 -0.38 -25.78 -31.80
CA GLY D 241 -0.01 -26.21 -30.46
C GLY D 241 -1.16 -26.86 -29.72
N ASP D 242 -2.31 -26.20 -29.66
CA ASP D 242 -3.47 -26.69 -28.94
C ASP D 242 -4.46 -27.43 -29.84
N GLY D 243 -4.10 -27.65 -31.10
CA GLY D 243 -4.93 -28.44 -31.99
C GLY D 243 -6.26 -27.84 -32.36
N ASP D 244 -6.34 -26.51 -32.44
CA ASP D 244 -7.58 -25.84 -32.83
C ASP D 244 -7.55 -25.33 -34.28
N ARG D 245 -6.37 -25.21 -34.86
CA ARG D 245 -6.22 -24.84 -36.27
C ARG D 245 -5.83 -26.06 -37.09
N LEU D 246 -5.96 -25.92 -38.40
CA LEU D 246 -5.55 -26.97 -39.33
C LEU D 246 -5.14 -26.35 -40.65
N ILE D 247 -4.00 -26.77 -41.17
CA ILE D 247 -3.52 -26.35 -42.47
C ILE D 247 -3.20 -27.61 -43.27
N ALA D 248 -3.80 -27.74 -44.44
CA ALA D 248 -3.61 -28.92 -45.27
C ALA D 248 -2.53 -28.67 -46.31
N VAL D 249 -1.98 -29.77 -46.82
CA VAL D 249 -0.96 -29.74 -47.87
C VAL D 249 -1.30 -30.81 -48.88
N ASP D 250 -1.42 -30.43 -50.15
CA ASP D 250 -1.79 -31.35 -51.20
C ASP D 250 -0.59 -32.23 -51.60
N GLU D 251 -0.87 -33.25 -52.42
CA GLU D 251 0.18 -34.16 -52.85
C GLU D 251 1.30 -33.46 -53.59
N LYS D 252 1.05 -32.29 -54.20
CA LYS D 252 2.10 -31.54 -54.86
C LYS D 252 2.98 -30.78 -53.88
N GLY D 253 2.58 -30.66 -52.63
CA GLY D 253 3.34 -29.91 -51.64
C GLY D 253 2.87 -28.50 -51.43
N ASN D 254 1.76 -28.09 -52.05
CA ASN D 254 1.27 -26.73 -51.90
C ASN D 254 0.41 -26.60 -50.65
N ILE D 255 0.36 -25.39 -50.11
CA ILE D 255 -0.37 -25.13 -48.87
C ILE D 255 -1.86 -24.97 -49.20
N VAL D 256 -2.71 -25.46 -48.29
CA VAL D 256 -4.15 -25.41 -48.44
C VAL D 256 -4.68 -24.71 -47.20
N ASP D 257 -4.86 -23.40 -47.29
CA ASP D 257 -5.16 -22.57 -46.12
C ASP D 257 -6.61 -22.79 -45.68
N GLY D 258 -7.06 -21.98 -44.72
CA GLY D 258 -8.38 -22.17 -44.14
C GLY D 258 -9.50 -21.88 -45.10
N ASP D 259 -9.31 -20.95 -46.03
CA ASP D 259 -10.35 -20.65 -47.00
C ASP D 259 -10.61 -21.85 -47.92
N GLN D 260 -9.55 -22.48 -48.41
CA GLN D 260 -9.72 -23.63 -49.29
C GLN D 260 -10.36 -24.81 -48.56
N ILE D 261 -9.97 -25.04 -47.31
CA ILE D 261 -10.55 -26.14 -46.54
C ILE D 261 -12.01 -25.85 -46.25
N MET D 262 -12.34 -24.60 -45.91
CA MET D 262 -13.72 -24.21 -45.72
C MET D 262 -14.54 -24.46 -46.98
N TYR D 263 -14.02 -24.02 -48.13
CA TYR D 263 -14.73 -24.25 -49.40
C TYR D 263 -14.96 -25.73 -49.64
N ILE D 264 -13.91 -26.54 -49.54
CA ILE D 264 -14.01 -27.97 -49.82
C ILE D 264 -15.03 -28.63 -48.90
N CYS D 265 -14.92 -28.36 -47.59
CA CYS D 265 -15.77 -29.05 -46.63
C CYS D 265 -17.21 -28.59 -46.72
N SER D 266 -17.44 -27.29 -46.91
CA SER D 266 -18.80 -26.80 -47.08
C SER D 266 -19.43 -27.32 -48.36
N LYS D 267 -18.63 -27.43 -49.43
CA LYS D 267 -19.14 -28.00 -50.68
C LYS D 267 -19.53 -29.46 -50.49
N HIS D 268 -18.69 -30.24 -49.80
CA HIS D 268 -19.04 -31.63 -49.52
C HIS D 268 -20.28 -31.73 -48.64
N LEU D 269 -20.40 -30.84 -47.65
CA LEU D 269 -21.55 -30.88 -46.76
C LEU D 269 -22.83 -30.52 -47.49
N LYS D 270 -22.75 -29.57 -48.44
CA LYS D 270 -23.90 -29.29 -49.30
C LYS D 270 -24.23 -30.50 -50.16
N SER D 271 -23.20 -31.19 -50.65
CA SER D 271 -23.43 -32.41 -51.41
C SER D 271 -24.04 -33.51 -50.56
N GLU D 272 -23.87 -33.45 -49.24
CA GLU D 272 -24.56 -34.35 -48.32
C GLU D 272 -25.81 -33.73 -47.71
N GLY D 273 -26.15 -32.50 -48.08
CA GLY D 273 -27.30 -31.82 -47.52
C GLY D 273 -27.17 -31.41 -46.07
N ARG D 274 -26.01 -31.64 -45.44
CA ARG D 274 -25.83 -31.32 -44.02
C ARG D 274 -25.53 -29.85 -43.78
N LEU D 275 -25.17 -29.09 -44.82
CA LEU D 275 -24.88 -27.67 -44.64
C LEU D 275 -26.19 -26.92 -44.41
N LYS D 276 -26.32 -26.31 -43.23
CA LYS D 276 -27.58 -25.67 -42.84
C LYS D 276 -27.80 -24.39 -43.64
N ASP D 277 -28.92 -24.32 -44.35
CA ASP D 277 -29.31 -23.20 -45.19
C ASP D 277 -28.30 -22.89 -46.30
N ASP D 278 -27.31 -23.77 -46.51
CA ASP D 278 -26.27 -23.59 -47.50
C ASP D 278 -25.62 -22.21 -47.40
N THR D 279 -25.25 -21.83 -46.18
CA THR D 279 -24.51 -20.61 -45.91
C THR D 279 -23.26 -20.95 -45.10
N VAL D 280 -22.25 -20.10 -45.22
CA VAL D 280 -20.97 -20.27 -44.53
C VAL D 280 -20.54 -18.94 -43.96
N VAL D 281 -20.21 -18.92 -42.68
CA VAL D 281 -19.74 -17.72 -42.00
C VAL D 281 -18.23 -17.63 -42.13
N SER D 282 -17.71 -16.42 -42.29
CA SER D 282 -16.29 -16.20 -42.45
C SER D 282 -15.97 -14.77 -42.02
N THR D 283 -14.69 -14.43 -42.06
CA THR D 283 -14.20 -13.13 -41.63
C THR D 283 -13.81 -12.27 -42.81
N VAL D 284 -13.53 -10.99 -42.50
CA VAL D 284 -12.99 -10.07 -43.51
C VAL D 284 -11.71 -10.63 -44.13
N MET D 285 -10.92 -11.35 -43.34
CA MET D 285 -9.62 -11.86 -43.78
C MET D 285 -9.72 -12.88 -44.91
N SER D 286 -10.92 -13.29 -45.29
CA SER D 286 -11.06 -14.29 -46.35
C SER D 286 -10.74 -13.71 -47.71
N ASN D 287 -10.34 -14.58 -48.64
CA ASN D 287 -9.94 -14.16 -49.97
C ASN D 287 -11.18 -13.98 -50.86
N LEU D 288 -11.05 -13.09 -51.84
CA LEU D 288 -12.17 -12.82 -52.75
C LEU D 288 -12.57 -14.08 -53.52
N GLY D 289 -11.59 -14.81 -54.05
CA GLY D 289 -11.90 -16.01 -54.80
C GLY D 289 -12.65 -17.05 -54.00
N PHE D 290 -12.52 -17.03 -52.68
CA PHE D 290 -13.32 -17.90 -51.83
C PHE D 290 -14.79 -17.61 -52.00
N TYR D 291 -15.19 -16.33 -51.89
CA TYR D 291 -16.57 -15.95 -52.12
C TYR D 291 -16.99 -16.18 -53.56
N LYS D 292 -16.07 -15.96 -54.51
CA LYS D 292 -16.36 -16.22 -55.91
C LYS D 292 -16.77 -17.67 -56.12
N ALA D 293 -15.96 -18.61 -55.62
CA ALA D 293 -16.28 -20.03 -55.78
C ALA D 293 -17.50 -20.42 -54.94
N LEU D 294 -17.74 -19.75 -53.82
CA LEU D 294 -18.95 -19.99 -53.05
C LEU D 294 -20.19 -19.66 -53.86
N GLU D 295 -20.19 -18.50 -54.53
CA GLU D 295 -21.27 -18.17 -55.44
C GLU D 295 -21.35 -19.19 -56.57
N LYS D 296 -20.20 -19.59 -57.12
CA LYS D 296 -20.18 -20.55 -58.22
C LYS D 296 -20.82 -21.87 -57.81
N GLU D 297 -20.74 -22.24 -56.53
CA GLU D 297 -21.39 -23.45 -56.05
C GLU D 297 -22.69 -23.17 -55.30
N GLY D 298 -23.26 -21.99 -55.48
CA GLY D 298 -24.57 -21.68 -54.91
C GLY D 298 -24.62 -21.68 -53.40
N ILE D 299 -23.54 -21.31 -52.74
CA ILE D 299 -23.50 -21.25 -51.28
C ILE D 299 -23.45 -19.79 -50.86
N LYS D 300 -24.47 -19.36 -50.11
CA LYS D 300 -24.47 -18.02 -49.54
C LYS D 300 -23.36 -17.88 -48.51
N SER D 301 -23.12 -16.64 -48.08
CA SER D 301 -22.02 -16.37 -47.16
C SER D 301 -22.33 -15.14 -46.33
N VAL D 302 -21.98 -15.21 -45.04
CA VAL D 302 -22.10 -14.09 -44.11
C VAL D 302 -20.71 -13.73 -43.61
N GLN D 303 -20.39 -12.44 -43.60
CA GLN D 303 -19.07 -11.98 -43.21
C GLN D 303 -19.17 -11.29 -41.86
N THR D 304 -18.18 -11.54 -41.00
CA THR D 304 -18.11 -10.92 -39.68
C THR D 304 -16.73 -10.30 -39.48
N ALA D 305 -16.57 -9.62 -38.36
CA ALA D 305 -15.29 -9.02 -38.01
C ALA D 305 -14.27 -10.12 -37.68
N VAL D 306 -13.00 -9.71 -37.61
CA VAL D 306 -11.92 -10.64 -37.31
C VAL D 306 -12.07 -11.15 -35.88
N GLY D 307 -11.52 -12.34 -35.63
CA GLY D 307 -11.71 -13.00 -34.35
C GLY D 307 -12.83 -14.01 -34.40
N ASP D 308 -12.64 -15.17 -33.78
CA ASP D 308 -13.60 -16.26 -33.90
C ASP D 308 -14.79 -16.12 -32.97
N ARG D 309 -14.73 -15.22 -31.99
CA ARG D 309 -15.90 -14.98 -31.16
C ARG D 309 -17.04 -14.39 -31.97
N TYR D 310 -16.74 -13.59 -32.99
CA TYR D 310 -17.79 -13.03 -33.84
C TYR D 310 -18.29 -14.08 -34.84
N VAL D 311 -17.40 -14.93 -35.32
CA VAL D 311 -17.83 -16.05 -36.18
C VAL D 311 -18.84 -16.90 -35.43
N VAL D 312 -18.53 -17.23 -34.16
CA VAL D 312 -19.44 -18.08 -33.41
C VAL D 312 -20.67 -17.29 -32.96
N GLU D 313 -20.54 -15.97 -32.79
CA GLU D 313 -21.72 -15.13 -32.54
C GLU D 313 -22.71 -15.22 -33.69
N ALA D 314 -22.21 -15.13 -34.92
CA ALA D 314 -23.09 -15.20 -36.09
C ALA D 314 -23.71 -16.59 -36.23
N MET D 315 -22.87 -17.63 -36.14
CA MET D 315 -23.40 -18.99 -36.19
C MET D 315 -24.41 -19.24 -35.07
N LYS D 316 -24.23 -18.59 -33.92
CA LYS D 316 -25.18 -18.70 -32.82
C LYS D 316 -26.52 -18.10 -33.19
N LYS D 317 -26.53 -16.78 -33.46
CA LYS D 317 -27.81 -16.10 -33.65
C LYS D 317 -28.56 -16.63 -34.86
N ASP D 318 -27.87 -16.87 -35.97
CA ASP D 318 -28.55 -17.30 -37.19
C ASP D 318 -28.65 -18.81 -37.34
N GLY D 319 -28.09 -19.58 -36.40
CA GLY D 319 -28.19 -21.03 -36.45
C GLY D 319 -27.49 -21.62 -37.66
N TYR D 320 -26.25 -21.21 -37.88
CA TYR D 320 -25.49 -21.64 -39.06
C TYR D 320 -24.59 -22.82 -38.71
N ASN D 321 -24.34 -23.66 -39.72
CA ASN D 321 -23.70 -24.94 -39.50
C ASN D 321 -22.18 -24.85 -39.46
N VAL D 322 -21.58 -24.01 -40.30
CA VAL D 322 -20.15 -24.03 -40.55
C VAL D 322 -19.60 -22.61 -40.50
N GLY D 323 -18.40 -22.47 -39.93
CA GLY D 323 -17.72 -21.18 -39.91
C GLY D 323 -16.23 -21.41 -39.85
N GLY D 324 -15.47 -20.37 -40.18
CA GLY D 324 -14.03 -20.53 -40.16
C GLY D 324 -13.30 -19.25 -40.47
N GLU D 325 -11.97 -19.35 -40.44
CA GLU D 325 -11.07 -18.26 -40.76
C GLU D 325 -10.00 -18.76 -41.72
N GLN D 326 -9.28 -17.81 -42.34
CA GLN D 326 -8.12 -18.18 -43.14
C GLN D 326 -7.02 -18.81 -42.31
N SER D 327 -7.03 -18.57 -40.99
CA SER D 327 -6.02 -19.13 -40.10
C SER D 327 -6.03 -20.65 -40.08
N GLY D 328 -7.17 -21.27 -40.43
CA GLY D 328 -7.37 -22.69 -40.24
C GLY D 328 -8.29 -23.03 -39.09
N HIS D 329 -8.76 -22.04 -38.35
CA HIS D 329 -9.67 -22.25 -37.22
C HIS D 329 -11.08 -22.44 -37.77
N LEU D 330 -11.55 -23.69 -37.82
CA LEU D 330 -12.83 -24.03 -38.40
C LEU D 330 -13.77 -24.57 -37.32
N ILE D 331 -15.00 -24.07 -37.31
CA ILE D 331 -16.03 -24.47 -36.36
C ILE D 331 -17.12 -25.20 -37.12
N PHE D 332 -17.36 -26.45 -36.73
CA PHE D 332 -18.48 -27.27 -37.23
C PHE D 332 -19.42 -27.45 -36.06
N LEU D 333 -20.39 -26.53 -35.93
CA LEU D 333 -21.26 -26.52 -34.77
C LEU D 333 -22.14 -27.76 -34.65
N ASP D 334 -22.26 -28.56 -35.72
CA ASP D 334 -22.95 -29.85 -35.61
C ASP D 334 -22.27 -30.77 -34.61
N TYR D 335 -20.97 -30.60 -34.39
CA TYR D 335 -20.20 -31.54 -33.58
C TYR D 335 -19.46 -30.92 -32.41
N ASN D 336 -19.06 -29.66 -32.50
CA ASN D 336 -18.29 -29.04 -31.42
C ASN D 336 -18.54 -27.54 -31.43
N THR D 337 -18.12 -26.88 -30.34
CA THR D 337 -18.44 -25.49 -30.11
C THR D 337 -17.27 -24.53 -30.32
N THR D 338 -16.06 -25.02 -30.54
CA THR D 338 -14.91 -24.19 -30.86
C THR D 338 -14.22 -24.77 -32.09
N GLY D 339 -13.13 -24.12 -32.50
CA GLY D 339 -12.36 -24.61 -33.62
C GLY D 339 -11.66 -25.92 -33.28
N ASP D 340 -11.73 -26.86 -34.23
CA ASP D 340 -11.23 -28.22 -34.01
C ASP D 340 -10.39 -28.63 -35.20
N GLY D 341 -9.07 -28.68 -35.01
CA GLY D 341 -8.18 -29.15 -36.06
C GLY D 341 -8.53 -30.54 -36.56
N LEU D 342 -8.68 -31.49 -35.63
CA LEU D 342 -8.91 -32.88 -36.03
C LEU D 342 -10.27 -33.06 -36.67
N LEU D 343 -11.28 -32.34 -36.20
CA LEU D 343 -12.61 -32.41 -36.82
C LEU D 343 -12.56 -31.92 -38.27
N SER D 344 -11.94 -30.77 -38.49
CA SER D 344 -11.73 -30.28 -39.86
C SER D 344 -10.98 -31.29 -40.69
N ALA D 345 -9.93 -31.90 -40.13
CA ALA D 345 -9.18 -32.92 -40.84
C ALA D 345 -10.06 -34.10 -41.22
N ILE D 346 -10.93 -34.53 -40.30
CA ILE D 346 -11.82 -35.67 -40.59
C ILE D 346 -12.80 -35.30 -41.68
N MET D 347 -13.30 -34.06 -41.68
CA MET D 347 -14.19 -33.64 -42.77
C MET D 347 -13.46 -33.62 -44.11
N LEU D 348 -12.22 -33.12 -44.11
CA LEU D 348 -11.43 -33.12 -45.34
C LEU D 348 -11.19 -34.54 -45.85
N MET D 349 -10.88 -35.46 -44.94
CA MET D 349 -10.68 -36.86 -45.34
C MET D 349 -11.97 -37.47 -45.84
N ASN D 350 -13.09 -37.11 -45.23
CA ASN D 350 -14.40 -37.55 -45.73
C ASN D 350 -14.62 -37.10 -47.17
N THR D 351 -14.38 -35.83 -47.44
CA THR D 351 -14.52 -35.32 -48.81
C THR D 351 -13.61 -36.08 -49.76
N LEU D 352 -12.33 -36.22 -49.39
CA LEU D 352 -11.37 -36.93 -50.22
C LEU D 352 -11.84 -38.35 -50.56
N LYS D 353 -12.23 -39.10 -49.53
CA LYS D 353 -12.67 -40.48 -49.74
C LYS D 353 -13.94 -40.54 -50.58
N ALA D 354 -14.90 -39.67 -50.31
CA ALA D 354 -16.19 -39.76 -50.98
C ALA D 354 -16.12 -39.33 -52.44
N THR D 355 -15.23 -38.40 -52.77
CA THR D 355 -15.11 -37.95 -54.16
C THR D 355 -13.98 -38.65 -54.91
N GLY D 356 -13.08 -39.33 -54.22
CA GLY D 356 -11.95 -39.99 -54.85
C GLY D 356 -10.94 -39.06 -55.49
N LYS D 357 -11.22 -37.77 -55.60
CA LYS D 357 -10.29 -36.84 -56.19
C LYS D 357 -9.13 -36.59 -55.23
N PRO D 358 -7.97 -36.19 -55.76
CA PRO D 358 -6.87 -35.78 -54.89
C PRO D 358 -7.09 -34.37 -54.33
N LEU D 359 -6.34 -34.08 -53.26
CA LEU D 359 -6.53 -32.81 -52.55
C LEU D 359 -6.26 -31.62 -53.47
N SER D 360 -5.25 -31.73 -54.33
CA SER D 360 -4.96 -30.63 -55.26
C SER D 360 -6.15 -30.32 -56.15
N GLU D 361 -6.81 -31.35 -56.67
CA GLU D 361 -7.95 -31.13 -57.55
C GLU D 361 -9.12 -30.50 -56.80
N LEU D 362 -9.37 -30.93 -55.57
CA LEU D 362 -10.45 -30.34 -54.79
C LEU D 362 -10.16 -28.89 -54.44
N ALA D 363 -8.91 -28.58 -54.09
CA ALA D 363 -8.54 -27.22 -53.73
C ALA D 363 -8.40 -26.30 -54.93
N ALA D 364 -8.25 -26.86 -56.14
CA ALA D 364 -8.13 -26.03 -57.33
C ALA D 364 -9.45 -25.41 -57.73
N GLU D 365 -10.57 -25.92 -57.21
CA GLU D 365 -11.86 -25.33 -57.55
C GLU D 365 -11.98 -23.89 -57.04
N MET D 366 -11.33 -23.59 -55.92
CA MET D 366 -11.31 -22.24 -55.37
C MET D 366 -9.97 -21.59 -55.73
N GLN D 367 -10.04 -20.50 -56.51
CA GLN D 367 -8.85 -19.81 -56.97
C GLN D 367 -8.58 -18.59 -56.10
N LYS D 368 -7.38 -18.52 -55.52
CA LYS D 368 -6.99 -17.39 -54.70
C LYS D 368 -6.67 -16.18 -55.56
N PHE D 369 -7.10 -15.00 -55.09
CA PHE D 369 -6.77 -13.75 -55.77
C PHE D 369 -5.41 -13.25 -55.30
N LYS E 3 10.22 4.64 -53.73
CA LYS E 3 9.69 5.54 -54.74
C LYS E 3 8.58 6.42 -54.17
N TYR E 4 8.96 7.63 -53.76
CA TYR E 4 8.01 8.60 -53.23
C TYR E 4 7.76 9.79 -54.16
N PHE E 5 8.75 10.18 -54.97
CA PHE E 5 8.69 11.41 -55.75
C PHE E 5 8.37 11.07 -57.20
N GLY E 6 7.08 11.13 -57.55
CA GLY E 6 6.66 10.95 -58.92
C GLY E 6 6.90 12.19 -59.76
N THR E 7 6.15 12.27 -60.86
CA THR E 7 6.22 13.47 -61.70
C THR E 7 5.83 14.72 -60.92
N ASP E 8 4.64 14.70 -60.31
CA ASP E 8 4.13 15.84 -59.56
C ASP E 8 4.46 15.71 -58.07
N GLY E 9 5.73 15.42 -57.78
CA GLY E 9 6.16 15.27 -56.40
C GLY E 9 5.55 14.02 -55.76
N VAL E 10 5.29 14.14 -54.46
CA VAL E 10 4.68 13.05 -53.69
C VAL E 10 3.18 13.28 -53.68
N ARG E 11 2.40 12.32 -54.15
CA ARG E 11 0.96 12.47 -54.20
C ARG E 11 0.27 11.28 -53.58
N GLY E 12 -0.89 11.53 -52.99
CA GLY E 12 -1.74 10.44 -52.53
C GLY E 12 -2.99 11.02 -51.92
N VAL E 13 -3.92 10.13 -51.59
CA VAL E 13 -5.12 10.54 -50.88
C VAL E 13 -4.75 10.76 -49.42
N ALA E 14 -5.19 11.89 -48.86
CA ALA E 14 -4.66 12.40 -47.61
C ALA E 14 -4.96 11.47 -46.44
N ASN E 15 -4.06 11.46 -45.46
CA ASN E 15 -4.18 10.73 -44.20
C ASN E 15 -4.06 9.22 -44.41
N SER E 16 -4.75 8.68 -45.41
CA SER E 16 -4.71 7.23 -45.64
C SER E 16 -3.45 6.83 -46.40
N GLU E 17 -3.15 7.51 -47.50
CA GLU E 17 -1.93 7.27 -48.26
C GLU E 17 -0.86 8.31 -47.96
N LEU E 18 -1.17 9.59 -48.16
CA LEU E 18 -0.26 10.67 -47.81
C LEU E 18 -0.49 11.00 -46.35
N THR E 19 0.21 10.28 -45.47
CA THR E 19 0.01 10.40 -44.05
C THR E 19 0.79 11.59 -43.49
N PRO E 20 0.30 12.21 -42.42
CA PRO E 20 1.08 13.27 -41.77
C PRO E 20 2.45 12.81 -41.30
N GLU E 21 2.59 11.54 -40.89
CA GLU E 21 3.91 11.00 -40.60
C GLU E 21 4.81 11.08 -41.83
N LEU E 22 4.27 10.72 -42.99
CA LEU E 22 5.04 10.78 -44.21
C LEU E 22 5.43 12.21 -44.54
N ALA E 23 4.50 13.16 -44.37
CA ALA E 23 4.81 14.56 -44.63
C ALA E 23 5.89 15.08 -43.68
N PHE E 24 5.84 14.63 -42.42
CA PHE E 24 6.88 15.03 -41.47
C PHE E 24 8.24 14.50 -41.90
N LYS E 25 8.30 13.21 -42.26
CA LYS E 25 9.55 12.62 -42.73
C LYS E 25 10.05 13.35 -43.96
N VAL E 26 9.14 13.72 -44.86
CA VAL E 26 9.52 14.48 -46.05
C VAL E 26 10.17 15.79 -45.64
N GLY E 27 9.48 16.57 -44.78
CA GLY E 27 10.04 17.84 -44.37
C GLY E 27 11.40 17.71 -43.73
N ARG E 28 11.55 16.75 -42.82
CA ARG E 28 12.80 16.60 -42.09
C ARG E 28 13.94 16.19 -43.01
N PHE E 29 13.74 15.13 -43.80
CA PHE E 29 14.82 14.62 -44.64
C PHE E 29 15.13 15.59 -45.77
N GLY E 30 14.12 16.19 -46.38
CA GLY E 30 14.37 17.20 -47.40
C GLY E 30 15.11 18.41 -46.85
N GLY E 31 14.73 18.85 -45.64
CA GLY E 31 15.46 19.96 -45.04
C GLY E 31 16.90 19.62 -44.76
N TYR E 32 17.17 18.40 -44.31
CA TYR E 32 18.56 17.98 -44.16
C TYR E 32 19.28 18.00 -45.50
N VAL E 33 18.62 17.49 -46.55
CA VAL E 33 19.26 17.44 -47.87
C VAL E 33 19.57 18.85 -48.37
N LEU E 34 18.67 19.79 -48.12
CA LEU E 34 18.87 21.18 -48.50
C LEU E 34 19.57 21.99 -47.42
N THR E 35 20.12 21.32 -46.41
CA THR E 35 20.85 22.01 -45.35
C THR E 35 22.34 22.12 -45.62
N LYS E 36 22.87 21.31 -46.55
CA LYS E 36 24.31 21.12 -46.69
C LYS E 36 25.08 22.42 -46.87
N ASP E 37 24.43 23.48 -47.36
CA ASP E 37 25.16 24.73 -47.56
C ASP E 37 25.30 25.48 -46.24
N LYS E 38 24.27 26.21 -45.83
CA LYS E 38 24.26 26.92 -44.56
C LYS E 38 23.48 26.11 -43.53
N GLN E 39 23.92 26.18 -42.28
CA GLN E 39 23.28 25.40 -41.21
C GLN E 39 21.98 26.05 -40.74
N ARG E 40 21.27 26.72 -41.64
CA ARG E 40 19.92 27.23 -41.46
C ARG E 40 19.32 27.55 -42.83
N PRO E 41 18.75 26.57 -43.51
CA PRO E 41 18.13 26.84 -44.81
C PRO E 41 16.92 27.74 -44.68
N LYS E 42 16.52 28.33 -45.80
CA LYS E 42 15.35 29.19 -45.88
C LYS E 42 14.35 28.51 -46.82
N VAL E 43 13.63 27.55 -46.27
CA VAL E 43 12.52 26.92 -46.97
C VAL E 43 11.26 27.75 -46.75
N LEU E 44 10.56 28.06 -47.83
CA LEU E 44 9.26 28.70 -47.71
C LEU E 44 8.20 27.75 -48.25
N ILE E 45 6.99 27.85 -47.70
CA ILE E 45 5.98 26.81 -47.84
C ILE E 45 4.63 27.46 -48.13
N GLY E 46 3.87 26.85 -49.04
CA GLY E 46 2.57 27.34 -49.41
C GLY E 46 1.66 26.18 -49.75
N ARG E 47 0.37 26.47 -49.83
CA ARG E 47 -0.61 25.41 -50.02
C ARG E 47 -1.79 25.95 -50.82
N ASP E 48 -2.65 25.04 -51.25
CA ASP E 48 -3.95 25.39 -51.81
C ASP E 48 -5.00 25.34 -50.69
N THR E 49 -6.28 25.37 -51.06
CA THR E 49 -7.35 25.45 -50.09
C THR E 49 -7.80 24.10 -49.57
N ARG E 50 -7.03 23.04 -49.78
CA ARG E 50 -7.46 21.70 -49.36
C ARG E 50 -7.48 21.59 -47.84
N ILE E 51 -8.52 20.91 -47.33
CA ILE E 51 -8.67 20.74 -45.89
C ILE E 51 -7.52 19.95 -45.29
N SER E 52 -6.88 19.10 -46.10
CA SER E 52 -5.68 18.40 -45.66
C SER E 52 -4.44 19.27 -45.74
N GLY E 53 -4.57 20.45 -46.36
CA GLY E 53 -3.43 21.35 -46.46
C GLY E 53 -2.89 21.74 -45.09
N HIS E 54 -3.80 22.02 -44.14
CA HIS E 54 -3.35 22.43 -42.81
C HIS E 54 -2.60 21.32 -42.10
N MET E 55 -3.13 20.10 -42.14
CA MET E 55 -2.45 18.98 -41.50
C MET E 55 -1.08 18.74 -42.13
N LEU E 56 -1.02 18.71 -43.47
CA LEU E 56 0.26 18.45 -44.13
C LEU E 56 1.24 19.58 -43.89
N GLU E 57 0.75 20.82 -43.85
CA GLU E 57 1.62 21.96 -43.56
C GLU E 57 2.17 21.88 -42.13
N GLY E 58 1.33 21.48 -41.18
CA GLY E 58 1.81 21.36 -39.82
C GLY E 58 2.89 20.31 -39.70
N ALA E 59 2.65 19.13 -40.28
CA ALA E 59 3.65 18.08 -40.23
C ALA E 59 4.93 18.49 -40.95
N LEU E 60 4.79 19.17 -42.09
CA LEU E 60 5.94 19.59 -42.87
C LEU E 60 6.76 20.62 -42.13
N VAL E 61 6.11 21.59 -41.48
CA VAL E 61 6.83 22.60 -40.72
C VAL E 61 7.50 21.99 -39.50
N ALA E 62 6.82 21.02 -38.86
CA ALA E 62 7.47 20.31 -37.75
C ALA E 62 8.75 19.63 -38.23
N GLY E 63 8.68 18.93 -39.35
CA GLY E 63 9.88 18.31 -39.92
C GLY E 63 10.96 19.32 -40.24
N LEU E 64 10.59 20.41 -40.94
CA LEU E 64 11.57 21.40 -41.36
C LEU E 64 12.24 22.08 -40.16
N LEU E 65 11.48 22.29 -39.08
CA LEU E 65 12.07 22.86 -37.88
C LEU E 65 12.89 21.85 -37.09
N SER E 66 12.61 20.55 -37.26
CA SER E 66 13.36 19.53 -36.55
C SER E 66 14.79 19.37 -37.08
N ILE E 67 15.23 20.16 -38.06
CA ILE E 67 16.59 20.07 -38.55
C ILE E 67 17.17 21.47 -38.72
N GLY E 68 16.48 22.48 -38.20
CA GLY E 68 17.02 23.82 -38.13
C GLY E 68 16.68 24.73 -39.29
N ALA E 69 15.86 24.29 -40.23
CA ALA E 69 15.52 25.12 -41.39
C ALA E 69 14.63 26.28 -40.98
N GLU E 70 14.97 27.48 -41.46
CA GLU E 70 14.13 28.65 -41.26
C GLU E 70 12.94 28.58 -42.23
N VAL E 71 11.72 28.63 -41.68
CA VAL E 71 10.51 28.36 -42.44
C VAL E 71 9.71 29.66 -42.57
N MET E 72 9.29 29.96 -43.78
CA MET E 72 8.49 31.15 -44.07
C MET E 72 7.15 30.70 -44.65
N ARG E 73 6.14 30.56 -43.80
CA ARG E 73 4.81 30.20 -44.26
C ARG E 73 4.23 31.28 -45.18
N LEU E 74 3.57 30.85 -46.25
CA LEU E 74 3.00 31.76 -47.23
C LEU E 74 1.48 31.75 -47.26
N GLY E 75 0.84 30.75 -46.65
CA GLY E 75 -0.60 30.64 -46.71
C GLY E 75 -1.10 30.06 -48.02
N VAL E 76 -2.19 30.60 -48.54
CA VAL E 76 -2.77 30.12 -49.79
C VAL E 76 -2.15 30.92 -50.92
N ILE E 77 -1.50 30.22 -51.85
CA ILE E 77 -0.84 30.86 -52.99
C ILE E 77 -0.65 29.79 -54.07
N SER E 78 -0.70 30.22 -55.32
CA SER E 78 -0.53 29.30 -56.44
C SER E 78 0.91 28.78 -56.50
N THR E 79 1.07 27.59 -57.08
CA THR E 79 2.40 27.05 -57.30
C THR E 79 3.28 27.97 -58.13
N PRO E 80 2.80 28.60 -59.21
CA PRO E 80 3.61 29.66 -59.86
C PRO E 80 4.13 30.70 -58.88
N GLY E 81 3.25 31.20 -58.00
CA GLY E 81 3.69 32.14 -57.00
C GLY E 81 4.75 31.56 -56.09
N VAL E 82 4.62 30.27 -55.76
CA VAL E 82 5.62 29.61 -54.93
C VAL E 82 6.98 29.67 -55.61
N SER E 83 7.05 29.27 -56.88
CA SER E 83 8.32 29.28 -57.61
CA SER E 83 8.32 29.28 -57.61
C SER E 83 8.88 30.69 -57.70
N TYR E 84 8.03 31.65 -58.05
CA TYR E 84 8.50 33.04 -58.19
C TYR E 84 9.07 33.56 -56.88
N LEU E 85 8.40 33.26 -55.77
CA LEU E 85 8.88 33.76 -54.48
C LEU E 85 10.16 33.06 -54.05
N THR E 86 10.26 31.75 -54.27
CA THR E 86 11.49 31.04 -53.93
C THR E 86 12.68 31.59 -54.70
N LYS E 87 12.47 31.93 -55.97
CA LYS E 87 13.57 32.51 -56.73
C LYS E 87 13.86 33.94 -56.28
N ALA E 88 12.84 34.79 -56.26
CA ALA E 88 13.01 36.21 -55.97
C ALA E 88 13.48 36.50 -54.56
N MET E 89 13.53 35.50 -53.68
CA MET E 89 13.96 35.68 -52.30
C MET E 89 15.29 35.02 -52.01
N ASP E 90 15.94 34.47 -53.04
CA ASP E 90 17.21 33.78 -52.89
C ASP E 90 17.13 32.72 -51.79
N ALA E 91 15.97 32.08 -51.69
CA ALA E 91 15.72 31.09 -50.65
C ALA E 91 16.11 29.70 -51.13
N GLU E 92 16.50 28.85 -50.19
CA GLU E 92 17.07 27.55 -50.54
C GLU E 92 16.04 26.62 -51.17
N ALA E 93 14.78 26.69 -50.75
CA ALA E 93 13.78 25.77 -51.29
C ALA E 93 12.38 26.28 -51.03
N GLY E 94 11.44 25.74 -51.80
CA GLY E 94 10.04 26.05 -51.64
C GLY E 94 9.19 24.80 -51.77
N VAL E 95 8.11 24.77 -50.99
CA VAL E 95 7.25 23.62 -50.90
C VAL E 95 5.82 24.04 -51.24
N MET E 96 5.13 23.21 -52.00
CA MET E 96 3.73 23.44 -52.32
C MET E 96 2.92 22.21 -51.95
N ILE E 97 1.97 22.38 -51.03
CA ILE E 97 1.04 21.32 -50.65
C ILE E 97 -0.21 21.49 -51.51
N SER E 98 -0.34 20.66 -52.54
CA SER E 98 -1.48 20.73 -53.44
C SER E 98 -1.49 19.49 -54.32
N ALA E 99 -2.59 19.31 -55.03
CA ALA E 99 -2.79 18.22 -55.95
C ALA E 99 -3.70 18.74 -57.08
N SER E 100 -3.13 19.64 -57.89
CA SER E 100 -3.76 20.26 -59.06
C SER E 100 -4.91 19.45 -59.65
N HIS E 101 -6.09 20.07 -59.72
CA HIS E 101 -7.27 19.56 -60.42
C HIS E 101 -7.76 18.20 -59.92
N ASN E 102 -7.00 17.54 -59.07
CA ASN E 102 -7.45 16.29 -58.46
C ASN E 102 -8.57 16.56 -57.47
N PRO E 103 -9.33 15.54 -57.07
CA PRO E 103 -10.40 15.76 -56.11
C PRO E 103 -9.86 16.16 -54.75
N VAL E 104 -10.77 16.73 -53.93
CA VAL E 104 -10.37 17.35 -52.67
C VAL E 104 -9.72 16.34 -51.74
N GLN E 105 -10.08 15.07 -51.86
CA GLN E 105 -9.55 14.04 -50.96
C GLN E 105 -8.06 13.79 -51.19
N ASP E 106 -7.55 14.11 -52.38
CA ASP E 106 -6.14 13.89 -52.69
C ASP E 106 -5.33 15.14 -52.37
N ASN E 107 -4.03 14.93 -52.18
CA ASN E 107 -3.10 16.04 -51.92
C ASN E 107 -1.70 15.58 -52.32
N GLY E 108 -0.76 16.52 -52.23
CA GLY E 108 0.61 16.24 -52.63
C GLY E 108 1.60 17.32 -52.24
N ILE E 109 2.85 16.92 -52.05
CA ILE E 109 3.96 17.80 -51.72
C ILE E 109 4.85 17.92 -52.94
N LYS E 110 5.17 19.17 -53.31
CA LYS E 110 6.04 19.44 -54.44
C LYS E 110 7.16 20.37 -54.01
N PHE E 111 8.36 20.13 -54.53
CA PHE E 111 9.57 20.83 -54.10
C PHE E 111 10.14 21.65 -55.26
N PHE E 112 10.67 22.83 -54.92
CA PHE E 112 11.34 23.70 -55.88
C PHE E 112 12.67 24.14 -55.29
N GLY E 113 13.72 24.09 -56.10
CA GLY E 113 15.03 24.55 -55.70
C GLY E 113 15.11 26.07 -55.68
N GLY E 114 16.32 26.57 -55.45
CA GLY E 114 16.54 28.00 -55.41
C GLY E 114 16.29 28.68 -56.74
N ASP E 115 16.59 27.99 -57.85
CA ASP E 115 16.38 28.57 -59.17
C ASP E 115 14.91 28.67 -59.54
N GLY E 116 14.03 27.98 -58.82
CA GLY E 116 12.63 27.94 -59.15
C GLY E 116 12.17 26.69 -59.89
N PHE E 117 13.03 25.69 -60.01
CA PHE E 117 12.74 24.47 -60.75
C PHE E 117 12.65 23.29 -59.79
N LYS E 118 12.00 22.23 -60.26
CA LYS E 118 11.92 20.98 -59.51
C LYS E 118 13.30 20.55 -59.04
N LEU E 119 13.37 19.99 -57.83
CA LEU E 119 14.64 19.57 -57.26
C LEU E 119 15.34 18.58 -58.18
N SER E 120 16.67 18.66 -58.21
CA SER E 120 17.46 17.75 -59.02
C SER E 120 17.20 16.30 -58.59
N ASP E 121 17.18 15.40 -59.58
CA ASP E 121 16.90 14.00 -59.31
C ASP E 121 17.89 13.37 -58.34
N GLU E 122 19.12 13.91 -58.26
CA GLU E 122 20.06 13.45 -57.26
C GLU E 122 19.57 13.77 -55.85
N GLN E 123 19.07 14.98 -55.66
CA GLN E 123 18.56 15.38 -54.34
C GLN E 123 17.36 14.55 -53.93
N GLU E 124 16.41 14.36 -54.86
CA GLU E 124 15.26 13.49 -54.58
C GLU E 124 15.70 12.06 -54.31
N ALA E 125 16.71 11.58 -55.05
CA ALA E 125 17.25 10.26 -54.80
C ALA E 125 17.78 10.14 -53.38
N GLU E 126 18.52 11.14 -52.91
CA GLU E 126 19.05 11.09 -51.55
C GLU E 126 17.92 11.18 -50.51
N ILE E 127 16.93 12.04 -50.75
CA ILE E 127 15.79 12.14 -49.86
C ILE E 127 15.10 10.79 -49.72
N GLU E 128 14.94 10.07 -50.82
CA GLU E 128 14.34 8.74 -50.75
C GLU E 128 15.29 7.72 -50.13
N ARG E 129 16.61 7.91 -50.29
CA ARG E 129 17.59 7.05 -49.61
C ARG E 129 17.39 7.12 -48.10
N LEU E 130 17.20 8.32 -47.57
CA LEU E 130 17.06 8.46 -46.12
C LEU E 130 15.71 7.93 -45.63
N MET E 131 14.69 7.90 -46.49
CA MET E 131 13.39 7.37 -46.11
C MET E 131 13.33 5.85 -46.09
N ASP E 132 14.45 5.16 -46.30
CA ASP E 132 14.48 3.70 -46.23
C ASP E 132 15.20 3.19 -45.00
N GLU E 133 16.22 3.90 -44.52
CA GLU E 133 16.88 3.55 -43.28
C GLU E 133 15.87 3.65 -42.12
N PRO E 134 15.63 2.57 -41.37
CA PRO E 134 14.68 2.66 -40.25
C PRO E 134 15.29 3.31 -39.02
N GLU E 135 16.32 4.14 -39.22
CA GLU E 135 17.01 4.82 -38.13
C GLU E 135 17.05 6.31 -38.46
N ASP E 136 16.36 7.11 -37.67
CA ASP E 136 16.37 8.57 -37.84
C ASP E 136 17.64 9.17 -37.23
N LYS E 137 18.78 8.79 -37.81
CA LYS E 137 20.08 9.20 -37.32
C LYS E 137 20.48 10.61 -37.79
N LEU E 138 19.53 11.43 -38.14
CA LEU E 138 19.90 12.77 -38.55
C LEU E 138 20.00 13.69 -37.34
N PRO E 139 20.79 14.77 -37.44
CA PRO E 139 20.98 15.65 -36.28
C PRO E 139 19.66 16.19 -35.76
N ARG E 140 19.59 16.34 -34.43
CA ARG E 140 18.42 16.86 -33.74
C ARG E 140 18.84 18.11 -32.98
N PRO E 141 18.93 19.25 -33.67
CA PRO E 141 19.32 20.50 -32.99
C PRO E 141 18.37 20.82 -31.85
N VAL E 142 18.91 21.53 -30.85
CA VAL E 142 18.20 21.78 -29.61
C VAL E 142 18.43 23.22 -29.17
N GLY E 143 17.53 23.70 -28.31
CA GLY E 143 17.62 25.06 -27.80
C GLY E 143 17.54 26.09 -28.92
N ALA E 144 18.59 26.89 -29.05
CA ALA E 144 18.61 27.93 -30.08
C ALA E 144 18.95 27.39 -31.46
N ASP E 145 19.49 26.17 -31.54
CA ASP E 145 19.82 25.57 -32.82
C ASP E 145 18.59 25.09 -33.58
N LEU E 146 17.42 25.05 -32.94
CA LEU E 146 16.21 24.58 -33.59
C LEU E 146 15.83 25.49 -34.75
N GLY E 147 14.90 25.01 -35.56
CA GLY E 147 14.39 25.79 -36.68
C GLY E 147 13.66 27.04 -36.22
N LEU E 148 13.44 27.93 -37.18
CA LEU E 148 12.78 29.20 -36.95
C LEU E 148 11.68 29.39 -37.97
N VAL E 149 10.61 30.05 -37.56
CA VAL E 149 9.44 30.26 -38.42
C VAL E 149 8.97 31.71 -38.25
N ASN E 150 8.87 32.43 -39.37
CA ASN E 150 8.38 33.80 -39.41
C ASN E 150 7.40 33.89 -40.58
N ASP E 151 6.12 33.75 -40.28
CA ASP E 151 5.08 33.77 -41.30
C ASP E 151 5.27 34.93 -42.27
N TYR E 152 5.12 34.63 -43.56
CA TYR E 152 5.26 35.63 -44.62
C TYR E 152 4.03 35.58 -45.52
N PHE E 153 2.87 35.88 -44.93
CA PHE E 153 1.62 35.88 -45.67
C PHE E 153 1.53 37.01 -46.69
N GLU E 154 2.47 37.96 -46.64
CA GLU E 154 2.49 39.05 -47.61
C GLU E 154 3.05 38.63 -48.96
N GLY E 155 3.73 37.48 -49.01
CA GLY E 155 4.39 37.07 -50.25
C GLY E 155 3.47 37.09 -51.45
N GLY E 156 2.23 36.66 -51.27
CA GLY E 156 1.23 36.71 -52.33
C GLY E 156 1.23 38.03 -53.06
N GLN E 157 1.11 39.14 -52.31
CA GLN E 157 1.00 40.44 -52.97
C GLN E 157 2.28 40.77 -53.73
N LYS E 158 3.42 40.29 -53.25
CA LYS E 158 4.65 40.40 -54.03
C LYS E 158 4.46 39.73 -55.39
N TYR E 159 4.09 38.44 -55.36
CA TYR E 159 3.78 37.74 -56.61
C TYR E 159 2.68 38.45 -57.38
N LEU E 160 1.78 39.13 -56.67
CA LEU E 160 0.79 39.96 -57.35
C LEU E 160 1.46 41.16 -58.01
N GLN E 161 2.23 41.93 -57.22
CA GLN E 161 2.92 43.11 -57.73
C GLN E 161 3.77 42.76 -58.93
N PHE E 162 4.27 41.52 -59.00
CA PHE E 162 5.00 41.06 -60.17
C PHE E 162 4.08 40.91 -61.37
N LEU E 163 3.03 40.10 -61.23
CA LEU E 163 2.12 39.87 -62.35
C LEU E 163 1.57 41.18 -62.88
N LYS E 164 1.24 42.11 -62.00
CA LYS E 164 0.66 43.39 -62.41
C LYS E 164 1.59 44.14 -63.36
N GLN E 165 2.91 44.02 -63.19
CA GLN E 165 3.80 44.76 -64.08
C GLN E 165 3.98 44.09 -65.43
N THR E 166 3.58 42.81 -65.56
CA THR E 166 3.71 42.10 -66.83
C THR E 166 2.51 42.30 -67.73
N ALA E 167 1.75 43.38 -67.52
CA ALA E 167 0.61 43.74 -68.35
C ALA E 167 0.95 45.02 -69.10
N ASP E 168 0.85 44.97 -70.43
CA ASP E 168 1.27 46.10 -71.26
C ASP E 168 0.44 47.35 -71.01
N GLU E 169 -0.71 47.23 -70.36
CA GLU E 169 -1.55 48.34 -69.93
C GLU E 169 -2.76 47.75 -69.22
N ASP E 170 -3.45 48.60 -68.46
CA ASP E 170 -4.65 48.15 -67.77
C ASP E 170 -5.72 47.75 -68.79
N PHE E 171 -6.55 46.79 -68.39
CA PHE E 171 -7.52 46.18 -69.30
C PHE E 171 -8.88 46.88 -69.21
N THR E 172 -8.87 48.21 -69.33
CA THR E 172 -10.09 48.98 -69.19
C THR E 172 -11.08 48.64 -70.30
N GLY E 173 -12.35 48.49 -69.92
CA GLY E 173 -13.40 48.21 -70.88
C GLY E 173 -13.53 46.76 -71.28
N ILE E 174 -12.95 45.83 -70.53
CA ILE E 174 -12.98 44.41 -70.84
C ILE E 174 -13.74 43.68 -69.76
N HIS E 175 -14.80 42.97 -70.16
CA HIS E 175 -15.57 42.13 -69.25
C HIS E 175 -14.99 40.72 -69.26
N VAL E 176 -14.53 40.25 -68.11
CA VAL E 176 -13.85 38.97 -67.98
C VAL E 176 -14.51 38.17 -66.86
N ALA E 177 -14.78 36.91 -67.13
CA ALA E 177 -15.31 35.98 -66.13
C ALA E 177 -14.17 35.12 -65.59
N LEU E 178 -14.19 34.89 -64.27
CA LEU E 178 -13.14 34.15 -63.60
C LEU E 178 -13.72 32.89 -62.95
N ASP E 179 -13.09 31.75 -63.20
CA ASP E 179 -13.38 30.50 -62.52
C ASP E 179 -12.09 30.01 -61.89
N CYS E 180 -11.98 30.12 -60.56
CA CYS E 180 -10.74 29.84 -59.86
C CYS E 180 -10.75 28.47 -59.17
N ALA E 181 -11.68 27.59 -59.54
CA ALA E 181 -11.74 26.22 -59.06
C ALA E 181 -11.84 26.10 -57.54
N ASN E 182 -12.18 27.19 -56.86
CA ASN E 182 -12.13 27.26 -55.39
C ASN E 182 -10.75 26.91 -54.87
N GLY E 183 -9.72 27.29 -55.63
CA GLY E 183 -8.35 26.93 -55.30
C GLY E 183 -7.50 28.09 -54.86
N ALA E 184 -6.20 28.01 -55.12
CA ALA E 184 -5.27 29.04 -54.65
C ALA E 184 -5.52 30.38 -55.32
N THR E 185 -5.98 30.38 -56.57
CA THR E 185 -6.20 31.61 -57.32
C THR E 185 -7.46 32.36 -56.91
N SER E 186 -8.20 31.87 -55.89
CA SER E 186 -9.47 32.48 -55.52
C SER E 186 -9.28 33.93 -55.07
N SER E 187 -8.39 34.15 -54.11
CA SER E 187 -8.16 35.50 -53.61
C SER E 187 -7.25 36.31 -54.54
N LEU E 188 -6.31 35.64 -55.21
CA LEU E 188 -5.30 36.36 -55.98
C LEU E 188 -5.91 36.94 -57.27
N ALA E 189 -6.47 36.09 -58.11
CA ALA E 189 -6.91 36.52 -59.43
C ALA E 189 -7.93 37.64 -59.34
N THR E 190 -8.91 37.50 -58.44
CA THR E 190 -9.94 38.53 -58.30
C THR E 190 -9.34 39.87 -57.90
N HIS E 191 -8.24 39.86 -57.14
CA HIS E 191 -7.54 41.10 -56.85
C HIS E 191 -6.83 41.63 -58.10
N LEU E 192 -6.18 40.75 -58.85
CA LEU E 192 -5.34 41.15 -59.97
C LEU E 192 -6.13 41.88 -61.05
N PHE E 193 -7.06 41.17 -61.70
CA PHE E 193 -7.79 41.77 -62.82
C PHE E 193 -8.71 42.90 -62.39
N ALA E 194 -9.10 42.96 -61.12
CA ALA E 194 -9.83 44.13 -60.64
C ALA E 194 -8.89 45.31 -60.47
N ASP E 195 -7.66 45.06 -60.01
CA ASP E 195 -6.69 46.14 -59.85
C ASP E 195 -6.11 46.60 -61.18
N LEU E 196 -6.38 45.88 -62.27
CA LEU E 196 -5.99 46.29 -63.61
C LEU E 196 -7.16 46.89 -64.38
N ASP E 197 -8.21 47.30 -63.68
CA ASP E 197 -9.34 48.03 -64.26
C ASP E 197 -10.03 47.17 -65.32
N ALA E 198 -10.47 45.99 -64.91
CA ALA E 198 -11.25 45.09 -65.75
C ALA E 198 -12.53 44.70 -65.03
N ASP E 199 -13.62 44.61 -65.78
CA ASP E 199 -14.92 44.23 -65.23
C ASP E 199 -14.90 42.74 -64.95
N VAL E 200 -14.68 42.35 -63.71
CA VAL E 200 -14.59 40.94 -63.35
C VAL E 200 -15.94 40.43 -62.89
N SER E 201 -16.29 39.22 -63.34
CA SER E 201 -17.44 38.49 -62.84
C SER E 201 -16.95 37.13 -62.37
N THR E 202 -17.16 36.83 -61.09
CA THR E 202 -16.49 35.71 -60.45
C THR E 202 -17.41 34.50 -60.31
N MET E 203 -16.78 33.34 -60.22
CA MET E 203 -17.47 32.09 -59.89
C MET E 203 -16.40 31.09 -59.47
N GLY E 204 -16.78 30.17 -58.59
CA GLY E 204 -15.80 29.28 -58.00
C GLY E 204 -14.69 29.98 -57.25
N THR E 205 -14.98 31.14 -56.66
CA THR E 205 -14.01 31.91 -55.88
C THR E 205 -14.39 31.95 -54.40
N SER E 206 -15.03 30.90 -53.90
CA SER E 206 -15.55 30.85 -52.54
C SER E 206 -15.18 29.50 -51.93
N PRO E 207 -13.89 29.28 -51.67
CA PRO E 207 -13.45 27.96 -51.20
C PRO E 207 -13.81 27.70 -49.75
N ASN E 208 -13.99 26.42 -49.43
CA ASN E 208 -14.26 26.03 -48.05
C ASN E 208 -13.50 24.77 -47.66
N GLY E 209 -12.38 24.48 -48.32
CA GLY E 209 -11.59 23.29 -48.02
C GLY E 209 -12.15 21.99 -48.52
N LEU E 210 -13.39 21.96 -49.00
CA LEU E 210 -13.99 20.75 -49.52
C LEU E 210 -14.43 20.87 -50.97
N ASN E 211 -14.50 22.08 -51.52
CA ASN E 211 -15.11 22.33 -52.81
C ASN E 211 -14.09 22.67 -53.89
N ILE E 212 -12.84 22.28 -53.73
CA ILE E 212 -11.82 22.59 -54.73
C ILE E 212 -12.01 21.66 -55.92
N ASN E 213 -11.97 22.23 -57.13
CA ASN E 213 -12.09 21.48 -58.38
C ASN E 213 -13.36 20.64 -58.42
N ASP E 214 -14.43 21.18 -57.86
CA ASP E 214 -15.71 20.48 -57.74
C ASP E 214 -16.65 21.04 -58.79
N GLY E 215 -16.63 20.43 -59.97
CA GLY E 215 -17.40 20.95 -61.09
C GLY E 215 -16.96 22.31 -61.56
N VAL E 216 -15.75 22.72 -61.19
CA VAL E 216 -15.18 24.00 -61.58
C VAL E 216 -13.72 23.79 -61.94
N GLY E 217 -13.09 24.84 -62.44
CA GLY E 217 -11.70 24.78 -62.82
C GLY E 217 -11.50 24.42 -64.28
N SER E 218 -10.22 24.35 -64.65
CA SER E 218 -9.86 24.10 -66.05
C SER E 218 -10.34 22.74 -66.53
N THR E 219 -10.36 21.73 -65.65
CA THR E 219 -10.79 20.40 -66.04
C THR E 219 -12.31 20.29 -66.18
N HIS E 220 -13.07 21.20 -65.58
CA HIS E 220 -14.54 21.21 -65.68
C HIS E 220 -15.00 22.58 -66.15
N PRO E 221 -14.70 22.94 -67.40
CA PRO E 221 -14.96 24.31 -67.87
C PRO E 221 -16.37 24.58 -68.32
N GLU E 222 -17.28 23.60 -68.28
CA GLU E 222 -18.63 23.82 -68.80
C GLU E 222 -19.40 24.82 -67.95
N ALA E 223 -19.20 24.79 -66.63
CA ALA E 223 -19.85 25.77 -65.77
C ALA E 223 -19.45 27.19 -66.17
N LEU E 224 -18.15 27.43 -66.36
CA LEU E 224 -17.70 28.74 -66.82
C LEU E 224 -18.21 29.03 -68.23
N SER E 225 -18.33 28.00 -69.07
CA SER E 225 -18.87 28.20 -70.41
C SER E 225 -20.28 28.77 -70.35
N ALA E 226 -21.12 28.21 -69.48
CA ALA E 226 -22.47 28.75 -69.30
C ALA E 226 -22.44 30.12 -68.64
N PHE E 227 -21.54 30.32 -67.67
CA PHE E 227 -21.49 31.58 -66.93
C PHE E 227 -21.08 32.74 -67.82
N VAL E 228 -20.19 32.50 -68.79
CA VAL E 228 -19.76 33.56 -69.69
C VAL E 228 -20.93 34.04 -70.53
N LYS E 229 -21.70 33.11 -71.10
CA LYS E 229 -22.89 33.49 -71.86
C LYS E 229 -23.93 34.15 -70.97
N GLU E 230 -24.03 33.71 -69.71
CA GLU E 230 -25.01 34.31 -68.80
C GLU E 230 -24.70 35.79 -68.57
N LYS E 231 -23.46 36.10 -68.16
CA LYS E 231 -23.05 37.47 -67.92
C LYS E 231 -22.56 38.15 -69.19
N ASN E 232 -22.71 37.52 -70.35
CA ASN E 232 -22.24 38.02 -71.65
C ASN E 232 -20.88 38.71 -71.54
N ALA E 233 -19.94 38.03 -70.89
CA ALA E 233 -18.59 38.58 -70.76
C ALA E 233 -17.83 38.42 -72.07
N ASP E 234 -16.73 39.16 -72.18
CA ASP E 234 -15.91 39.07 -73.39
C ASP E 234 -15.11 37.78 -73.42
N LEU E 235 -14.74 37.26 -72.24
CA LEU E 235 -14.03 35.99 -72.16
C LEU E 235 -14.09 35.50 -70.71
N GLY E 236 -13.87 34.21 -70.56
CA GLY E 236 -13.80 33.57 -69.25
C GLY E 236 -12.48 32.87 -69.07
N LEU E 237 -11.96 32.91 -67.85
CA LEU E 237 -10.68 32.29 -67.51
C LEU E 237 -10.91 31.23 -66.44
N ALA E 238 -10.45 30.00 -66.71
CA ALA E 238 -10.60 28.89 -65.78
C ALA E 238 -9.21 28.42 -65.40
N PHE E 239 -8.79 28.78 -64.19
CA PHE E 239 -7.59 28.20 -63.61
C PHE E 239 -7.95 26.89 -62.90
N ASP E 240 -6.94 26.17 -62.44
CA ASP E 240 -7.19 24.91 -61.77
C ASP E 240 -6.91 25.05 -60.27
N GLY E 241 -6.73 23.90 -59.60
CA GLY E 241 -6.62 23.92 -58.15
C GLY E 241 -5.45 24.74 -57.65
N ASP E 242 -4.26 24.48 -58.17
CA ASP E 242 -3.05 25.18 -57.76
C ASP E 242 -2.71 26.35 -58.67
N GLY E 243 -3.58 26.68 -59.62
CA GLY E 243 -3.39 27.86 -60.45
C GLY E 243 -2.23 27.80 -61.41
N ASP E 244 -1.88 26.62 -61.91
CA ASP E 244 -0.80 26.50 -62.89
C ASP E 244 -1.29 26.28 -64.31
N ARG E 245 -2.53 25.86 -64.48
CA ARG E 245 -3.13 25.71 -65.81
C ARG E 245 -4.12 26.85 -66.06
N LEU E 246 -4.51 26.98 -67.33
CA LEU E 246 -5.50 27.97 -67.72
C LEU E 246 -6.25 27.47 -68.96
N ILE E 247 -7.56 27.56 -68.91
CA ILE E 247 -8.43 27.24 -70.04
C ILE E 247 -9.33 28.44 -70.27
N ALA E 248 -9.32 28.96 -71.49
CA ALA E 248 -10.10 30.14 -71.82
C ALA E 248 -11.45 29.76 -72.44
N VAL E 249 -12.38 30.72 -72.40
CA VAL E 249 -13.71 30.57 -72.97
C VAL E 249 -14.03 31.85 -73.71
N ASP E 250 -14.39 31.73 -74.99
CA ASP E 250 -14.68 32.90 -75.79
C ASP E 250 -16.07 33.45 -75.47
N GLU E 251 -16.36 34.64 -76.00
CA GLU E 251 -17.65 35.27 -75.78
C GLU E 251 -18.81 34.42 -76.29
N LYS E 252 -18.56 33.52 -77.25
CA LYS E 252 -19.60 32.61 -77.74
C LYS E 252 -19.85 31.44 -76.79
N GLY E 253 -18.98 31.22 -75.81
CA GLY E 253 -19.12 30.11 -74.89
C GLY E 253 -18.31 28.88 -75.24
N ASN E 254 -17.48 28.94 -76.27
CA ASN E 254 -16.68 27.78 -76.69
C ASN E 254 -15.39 27.72 -75.90
N ILE E 255 -14.86 26.50 -75.76
CA ILE E 255 -13.65 26.27 -74.99
C ILE E 255 -12.44 26.63 -75.83
N VAL E 256 -11.42 27.20 -75.17
CA VAL E 256 -10.18 27.62 -75.83
C VAL E 256 -9.05 26.93 -75.07
N ASP E 257 -8.62 25.77 -75.58
CA ASP E 257 -7.68 24.91 -74.86
C ASP E 257 -6.27 25.50 -74.91
N GLY E 258 -5.30 24.71 -74.43
CA GLY E 258 -3.94 25.21 -74.30
C GLY E 258 -3.25 25.47 -75.63
N ASP E 259 -3.58 24.68 -76.66
CA ASP E 259 -2.96 24.90 -77.96
C ASP E 259 -3.35 26.24 -78.55
N GLN E 260 -4.64 26.60 -78.45
CA GLN E 260 -5.08 27.88 -78.99
C GLN E 260 -4.48 29.05 -78.24
N ILE E 261 -4.37 28.93 -76.91
CA ILE E 261 -3.78 30.01 -76.12
C ILE E 261 -2.29 30.13 -76.42
N MET E 262 -1.60 29.00 -76.58
CA MET E 262 -0.20 29.03 -77.00
C MET E 262 -0.05 29.73 -78.34
N TYR E 263 -0.89 29.37 -79.31
CA TYR E 263 -0.84 30.02 -80.62
C TYR E 263 -1.04 31.53 -80.50
N ILE E 264 -2.10 31.94 -79.81
CA ILE E 264 -2.43 33.36 -79.70
C ILE E 264 -1.28 34.14 -79.05
N CYS E 265 -0.79 33.64 -77.91
CA CYS E 265 0.20 34.38 -77.15
C CYS E 265 1.55 34.39 -77.86
N SER E 266 1.94 33.27 -78.47
CA SER E 266 3.20 33.25 -79.22
C SER E 266 3.11 34.15 -80.45
N LYS E 267 1.95 34.21 -81.10
CA LYS E 267 1.78 35.12 -82.22
C LYS E 267 1.91 36.56 -81.79
N HIS E 268 1.28 36.92 -80.67
CA HIS E 268 1.40 38.28 -80.14
C HIS E 268 2.84 38.60 -79.76
N LEU E 269 3.54 37.64 -79.16
CA LEU E 269 4.93 37.87 -78.75
C LEU E 269 5.85 38.03 -79.95
N LYS E 270 5.61 37.27 -81.03
CA LYS E 270 6.35 37.50 -82.25
C LYS E 270 6.03 38.88 -82.82
N SER E 271 4.77 39.30 -82.73
CA SER E 271 4.40 40.65 -83.16
C SER E 271 5.08 41.72 -82.31
N GLU E 272 5.47 41.38 -81.08
CA GLU E 272 6.27 42.28 -80.25
C GLU E 272 7.76 41.97 -80.32
N GLY E 273 8.17 40.98 -81.13
CA GLY E 273 9.56 40.59 -81.22
C GLY E 273 10.12 39.93 -79.99
N ARG E 274 9.31 39.70 -78.96
CA ARG E 274 9.78 39.11 -77.71
C ARG E 274 9.91 37.59 -77.79
N LEU E 275 9.31 36.95 -78.80
CA LEU E 275 9.41 35.51 -78.93
C LEU E 275 10.82 35.14 -79.37
N LYS E 276 11.54 34.40 -78.53
CA LYS E 276 12.95 34.13 -78.77
C LYS E 276 13.12 33.16 -79.92
N ASP E 277 13.84 33.58 -80.95
CA ASP E 277 14.11 32.81 -82.17
C ASP E 277 12.84 32.41 -82.91
N ASP E 278 11.69 32.96 -82.53
CA ASP E 278 10.40 32.63 -83.13
C ASP E 278 10.17 31.12 -83.17
N THR E 279 10.39 30.46 -82.03
CA THR E 279 10.09 29.05 -81.85
C THR E 279 9.22 28.86 -80.62
N VAL E 280 8.46 27.76 -80.62
CA VAL E 280 7.55 27.43 -79.53
C VAL E 280 7.67 25.95 -79.23
N VAL E 281 7.89 25.62 -77.96
CA VAL E 281 8.00 24.23 -77.51
C VAL E 281 6.61 23.72 -77.15
N SER E 282 6.34 22.46 -77.44
CA SER E 282 5.05 21.86 -77.14
C SER E 282 5.24 20.34 -77.03
N THR E 283 4.16 19.64 -76.72
CA THR E 283 4.19 18.20 -76.52
C THR E 283 3.55 17.47 -77.69
N VAL E 284 3.72 16.15 -77.69
CA VAL E 284 3.08 15.29 -78.69
C VAL E 284 1.57 15.50 -78.70
N MET E 285 0.99 15.76 -77.51
CA MET E 285 -0.47 15.89 -77.39
C MET E 285 -1.05 17.08 -78.14
N SER E 286 -0.21 17.95 -78.70
CA SER E 286 -0.73 19.12 -79.40
C SER E 286 -1.39 18.70 -80.72
N ASN E 287 -2.33 19.52 -81.18
CA ASN E 287 -3.08 19.21 -82.38
C ASN E 287 -2.30 19.58 -83.63
N LEU E 288 -2.58 18.87 -84.72
CA LEU E 288 -1.88 19.12 -85.99
C LEU E 288 -2.10 20.55 -86.47
N GLY E 289 -3.35 21.02 -86.43
CA GLY E 289 -3.64 22.36 -86.89
C GLY E 289 -2.90 23.44 -86.12
N PHE E 290 -2.50 23.14 -84.88
CA PHE E 290 -1.67 24.07 -84.13
C PHE E 290 -0.33 24.29 -84.83
N TYR E 291 0.34 23.20 -85.22
CA TYR E 291 1.60 23.33 -85.96
C TYR E 291 1.36 23.91 -87.35
N LYS E 292 0.23 23.57 -87.96
CA LYS E 292 -0.11 24.14 -89.27
C LYS E 292 -0.17 25.66 -89.19
N ALA E 293 -0.93 26.19 -88.23
CA ALA E 293 -1.03 27.64 -88.08
C ALA E 293 0.28 28.26 -87.59
N LEU E 294 1.09 27.51 -86.85
CA LEU E 294 2.40 28.01 -86.47
C LEU E 294 3.27 28.24 -87.69
N GLU E 295 3.29 27.27 -88.61
CA GLU E 295 3.98 27.47 -89.88
C GLU E 295 3.36 28.63 -90.66
N LYS E 296 2.03 28.71 -90.67
CA LYS E 296 1.36 29.79 -91.38
C LYS E 296 1.76 31.16 -90.86
N GLU E 297 2.10 31.26 -89.57
CA GLU E 297 2.58 32.51 -89.00
C GLU E 297 4.09 32.54 -88.80
N GLY E 298 4.81 31.65 -89.49
CA GLY E 298 6.25 31.67 -89.50
C GLY E 298 6.93 31.44 -88.17
N ILE E 299 6.34 30.62 -87.30
CA ILE E 299 6.93 30.29 -86.01
C ILE E 299 7.39 28.84 -86.05
N LYS E 300 8.70 28.63 -85.87
CA LYS E 300 9.22 27.28 -85.76
C LYS E 300 8.69 26.63 -84.48
N SER E 301 8.91 25.32 -84.36
CA SER E 301 8.37 24.58 -83.23
C SER E 301 9.24 23.37 -82.94
N VAL E 302 9.42 23.10 -81.65
CA VAL E 302 10.13 21.92 -81.16
C VAL E 302 9.15 21.09 -80.35
N GLN E 303 9.13 19.79 -80.61
CA GLN E 303 8.20 18.88 -79.94
C GLN E 303 8.96 18.01 -78.96
N THR E 304 8.37 17.83 -77.77
CA THR E 304 8.91 17.00 -76.72
C THR E 304 7.81 16.07 -76.21
N ALA E 305 8.17 15.18 -75.29
CA ALA E 305 7.19 14.32 -74.68
C ALA E 305 6.29 15.12 -73.75
N VAL E 306 5.15 14.51 -73.38
CA VAL E 306 4.21 15.18 -72.49
C VAL E 306 4.84 15.32 -71.10
N GLY E 307 4.31 16.28 -70.34
CA GLY E 307 4.88 16.60 -69.05
C GLY E 307 5.77 17.81 -69.15
N ASP E 308 5.70 18.69 -68.15
CA ASP E 308 6.38 19.97 -68.25
C ASP E 308 7.86 19.90 -67.93
N ARG E 309 8.35 18.79 -67.35
CA ARG E 309 9.78 18.68 -67.14
C ARG E 309 10.53 18.57 -68.47
N TYR E 310 9.93 17.93 -69.47
CA TYR E 310 10.58 17.83 -70.77
C TYR E 310 10.45 19.13 -71.56
N VAL E 311 9.29 19.78 -71.47
CA VAL E 311 9.12 21.09 -72.10
C VAL E 311 10.13 22.07 -71.54
N VAL E 312 10.31 22.06 -70.22
CA VAL E 312 11.25 23.01 -69.62
C VAL E 312 12.68 22.56 -69.87
N GLU E 313 12.93 21.25 -70.03
CA GLU E 313 14.26 20.79 -70.44
C GLU E 313 14.64 21.38 -71.80
N ALA E 314 13.71 21.32 -72.75
CA ALA E 314 13.99 21.87 -74.08
C ALA E 314 14.18 23.37 -74.03
N MET E 315 13.24 24.08 -73.38
CA MET E 315 13.37 25.53 -73.24
C MET E 315 14.65 25.91 -72.51
N LYS E 316 15.11 25.06 -71.58
CA LYS E 316 16.37 25.30 -70.88
C LYS E 316 17.54 25.22 -71.85
N LYS E 317 17.75 24.03 -72.44
CA LYS E 317 18.96 23.82 -73.22
C LYS E 317 19.02 24.74 -74.44
N ASP E 318 17.89 24.93 -75.14
CA ASP E 318 17.90 25.73 -76.35
C ASP E 318 17.59 27.20 -76.11
N GLY E 319 17.32 27.60 -74.87
CA GLY E 319 17.07 28.98 -74.55
C GLY E 319 15.83 29.55 -75.23
N TYR E 320 14.72 28.81 -75.13
CA TYR E 320 13.48 29.18 -75.80
C TYR E 320 12.55 29.93 -74.86
N ASN E 321 11.73 30.80 -75.44
CA ASN E 321 10.97 31.75 -74.64
C ASN E 321 9.67 31.16 -74.12
N VAL E 322 8.98 30.34 -74.92
CA VAL E 322 7.61 29.95 -74.65
C VAL E 322 7.47 28.44 -74.84
N GLY E 323 6.70 27.82 -73.96
CA GLY E 323 6.39 26.40 -74.09
C GLY E 323 5.03 26.15 -73.46
N GLY E 324 4.45 25.00 -73.76
CA GLY E 324 3.15 24.72 -73.20
C GLY E 324 2.66 23.34 -73.56
N GLU E 325 1.46 23.03 -73.06
CA GLU E 325 0.78 21.78 -73.31
C GLU E 325 -0.67 22.09 -73.70
N GLN E 326 -1.35 21.09 -74.24
CA GLN E 326 -2.78 21.22 -74.50
C GLN E 326 -3.58 21.36 -73.21
N SER E 327 -3.03 20.92 -72.08
CA SER E 327 -3.71 21.00 -70.79
C SER E 327 -3.99 22.43 -70.37
N GLY E 328 -3.25 23.40 -70.89
CA GLY E 328 -3.27 24.76 -70.40
C GLY E 328 -2.06 25.15 -69.59
N HIS E 329 -1.14 24.23 -69.36
CA HIS E 329 0.08 24.48 -68.60
C HIS E 329 1.08 25.17 -69.53
N LEU E 330 1.21 26.49 -69.38
CA LEU E 330 2.05 27.30 -70.26
C LEU E 330 3.18 27.93 -69.46
N ILE E 331 4.41 27.81 -69.98
CA ILE E 331 5.60 28.35 -69.35
C ILE E 331 6.13 29.48 -70.23
N PHE E 332 6.22 30.68 -69.66
CA PHE E 332 6.84 31.84 -70.28
C PHE E 332 8.11 32.13 -69.48
N LEU E 333 9.22 31.53 -69.91
CA LEU E 333 10.45 31.58 -69.12
C LEU E 333 11.01 32.99 -68.97
N ASP E 334 10.54 33.96 -69.76
CA ASP E 334 10.93 35.35 -69.52
C ASP E 334 10.52 35.83 -68.14
N TYR E 335 9.46 35.25 -67.56
CA TYR E 335 8.88 35.77 -66.33
C TYR E 335 8.80 34.76 -65.20
N ASN E 336 8.66 33.47 -65.49
CA ASN E 336 8.52 32.48 -64.43
C ASN E 336 9.06 31.14 -64.93
N THR E 337 9.24 30.21 -63.99
CA THR E 337 9.95 28.96 -64.27
C THR E 337 9.05 27.74 -64.36
N THR E 338 7.76 27.86 -64.02
CA THR E 338 6.80 26.78 -64.19
C THR E 338 5.57 27.32 -64.91
N GLY E 339 4.59 26.45 -65.11
CA GLY E 339 3.34 26.87 -65.73
C GLY E 339 2.59 27.81 -64.81
N ASP E 340 2.07 28.89 -65.39
CA ASP E 340 1.44 29.97 -64.63
C ASP E 340 0.10 30.30 -65.28
N GLY E 341 -1.00 29.90 -64.63
CA GLY E 341 -2.31 30.25 -65.13
C GLY E 341 -2.50 31.75 -65.27
N LEU E 342 -2.20 32.50 -64.21
CA LEU E 342 -2.45 33.94 -64.23
C LEU E 342 -1.54 34.65 -65.21
N LEU E 343 -0.30 34.21 -65.36
CA LEU E 343 0.59 34.81 -66.35
C LEU E 343 0.07 34.58 -67.76
N SER E 344 -0.33 33.36 -68.06
CA SER E 344 -0.96 33.06 -69.34
C SER E 344 -2.19 33.94 -69.57
N ALA E 345 -3.01 34.10 -68.53
CA ALA E 345 -4.19 34.96 -68.65
C ALA E 345 -3.80 36.40 -68.96
N ILE E 346 -2.75 36.90 -68.30
CA ILE E 346 -2.32 38.27 -68.53
C ILE E 346 -1.81 38.44 -69.95
N MET E 347 -1.09 37.44 -70.47
CA MET E 347 -0.62 37.51 -71.86
C MET E 347 -1.79 37.49 -72.84
N LEU E 348 -2.78 36.64 -72.57
CA LEU E 348 -3.98 36.59 -73.43
C LEU E 348 -4.71 37.93 -73.40
N MET E 349 -4.85 38.53 -72.23
CA MET E 349 -5.51 39.83 -72.12
C MET E 349 -4.71 40.93 -72.82
N ASN E 350 -3.38 40.85 -72.73
CA ASN E 350 -2.52 41.77 -73.48
C ASN E 350 -2.78 41.67 -74.97
N THR E 351 -2.81 40.43 -75.50
CA THR E 351 -3.12 40.22 -76.90
C THR E 351 -4.48 40.81 -77.27
N LEU E 352 -5.51 40.48 -76.49
CA LEU E 352 -6.85 40.99 -76.73
C LEU E 352 -6.87 42.52 -76.80
N LYS E 353 -6.31 43.16 -75.78
CA LYS E 353 -6.30 44.63 -75.74
C LYS E 353 -5.52 45.23 -76.90
N ALA E 354 -4.35 44.66 -77.21
CA ALA E 354 -3.49 45.26 -78.23
C ALA E 354 -4.05 45.07 -79.62
N THR E 355 -4.76 43.98 -79.88
CA THR E 355 -5.34 43.75 -81.19
C THR E 355 -6.80 44.17 -81.30
N GLY E 356 -7.47 44.41 -80.17
CA GLY E 356 -8.87 44.78 -80.16
C GLY E 356 -9.83 43.72 -80.65
N LYS E 357 -9.35 42.62 -81.21
CA LYS E 357 -10.22 41.56 -81.68
C LYS E 357 -10.83 40.80 -80.51
N PRO E 358 -11.98 40.18 -80.72
CA PRO E 358 -12.54 39.30 -79.68
C PRO E 358 -11.81 37.97 -79.65
N LEU E 359 -11.98 37.27 -78.53
CA LEU E 359 -11.26 36.02 -78.31
C LEU E 359 -11.60 34.98 -79.37
N SER E 360 -12.88 34.92 -79.78
CA SER E 360 -13.29 33.97 -80.82
C SER E 360 -12.53 34.22 -82.12
N GLU E 361 -12.37 35.49 -82.50
CA GLU E 361 -11.68 35.80 -83.76
C GLU E 361 -10.20 35.42 -83.68
N LEU E 362 -9.57 35.66 -82.53
CA LEU E 362 -8.16 35.27 -82.38
C LEU E 362 -8.00 33.76 -82.40
N ALA E 363 -8.92 33.04 -81.75
CA ALA E 363 -8.83 31.59 -81.71
C ALA E 363 -9.21 30.94 -83.03
N ALA E 364 -9.93 31.66 -83.89
CA ALA E 364 -10.30 31.09 -85.18
C ALA E 364 -9.13 31.00 -86.15
N GLU E 365 -8.04 31.72 -85.88
CA GLU E 365 -6.88 31.65 -86.76
C GLU E 365 -6.24 30.26 -86.76
N MET E 366 -6.32 29.55 -85.64
CA MET E 366 -5.81 28.18 -85.55
C MET E 366 -6.97 27.20 -85.66
N GLN E 367 -6.95 26.38 -86.70
CA GLN E 367 -8.02 25.43 -86.99
C GLN E 367 -7.63 24.05 -86.46
N LYS E 368 -8.45 23.51 -85.56
CA LYS E 368 -8.21 22.18 -85.04
C LYS E 368 -8.62 21.12 -86.05
N PHE E 369 -7.88 20.01 -86.06
CA PHE E 369 -8.18 18.89 -86.95
C PHE E 369 -9.19 17.94 -86.32
N GLY F 2 5.71 3.82 -21.87
CA GLY F 2 5.12 3.30 -20.65
C GLY F 2 4.84 4.37 -19.61
N LYS F 3 5.65 5.43 -19.62
CA LYS F 3 5.50 6.55 -18.69
C LYS F 3 5.84 7.83 -19.44
N TYR F 4 4.81 8.49 -19.97
CA TYR F 4 4.98 9.76 -20.67
C TYR F 4 4.41 10.94 -19.91
N PHE F 5 3.38 10.73 -19.09
CA PHE F 5 2.64 11.81 -18.46
C PHE F 5 3.07 11.90 -17.00
N GLY F 6 4.04 12.78 -16.74
CA GLY F 6 4.47 13.07 -15.39
C GLY F 6 3.49 13.98 -14.68
N THR F 7 3.99 14.69 -13.66
CA THR F 7 3.18 15.67 -12.96
C THR F 7 2.67 16.75 -13.93
N ASP F 8 3.58 17.39 -14.65
CA ASP F 8 3.25 18.45 -15.59
C ASP F 8 3.12 17.90 -17.01
N GLY F 9 2.36 16.82 -17.18
CA GLY F 9 2.18 16.24 -18.49
C GLY F 9 3.46 15.60 -19.00
N VAL F 10 3.66 15.68 -20.32
CA VAL F 10 4.85 15.13 -20.96
C VAL F 10 5.88 16.25 -21.07
N ARG F 11 7.06 16.04 -20.51
CA ARG F 11 8.10 17.06 -20.53
C ARG F 11 9.41 16.49 -21.03
N GLY F 12 10.18 17.34 -21.70
CA GLY F 12 11.53 16.99 -22.09
C GLY F 12 12.18 18.15 -22.79
N VAL F 13 13.48 17.99 -23.06
CA VAL F 13 14.18 18.97 -23.87
C VAL F 13 13.81 18.73 -25.33
N ALA F 14 13.48 19.79 -26.04
CA ALA F 14 12.79 19.68 -27.33
C ALA F 14 13.66 19.01 -28.38
N ASN F 15 13.00 18.32 -29.31
CA ASN F 15 13.61 17.68 -30.47
C ASN F 15 14.45 16.46 -30.08
N SER F 16 15.28 16.59 -29.06
CA SER F 16 16.13 15.47 -28.66
C SER F 16 15.38 14.46 -27.81
N GLU F 17 14.67 14.93 -26.78
CA GLU F 17 13.83 14.06 -25.96
C GLU F 17 12.36 14.21 -26.33
N LEU F 18 11.83 15.43 -26.29
CA LEU F 18 10.46 15.71 -26.72
C LEU F 18 10.49 15.95 -28.22
N THR F 19 10.38 14.87 -28.99
CA THR F 19 10.51 14.93 -30.42
C THR F 19 9.18 15.33 -31.07
N PRO F 20 9.23 16.01 -32.22
CA PRO F 20 7.99 16.29 -32.95
C PRO F 20 7.22 15.03 -33.31
N GLU F 21 7.90 13.92 -33.57
CA GLU F 21 7.20 12.65 -33.73
C GLU F 21 6.40 12.30 -32.49
N LEU F 22 7.00 12.49 -31.31
CA LEU F 22 6.30 12.22 -30.07
C LEU F 22 5.10 13.12 -29.89
N ALA F 23 5.25 14.42 -30.21
CA ALA F 23 4.13 15.33 -30.11
C ALA F 23 3.01 14.95 -31.07
N PHE F 24 3.36 14.48 -32.26
CA PHE F 24 2.36 14.01 -33.21
C PHE F 24 1.60 12.81 -32.66
N LYS F 25 2.34 11.82 -32.14
CA LYS F 25 1.70 10.66 -31.53
C LYS F 25 0.79 11.07 -30.38
N VAL F 26 1.24 12.05 -29.57
CA VAL F 26 0.44 12.57 -28.49
C VAL F 26 -0.87 13.12 -29.02
N GLY F 27 -0.78 14.03 -30.00
CA GLY F 27 -1.99 14.60 -30.56
C GLY F 27 -2.95 13.56 -31.10
N ARG F 28 -2.42 12.60 -31.87
CA ARG F 28 -3.28 11.61 -32.51
C ARG F 28 -3.97 10.72 -31.47
N PHE F 29 -3.19 10.12 -30.56
CA PHE F 29 -3.76 9.18 -29.62
C PHE F 29 -4.65 9.89 -28.60
N GLY F 30 -4.24 11.06 -28.12
CA GLY F 30 -5.09 11.82 -27.22
C GLY F 30 -6.38 12.25 -27.87
N GLY F 31 -6.34 12.68 -29.14
CA GLY F 31 -7.55 13.03 -29.85
C GLY F 31 -8.47 11.84 -30.02
N TYR F 32 -7.92 10.67 -30.31
CA TYR F 32 -8.75 9.47 -30.35
C TYR F 32 -9.38 9.20 -28.99
N VAL F 33 -8.61 9.35 -27.91
CA VAL F 33 -9.13 9.09 -26.58
C VAL F 33 -10.25 10.06 -26.24
N LEU F 34 -10.11 11.32 -26.66
CA LEU F 34 -11.13 12.34 -26.46
C LEU F 34 -12.14 12.40 -27.59
N THR F 35 -12.15 11.41 -28.47
CA THR F 35 -13.11 11.36 -29.57
C THR F 35 -14.36 10.56 -29.22
N LYS F 36 -14.30 9.74 -28.17
CA LYS F 36 -15.32 8.72 -27.93
C LYS F 36 -16.74 9.28 -27.88
N ASP F 37 -16.91 10.56 -27.54
CA ASP F 37 -18.27 11.10 -27.48
C ASP F 37 -18.77 11.44 -28.89
N LYS F 38 -18.38 12.59 -29.42
CA LYS F 38 -18.74 12.98 -30.78
C LYS F 38 -17.58 12.71 -31.72
N GLN F 39 -17.92 12.32 -32.94
CA GLN F 39 -16.89 11.99 -33.93
C GLN F 39 -16.25 13.23 -34.55
N ARG F 40 -16.14 14.30 -33.76
CA ARG F 40 -15.39 15.51 -34.08
C ARG F 40 -15.14 16.29 -32.79
N PRO F 41 -14.10 15.96 -32.04
CA PRO F 41 -13.81 16.71 -30.81
C PRO F 41 -13.38 18.13 -31.13
N LYS F 42 -13.47 18.99 -30.11
CA LYS F 42 -13.04 20.38 -30.22
C LYS F 42 -11.89 20.56 -29.22
N VAL F 43 -10.70 20.15 -29.64
CA VAL F 43 -9.49 20.41 -28.89
C VAL F 43 -8.96 21.78 -29.31
N LEU F 44 -8.67 22.63 -28.32
CA LEU F 44 -8.01 23.90 -28.62
C LEU F 44 -6.63 23.90 -27.97
N ILE F 45 -5.71 24.63 -28.60
CA ILE F 45 -4.29 24.46 -28.34
C ILE F 45 -3.63 25.83 -28.20
N GLY F 46 -2.70 25.94 -27.25
CA GLY F 46 -2.00 27.18 -27.00
C GLY F 46 -0.59 26.87 -26.54
N ARG F 47 0.25 27.91 -26.55
CA ARG F 47 1.66 27.72 -26.26
C ARG F 47 2.21 28.97 -25.58
N ASP F 48 3.43 28.85 -25.09
CA ASP F 48 4.20 30.01 -24.64
C ASP F 48 5.08 30.48 -25.79
N THR F 49 6.05 31.34 -25.49
CA THR F 49 6.86 31.94 -26.53
C THR F 49 8.09 31.11 -26.91
N ARG F 50 8.14 29.85 -26.50
CA ARG F 50 9.32 29.03 -26.77
C ARG F 50 9.47 28.76 -28.26
N ILE F 51 10.72 28.81 -28.74
CA ILE F 51 10.98 28.62 -30.17
C ILE F 51 10.59 27.21 -30.61
N SER F 52 10.62 26.24 -29.70
CA SER F 52 10.14 24.90 -30.01
C SER F 52 8.63 24.80 -29.96
N GLY F 53 7.97 25.84 -29.47
CA GLY F 53 6.52 25.85 -29.42
C GLY F 53 5.89 25.67 -30.79
N HIS F 54 6.45 26.33 -31.81
CA HIS F 54 5.88 26.24 -33.15
C HIS F 54 5.99 24.84 -33.71
N MET F 55 7.17 24.21 -33.58
CA MET F 55 7.35 22.85 -34.07
C MET F 55 6.41 21.89 -33.35
N LEU F 56 6.36 21.98 -32.02
CA LEU F 56 5.51 21.06 -31.27
C LEU F 56 4.03 21.30 -31.58
N GLU F 57 3.64 22.56 -31.77
CA GLU F 57 2.26 22.88 -32.15
C GLU F 57 1.92 22.32 -33.52
N GLY F 58 2.84 22.43 -34.48
CA GLY F 58 2.58 21.86 -35.79
C GLY F 58 2.39 20.37 -35.73
N ALA F 59 3.29 19.67 -35.01
CA ALA F 59 3.16 18.23 -34.89
C ALA F 59 1.86 17.85 -34.17
N LEU F 60 1.50 18.60 -33.13
CA LEU F 60 0.29 18.32 -32.37
C LEU F 60 -0.95 18.52 -33.21
N VAL F 61 -0.99 19.60 -34.01
CA VAL F 61 -2.15 19.84 -34.86
C VAL F 61 -2.23 18.79 -35.95
N ALA F 62 -1.09 18.37 -36.50
CA ALA F 62 -1.11 17.29 -37.48
C ALA F 62 -1.72 16.03 -36.88
N GLY F 63 -1.28 15.66 -35.67
CA GLY F 63 -1.86 14.52 -34.99
C GLY F 63 -3.36 14.67 -34.76
N LEU F 64 -3.76 15.81 -34.22
CA LEU F 64 -5.18 16.03 -33.90
C LEU F 64 -6.05 16.02 -35.16
N LEU F 65 -5.54 16.52 -36.28
CA LEU F 65 -6.31 16.48 -37.51
C LEU F 65 -6.30 15.10 -38.15
N SER F 66 -5.30 14.27 -37.86
CA SER F 66 -5.27 12.92 -38.41
C SER F 66 -6.32 12.00 -37.81
N ILE F 67 -7.18 12.48 -36.91
CA ILE F 67 -8.23 11.64 -36.35
C ILE F 67 -9.56 12.41 -36.32
N GLY F 68 -9.59 13.57 -36.97
CA GLY F 68 -10.83 14.28 -37.16
C GLY F 68 -11.16 15.35 -36.13
N ALA F 69 -10.29 15.59 -35.16
CA ALA F 69 -10.57 16.57 -34.13
C ALA F 69 -10.53 17.98 -34.70
N GLU F 70 -11.53 18.79 -34.38
CA GLU F 70 -11.53 20.20 -34.75
C GLU F 70 -10.60 20.97 -33.81
N VAL F 71 -9.63 21.68 -34.38
CA VAL F 71 -8.54 22.29 -33.63
C VAL F 71 -8.68 23.80 -33.68
N MET F 72 -8.58 24.44 -32.52
CA MET F 72 -8.68 25.89 -32.38
C MET F 72 -7.36 26.41 -31.82
N ARG F 73 -6.46 26.82 -32.72
CA ARG F 73 -5.20 27.40 -32.28
C ARG F 73 -5.46 28.70 -31.54
N LEU F 74 -4.71 28.92 -30.46
CA LEU F 74 -4.87 30.11 -29.64
C LEU F 74 -3.69 31.05 -29.67
N GLY F 75 -2.53 30.60 -30.16
CA GLY F 75 -1.34 31.43 -30.16
C GLY F 75 -0.66 31.46 -28.81
N VAL F 76 -0.16 32.64 -28.42
CA VAL F 76 0.52 32.81 -27.16
C VAL F 76 -0.51 33.20 -26.10
N ILE F 77 -0.64 32.38 -25.07
CA ILE F 77 -1.59 32.63 -24.00
C ILE F 77 -1.17 31.79 -22.80
N SER F 78 -1.43 32.30 -21.60
CA SER F 78 -1.07 31.59 -20.39
C SER F 78 -1.91 30.32 -20.23
N THR F 79 -1.35 29.35 -19.51
CA THR F 79 -2.09 28.13 -19.21
C THR F 79 -3.41 28.40 -18.48
N PRO F 80 -3.48 29.33 -17.51
CA PRO F 80 -4.80 29.73 -16.99
C PRO F 80 -5.79 30.10 -18.08
N GLY F 81 -5.36 30.91 -19.05
CA GLY F 81 -6.22 31.26 -20.15
C GLY F 81 -6.67 30.05 -20.94
N VAL F 82 -5.78 29.09 -21.12
CA VAL F 82 -6.13 27.85 -21.82
C VAL F 82 -7.25 27.13 -21.09
N SER F 83 -7.09 26.95 -19.77
CA SER F 83 -8.12 26.27 -18.99
CA SER F 83 -8.12 26.27 -18.99
C SER F 83 -9.45 27.03 -19.06
N TYR F 84 -9.40 28.35 -18.87
CA TYR F 84 -10.63 29.14 -18.88
C TYR F 84 -11.32 29.05 -20.23
N LEU F 85 -10.57 29.08 -21.33
CA LEU F 85 -11.18 29.03 -22.65
C LEU F 85 -11.75 27.64 -22.94
N THR F 86 -11.04 26.59 -22.55
CA THR F 86 -11.56 25.24 -22.75
C THR F 86 -12.86 25.03 -21.98
N LYS F 87 -12.95 25.58 -20.77
CA LYS F 87 -14.19 25.43 -20.01
C LYS F 87 -15.30 26.29 -20.59
N ALA F 88 -15.04 27.59 -20.78
CA ALA F 88 -16.07 28.53 -21.21
C ALA F 88 -16.58 28.26 -22.62
N MET F 89 -15.95 27.35 -23.37
CA MET F 89 -16.35 27.04 -24.73
C MET F 89 -16.91 25.65 -24.88
N ASP F 90 -17.13 24.95 -23.76
CA ASP F 90 -17.68 23.60 -23.77
C ASP F 90 -16.90 22.70 -24.71
N ALA F 91 -15.58 22.91 -24.76
CA ALA F 91 -14.72 22.17 -25.66
C ALA F 91 -14.19 20.90 -25.00
N GLU F 92 -13.94 19.89 -25.82
CA GLU F 92 -13.61 18.57 -25.30
C GLU F 92 -12.25 18.55 -24.60
N ALA F 93 -11.29 19.35 -25.06
CA ALA F 93 -9.96 19.32 -24.46
C ALA F 93 -9.17 20.57 -24.84
N GLY F 94 -8.14 20.81 -24.05
CA GLY F 94 -7.20 21.89 -24.30
C GLY F 94 -5.77 21.47 -24.06
N VAL F 95 -4.86 21.99 -24.87
CA VAL F 95 -3.46 21.59 -24.85
C VAL F 95 -2.60 22.84 -24.64
N MET F 96 -1.58 22.70 -23.81
CA MET F 96 -0.62 23.78 -23.58
C MET F 96 0.78 23.27 -23.84
N ILE F 97 1.46 23.86 -24.82
CA ILE F 97 2.86 23.57 -25.09
C ILE F 97 3.69 24.58 -24.31
N SER F 98 4.24 24.14 -23.18
CA SER F 98 5.05 24.99 -22.34
C SER F 98 5.73 24.11 -21.29
N ALA F 99 6.70 24.70 -20.60
CA ALA F 99 7.45 24.05 -19.53
C ALA F 99 7.81 25.15 -18.53
N SER F 100 6.78 25.64 -17.84
CA SER F 100 6.86 26.67 -16.80
C SER F 100 8.23 26.85 -16.18
N HIS F 101 8.76 28.07 -16.25
CA HIS F 101 9.98 28.53 -15.56
C HIS F 101 11.24 27.74 -15.92
N ASN F 102 11.10 26.63 -16.64
CA ASN F 102 12.26 25.87 -17.09
C ASN F 102 13.02 26.65 -18.17
N PRO F 103 14.26 26.28 -18.46
CA PRO F 103 15.02 27.00 -19.49
C PRO F 103 14.41 26.82 -20.87
N VAL F 104 14.83 27.70 -21.77
CA VAL F 104 14.21 27.80 -23.09
C VAL F 104 14.33 26.49 -23.86
N GLN F 105 15.38 25.72 -23.59
CA GLN F 105 15.62 24.48 -24.32
C GLN F 105 14.57 23.42 -24.02
N ASP F 106 13.92 23.47 -22.87
CA ASP F 106 12.94 22.47 -22.48
C ASP F 106 11.54 22.89 -22.91
N ASN F 107 10.66 21.90 -23.03
CA ASN F 107 9.26 22.14 -23.36
C ASN F 107 8.43 20.97 -22.86
N GLY F 108 7.12 21.10 -23.01
CA GLY F 108 6.20 20.09 -22.53
C GLY F 108 4.78 20.27 -23.01
N ILE F 109 4.05 19.17 -23.08
CA ILE F 109 2.65 19.15 -23.48
C ILE F 109 1.82 18.85 -22.24
N LYS F 110 0.80 19.67 -22.00
CA LYS F 110 -0.10 19.50 -20.87
C LYS F 110 -1.54 19.49 -21.36
N PHE F 111 -2.36 18.65 -20.75
CA PHE F 111 -3.73 18.41 -21.19
C PHE F 111 -4.73 18.86 -20.12
N PHE F 112 -5.85 19.41 -20.58
CA PHE F 112 -6.97 19.80 -19.74
C PHE F 112 -8.25 19.25 -20.34
N GLY F 113 -9.09 18.66 -19.49
CA GLY F 113 -10.38 18.16 -19.91
C GLY F 113 -11.38 19.26 -20.15
N GLY F 114 -12.63 18.84 -20.42
CA GLY F 114 -13.69 19.79 -20.66
C GLY F 114 -14.03 20.62 -19.44
N ASP F 115 -13.90 20.05 -18.24
CA ASP F 115 -14.19 20.77 -17.02
C ASP F 115 -13.13 21.82 -16.69
N GLY F 116 -11.97 21.75 -17.34
CA GLY F 116 -10.88 22.64 -17.04
C GLY F 116 -9.79 22.06 -16.16
N PHE F 117 -9.84 20.76 -15.89
CA PHE F 117 -8.88 20.09 -15.02
C PHE F 117 -8.04 19.11 -15.83
N LYS F 118 -6.89 18.75 -15.25
CA LYS F 118 -6.02 17.73 -15.84
C LYS F 118 -6.81 16.48 -16.18
N LEU F 119 -6.45 15.85 -17.30
CA LEU F 119 -7.16 14.66 -17.76
C LEU F 119 -7.16 13.58 -16.69
N SER F 120 -8.26 12.84 -16.63
CA SER F 120 -8.38 11.74 -15.67
C SER F 120 -7.27 10.72 -15.92
N ASP F 121 -6.78 10.12 -14.83
CA ASP F 121 -5.68 9.17 -14.93
C ASP F 121 -6.03 7.96 -15.80
N GLU F 122 -7.32 7.63 -15.92
CA GLU F 122 -7.75 6.59 -16.84
C GLU F 122 -7.47 6.98 -18.29
N GLN F 123 -7.79 8.23 -18.65
CA GLN F 123 -7.56 8.70 -20.01
C GLN F 123 -6.07 8.72 -20.33
N GLU F 124 -5.25 9.25 -19.42
CA GLU F 124 -3.80 9.22 -19.62
C GLU F 124 -3.28 7.80 -19.72
N ALA F 125 -3.83 6.89 -18.91
CA ALA F 125 -3.46 5.49 -18.98
C ALA F 125 -3.74 4.91 -20.37
N GLU F 126 -4.91 5.20 -20.92
CA GLU F 126 -5.25 4.71 -22.26
C GLU F 126 -4.34 5.34 -23.33
N ILE F 127 -4.08 6.64 -23.21
CA ILE F 127 -3.18 7.31 -24.15
C ILE F 127 -1.82 6.65 -24.14
N GLU F 128 -1.31 6.30 -22.96
CA GLU F 128 -0.02 5.61 -22.89
C GLU F 128 -0.12 4.17 -23.38
N ARG F 129 -1.29 3.54 -23.20
CA ARG F 129 -1.50 2.20 -23.76
C ARG F 129 -1.33 2.22 -25.28
N LEU F 130 -1.90 3.24 -25.94
CA LEU F 130 -1.80 3.29 -27.40
C LEU F 130 -0.40 3.65 -27.87
N MET F 131 0.39 4.34 -27.05
CA MET F 131 1.76 4.69 -27.41
C MET F 131 2.73 3.52 -27.26
N ASP F 132 2.25 2.33 -26.93
CA ASP F 132 3.10 1.16 -26.82
C ASP F 132 2.88 0.14 -27.93
N GLU F 133 1.67 0.01 -28.44
CA GLU F 133 1.40 -0.84 -29.59
C GLU F 133 2.16 -0.32 -30.80
N PRO F 134 3.03 -1.14 -31.42
CA PRO F 134 3.79 -0.65 -32.58
C PRO F 134 2.96 -0.66 -33.86
N GLU F 135 1.63 -0.59 -33.74
CA GLU F 135 0.73 -0.59 -34.88
C GLU F 135 -0.21 0.59 -34.74
N ASP F 136 -0.10 1.57 -35.63
CA ASP F 136 -0.99 2.73 -35.63
C ASP F 136 -2.33 2.36 -36.28
N LYS F 137 -3.03 1.42 -35.64
CA LYS F 137 -4.29 0.88 -36.13
C LYS F 137 -5.50 1.76 -35.81
N LEU F 138 -5.30 3.05 -35.58
CA LEU F 138 -6.42 3.93 -35.30
C LEU F 138 -7.02 4.43 -36.61
N PRO F 139 -8.30 4.82 -36.61
CA PRO F 139 -8.94 5.26 -37.85
C PRO F 139 -8.20 6.44 -38.49
N ARG F 140 -8.18 6.45 -39.81
CA ARG F 140 -7.54 7.51 -40.61
C ARG F 140 -8.62 8.12 -41.50
N PRO F 141 -9.40 9.05 -40.96
CA PRO F 141 -10.45 9.68 -41.76
C PRO F 141 -9.87 10.35 -42.99
N VAL F 142 -10.70 10.44 -44.04
CA VAL F 142 -10.25 10.90 -45.34
C VAL F 142 -11.29 11.83 -45.94
N GLY F 143 -10.85 12.64 -46.90
CA GLY F 143 -11.74 13.59 -47.56
C GLY F 143 -12.32 14.58 -46.58
N ALA F 144 -13.65 14.60 -46.46
CA ALA F 144 -14.32 15.54 -45.58
C ALA F 144 -14.31 15.09 -44.13
N ASP F 145 -14.01 13.81 -43.86
CA ASP F 145 -13.94 13.31 -42.51
C ASP F 145 -12.71 13.80 -41.75
N LEU F 146 -11.74 14.39 -42.45
CA LEU F 146 -10.52 14.86 -41.81
C LEU F 146 -10.82 15.95 -40.78
N GLY F 147 -9.81 16.24 -39.96
CA GLY F 147 -9.96 17.30 -38.99
C GLY F 147 -10.13 18.67 -39.63
N LEU F 148 -10.56 19.61 -38.81
CA LEU F 148 -10.81 20.98 -39.23
C LEU F 148 -10.13 21.93 -38.27
N VAL F 149 -9.69 23.08 -38.78
CA VAL F 149 -8.94 24.04 -37.96
C VAL F 149 -9.46 25.43 -38.27
N ASN F 150 -9.87 26.14 -37.22
CA ASN F 150 -10.32 27.54 -37.32
C ASN F 150 -9.63 28.30 -36.20
N ASP F 151 -8.47 28.89 -36.52
CA ASP F 151 -7.66 29.63 -35.56
C ASP F 151 -8.50 30.63 -34.78
N TYR F 152 -8.27 30.67 -33.46
CA TYR F 152 -8.98 31.57 -32.56
C TYR F 152 -7.95 32.32 -31.71
N PHE F 153 -7.12 33.12 -32.38
CA PHE F 153 -6.11 33.90 -31.69
C PHE F 153 -6.70 35.03 -30.86
N GLU F 154 -7.98 35.33 -31.04
CA GLU F 154 -8.66 36.33 -30.22
C GLU F 154 -9.02 35.80 -28.83
N GLY F 155 -8.91 34.48 -28.61
CA GLY F 155 -9.32 33.89 -27.36
C GLY F 155 -8.74 34.58 -26.13
N GLY F 156 -7.49 35.01 -26.23
CA GLY F 156 -6.86 35.78 -25.16
C GLY F 156 -7.76 36.87 -24.62
N GLN F 157 -8.31 37.68 -25.53
CA GLN F 157 -9.11 38.83 -25.12
C GLN F 157 -10.38 38.39 -24.38
N LYS F 158 -10.91 37.20 -24.69
CA LYS F 158 -11.94 36.63 -23.82
C LYS F 158 -11.41 36.43 -22.42
N TYR F 159 -10.32 35.64 -22.30
CA TYR F 159 -9.69 35.43 -21.00
C TYR F 159 -9.26 36.75 -20.38
N LEU F 160 -8.92 37.74 -21.21
CA LEU F 160 -8.67 39.07 -20.68
C LEU F 160 -9.95 39.70 -20.14
N GLN F 161 -11.00 39.74 -20.97
CA GLN F 161 -12.29 40.28 -20.53
C GLN F 161 -12.80 39.59 -19.28
N PHE F 162 -12.42 38.33 -19.08
CA PHE F 162 -12.76 37.66 -17.83
C PHE F 162 -12.01 38.28 -16.68
N LEU F 163 -10.67 38.31 -16.77
CA LEU F 163 -9.87 38.88 -15.68
C LEU F 163 -10.31 40.31 -15.37
N LYS F 164 -10.58 41.09 -16.41
CA LYS F 164 -10.96 42.49 -16.20
C LYS F 164 -12.22 42.62 -15.36
N GLN F 165 -13.16 41.67 -15.48
CA GLN F 165 -14.38 41.80 -14.70
C GLN F 165 -14.20 41.33 -13.26
N THR F 166 -13.12 40.60 -12.97
CA THR F 166 -12.85 40.13 -11.62
C THR F 166 -12.07 41.14 -10.79
N ALA F 167 -12.13 42.42 -11.15
CA ALA F 167 -11.47 43.49 -10.40
C ALA F 167 -12.54 44.36 -9.77
N ASP F 168 -12.46 44.53 -8.44
CA ASP F 168 -13.49 45.24 -7.71
C ASP F 168 -13.59 46.71 -8.11
N GLU F 169 -12.59 47.25 -8.78
CA GLU F 169 -12.59 48.60 -9.35
C GLU F 169 -11.25 48.80 -10.03
N ASP F 170 -11.19 49.81 -10.90
CA ASP F 170 -9.94 50.13 -11.56
C ASP F 170 -8.90 50.59 -10.55
N PHE F 171 -7.64 50.30 -10.84
CA PHE F 171 -6.55 50.54 -9.89
C PHE F 171 -5.88 51.89 -10.14
N THR F 172 -6.69 52.95 -10.22
CA THR F 172 -6.16 54.28 -10.50
C THR F 172 -5.23 54.74 -9.37
N GLY F 173 -4.12 55.35 -9.76
CA GLY F 173 -3.17 55.85 -8.79
C GLY F 173 -2.20 54.84 -8.24
N ILE F 174 -2.04 53.68 -8.87
CA ILE F 174 -1.14 52.63 -8.41
C ILE F 174 -0.06 52.43 -9.47
N HIS F 175 1.20 52.60 -9.07
CA HIS F 175 2.35 52.33 -9.92
C HIS F 175 2.78 50.89 -9.72
N VAL F 176 2.75 50.10 -10.79
CA VAL F 176 3.03 48.67 -10.71
C VAL F 176 4.10 48.31 -11.73
N ALA F 177 5.09 47.54 -11.31
CA ALA F 177 6.12 47.01 -12.19
C ALA F 177 5.78 45.57 -12.56
N LEU F 178 5.98 45.22 -13.83
CA LEU F 178 5.63 43.91 -14.35
C LEU F 178 6.88 43.20 -14.87
N ASP F 179 7.06 41.95 -14.44
CA ASP F 179 8.07 41.05 -14.98
C ASP F 179 7.36 39.81 -15.48
N CYS F 180 7.27 39.66 -16.80
CA CYS F 180 6.48 38.60 -17.42
C CYS F 180 7.33 37.45 -17.92
N ALA F 181 8.59 37.36 -17.49
CA ALA F 181 9.50 36.26 -17.79
C ALA F 181 9.72 36.06 -19.29
N ASN F 182 9.36 37.04 -20.12
CA ASN F 182 9.35 36.89 -21.58
C ASN F 182 8.51 35.69 -22.00
N GLY F 183 7.43 35.43 -21.27
CA GLY F 183 6.60 34.26 -21.51
C GLY F 183 5.23 34.61 -22.04
N ALA F 184 4.23 33.78 -21.74
CA ALA F 184 2.90 33.98 -22.29
C ALA F 184 2.25 35.27 -21.78
N THR F 185 2.58 35.68 -20.56
CA THR F 185 1.97 36.87 -19.96
C THR F 185 2.51 38.18 -20.54
N SER F 186 3.41 38.12 -21.53
CA SER F 186 4.04 39.33 -22.04
C SER F 186 3.00 40.29 -22.64
N SER F 187 2.18 39.79 -23.57
CA SER F 187 1.20 40.63 -24.22
C SER F 187 -0.05 40.85 -23.38
N LEU F 188 -0.44 39.86 -22.57
CA LEU F 188 -1.72 39.94 -21.85
C LEU F 188 -1.64 40.94 -20.70
N ALA F 189 -0.70 40.75 -19.78
CA ALA F 189 -0.66 41.55 -18.56
C ALA F 189 -0.58 43.04 -18.87
N THR F 190 0.30 43.42 -19.79
CA THR F 190 0.44 44.84 -20.12
C THR F 190 -0.86 45.42 -20.66
N HIS F 191 -1.67 44.60 -21.33
CA HIS F 191 -2.99 45.06 -21.73
C HIS F 191 -3.92 45.19 -20.53
N LEU F 192 -3.89 44.21 -19.63
CA LEU F 192 -4.85 44.15 -18.53
C LEU F 192 -4.72 45.36 -17.60
N PHE F 193 -3.57 45.48 -16.93
CA PHE F 193 -3.39 46.53 -15.94
C PHE F 193 -3.37 47.92 -16.56
N ALA F 194 -3.11 48.05 -17.86
CA ALA F 194 -3.28 49.34 -18.52
C ALA F 194 -4.75 49.65 -18.74
N ASP F 195 -5.54 48.62 -19.05
CA ASP F 195 -6.99 48.80 -19.20
C ASP F 195 -7.69 48.99 -17.86
N LEU F 196 -6.99 48.76 -16.75
CA LEU F 196 -7.51 49.02 -15.42
C LEU F 196 -6.96 50.32 -14.83
N ASP F 197 -6.39 51.18 -15.67
CA ASP F 197 -5.93 52.52 -15.29
C ASP F 197 -4.88 52.46 -14.18
N ALA F 198 -3.80 51.74 -14.46
CA ALA F 198 -2.66 51.68 -13.55
C ALA F 198 -1.38 52.05 -14.30
N ASP F 199 -0.49 52.75 -13.62
CA ASP F 199 0.79 53.15 -14.21
C ASP F 199 1.69 51.93 -14.27
N VAL F 200 1.79 51.32 -15.44
CA VAL F 200 2.58 50.10 -15.60
C VAL F 200 3.99 50.45 -16.03
N SER F 201 4.96 49.76 -15.46
CA SER F 201 6.35 49.82 -15.88
C SER F 201 6.79 48.40 -16.19
N THR F 202 7.20 48.16 -17.44
CA THR F 202 7.37 46.80 -17.92
C THR F 202 8.84 46.38 -17.94
N MET F 203 9.05 45.08 -17.83
CA MET F 203 10.35 44.45 -18.01
C MET F 203 10.10 42.96 -18.19
N GLY F 204 10.99 42.30 -18.92
CA GLY F 204 10.74 40.92 -19.29
C GLY F 204 9.47 40.73 -20.09
N THR F 205 9.06 41.76 -20.85
CA THR F 205 7.90 41.71 -21.72
C THR F 205 8.31 41.81 -23.19
N SER F 206 9.48 41.26 -23.52
CA SER F 206 10.05 41.39 -24.86
C SER F 206 10.56 40.02 -25.31
N PRO F 207 9.65 39.09 -25.57
CA PRO F 207 10.07 37.73 -25.92
C PRO F 207 10.57 37.64 -27.35
N ASN F 208 11.50 36.70 -27.58
CA ASN F 208 11.98 36.41 -28.92
C ASN F 208 12.17 34.92 -29.14
N GLY F 209 11.48 34.07 -28.38
CA GLY F 209 11.61 32.64 -28.50
C GLY F 209 12.86 32.04 -27.89
N LEU F 210 13.82 32.85 -27.48
CA LEU F 210 15.05 32.34 -26.88
C LEU F 210 15.32 32.85 -25.48
N ASN F 211 14.63 33.90 -25.02
CA ASN F 211 14.96 34.59 -23.78
C ASN F 211 13.93 34.38 -22.67
N ILE F 212 13.17 33.30 -22.74
CA ILE F 212 12.14 33.04 -21.72
C ILE F 212 12.81 32.56 -20.44
N ASN F 213 12.37 33.11 -19.31
CA ASN F 213 12.87 32.74 -17.98
C ASN F 213 14.39 32.92 -17.88
N ASP F 214 14.91 33.96 -18.52
CA ASP F 214 16.35 34.22 -18.59
C ASP F 214 16.68 35.36 -17.65
N GLY F 215 16.97 35.01 -16.39
CA GLY F 215 17.21 36.01 -15.37
C GLY F 215 16.01 36.85 -15.03
N VAL F 216 14.81 36.41 -15.42
CA VAL F 216 13.57 37.12 -15.15
C VAL F 216 12.51 36.09 -14.74
N GLY F 217 11.35 36.59 -14.34
CA GLY F 217 10.26 35.71 -13.94
C GLY F 217 10.24 35.43 -12.45
N SER F 218 9.25 34.61 -12.07
CA SER F 218 9.04 34.32 -10.65
C SER F 218 10.22 33.59 -10.03
N THR F 219 10.89 32.73 -10.79
CA THR F 219 12.04 32.02 -10.25
C THR F 219 13.29 32.87 -10.16
N HIS F 220 13.35 33.99 -10.89
CA HIS F 220 14.49 34.90 -10.88
C HIS F 220 14.00 36.31 -10.57
N PRO F 221 13.51 36.55 -9.35
CA PRO F 221 12.86 37.82 -9.05
C PRO F 221 13.79 38.96 -8.67
N GLU F 222 15.11 38.75 -8.64
CA GLU F 222 16.03 39.80 -8.20
C GLU F 222 16.06 40.97 -9.17
N ALA F 223 15.97 40.69 -10.48
CA ALA F 223 15.92 41.76 -11.47
C ALA F 223 14.73 42.68 -11.21
N LEU F 224 13.55 42.09 -11.00
CA LEU F 224 12.38 42.89 -10.64
C LEU F 224 12.55 43.60 -9.30
N SER F 225 13.24 42.96 -8.36
CA SER F 225 13.51 43.60 -7.08
C SER F 225 14.27 44.90 -7.27
N ALA F 226 15.30 44.90 -8.11
CA ALA F 226 16.02 46.13 -8.40
C ALA F 226 15.16 47.10 -9.21
N PHE F 227 14.38 46.59 -10.16
CA PHE F 227 13.60 47.46 -11.04
C PHE F 227 12.52 48.22 -10.27
N VAL F 228 11.93 47.59 -9.25
CA VAL F 228 10.89 48.25 -8.48
C VAL F 228 11.46 49.46 -7.76
N LYS F 229 12.62 49.29 -7.11
CA LYS F 229 13.27 50.41 -6.46
C LYS F 229 13.72 51.46 -7.46
N GLU F 230 14.12 51.03 -8.66
CA GLU F 230 14.56 51.99 -9.68
C GLU F 230 13.43 52.93 -10.08
N LYS F 231 12.28 52.38 -10.48
CA LYS F 231 11.13 53.17 -10.90
C LYS F 231 10.25 53.60 -9.73
N ASN F 232 10.69 53.36 -8.49
CA ASN F 232 9.93 53.65 -7.27
C ASN F 232 8.44 53.35 -7.43
N ALA F 233 8.17 52.15 -7.93
CA ALA F 233 6.79 51.69 -8.08
C ALA F 233 6.24 51.24 -6.73
N ASP F 234 4.91 51.11 -6.67
CA ASP F 234 4.28 50.66 -5.42
C ASP F 234 4.50 49.17 -5.20
N LEU F 235 4.60 48.39 -6.27
CA LEU F 235 4.86 46.96 -6.16
C LEU F 235 5.26 46.44 -7.54
N GLY F 236 5.91 45.28 -7.53
CA GLY F 236 6.28 44.58 -8.75
C GLY F 236 5.67 43.19 -8.77
N LEU F 237 5.28 42.74 -9.97
CA LEU F 237 4.68 41.44 -10.16
C LEU F 237 5.54 40.62 -11.12
N ALA F 238 5.94 39.43 -10.69
CA ALA F 238 6.77 38.53 -11.49
C ALA F 238 5.98 37.26 -11.75
N PHE F 239 5.45 37.12 -12.95
CA PHE F 239 4.89 35.86 -13.41
C PHE F 239 6.01 35.01 -14.00
N ASP F 240 5.68 33.77 -14.34
CA ASP F 240 6.66 32.87 -14.91
C ASP F 240 6.38 32.66 -16.40
N GLY F 241 6.94 31.59 -16.97
CA GLY F 241 6.85 31.41 -18.41
C GLY F 241 5.43 31.25 -18.90
N ASP F 242 4.67 30.34 -18.29
CA ASP F 242 3.30 30.06 -18.71
C ASP F 242 2.27 30.83 -17.90
N GLY F 243 2.70 31.73 -17.02
CA GLY F 243 1.78 32.59 -16.29
C GLY F 243 0.89 31.89 -15.28
N ASP F 244 1.35 30.82 -14.67
CA ASP F 244 0.57 30.13 -13.64
C ASP F 244 1.04 30.43 -12.22
N ARG F 245 2.26 30.94 -12.06
CA ARG F 245 2.79 31.36 -10.77
C ARG F 245 2.82 32.88 -10.69
N LEU F 246 2.98 33.39 -9.47
CA LEU F 246 3.12 34.83 -9.25
C LEU F 246 3.96 35.06 -8.00
N ILE F 247 4.95 35.95 -8.12
CA ILE F 247 5.77 36.37 -7.00
C ILE F 247 5.75 37.89 -6.93
N ALA F 248 5.37 38.44 -5.79
CA ALA F 248 5.25 39.88 -5.62
C ALA F 248 6.52 40.47 -5.00
N VAL F 249 6.68 41.77 -5.19
CA VAL F 249 7.80 42.54 -4.65
C VAL F 249 7.24 43.84 -4.09
N ASP F 250 7.53 44.11 -2.82
CA ASP F 250 7.00 45.31 -2.17
C ASP F 250 7.80 46.53 -2.59
N GLU F 251 7.29 47.71 -2.21
CA GLU F 251 7.95 48.97 -2.55
C GLU F 251 9.36 49.05 -1.99
N LYS F 252 9.67 48.30 -0.93
CA LYS F 252 11.02 48.27 -0.38
C LYS F 252 11.96 47.39 -1.19
N GLY F 253 11.45 46.57 -2.09
CA GLY F 253 12.27 45.67 -2.87
C GLY F 253 12.35 44.25 -2.34
N ASN F 254 11.59 43.93 -1.29
CA ASN F 254 11.64 42.60 -0.71
C ASN F 254 10.72 41.65 -1.45
N ILE F 255 11.05 40.36 -1.41
CA ILE F 255 10.28 39.34 -2.11
C ILE F 255 9.05 38.99 -1.28
N VAL F 256 7.95 38.74 -1.98
CA VAL F 256 6.67 38.39 -1.35
C VAL F 256 6.25 37.06 -1.96
N ASP F 257 6.58 35.96 -1.30
CA ASP F 257 6.41 34.63 -1.87
C ASP F 257 4.93 34.25 -1.86
N GLY F 258 4.65 32.98 -2.20
CA GLY F 258 3.27 32.54 -2.33
C GLY F 258 2.52 32.48 -1.02
N ASP F 259 3.22 32.19 0.08
CA ASP F 259 2.55 32.14 1.38
C ASP F 259 2.05 33.51 1.79
N GLN F 260 2.86 34.56 1.61
CA GLN F 260 2.44 35.90 2.01
C GLN F 260 1.27 36.38 1.15
N ILE F 261 1.31 36.09 -0.16
CA ILE F 261 0.22 36.49 -1.03
C ILE F 261 -1.05 35.71 -0.69
N MET F 262 -0.91 34.42 -0.38
CA MET F 262 -2.05 33.64 0.08
C MET F 262 -2.67 34.27 1.32
N TYR F 263 -1.83 34.61 2.30
CA TYR F 263 -2.32 35.24 3.52
C TYR F 263 -3.07 36.53 3.20
N ILE F 264 -2.45 37.41 2.42
CA ILE F 264 -3.05 38.71 2.11
C ILE F 264 -4.40 38.53 1.42
N CYS F 265 -4.43 37.69 0.38
CA CYS F 265 -5.64 37.56 -0.43
C CYS F 265 -6.75 36.84 0.34
N SER F 266 -6.41 35.80 1.11
CA SER F 266 -7.41 35.12 1.91
C SER F 266 -7.95 36.02 3.02
N LYS F 267 -7.10 36.87 3.60
CA LYS F 267 -7.57 37.81 4.60
C LYS F 267 -8.53 38.82 3.99
N HIS F 268 -8.20 39.35 2.82
CA HIS F 268 -9.11 40.27 2.15
C HIS F 268 -10.43 39.58 1.78
N LEU F 269 -10.35 38.34 1.32
CA LEU F 269 -11.57 37.63 0.92
C LEU F 269 -12.45 37.32 2.14
N LYS F 270 -11.84 37.01 3.28
CA LYS F 270 -12.61 36.88 4.51
C LYS F 270 -13.23 38.22 4.91
N SER F 271 -12.49 39.31 4.72
CA SER F 271 -13.04 40.64 4.99
C SER F 271 -14.21 40.96 4.06
N GLU F 272 -14.27 40.33 2.90
CA GLU F 272 -15.43 40.44 2.01
C GLU F 272 -16.41 39.30 2.16
N GLY F 273 -16.14 38.36 3.08
CA GLY F 273 -16.99 37.20 3.26
C GLY F 273 -16.97 36.19 2.13
N ARG F 274 -16.14 36.40 1.10
CA ARG F 274 -16.11 35.50 -0.04
C ARG F 274 -15.29 34.24 0.23
N LEU F 275 -14.47 34.24 1.28
CA LEU F 275 -13.68 33.06 1.60
C LEU F 275 -14.58 31.96 2.14
N LYS F 276 -14.66 30.84 1.43
CA LYS F 276 -15.61 29.79 1.76
C LYS F 276 -15.17 29.07 3.04
N ASP F 277 -16.05 29.08 4.04
CA ASP F 277 -15.83 28.47 5.35
C ASP F 277 -14.62 29.04 6.08
N ASP F 278 -14.03 30.12 5.57
CA ASP F 278 -12.83 30.73 6.13
C ASP F 278 -11.73 29.71 6.37
N THR F 279 -11.45 28.91 5.33
CA THR F 279 -10.36 27.96 5.34
C THR F 279 -9.49 28.18 4.10
N VAL F 280 -8.22 27.78 4.21
CA VAL F 280 -7.26 27.92 3.12
C VAL F 280 -6.44 26.64 3.03
N VAL F 281 -6.37 26.08 1.83
CA VAL F 281 -5.61 24.86 1.57
C VAL F 281 -4.18 25.23 1.21
N SER F 282 -3.23 24.43 1.66
CA SER F 282 -1.82 24.66 1.40
C SER F 282 -1.08 23.34 1.50
N THR F 283 0.23 23.39 1.25
CA THR F 283 1.08 22.20 1.23
C THR F 283 1.98 22.17 2.45
N VAL F 284 2.66 21.03 2.62
CA VAL F 284 3.67 20.88 3.67
C VAL F 284 4.74 21.96 3.55
N MET F 285 5.07 22.38 2.31
CA MET F 285 6.14 23.34 2.08
C MET F 285 5.86 24.71 2.66
N SER F 286 4.67 24.96 3.20
CA SER F 286 4.34 26.27 3.74
C SER F 286 5.09 26.53 5.04
N ASN F 287 5.30 27.81 5.34
CA ASN F 287 6.04 28.22 6.52
C ASN F 287 5.15 28.20 7.76
N LEU F 288 5.78 27.98 8.91
CA LEU F 288 5.04 27.93 10.17
C LEU F 288 4.31 29.25 10.45
N GLY F 289 5.00 30.37 10.27
CA GLY F 289 4.40 31.67 10.53
C GLY F 289 3.18 31.94 9.68
N PHE F 290 3.07 31.31 8.51
CA PHE F 290 1.87 31.41 7.71
C PHE F 290 0.66 30.87 8.46
N TYR F 291 0.78 29.65 9.01
CA TYR F 291 -0.30 29.10 9.80
C TYR F 291 -0.52 29.89 11.09
N LYS F 292 0.56 30.40 11.68
CA LYS F 292 0.43 31.23 12.87
C LYS F 292 -0.45 32.44 12.59
N ALA F 293 -0.16 33.18 11.52
CA ALA F 293 -0.96 34.35 11.19
C ALA F 293 -2.36 33.97 10.73
N LEU F 294 -2.52 32.79 10.12
CA LEU F 294 -3.85 32.31 9.77
C LEU F 294 -4.70 32.12 11.02
N GLU F 295 -4.14 31.47 12.04
CA GLU F 295 -4.82 31.37 13.33
C GLU F 295 -5.10 32.74 13.91
N LYS F 296 -4.12 33.65 13.82
CA LYS F 296 -4.27 34.99 14.37
C LYS F 296 -5.44 35.73 13.72
N GLU F 297 -5.75 35.43 12.46
CA GLU F 297 -6.89 36.02 11.78
C GLU F 297 -8.08 35.09 11.69
N GLY F 298 -8.11 34.05 12.54
CA GLY F 298 -9.28 33.18 12.63
C GLY F 298 -9.61 32.44 11.36
N ILE F 299 -8.62 32.06 10.57
CA ILE F 299 -8.81 31.31 9.34
C ILE F 299 -8.29 29.90 9.56
N LYS F 300 -9.18 28.91 9.43
CA LYS F 300 -8.77 27.52 9.48
C LYS F 300 -7.90 27.18 8.27
N SER F 301 -7.27 26.00 8.32
CA SER F 301 -6.35 25.62 7.26
C SER F 301 -6.31 24.10 7.13
N VAL F 302 -6.26 23.64 5.89
CA VAL F 302 -6.09 22.22 5.56
C VAL F 302 -4.78 22.07 4.80
N GLN F 303 -3.98 21.08 5.19
CA GLN F 303 -2.68 20.83 4.58
C GLN F 303 -2.73 19.57 3.74
N THR F 304 -2.07 19.63 2.57
CA THR F 304 -1.97 18.49 1.66
C THR F 304 -0.51 18.26 1.29
N ALA F 305 -0.29 17.19 0.53
CA ALA F 305 1.04 16.86 0.06
C ALA F 305 1.49 17.88 -1.00
N VAL F 306 2.79 17.84 -1.31
CA VAL F 306 3.34 18.74 -2.32
C VAL F 306 2.78 18.41 -3.69
N GLY F 307 2.75 19.40 -4.56
CA GLY F 307 2.12 19.25 -5.87
C GLY F 307 0.70 19.79 -5.84
N ASP F 308 0.29 20.49 -6.89
CA ASP F 308 -0.99 21.19 -6.86
C ASP F 308 -2.17 20.28 -7.18
N ARG F 309 -1.94 19.06 -7.66
CA ARG F 309 -3.06 18.15 -7.88
C ARG F 309 -3.72 17.76 -6.57
N TYR F 310 -2.96 17.67 -5.48
CA TYR F 310 -3.56 17.36 -4.18
C TYR F 310 -4.24 18.58 -3.58
N VAL F 311 -3.67 19.77 -3.79
CA VAL F 311 -4.32 20.99 -3.35
C VAL F 311 -5.70 21.10 -4.00
N VAL F 312 -5.76 20.85 -5.32
CA VAL F 312 -7.04 20.96 -6.00
C VAL F 312 -7.94 19.77 -5.68
N GLU F 313 -7.36 18.62 -5.35
CA GLU F 313 -8.16 17.49 -4.86
C GLU F 313 -8.90 17.87 -3.58
N ALA F 314 -8.20 18.50 -2.64
CA ALA F 314 -8.82 18.90 -1.38
C ALA F 314 -9.87 19.99 -1.61
N MET F 315 -9.50 21.02 -2.38
CA MET F 315 -10.48 22.06 -2.70
C MET F 315 -11.70 21.49 -3.42
N LYS F 316 -11.50 20.44 -4.22
CA LYS F 316 -12.61 19.77 -4.88
C LYS F 316 -13.53 19.10 -3.88
N LYS F 317 -13.01 18.11 -3.14
CA LYS F 317 -13.86 17.29 -2.29
C LYS F 317 -14.52 18.13 -1.19
N ASP F 318 -13.78 19.04 -0.57
CA ASP F 318 -14.33 19.79 0.55
C ASP F 318 -14.98 21.11 0.14
N GLY F 319 -14.96 21.44 -1.15
CA GLY F 319 -15.60 22.65 -1.62
C GLY F 319 -14.97 23.91 -1.07
N TYR F 320 -13.64 24.00 -1.15
CA TYR F 320 -12.89 25.11 -0.58
C TYR F 320 -12.59 26.15 -1.66
N ASN F 321 -12.48 27.39 -1.22
CA ASN F 321 -12.44 28.54 -2.14
C ASN F 321 -11.05 28.83 -2.66
N VAL F 322 -10.02 28.72 -1.82
CA VAL F 322 -8.69 29.24 -2.12
C VAL F 322 -7.65 28.18 -1.74
N GLY F 323 -6.62 28.05 -2.57
CA GLY F 323 -5.51 27.17 -2.27
C GLY F 323 -4.26 27.69 -2.93
N GLY F 324 -3.12 27.18 -2.48
CA GLY F 324 -1.87 27.66 -3.06
C GLY F 324 -0.67 26.93 -2.50
N GLU F 325 0.50 27.32 -3.03
CA GLU F 325 1.79 26.79 -2.61
C GLU F 325 2.74 27.96 -2.37
N GLN F 326 3.87 27.67 -1.73
CA GLN F 326 4.91 28.67 -1.55
C GLN F 326 5.51 29.13 -2.88
N SER F 327 5.38 28.31 -3.93
CA SER F 327 5.93 28.66 -5.23
C SER F 327 5.30 29.91 -5.82
N GLY F 328 4.08 30.26 -5.39
CA GLY F 328 3.30 31.30 -6.03
C GLY F 328 2.15 30.79 -6.86
N HIS F 329 1.97 29.48 -6.97
CA HIS F 329 0.89 28.87 -7.73
C HIS F 329 -0.37 28.91 -6.87
N LEU F 330 -1.26 29.85 -7.16
CA LEU F 330 -2.46 30.10 -6.36
C LEU F 330 -3.71 29.79 -7.18
N ILE F 331 -4.63 29.02 -6.59
CA ILE F 331 -5.88 28.64 -7.23
C ILE F 331 -7.02 29.31 -6.49
N PHE F 332 -7.80 30.10 -7.21
CA PHE F 332 -9.04 30.71 -6.73
C PHE F 332 -10.18 30.04 -7.49
N LEU F 333 -10.71 28.96 -6.92
CA LEU F 333 -11.69 28.14 -7.62
C LEU F 333 -13.00 28.87 -7.91
N ASP F 334 -13.24 30.02 -7.27
CA ASP F 334 -14.39 30.83 -7.65
C ASP F 334 -14.32 31.27 -9.10
N TYR F 335 -13.11 31.38 -9.66
CA TYR F 335 -12.92 31.96 -10.99
C TYR F 335 -12.22 31.06 -11.98
N ASN F 336 -11.33 30.16 -11.53
CA ASN F 336 -10.57 29.34 -12.45
C ASN F 336 -10.21 28.02 -11.77
N THR F 337 -9.75 27.05 -12.57
CA THR F 337 -9.55 25.69 -12.11
C THR F 337 -8.09 25.31 -11.94
N THR F 338 -7.15 26.15 -12.36
CA THR F 338 -5.73 25.92 -12.13
C THR F 338 -5.12 27.21 -11.56
N GLY F 339 -3.81 27.17 -11.33
CA GLY F 339 -3.12 28.36 -10.84
C GLY F 339 -3.09 29.44 -11.90
N ASP F 340 -3.38 30.67 -11.47
CA ASP F 340 -3.52 31.82 -12.37
C ASP F 340 -2.71 32.97 -11.81
N GLY F 341 -1.56 33.26 -12.44
CA GLY F 341 -0.74 34.39 -12.03
C GLY F 341 -1.49 35.70 -12.05
N LEU F 342 -2.15 36.00 -13.17
CA LEU F 342 -2.82 37.31 -13.31
C LEU F 342 -4.01 37.43 -12.37
N LEU F 343 -4.73 36.34 -12.14
CA LEU F 343 -5.84 36.37 -11.18
C LEU F 343 -5.34 36.67 -9.78
N SER F 344 -4.30 35.96 -9.34
CA SER F 344 -3.68 36.27 -8.05
C SER F 344 -3.23 37.71 -7.97
N ALA F 345 -2.62 38.22 -9.05
CA ALA F 345 -2.21 39.62 -9.09
C ALA F 345 -3.41 40.55 -8.93
N ILE F 346 -4.52 40.24 -9.58
CA ILE F 346 -5.70 41.08 -9.48
C ILE F 346 -6.26 41.07 -8.07
N MET F 347 -6.23 39.91 -7.41
CA MET F 347 -6.68 39.84 -6.02
C MET F 347 -5.78 40.66 -5.10
N LEU F 348 -4.47 40.58 -5.31
CA LEU F 348 -3.55 41.39 -4.53
C LEU F 348 -3.79 42.89 -4.75
N MET F 349 -4.05 43.28 -6.00
CA MET F 349 -4.32 44.68 -6.30
C MET F 349 -5.65 45.12 -5.68
N ASN F 350 -6.64 44.22 -5.65
CA ASN F 350 -7.89 44.50 -4.94
C ASN F 350 -7.63 44.80 -3.49
N THR F 351 -6.84 43.95 -2.82
CA THR F 351 -6.49 44.19 -1.43
C THR F 351 -5.81 45.54 -1.26
N LEU F 352 -4.78 45.81 -2.07
CA LEU F 352 -4.05 47.06 -1.99
C LEU F 352 -4.97 48.27 -2.13
N LYS F 353 -5.79 48.29 -3.18
CA LYS F 353 -6.66 49.43 -3.43
C LYS F 353 -7.70 49.58 -2.32
N ALA F 354 -8.31 48.47 -1.88
CA ALA F 354 -9.41 48.56 -0.92
C ALA F 354 -8.92 48.94 0.47
N THR F 355 -7.70 48.54 0.84
CA THR F 355 -7.17 48.88 2.15
C THR F 355 -6.28 50.10 2.15
N GLY F 356 -5.83 50.56 0.98
CA GLY F 356 -4.94 51.70 0.89
C GLY F 356 -3.56 51.49 1.46
N LYS F 357 -3.31 50.39 2.17
CA LYS F 357 -2.01 50.14 2.75
C LYS F 357 -1.00 49.79 1.66
N PRO F 358 0.28 50.01 1.92
CA PRO F 358 1.31 49.54 0.99
C PRO F 358 1.55 48.04 1.12
N LEU F 359 2.17 47.48 0.08
CA LEU F 359 2.35 46.03 0.03
C LEU F 359 3.21 45.53 1.19
N SER F 360 4.24 46.29 1.54
CA SER F 360 5.09 45.88 2.67
C SER F 360 4.28 45.76 3.96
N GLU F 361 3.38 46.71 4.21
CA GLU F 361 2.56 46.66 5.42
C GLU F 361 1.63 45.47 5.43
N LEU F 362 1.02 45.15 4.27
CA LEU F 362 0.15 43.99 4.20
C LEU F 362 0.93 42.69 4.41
N ALA F 363 2.12 42.60 3.82
CA ALA F 363 2.91 41.39 3.95
C ALA F 363 3.57 41.25 5.32
N ALA F 364 3.70 42.35 6.08
CA ALA F 364 4.32 42.28 7.39
C ALA F 364 3.43 41.62 8.43
N GLU F 365 2.12 41.49 8.16
CA GLU F 365 1.23 40.86 9.13
C GLU F 365 1.58 39.39 9.35
N MET F 366 2.10 38.71 8.32
CA MET F 366 2.54 37.33 8.44
C MET F 366 4.05 37.31 8.60
N GLN F 367 4.53 36.82 9.73
CA GLN F 367 5.95 36.81 10.05
C GLN F 367 6.53 35.43 9.75
N LYS F 368 7.55 35.40 8.89
CA LYS F 368 8.22 34.15 8.54
C LYS F 368 9.13 33.68 9.68
N GLU G 1 -1.76 -79.36 -22.80
CA GLU G 1 -0.74 -79.27 -23.85
C GLU G 1 0.03 -77.96 -23.68
N ALA G 2 -0.22 -77.00 -24.57
CA ALA G 2 0.27 -75.64 -24.35
C ALA G 2 -0.77 -74.76 -23.66
N GLN G 3 -1.78 -75.37 -23.04
CA GLN G 3 -2.73 -74.68 -22.19
C GLN G 3 -2.40 -74.77 -20.72
N GLN G 4 -1.69 -75.81 -20.28
CA GLN G 4 -1.26 -75.88 -18.89
C GLN G 4 -0.29 -74.75 -18.56
N LYS G 5 0.72 -74.57 -19.40
CA LYS G 5 1.47 -73.32 -19.34
C LYS G 5 0.54 -72.17 -19.76
N THR G 6 1.02 -70.95 -19.61
CA THR G 6 0.23 -69.72 -19.74
C THR G 6 -0.88 -69.68 -18.69
N ILE G 7 -1.66 -70.75 -18.53
CA ILE G 7 -2.60 -70.81 -17.41
C ILE G 7 -1.86 -70.81 -16.09
N GLU G 8 -0.81 -71.64 -15.99
CA GLU G 8 0.01 -71.64 -14.79
C GLU G 8 0.60 -70.26 -14.53
N ALA G 9 1.06 -69.60 -15.59
CA ALA G 9 1.61 -68.26 -15.45
C ALA G 9 0.56 -67.29 -14.93
N ILE G 10 -0.66 -67.36 -15.46
CA ILE G 10 -1.71 -66.42 -15.05
C ILE G 10 -2.05 -66.60 -13.57
N THR G 11 -2.25 -67.84 -13.14
CA THR G 11 -2.59 -68.07 -11.73
C THR G 11 -1.43 -67.66 -10.82
N LYS G 12 -0.19 -67.97 -11.20
CA LYS G 12 0.93 -67.58 -10.36
C LYS G 12 1.03 -66.07 -10.24
N ALA G 13 0.87 -65.37 -11.37
CA ALA G 13 0.90 -63.90 -11.35
C ALA G 13 -0.22 -63.35 -10.48
N ILE G 14 -1.42 -63.90 -10.62
CA ILE G 14 -2.57 -63.38 -9.88
C ILE G 14 -2.39 -63.62 -8.39
N ASN G 15 -1.86 -64.78 -7.99
CA ASN G 15 -1.60 -65.01 -6.58
C ASN G 15 -0.50 -64.09 -6.06
N TYR G 16 0.48 -63.77 -6.92
CA TYR G 16 1.54 -62.85 -6.53
C TYR G 16 0.97 -61.48 -6.22
N MET G 17 0.18 -60.94 -7.15
CA MET G 17 -0.39 -59.62 -6.97
C MET G 17 -1.49 -59.60 -5.91
N ALA G 18 -2.14 -60.73 -5.66
CA ALA G 18 -3.18 -60.77 -4.65
C ALA G 18 -2.59 -60.75 -3.25
N LYS G 19 -1.51 -61.50 -3.01
CA LYS G 19 -0.92 -61.48 -1.68
C LYS G 19 -0.44 -60.09 -1.30
N ARG G 20 -0.06 -59.27 -2.28
CA ARG G 20 0.46 -57.93 -2.06
C ARG G 20 -0.58 -56.84 -2.23
N ARG G 21 -1.66 -57.11 -2.96
CA ARG G 21 -2.77 -56.18 -3.16
C ARG G 21 -2.37 -55.16 -4.23
N ILE G 22 -2.05 -55.68 -5.41
CA ILE G 22 -1.65 -54.89 -6.56
C ILE G 22 -2.78 -54.95 -7.58
N GLY G 23 -3.34 -53.79 -7.90
CA GLY G 23 -4.47 -53.76 -8.83
C GLY G 23 -4.08 -54.35 -10.19
N ALA G 24 -4.99 -55.15 -10.74
CA ALA G 24 -4.73 -55.83 -12.00
C ALA G 24 -6.00 -55.98 -12.80
N LEU G 25 -5.85 -56.05 -14.12
CA LEU G 25 -6.98 -56.16 -15.04
C LEU G 25 -6.48 -56.89 -16.29
N LEU G 26 -6.83 -58.17 -16.42
CA LEU G 26 -6.32 -59.03 -17.49
C LEU G 26 -7.49 -59.64 -18.26
N THR G 27 -7.54 -59.37 -19.55
CA THR G 27 -8.67 -59.73 -20.41
C THR G 27 -8.20 -60.80 -21.40
N ILE G 28 -8.73 -62.01 -21.27
CA ILE G 28 -8.37 -63.11 -22.17
C ILE G 28 -9.40 -63.18 -23.29
N GLU G 29 -8.93 -63.07 -24.52
CA GLU G 29 -9.80 -63.17 -25.69
C GLU G 29 -10.07 -64.61 -26.05
N ARG G 30 -11.28 -64.86 -26.55
CA ARG G 30 -11.66 -66.18 -27.04
C ARG G 30 -12.21 -66.09 -28.46
N ASP G 31 -13.48 -65.73 -28.60
CA ASP G 31 -14.13 -65.70 -29.90
C ASP G 31 -14.44 -64.30 -30.41
N THR G 32 -14.76 -63.36 -29.54
CA THR G 32 -15.04 -61.99 -29.99
C THR G 32 -13.74 -61.26 -30.30
N GLY G 33 -13.69 -60.62 -31.47
CA GLY G 33 -12.51 -59.87 -31.84
C GLY G 33 -12.40 -58.59 -31.04
N MET G 34 -11.27 -58.41 -30.33
CA MET G 34 -11.07 -57.23 -29.50
C MET G 34 -9.96 -56.33 -30.03
N GLY G 35 -9.64 -56.43 -31.33
CA GLY G 35 -8.57 -55.63 -31.88
C GLY G 35 -8.77 -54.14 -31.69
N ASP G 36 -10.03 -53.68 -31.76
CA ASP G 36 -10.33 -52.28 -31.51
C ASP G 36 -9.92 -51.84 -30.11
N TYR G 37 -9.96 -52.76 -29.15
CA TYR G 37 -9.51 -52.46 -27.79
C TYR G 37 -8.02 -52.71 -27.61
N ILE G 38 -7.43 -53.61 -28.41
CA ILE G 38 -5.99 -53.81 -28.34
C ILE G 38 -5.25 -52.58 -28.85
N GLU G 39 -5.76 -51.97 -29.92
CA GLU G 39 -5.08 -50.84 -30.55
C GLU G 39 -5.13 -49.57 -29.72
N THR G 40 -5.67 -49.62 -28.51
CA THR G 40 -5.69 -48.47 -27.62
C THR G 40 -4.55 -48.47 -26.60
N GLY G 41 -3.86 -49.60 -26.44
CA GLY G 41 -2.79 -49.72 -25.48
C GLY G 41 -1.41 -49.76 -26.12
N ILE G 42 -0.43 -50.13 -25.30
CA ILE G 42 0.95 -50.25 -25.73
C ILE G 42 1.15 -51.67 -26.29
N PRO G 43 1.40 -51.82 -27.58
CA PRO G 43 1.52 -53.17 -28.15
C PRO G 43 2.79 -53.87 -27.69
N LEU G 44 2.65 -55.14 -27.32
CA LEU G 44 3.77 -55.98 -26.91
C LEU G 44 3.89 -57.25 -27.75
N ASN G 45 2.78 -57.96 -27.95
CA ASN G 45 2.80 -59.25 -28.65
C ASN G 45 3.87 -60.16 -28.06
N ALA G 46 3.97 -60.17 -26.74
CA ALA G 46 5.01 -60.88 -26.04
C ALA G 46 4.53 -62.26 -25.60
N LYS G 47 5.47 -63.19 -25.46
CA LYS G 47 5.14 -64.50 -24.92
C LYS G 47 4.77 -64.39 -23.45
N VAL G 48 3.81 -65.21 -23.03
CA VAL G 48 3.20 -65.06 -21.72
C VAL G 48 4.09 -65.71 -20.66
N SER G 49 4.35 -64.96 -19.59
CA SER G 49 5.13 -65.45 -18.47
C SER G 49 4.67 -64.74 -17.22
N SER G 50 4.72 -65.43 -16.09
CA SER G 50 4.28 -64.83 -14.83
C SER G 50 5.08 -63.57 -14.52
N GLU G 51 6.40 -63.64 -14.74
CA GLU G 51 7.25 -62.50 -14.42
C GLU G 51 6.89 -61.28 -15.26
N LEU G 52 6.61 -61.48 -16.55
CA LEU G 52 6.23 -60.36 -17.40
C LEU G 52 4.92 -59.75 -16.93
N LEU G 53 3.93 -60.59 -16.58
CA LEU G 53 2.66 -60.07 -16.09
C LEU G 53 2.86 -59.25 -14.81
N ILE G 54 3.65 -59.76 -13.87
CA ILE G 54 3.98 -59.01 -12.66
C ILE G 54 4.62 -57.67 -13.02
N ASN G 55 5.54 -57.69 -13.98
CA ASN G 55 6.20 -56.45 -14.39
C ASN G 55 5.22 -55.46 -14.98
N ILE G 56 4.21 -55.95 -15.70
CA ILE G 56 3.28 -55.04 -16.35
C ILE G 56 2.52 -54.22 -15.32
N PHE G 57 1.94 -54.89 -14.33
CA PHE G 57 1.02 -54.25 -13.41
C PHE G 57 1.69 -53.72 -12.16
N ILE G 58 2.88 -53.12 -12.25
CA ILE G 58 3.50 -52.60 -11.03
C ILE G 58 2.71 -51.34 -10.65
N PRO G 59 2.54 -51.06 -9.32
CA PRO G 59 1.61 -50.02 -8.88
C PRO G 59 1.52 -48.75 -9.72
N ASN G 60 2.61 -48.05 -9.96
CA ASN G 60 2.53 -46.84 -10.77
C ASN G 60 3.62 -46.90 -11.83
N THR G 61 3.21 -47.06 -13.09
CA THR G 61 4.12 -47.34 -14.19
C THR G 61 3.41 -46.99 -15.49
N PRO G 62 4.15 -46.80 -16.58
CA PRO G 62 3.49 -46.53 -17.85
C PRO G 62 2.60 -47.67 -18.31
N LEU G 63 2.98 -48.92 -18.02
CA LEU G 63 2.20 -50.08 -18.46
C LEU G 63 1.26 -50.56 -17.38
N HIS G 64 0.59 -49.67 -16.66
CA HIS G 64 -0.30 -50.08 -15.59
C HIS G 64 -1.66 -49.43 -15.64
N ASP G 65 -1.81 -48.28 -16.29
CA ASP G 65 -3.09 -47.59 -16.35
C ASP G 65 -3.82 -48.14 -17.57
N GLY G 66 -4.62 -49.16 -17.32
CA GLY G 66 -5.28 -49.90 -18.38
C GLY G 66 -5.26 -51.39 -18.05
N ALA G 67 -5.56 -52.19 -19.08
CA ALA G 67 -5.69 -53.63 -18.94
C ALA G 67 -4.77 -54.34 -19.91
N VAL G 68 -4.28 -55.49 -19.49
CA VAL G 68 -3.53 -56.36 -20.39
C VAL G 68 -4.50 -57.22 -21.17
N ILE G 69 -4.23 -57.39 -22.46
CA ILE G 69 -5.08 -58.16 -23.36
C ILE G 69 -4.28 -59.37 -23.84
N MET G 70 -4.85 -60.56 -23.67
CA MET G 70 -4.21 -61.79 -24.09
C MET G 70 -4.89 -62.33 -25.35
N LYS G 71 -4.13 -62.40 -26.44
CA LYS G 71 -4.61 -63.01 -27.68
C LYS G 71 -3.72 -64.20 -27.97
N ASN G 72 -4.32 -65.30 -28.43
CA ASN G 72 -3.61 -66.57 -28.61
C ASN G 72 -3.04 -66.93 -27.24
N ASN G 73 -1.75 -67.20 -27.12
CA ASN G 73 -1.07 -67.39 -25.85
C ASN G 73 0.00 -66.31 -25.69
N GLU G 74 -0.33 -65.09 -26.12
CA GLU G 74 0.57 -63.95 -26.10
C GLU G 74 -0.11 -62.72 -25.54
N ILE G 75 0.64 -61.92 -24.78
CA ILE G 75 0.17 -60.63 -24.29
C ILE G 75 0.21 -59.66 -25.46
N ALA G 76 -0.92 -59.46 -26.13
CA ALA G 76 -0.96 -58.61 -27.30
C ALA G 76 -0.61 -57.16 -26.96
N ALA G 77 -1.22 -56.63 -25.90
CA ALA G 77 -0.97 -55.24 -25.53
C ALA G 77 -1.31 -55.04 -24.05
N ALA G 78 -0.82 -53.92 -23.53
CA ALA G 78 -1.08 -53.50 -22.16
C ALA G 78 -1.56 -52.05 -22.16
N ALA G 79 -2.06 -51.61 -21.01
CA ALA G 79 -2.60 -50.26 -20.85
C ALA G 79 -3.71 -49.98 -21.85
N CYS G 80 -4.56 -50.99 -22.11
CA CYS G 80 -5.69 -50.84 -23.00
C CYS G 80 -6.86 -50.20 -22.27
N TYR G 81 -7.72 -49.53 -23.03
CA TYR G 81 -8.85 -48.79 -22.46
C TYR G 81 -9.91 -49.66 -21.77
N LEU G 82 -10.88 -50.14 -22.56
CA LEU G 82 -12.07 -50.92 -22.22
C LEU G 82 -13.23 -50.00 -21.83
N PRO G 83 -14.45 -50.36 -22.20
CA PRO G 83 -15.63 -49.54 -21.86
C PRO G 83 -16.15 -49.77 -20.46
N LEU G 84 -16.69 -48.70 -19.89
CA LEU G 84 -17.32 -48.78 -18.57
C LEU G 84 -18.74 -49.28 -18.73
N SER G 85 -19.24 -50.02 -17.73
CA SER G 85 -20.52 -50.69 -17.89
C SER G 85 -21.71 -49.85 -17.44
N GLU G 86 -21.61 -49.19 -16.28
CA GLU G 86 -22.69 -48.38 -15.73
C GLU G 86 -23.91 -49.22 -15.36
N SER G 87 -23.66 -50.41 -14.75
CA SER G 87 -24.69 -51.35 -14.31
C SER G 87 -24.89 -51.23 -12.81
N PRO G 88 -26.13 -51.44 -12.32
CA PRO G 88 -26.39 -51.30 -10.88
C PRO G 88 -25.90 -52.45 -10.03
N PHE G 89 -25.74 -53.65 -10.60
CA PHE G 89 -25.31 -54.79 -9.79
C PHE G 89 -23.84 -54.73 -9.40
N ILE G 90 -23.12 -53.69 -9.81
CA ILE G 90 -21.77 -53.45 -9.29
C ILE G 90 -21.91 -52.75 -7.95
N SER G 91 -21.52 -53.43 -6.88
CA SER G 91 -21.51 -52.80 -5.57
C SER G 91 -20.58 -51.60 -5.59
N LYS G 92 -21.11 -50.42 -5.29
CA LYS G 92 -20.29 -49.23 -5.29
C LYS G 92 -19.23 -49.33 -4.21
N GLU G 93 -18.32 -48.35 -4.24
CA GLU G 93 -17.08 -48.32 -3.47
C GLU G 93 -16.11 -49.33 -4.07
N LEU G 94 -16.47 -49.89 -5.23
CA LEU G 94 -15.63 -50.71 -6.09
C LEU G 94 -15.91 -50.24 -7.52
N GLY G 95 -14.93 -50.40 -8.40
CA GLY G 95 -15.22 -49.97 -9.76
C GLY G 95 -13.93 -49.67 -10.51
N THR G 96 -14.02 -48.65 -11.36
CA THR G 96 -12.93 -48.25 -12.24
C THR G 96 -12.46 -49.47 -13.02
N ARG G 97 -11.63 -50.29 -12.39
CA ARG G 97 -11.21 -51.55 -13.03
C ARG G 97 -12.37 -52.53 -13.12
N HIS G 98 -13.11 -52.71 -12.02
CA HIS G 98 -14.25 -53.64 -12.05
C HIS G 98 -15.31 -53.20 -13.04
N ARG G 99 -15.63 -51.91 -13.06
CA ARG G 99 -16.59 -51.39 -14.03
C ARG G 99 -16.14 -51.66 -15.46
N ALA G 100 -14.87 -51.42 -15.75
CA ALA G 100 -14.36 -51.69 -17.09
C ALA G 100 -14.39 -53.17 -17.42
N ALA G 101 -14.11 -54.01 -16.43
CA ALA G 101 -14.11 -55.46 -16.65
C ALA G 101 -15.52 -55.95 -17.02
N VAL G 102 -16.52 -55.56 -16.22
CA VAL G 102 -17.87 -55.97 -16.54
C VAL G 102 -18.34 -55.34 -17.86
N GLY G 103 -17.90 -54.11 -18.14
CA GLY G 103 -18.26 -53.49 -19.41
C GLY G 103 -17.71 -54.23 -20.61
N ILE G 104 -16.47 -54.70 -20.53
CA ILE G 104 -15.91 -55.45 -21.64
C ILE G 104 -16.45 -56.87 -21.69
N SER G 105 -16.91 -57.40 -20.56
CA SER G 105 -17.52 -58.73 -20.58
C SER G 105 -18.95 -58.68 -21.08
N GLU G 106 -19.58 -57.50 -21.04
CA GLU G 106 -20.90 -57.34 -21.63
C GLU G 106 -20.83 -57.37 -23.16
N VAL G 107 -19.75 -56.81 -23.74
CA VAL G 107 -19.66 -56.69 -25.18
C VAL G 107 -19.01 -57.90 -25.85
N THR G 108 -18.17 -58.65 -25.12
CA THR G 108 -17.37 -59.70 -25.73
C THR G 108 -17.51 -61.01 -24.95
N ASP G 109 -17.02 -62.07 -25.58
CA ASP G 109 -16.89 -63.39 -24.98
C ASP G 109 -15.65 -63.49 -24.09
N SER G 110 -14.89 -62.41 -23.96
CA SER G 110 -13.64 -62.41 -23.22
C SER G 110 -13.87 -62.72 -21.74
N LEU G 111 -12.86 -63.31 -21.12
CA LEU G 111 -12.85 -63.62 -19.70
C LEU G 111 -11.92 -62.64 -18.99
N THR G 112 -12.45 -61.81 -18.10
CA THR G 112 -11.65 -60.74 -17.51
C THR G 112 -11.38 -61.03 -16.03
N ILE G 113 -10.11 -61.13 -15.67
CA ILE G 113 -9.69 -61.30 -14.29
C ILE G 113 -9.31 -59.94 -13.72
N ILE G 114 -9.64 -59.72 -12.44
CA ILE G 114 -9.39 -58.44 -11.79
C ILE G 114 -8.80 -58.70 -10.40
N VAL G 115 -7.84 -57.87 -10.02
CA VAL G 115 -7.29 -57.90 -8.67
C VAL G 115 -7.48 -56.51 -8.07
N SER G 116 -8.14 -56.46 -6.92
CA SER G 116 -8.50 -55.19 -6.30
C SER G 116 -7.32 -54.58 -5.58
N GLU G 117 -7.05 -53.30 -5.86
CA GLU G 117 -5.98 -52.59 -5.16
C GLU G 117 -6.35 -52.28 -3.71
N GLU G 118 -7.63 -52.38 -3.35
CA GLU G 118 -8.09 -52.09 -1.99
C GLU G 118 -8.11 -53.33 -1.09
N THR G 119 -8.66 -54.43 -1.58
CA THR G 119 -8.81 -55.65 -0.79
C THR G 119 -7.77 -56.71 -1.13
N GLY G 120 -7.39 -56.82 -2.40
CA GLY G 120 -6.60 -57.93 -2.86
C GLY G 120 -7.39 -59.17 -3.25
N GLY G 121 -8.72 -59.07 -3.30
CA GLY G 121 -9.54 -60.21 -3.70
C GLY G 121 -9.61 -60.34 -5.22
N VAL G 122 -9.61 -61.59 -5.67
CA VAL G 122 -9.62 -61.89 -7.10
C VAL G 122 -11.07 -61.93 -7.58
N SER G 123 -11.36 -61.22 -8.66
CA SER G 123 -12.68 -61.16 -9.26
C SER G 123 -12.60 -61.61 -10.71
N VAL G 124 -13.74 -62.03 -11.24
CA VAL G 124 -13.82 -62.50 -12.63
C VAL G 124 -15.08 -61.95 -13.28
N ALA G 125 -15.00 -61.67 -14.57
CA ALA G 125 -16.09 -61.09 -15.34
C ALA G 125 -16.31 -61.87 -16.62
N LYS G 126 -17.55 -62.31 -16.82
CA LYS G 126 -17.96 -63.06 -18.00
C LYS G 126 -19.42 -62.80 -18.31
N ASN G 127 -19.72 -62.42 -19.55
CA ASN G 127 -21.08 -62.21 -20.04
C ASN G 127 -21.84 -61.18 -19.20
N GLY G 128 -21.13 -60.23 -18.60
CA GLY G 128 -21.76 -59.22 -17.79
C GLY G 128 -21.90 -59.59 -16.32
N ASP G 129 -21.49 -60.78 -15.93
CA ASP G 129 -21.59 -61.25 -14.56
C ASP G 129 -20.22 -61.16 -13.90
N LEU G 130 -20.20 -60.61 -12.68
CA LEU G 130 -18.98 -60.36 -11.93
C LEU G 130 -18.99 -61.23 -10.67
N HIS G 131 -18.09 -62.20 -10.61
CA HIS G 131 -17.92 -63.04 -9.44
C HIS G 131 -16.80 -62.46 -8.59
N ARG G 132 -17.11 -62.09 -7.36
CA ARG G 132 -16.12 -61.54 -6.45
C ARG G 132 -15.58 -62.61 -5.50
N GLU G 133 -14.41 -62.35 -4.94
CA GLU G 133 -13.80 -63.15 -3.89
C GLU G 133 -13.71 -64.63 -4.31
N LEU G 134 -12.77 -64.88 -5.22
CA LEU G 134 -12.50 -66.21 -5.72
C LEU G 134 -11.31 -66.83 -5.00
N THR G 135 -11.37 -68.14 -4.81
CA THR G 135 -10.26 -68.89 -4.26
C THR G 135 -9.29 -69.29 -5.36
N GLU G 136 -8.11 -69.75 -4.95
CA GLU G 136 -7.09 -70.10 -5.93
C GLU G 136 -7.54 -71.25 -6.83
N GLU G 137 -8.23 -72.25 -6.25
CA GLU G 137 -8.72 -73.34 -7.06
C GLU G 137 -10.00 -72.98 -7.79
N ALA G 138 -10.74 -71.99 -7.30
CA ALA G 138 -11.88 -71.47 -8.06
C ALA G 138 -11.40 -70.78 -9.33
N LEU G 139 -10.38 -69.93 -9.22
CA LEU G 139 -9.77 -69.33 -10.40
C LEU G 139 -9.13 -70.38 -11.30
N LYS G 140 -8.54 -71.42 -10.72
CA LYS G 140 -7.91 -72.45 -11.53
C LYS G 140 -8.96 -73.21 -12.35
N GLU G 141 -10.06 -73.62 -11.70
CA GLU G 141 -11.15 -74.28 -12.41
C GLU G 141 -11.77 -73.37 -13.46
N MET G 142 -11.94 -72.07 -13.14
CA MET G 142 -12.45 -71.13 -14.12
C MET G 142 -11.53 -71.03 -15.34
N LEU G 143 -10.21 -70.98 -15.11
CA LEU G 143 -9.28 -70.85 -16.22
C LEU G 143 -9.08 -72.16 -16.97
N GLU G 144 -9.42 -73.29 -16.38
CA GLU G 144 -9.44 -74.53 -17.14
C GLU G 144 -10.73 -74.67 -17.93
N ALA G 145 -11.80 -73.99 -17.50
CA ALA G 145 -13.02 -73.93 -18.28
C ALA G 145 -12.81 -73.22 -19.62
N GLU G 146 -11.88 -72.28 -19.67
CA GLU G 146 -11.52 -71.61 -20.92
C GLU G 146 -10.98 -72.61 -21.95
N GLU H 1 14.74 -47.31 -42.77
CA GLU H 1 14.79 -46.34 -41.67
C GLU H 1 13.63 -46.55 -40.71
N ALA H 2 13.10 -47.77 -40.65
CA ALA H 2 12.18 -48.14 -39.58
C ALA H 2 12.90 -48.75 -38.40
N GLN H 3 14.22 -48.53 -38.31
CA GLN H 3 15.02 -48.88 -37.14
C GLN H 3 15.15 -47.70 -36.19
N GLN H 4 14.90 -46.48 -36.66
CA GLN H 4 14.90 -45.32 -35.78
C GLN H 4 13.89 -45.50 -34.68
N LYS H 5 12.66 -45.88 -35.03
CA LYS H 5 11.74 -46.40 -34.03
C LYS H 5 12.34 -47.70 -33.50
N THR H 6 12.91 -47.62 -32.30
CA THR H 6 13.71 -48.61 -31.58
C THR H 6 14.84 -47.85 -30.91
N ILE H 7 15.58 -47.08 -31.70
CA ILE H 7 16.56 -46.18 -31.12
C ILE H 7 15.87 -45.12 -30.27
N GLU H 8 14.76 -44.57 -30.77
CA GLU H 8 13.98 -43.62 -29.99
C GLU H 8 13.49 -44.24 -28.69
N ALA H 9 13.00 -45.48 -28.75
CA ALA H 9 12.52 -46.16 -27.56
C ALA H 9 13.65 -46.37 -26.56
N ILE H 10 14.80 -46.83 -27.05
CA ILE H 10 15.94 -47.08 -26.17
C ILE H 10 16.42 -45.79 -25.53
N THR H 11 16.53 -44.72 -26.32
CA THR H 11 17.00 -43.44 -25.77
C THR H 11 16.02 -42.90 -24.75
N LYS H 12 14.72 -42.96 -25.03
CA LYS H 12 13.75 -42.45 -24.07
C LYS H 12 13.77 -43.27 -22.78
N ALA H 13 13.83 -44.60 -22.90
CA ALA H 13 13.89 -45.44 -21.71
C ALA H 13 15.15 -45.19 -20.90
N ILE H 14 16.29 -45.07 -21.57
CA ILE H 14 17.56 -44.88 -20.86
C ILE H 14 17.59 -43.51 -20.19
N ASN H 15 17.12 -42.47 -20.87
CA ASN H 15 17.08 -41.15 -20.24
C ASN H 15 16.08 -41.12 -19.10
N TYR H 16 14.98 -41.87 -19.22
CA TYR H 16 14.00 -41.94 -18.15
C TYR H 16 14.61 -42.58 -16.91
N MET H 17 15.24 -43.75 -17.07
CA MET H 17 15.83 -44.42 -15.92
C MET H 17 17.05 -43.69 -15.40
N ALA H 18 17.72 -42.88 -16.24
CA ALA H 18 18.87 -42.12 -15.76
C ALA H 18 18.42 -40.95 -14.89
N LYS H 19 17.37 -40.23 -15.32
CA LYS H 19 16.86 -39.12 -14.52
C LYS H 19 16.34 -39.59 -13.17
N ARG H 20 15.93 -40.85 -13.08
CA ARG H 20 15.42 -41.43 -11.84
C ARG H 20 16.49 -42.17 -11.05
N ARG H 21 17.45 -42.77 -11.76
CA ARG H 21 18.60 -43.52 -11.23
C ARG H 21 18.12 -44.95 -11.04
N ILE H 22 17.65 -45.54 -12.14
CA ILE H 22 17.11 -46.88 -12.19
C ILE H 22 18.12 -47.78 -12.90
N GLY H 23 18.62 -48.78 -12.18
CA GLY H 23 19.61 -49.67 -12.78
C GLY H 23 19.06 -50.37 -14.00
N ALA H 24 19.88 -50.44 -15.04
CA ALA H 24 19.46 -51.01 -16.32
C ALA H 24 20.65 -51.67 -16.99
N LEU H 25 20.36 -52.67 -17.82
CA LEU H 25 21.40 -53.44 -18.52
C LEU H 25 20.77 -53.94 -19.82
N LEU H 26 21.11 -53.31 -20.92
CA LEU H 26 20.51 -53.58 -22.22
C LEU H 26 21.63 -53.97 -23.17
N THR H 27 21.51 -55.13 -23.81
CA THR H 27 22.64 -55.74 -24.49
C THR H 27 22.61 -55.62 -26.01
N ILE H 28 21.47 -55.86 -26.66
CA ILE H 28 21.30 -55.75 -28.11
C ILE H 28 22.24 -56.68 -28.88
N GLU H 29 21.67 -57.61 -29.65
CA GLU H 29 22.45 -58.50 -30.49
C GLU H 29 22.79 -57.81 -31.82
N ARG H 30 23.97 -58.16 -32.35
CA ARG H 30 24.35 -57.68 -33.68
C ARG H 30 24.66 -58.84 -34.62
N ASP H 31 25.90 -59.34 -34.59
CA ASP H 31 26.30 -60.43 -35.47
C ASP H 31 26.61 -61.73 -34.74
N THR H 32 27.12 -61.66 -33.52
CA THR H 32 27.40 -62.87 -32.76
C THR H 32 26.10 -63.42 -32.19
N GLY H 33 25.90 -64.73 -32.32
CA GLY H 33 24.69 -65.34 -31.81
C GLY H 33 24.70 -65.36 -30.29
N MET H 34 23.65 -64.81 -29.68
CA MET H 34 23.55 -64.73 -28.23
C MET H 34 22.48 -65.66 -27.68
N GLY H 35 22.10 -66.68 -28.46
CA GLY H 35 21.07 -67.60 -28.01
C GLY H 35 21.42 -68.30 -26.71
N ASP H 36 22.69 -68.62 -26.51
CA ASP H 36 23.12 -69.24 -25.27
C ASP H 36 22.80 -68.35 -24.07
N TYR H 37 22.87 -67.05 -24.25
CA TYR H 37 22.56 -66.11 -23.17
C TYR H 37 21.08 -65.75 -23.13
N ILE H 38 20.39 -65.81 -24.27
CA ILE H 38 18.95 -65.57 -24.27
C ILE H 38 18.22 -66.69 -23.54
N GLU H 39 18.65 -67.94 -23.78
CA GLU H 39 17.95 -69.09 -23.20
C GLU H 39 18.15 -69.23 -21.70
N THR H 40 18.88 -68.32 -21.05
CA THR H 40 19.02 -68.37 -19.61
C THR H 40 18.06 -67.45 -18.88
N GLY H 41 17.39 -66.54 -19.60
CA GLY H 41 16.47 -65.60 -19.01
C GLY H 41 15.02 -65.96 -19.30
N ILE H 42 14.15 -64.99 -19.02
CA ILE H 42 12.71 -65.15 -19.25
C ILE H 42 12.42 -64.73 -20.68
N PRO H 43 12.03 -65.64 -21.56
CA PRO H 43 11.79 -65.26 -22.96
C PRO H 43 10.56 -64.38 -23.09
N LEU H 44 10.69 -63.32 -23.89
CA LEU H 44 9.57 -62.41 -24.13
C LEU H 44 9.22 -62.28 -25.60
N ASN H 45 10.20 -62.09 -26.47
CA ASN H 45 9.97 -61.83 -27.90
C ASN H 45 8.97 -60.69 -28.09
N ALA H 46 9.13 -59.64 -27.29
CA ALA H 46 8.18 -58.54 -27.26
C ALA H 46 8.61 -57.42 -28.20
N LYS H 47 7.63 -56.65 -28.67
CA LYS H 47 7.94 -55.45 -29.44
C LYS H 47 8.58 -54.42 -28.53
N VAL H 48 9.55 -53.69 -29.08
CA VAL H 48 10.39 -52.79 -28.29
C VAL H 48 9.64 -51.48 -28.07
N SER H 49 9.58 -51.05 -26.82
CA SER H 49 8.94 -49.79 -26.47
C SER H 49 9.59 -49.28 -25.19
N SER H 50 9.67 -47.95 -25.07
CA SER H 50 10.31 -47.35 -23.90
C SER H 50 9.58 -47.75 -22.61
N GLU H 51 8.25 -47.76 -22.65
CA GLU H 51 7.47 -48.09 -21.45
C GLU H 51 7.76 -49.51 -21.00
N LEU H 52 7.85 -50.44 -21.94
CA LEU H 52 8.12 -51.82 -21.58
C LEU H 52 9.49 -51.95 -20.92
N LEU H 53 10.52 -51.32 -21.48
CA LEU H 53 11.86 -51.39 -20.90
C LEU H 53 11.88 -50.80 -19.49
N ILE H 54 11.29 -49.61 -19.34
CA ILE H 54 11.21 -48.99 -18.02
C ILE H 54 10.54 -49.92 -17.03
N ASN H 55 9.43 -50.53 -17.43
CA ASN H 55 8.74 -51.47 -16.56
C ASN H 55 9.63 -52.67 -16.25
N ILE H 56 10.46 -53.08 -17.21
CA ILE H 56 11.35 -54.21 -16.99
C ILE H 56 12.32 -53.91 -15.86
N PHE H 57 12.95 -52.73 -15.88
CA PHE H 57 13.98 -52.47 -14.88
C PHE H 57 13.46 -51.78 -13.62
N ILE H 58 12.21 -52.02 -13.24
CA ILE H 58 11.71 -51.42 -12.00
C ILE H 58 12.25 -52.23 -10.83
N PRO H 59 12.64 -51.58 -9.72
CA PRO H 59 13.20 -52.30 -8.57
C PRO H 59 12.50 -53.60 -8.18
N ASN H 60 11.44 -53.49 -7.38
CA ASN H 60 10.65 -54.62 -6.88
C ASN H 60 10.52 -55.81 -7.82
N THR H 61 10.35 -55.55 -9.11
CA THR H 61 9.85 -56.59 -10.02
C THR H 61 10.85 -57.73 -10.24
N PRO H 62 10.35 -58.90 -10.64
CA PRO H 62 11.25 -60.03 -10.94
C PRO H 62 12.10 -59.84 -12.19
N LEU H 63 11.63 -59.10 -13.20
CA LEU H 63 12.36 -59.00 -14.46
C LEU H 63 13.31 -57.81 -14.49
N HIS H 64 14.07 -57.60 -13.42
CA HIS H 64 14.98 -56.47 -13.37
C HIS H 64 16.39 -56.86 -12.98
N ASP H 65 16.58 -58.00 -12.30
CA ASP H 65 17.90 -58.45 -11.90
C ASP H 65 18.43 -59.31 -13.04
N GLY H 66 19.18 -58.69 -13.94
CA GLY H 66 19.69 -59.31 -15.15
C GLY H 66 19.63 -58.33 -16.30
N ALA H 67 19.82 -58.86 -17.51
CA ALA H 67 19.89 -58.01 -18.71
C ALA H 67 18.87 -58.45 -19.75
N VAL H 68 18.30 -57.47 -20.45
CA VAL H 68 17.45 -57.74 -21.60
C VAL H 68 18.32 -57.75 -22.86
N ILE H 69 18.02 -58.68 -23.76
CA ILE H 69 18.76 -58.86 -25.00
C ILE H 69 17.81 -58.58 -26.17
N MET H 70 18.24 -57.74 -27.11
CA MET H 70 17.43 -57.33 -28.25
C MET H 70 17.86 -58.06 -29.53
N LYS H 71 16.90 -58.74 -30.16
CA LYS H 71 17.11 -59.45 -31.43
C LYS H 71 16.29 -58.82 -32.55
N ASN H 72 16.89 -57.88 -33.29
CA ASN H 72 16.24 -57.17 -34.39
C ASN H 72 14.90 -56.57 -33.99
N ASN H 73 14.94 -55.45 -33.28
CA ASN H 73 13.76 -54.66 -32.93
C ASN H 73 12.75 -55.46 -32.11
N GLU H 74 13.22 -56.44 -31.34
CA GLU H 74 12.36 -57.17 -30.43
C GLU H 74 13.15 -57.48 -29.17
N ILE H 75 12.51 -57.34 -28.01
CA ILE H 75 13.11 -57.75 -26.74
C ILE H 75 13.02 -59.27 -26.67
N ALA H 76 14.11 -59.96 -27.00
CA ALA H 76 14.06 -61.42 -27.04
C ALA H 76 13.80 -62.01 -25.65
N ALA H 77 14.51 -61.51 -24.64
CA ALA H 77 14.34 -62.03 -23.29
C ALA H 77 14.78 -60.97 -22.29
N ALA H 78 14.41 -61.18 -21.03
CA ALA H 78 14.80 -60.32 -19.92
C ALA H 78 15.32 -61.20 -18.80
N ALA H 79 15.97 -60.55 -17.82
CA ALA H 79 16.55 -61.26 -16.67
C ALA H 79 17.55 -62.32 -17.13
N CYS H 80 18.28 -62.01 -18.18
CA CYS H 80 19.30 -62.90 -18.72
C CYS H 80 20.59 -62.76 -17.92
N TYR H 81 21.40 -63.81 -17.96
CA TYR H 81 22.62 -63.89 -17.18
C TYR H 81 23.79 -63.63 -18.13
N LEU H 82 24.56 -62.60 -17.84
CA LEU H 82 25.67 -62.23 -18.68
C LEU H 82 26.99 -62.61 -18.01
N PRO H 83 28.03 -62.94 -18.79
CA PRO H 83 29.30 -63.30 -18.16
C PRO H 83 30.01 -62.07 -17.65
N LEU H 84 30.65 -62.22 -16.49
CA LEU H 84 31.37 -61.12 -15.87
C LEU H 84 32.77 -61.00 -16.44
N SER H 85 33.27 -59.77 -16.48
CA SER H 85 34.56 -59.48 -17.10
C SER H 85 35.66 -59.61 -16.07
N GLU H 86 36.65 -60.47 -16.35
CA GLU H 86 37.78 -60.69 -15.46
C GLU H 86 38.91 -59.73 -15.87
N SER H 87 38.65 -58.44 -15.67
CA SER H 87 39.60 -57.40 -16.05
C SER H 87 39.57 -56.28 -15.04
N PRO H 88 40.71 -55.62 -14.78
CA PRO H 88 40.81 -54.47 -13.88
C PRO H 88 40.34 -53.18 -14.54
N LYS H 92 37.62 -50.59 -11.65
CA LYS H 92 37.38 -51.16 -10.33
C LYS H 92 36.50 -50.21 -9.52
N GLU H 93 35.97 -50.69 -8.39
CA GLU H 93 35.04 -49.95 -7.53
C GLU H 93 33.68 -49.76 -8.19
N LEU H 94 33.36 -50.51 -9.23
CA LEU H 94 32.04 -50.38 -9.84
C LEU H 94 31.10 -51.44 -9.33
N GLY H 95 30.08 -51.83 -10.09
CA GLY H 95 29.15 -52.84 -9.66
C GLY H 95 29.23 -54.12 -10.47
N THR H 96 28.12 -54.85 -10.47
CA THR H 96 28.04 -56.13 -11.17
C THR H 96 27.45 -55.97 -12.57
N ARG H 97 26.61 -54.94 -12.75
CA ARG H 97 26.04 -54.68 -14.06
C ARG H 97 27.12 -54.25 -15.05
N HIS H 98 28.00 -53.34 -14.63
CA HIS H 98 29.09 -52.92 -15.50
C HIS H 98 30.03 -54.08 -15.81
N ARG H 99 30.35 -54.90 -14.80
CA ARG H 99 31.19 -56.07 -15.01
C ARG H 99 30.57 -57.01 -16.03
N ALA H 100 29.26 -57.27 -15.89
CA ALA H 100 28.58 -58.16 -16.83
C ALA H 100 28.53 -57.56 -18.24
N ALA H 101 28.36 -56.23 -18.33
CA ALA H 101 28.35 -55.58 -19.63
C ALA H 101 29.68 -55.74 -20.33
N VAL H 102 30.79 -55.48 -19.62
CA VAL H 102 32.11 -55.64 -20.22
C VAL H 102 32.36 -57.11 -20.55
N GLY H 103 31.88 -58.02 -19.71
CA GLY H 103 32.06 -59.43 -19.99
C GLY H 103 31.35 -59.88 -21.26
N ILE H 104 30.12 -59.41 -21.47
CA ILE H 104 29.40 -59.79 -22.68
C ILE H 104 29.92 -59.04 -23.90
N SER H 105 30.53 -57.87 -23.71
CA SER H 105 31.12 -57.16 -24.84
C SER H 105 32.48 -57.73 -25.23
N GLU H 106 33.13 -58.46 -24.31
CA GLU H 106 34.38 -59.13 -24.66
C GLU H 106 34.13 -60.33 -25.58
N VAL H 107 33.03 -61.05 -25.38
CA VAL H 107 32.77 -62.27 -26.14
C VAL H 107 32.02 -62.00 -27.44
N THR H 108 31.26 -60.91 -27.53
CA THR H 108 30.41 -60.64 -28.67
C THR H 108 30.65 -59.23 -29.16
N ASP H 109 30.18 -58.96 -30.37
CA ASP H 109 30.19 -57.60 -30.92
C ASP H 109 29.02 -56.76 -30.43
N SER H 110 28.21 -57.29 -29.52
CA SER H 110 27.01 -56.61 -29.05
C SER H 110 27.36 -55.27 -28.41
N LEU H 111 26.42 -54.33 -28.52
CA LEU H 111 26.57 -53.00 -27.94
C LEU H 111 25.66 -52.96 -26.71
N THR H 112 26.26 -52.90 -25.52
CA THR H 112 25.56 -53.06 -24.26
C THR H 112 25.46 -51.73 -23.54
N ILE H 113 24.24 -51.29 -23.27
CA ILE H 113 23.98 -50.06 -22.53
C ILE H 113 23.71 -50.41 -21.07
N ILE H 114 24.21 -49.57 -20.16
CA ILE H 114 24.06 -49.78 -18.74
C ILE H 114 23.72 -48.45 -18.09
N VAL H 115 22.86 -48.48 -17.06
CA VAL H 115 22.50 -47.30 -16.27
C VAL H 115 22.87 -47.57 -14.82
N SER H 116 23.64 -46.66 -14.23
CA SER H 116 24.17 -46.84 -12.88
C SER H 116 23.10 -46.59 -11.84
N GLU H 117 22.97 -47.52 -10.88
CA GLU H 117 22.02 -47.36 -9.80
C GLU H 117 22.47 -46.32 -8.78
N GLU H 118 23.75 -45.98 -8.74
CA GLU H 118 24.28 -44.99 -7.80
C GLU H 118 24.32 -43.59 -8.41
N THR H 119 24.78 -43.48 -9.65
CA THR H 119 24.97 -42.19 -10.29
C THR H 119 23.82 -41.79 -11.21
N GLY H 120 23.24 -42.75 -11.91
CA GLY H 120 22.32 -42.42 -12.97
C GLY H 120 23.00 -42.09 -14.27
N GLY H 121 24.31 -42.27 -14.35
CA GLY H 121 25.03 -42.02 -15.59
C GLY H 121 24.91 -43.19 -16.55
N VAL H 122 24.82 -42.86 -17.84
CA VAL H 122 24.67 -43.85 -18.88
C VAL H 122 26.06 -44.33 -19.28
N SER H 123 26.25 -45.64 -19.32
CA SER H 123 27.50 -46.25 -19.71
C SER H 123 27.26 -47.16 -20.91
N VAL H 124 28.32 -47.42 -21.67
CA VAL H 124 28.22 -48.27 -22.87
C VAL H 124 29.44 -49.18 -22.93
N ALA H 125 29.24 -50.40 -23.41
CA ALA H 125 30.33 -51.38 -23.50
C ALA H 125 30.33 -51.95 -24.91
N LYS H 126 31.49 -51.89 -25.57
CA LYS H 126 31.64 -52.40 -26.92
C LYS H 126 33.08 -52.83 -27.13
N ASN H 127 33.26 -54.05 -27.63
CA ASN H 127 34.58 -54.61 -27.95
C ASN H 127 35.50 -54.65 -26.74
N GLY H 128 34.91 -54.76 -25.53
CA GLY H 128 35.70 -54.82 -24.32
C GLY H 128 36.03 -53.48 -23.70
N ASP H 129 35.65 -52.39 -24.35
CA ASP H 129 35.91 -51.03 -23.86
C ASP H 129 34.63 -50.42 -23.29
N LEU H 130 34.75 -49.81 -22.12
CA LEU H 130 33.60 -49.28 -21.39
C LEU H 130 33.70 -47.76 -21.37
N HIS H 131 32.75 -47.11 -22.04
CA HIS H 131 32.66 -45.66 -22.07
C HIS H 131 31.70 -45.18 -20.99
N ARG H 132 32.21 -44.38 -20.06
CA ARG H 132 31.44 -43.85 -18.95
C ARG H 132 30.96 -42.44 -19.25
N GLU H 133 29.92 -42.03 -18.52
CA GLU H 133 29.45 -40.64 -18.50
C GLU H 133 29.21 -40.12 -19.92
N LEU H 134 28.13 -40.63 -20.50
CA LEU H 134 27.68 -40.20 -21.81
C LEU H 134 26.57 -39.18 -21.67
N THR H 135 26.53 -38.23 -22.60
CA THR H 135 25.44 -37.28 -22.65
C THR H 135 24.27 -37.89 -23.43
N GLU H 136 23.11 -37.25 -23.34
CA GLU H 136 21.92 -37.80 -24.00
C GLU H 136 22.11 -37.86 -25.51
N GLU H 137 22.72 -36.83 -26.09
CA GLU H 137 23.02 -36.84 -27.52
C GLU H 137 24.32 -37.57 -27.83
N ALA H 138 25.19 -37.79 -26.84
CA ALA H 138 26.33 -38.68 -27.04
C ALA H 138 25.85 -40.09 -27.33
N LEU H 139 24.88 -40.57 -26.54
CA LEU H 139 24.15 -41.77 -26.89
C LEU H 139 23.37 -41.49 -28.17
N LYS H 140 22.49 -42.40 -28.58
CA LYS H 140 21.73 -42.25 -29.81
C LYS H 140 22.64 -42.08 -31.03
N GLU H 141 23.56 -41.11 -30.99
CA GLU H 141 24.57 -41.03 -32.04
C GLU H 141 25.48 -42.26 -31.96
N MET H 142 25.86 -42.65 -30.74
CA MET H 142 26.56 -43.91 -30.56
C MET H 142 25.69 -45.07 -31.02
N LEU H 143 24.37 -44.97 -30.78
CA LEU H 143 23.42 -46.00 -31.18
C LEU H 143 23.23 -46.05 -32.69
N GLU H 144 23.81 -45.11 -33.43
CA GLU H 144 23.89 -45.13 -34.87
C GLU H 144 24.91 -46.11 -35.39
N ALA H 145 25.47 -46.95 -34.51
CA ALA H 145 26.38 -47.99 -34.96
C ALA H 145 25.73 -48.89 -36.02
N GLU H 146 24.42 -49.07 -35.96
CA GLU H 146 23.70 -49.75 -37.03
C GLU H 146 23.79 -48.96 -38.34
N PHE H 147 25.02 -48.73 -38.82
CA PHE H 147 25.28 -47.90 -39.99
C PHE H 147 24.60 -46.53 -39.92
N GLU I 1 10.54 -0.75 89.95
CA GLU I 1 9.15 -0.59 90.38
C GLU I 1 8.25 -0.69 89.14
N ALA I 2 7.68 0.43 88.72
CA ALA I 2 7.05 0.50 87.41
C ALA I 2 8.00 1.03 86.35
N GLN I 3 9.31 1.00 86.61
CA GLN I 3 10.32 1.31 85.61
C GLN I 3 10.88 0.07 84.94
N GLN I 4 10.82 -1.08 85.62
CA GLN I 4 11.28 -2.32 84.98
C GLN I 4 10.40 -2.66 83.79
N LYS I 5 9.07 -2.62 83.97
CA LYS I 5 8.19 -2.60 82.83
C LYS I 5 8.41 -1.30 82.05
N THR I 6 7.75 -1.19 80.90
CA THR I 6 7.98 -0.12 79.93
C THR I 6 9.43 -0.16 79.42
N ILE I 7 10.42 -0.22 80.31
CA ILE I 7 11.79 -0.43 79.86
C ILE I 7 11.92 -1.78 79.18
N GLU I 8 11.38 -2.82 79.80
CA GLU I 8 11.37 -4.15 79.16
C GLU I 8 10.65 -4.09 77.82
N ALA I 9 9.53 -3.36 77.77
CA ALA I 9 8.79 -3.21 76.52
C ALA I 9 9.63 -2.53 75.46
N ILE I 10 10.35 -1.47 75.83
CA ILE I 10 11.14 -0.74 74.84
C ILE I 10 12.24 -1.62 74.27
N THR I 11 12.98 -2.33 75.13
CA THR I 11 14.05 -3.19 74.63
C THR I 11 13.50 -4.34 73.78
N LYS I 12 12.38 -4.94 74.20
CA LYS I 12 11.82 -6.02 73.40
C LYS I 12 11.37 -5.51 72.03
N ALA I 13 10.72 -4.35 71.98
CA ALA I 13 10.30 -3.77 70.71
C ALA I 13 11.51 -3.43 69.84
N ILE I 14 12.56 -2.89 70.44
CA ILE I 14 13.72 -2.49 69.66
C ILE I 14 14.43 -3.71 69.09
N ASN I 15 14.55 -4.79 69.87
CA ASN I 15 15.16 -6.02 69.34
C ASN I 15 14.28 -6.64 68.26
N TYR I 16 12.96 -6.51 68.39
CA TYR I 16 12.06 -7.02 67.37
C TYR I 16 12.30 -6.29 66.05
N MET I 17 12.31 -4.96 66.10
CA MET I 17 12.52 -4.20 64.87
C MET I 17 13.96 -4.28 64.37
N ALA I 18 14.92 -4.55 65.25
CA ALA I 18 16.30 -4.65 64.81
C ALA I 18 16.53 -5.94 64.03
N LYS I 19 15.97 -7.06 64.50
CA LYS I 19 16.16 -8.30 63.75
C LYS I 19 15.56 -8.22 62.35
N ARG I 20 14.49 -7.43 62.17
CA ARG I 20 13.81 -7.32 60.89
C ARG I 20 14.19 -6.08 60.11
N ARG I 21 15.09 -5.24 60.64
CA ARG I 21 15.58 -4.06 59.96
C ARG I 21 14.42 -3.11 59.62
N ILE I 22 13.71 -2.70 60.67
CA ILE I 22 12.56 -1.80 60.57
C ILE I 22 12.96 -0.46 61.18
N GLY I 23 12.94 0.59 60.35
CA GLY I 23 13.31 1.90 60.85
C GLY I 23 12.38 2.35 61.96
N ALA I 24 12.96 2.94 63.01
CA ALA I 24 12.20 3.36 64.17
C ALA I 24 12.85 4.59 64.78
N LEU I 25 12.03 5.39 65.47
CA LEU I 25 12.48 6.66 66.05
C LEU I 25 11.63 6.95 67.29
N LEU I 26 12.20 6.72 68.47
CA LEU I 26 11.45 6.82 69.73
C LEU I 26 12.16 7.79 70.67
N THR I 27 11.45 8.84 71.08
CA THR I 27 12.00 9.95 71.84
C THR I 27 11.41 9.92 73.25
N ILE I 28 12.24 9.68 74.25
CA ILE I 28 11.81 9.63 75.64
C ILE I 28 12.04 10.98 76.28
N GLU I 29 10.98 11.57 76.81
CA GLU I 29 11.06 12.84 77.53
C GLU I 29 11.53 12.62 78.96
N ARG I 30 12.28 13.60 79.47
CA ARG I 30 12.69 13.60 80.87
C ARG I 30 12.32 14.92 81.54
N ASP I 31 13.13 15.95 81.33
CA ASP I 31 12.91 17.24 82.00
C ASP I 31 12.46 18.35 81.07
N THR I 32 12.91 18.36 79.81
CA THR I 32 12.48 19.41 78.88
C THR I 32 11.08 19.14 78.37
N GLY I 33 10.23 20.16 78.40
CA GLY I 33 8.88 20.02 77.89
C GLY I 33 8.86 19.96 76.38
N MET I 34 8.31 18.89 75.82
CA MET I 34 8.27 18.68 74.37
C MET I 34 6.86 18.75 73.79
N GLY I 35 5.93 19.39 74.49
CA GLY I 35 4.55 19.44 74.02
C GLY I 35 4.42 20.05 72.63
N ASP I 36 5.24 21.05 72.32
CA ASP I 36 5.22 21.65 70.99
C ASP I 36 5.52 20.63 69.91
N TYR I 37 6.32 19.61 70.22
CA TYR I 37 6.61 18.54 69.26
C TYR I 37 5.59 17.42 69.32
N ILE I 38 4.94 17.23 70.46
CA ILE I 38 3.87 16.24 70.56
C ILE I 38 2.67 16.68 69.72
N GLU I 39 2.35 17.97 69.75
CA GLU I 39 1.16 18.45 69.05
C GLU I 39 1.30 18.42 67.54
N THR I 40 2.41 17.93 67.01
CA THR I 40 2.60 17.83 65.56
C THR I 40 2.28 16.43 65.02
N GLY I 41 2.13 15.44 65.88
CA GLY I 41 1.88 14.08 65.47
C GLY I 41 0.45 13.63 65.71
N ILE I 42 0.27 12.31 65.60
CA ILE I 42 -1.03 11.68 65.84
C ILE I 42 -1.14 11.40 67.32
N PRO I 43 -2.05 12.06 68.05
CA PRO I 43 -2.12 11.86 69.50
C PRO I 43 -2.65 10.47 69.84
N LEU I 44 -1.99 9.82 70.79
CA LEU I 44 -2.40 8.51 71.27
C LEU I 44 -2.62 8.48 72.77
N ASN I 45 -1.68 9.01 73.56
CA ASN I 45 -1.73 8.94 75.01
C ASN I 45 -2.01 7.52 75.50
N ALA I 46 -1.35 6.57 74.85
CA ALA I 46 -1.59 5.16 75.08
C ALA I 46 -0.62 4.60 76.11
N LYS I 47 -1.05 3.56 76.81
CA LYS I 47 -0.14 2.85 77.71
C LYS I 47 0.92 2.13 76.90
N VAL I 48 2.14 2.08 77.45
CA VAL I 48 3.29 1.60 76.70
C VAL I 48 3.31 0.09 76.72
N SER I 49 3.47 -0.50 75.53
CA SER I 49 3.56 -1.94 75.38
C SER I 49 4.39 -2.23 74.15
N SER I 50 5.14 -3.34 74.20
CA SER I 50 6.01 -3.69 73.08
C SER I 50 5.22 -3.89 71.79
N GLU I 51 4.07 -4.57 71.88
CA GLU I 51 3.27 -4.84 70.70
C GLU I 51 2.76 -3.56 70.05
N LEU I 52 2.31 -2.61 70.86
CA LEU I 52 1.84 -1.35 70.30
C LEU I 52 2.97 -0.60 69.60
N LEU I 53 4.15 -0.56 70.22
CA LEU I 53 5.29 0.10 69.59
C LEU I 53 5.64 -0.55 68.26
N ILE I 54 5.71 -1.88 68.24
CA ILE I 54 5.98 -2.58 66.98
C ILE I 54 4.95 -2.21 65.93
N ASN I 55 3.67 -2.19 66.30
CA ASN I 55 2.62 -1.84 65.36
C ASN I 55 2.76 -0.41 64.87
N ILE I 56 3.27 0.50 65.69
CA ILE I 56 3.38 1.89 65.28
C ILE I 56 4.33 2.00 64.09
N PHE I 57 5.53 1.42 64.19
CA PHE I 57 6.56 1.66 63.18
C PHE I 57 6.54 0.61 62.08
N ILE I 58 5.38 0.17 61.60
CA ILE I 58 5.37 -0.84 60.54
C ILE I 58 5.83 -0.15 59.26
N PRO I 59 6.56 -0.86 58.37
CA PRO I 59 7.23 -0.22 57.23
C PRO I 59 6.49 0.92 56.56
N ASN I 60 5.26 0.71 56.08
CA ASN I 60 4.53 1.79 55.45
C ASN I 60 3.13 1.83 56.04
N THR I 61 2.82 2.90 56.77
CA THR I 61 1.61 3.00 57.55
C THR I 61 1.39 4.46 57.89
N PRO I 62 0.16 4.83 58.26
CA PRO I 62 -0.06 6.23 58.65
C PRO I 62 0.73 6.60 59.90
N LEU I 63 0.95 5.66 60.82
CA LEU I 63 1.66 5.96 62.06
C LEU I 63 3.14 5.60 61.98
N HIS I 64 3.79 5.90 60.86
CA HIS I 64 5.19 5.55 60.67
C HIS I 64 6.05 6.70 60.18
N ASP I 65 5.47 7.72 59.55
CA ASP I 65 6.22 8.86 59.05
C ASP I 65 6.31 9.88 60.18
N GLY I 66 7.38 9.79 60.96
CA GLY I 66 7.55 10.62 62.13
C GLY I 66 8.17 9.83 63.26
N ALA I 67 8.08 10.39 64.47
CA ALA I 67 8.69 9.81 65.65
C ALA I 67 7.64 9.61 66.74
N VAL I 68 7.83 8.56 67.52
CA VAL I 68 7.01 8.32 68.70
C VAL I 68 7.59 9.09 69.87
N ILE I 69 6.72 9.70 70.67
CA ILE I 69 7.11 10.51 71.81
C ILE I 69 6.55 9.85 73.07
N MET I 70 7.44 9.58 74.04
CA MET I 70 7.02 8.97 75.30
C MET I 70 7.05 10.02 76.41
N LYS I 71 5.89 10.30 76.99
CA LYS I 71 5.78 11.19 78.13
C LYS I 71 5.26 10.37 79.31
N ASN I 72 5.80 10.60 80.49
CA ASN I 72 5.50 9.80 81.68
C ASN I 72 5.86 8.36 81.30
N ASN I 73 4.95 7.40 81.43
CA ASN I 73 5.12 6.04 80.96
C ASN I 73 4.04 5.73 79.92
N GLU I 74 3.74 6.71 79.07
CA GLU I 74 2.72 6.60 78.04
C GLU I 74 3.24 7.15 76.73
N ILE I 75 2.86 6.48 75.63
CA ILE I 75 3.15 6.97 74.30
C ILE I 75 2.20 8.13 74.02
N ALA I 76 2.69 9.36 74.21
CA ALA I 76 1.83 10.53 74.08
C ALA I 76 1.29 10.68 72.67
N ALA I 77 2.15 10.53 71.67
CA ALA I 77 1.74 10.68 70.29
C ALA I 77 2.71 9.93 69.39
N ALA I 78 2.30 9.73 68.14
CA ALA I 78 3.12 9.08 67.14
C ALA I 78 3.13 9.95 65.88
N ALA I 79 4.07 9.63 64.99
CA ALA I 79 4.25 10.36 63.73
C ALA I 79 4.50 11.85 63.98
N CYS I 80 5.21 12.16 65.07
CA CYS I 80 5.58 13.53 65.37
C CYS I 80 6.85 13.92 64.62
N TYR I 81 6.95 15.20 64.29
CA TYR I 81 8.12 15.71 63.58
C TYR I 81 8.97 16.64 64.45
N LEU I 82 10.25 16.32 64.51
CA LEU I 82 11.47 16.76 65.16
C LEU I 82 12.34 17.54 64.18
N PRO I 83 13.08 18.54 64.68
CA PRO I 83 13.94 19.33 63.79
C PRO I 83 15.22 18.61 63.43
N LEU I 84 15.68 18.87 62.20
CA LEU I 84 16.91 18.26 61.71
C LEU I 84 18.11 19.04 62.24
N SER I 85 19.21 18.32 62.50
CA SER I 85 20.33 18.96 63.19
C SER I 85 21.39 19.57 62.28
N GLU I 86 21.41 19.21 60.99
CA GLU I 86 22.39 19.73 60.05
C GLU I 86 23.82 19.75 60.61
N SER I 87 24.21 18.65 61.32
CA SER I 87 25.54 18.54 61.91
C SER I 87 26.45 17.69 61.04
N PRO I 88 27.75 18.00 61.00
CA PRO I 88 28.67 17.23 60.14
C PRO I 88 29.08 15.89 60.73
N PHE I 89 28.90 15.67 62.03
CA PHE I 89 29.30 14.41 62.64
C PHE I 89 28.29 13.29 62.41
N ILE I 90 27.24 13.55 61.64
CA ILE I 90 26.31 12.50 61.24
C ILE I 90 26.88 11.80 60.02
N SER I 91 27.22 10.53 60.16
CA SER I 91 27.73 9.75 59.03
C SER I 91 26.70 9.77 57.90
N LYS I 92 27.14 10.20 56.72
CA LYS I 92 26.20 10.54 55.66
C LYS I 92 25.55 9.29 55.06
N GLU I 93 24.56 9.55 54.19
CA GLU I 93 23.69 8.56 53.55
C GLU I 93 22.64 8.04 54.54
N LEU I 94 22.92 8.16 55.83
CA LEU I 94 21.94 7.83 56.85
C LEU I 94 20.94 8.98 56.98
N GLY I 95 21.21 9.96 57.83
CA GLY I 95 20.41 11.15 58.03
C GLY I 95 18.94 10.85 58.17
N THR I 96 18.11 11.75 57.64
CA THR I 96 16.65 11.67 57.69
C THR I 96 16.19 11.35 59.10
N ARG I 97 16.17 10.06 59.45
CA ARG I 97 15.78 9.63 60.79
C ARG I 97 16.82 10.02 61.83
N HIS I 98 18.09 9.70 61.56
CA HIS I 98 19.17 10.02 62.49
C HIS I 98 19.34 11.52 62.64
N ARG I 99 19.24 12.27 61.54
CA ARG I 99 19.30 13.73 61.63
C ARG I 99 18.21 14.27 62.54
N ALA I 100 16.99 13.75 62.42
CA ALA I 100 15.92 14.24 63.28
C ALA I 100 16.17 13.88 64.73
N ALA I 101 16.71 12.68 64.98
CA ALA I 101 16.99 12.27 66.35
C ALA I 101 18.02 13.17 67.01
N VAL I 102 19.16 13.38 66.33
CA VAL I 102 20.18 14.24 66.91
C VAL I 102 19.66 15.69 66.99
N GLY I 103 18.83 16.11 66.04
CA GLY I 103 18.28 17.46 66.10
C GLY I 103 17.41 17.68 67.33
N ILE I 104 16.57 16.71 67.67
CA ILE I 104 15.74 16.87 68.85
C ILE I 104 16.55 16.64 70.12
N SER I 105 17.67 15.92 70.05
CA SER I 105 18.52 15.76 71.22
C SER I 105 19.41 16.97 71.46
N GLU I 106 19.61 17.81 70.44
CA GLU I 106 20.35 19.06 70.66
C GLU I 106 19.52 20.06 71.46
N VAL I 107 18.20 20.09 71.24
CA VAL I 107 17.36 21.09 71.88
C VAL I 107 16.84 20.64 73.25
N THR I 108 16.75 19.34 73.50
CA THR I 108 16.08 18.83 74.69
C THR I 108 16.96 17.84 75.42
N ASP I 109 16.54 17.53 76.66
CA ASP I 109 17.14 16.51 77.50
C ASP I 109 16.67 15.10 77.11
N SER I 110 15.86 14.99 76.06
CA SER I 110 15.27 13.73 75.66
C SER I 110 16.33 12.70 75.25
N LEU I 111 16.00 11.43 75.44
CA LEU I 111 16.83 10.30 75.03
C LEU I 111 16.19 9.66 73.81
N THR I 112 16.86 9.69 72.66
CA THR I 112 16.24 9.26 71.41
C THR I 112 16.88 7.98 70.92
N ILE I 113 16.08 6.92 70.78
CA ILE I 113 16.51 5.65 70.23
C ILE I 113 16.11 5.59 68.76
N ILE I 114 16.98 4.99 67.93
CA ILE I 114 16.77 4.91 66.50
C ILE I 114 17.09 3.49 66.06
N VAL I 115 16.31 2.98 65.11
CA VAL I 115 16.58 1.69 64.48
C VAL I 115 16.71 1.94 62.99
N SER I 116 17.84 1.51 62.41
CA SER I 116 18.14 1.82 61.01
C SER I 116 17.38 0.89 60.08
N GLU I 117 16.68 1.49 59.11
CA GLU I 117 16.00 0.69 58.09
C GLU I 117 16.97 0.09 57.08
N GLU I 118 18.22 0.56 57.06
CA GLU I 118 19.23 0.06 56.14
C GLU I 118 20.07 -1.06 56.75
N THR I 119 20.54 -0.87 57.98
CA THR I 119 21.40 -1.84 58.65
C THR I 119 20.68 -2.67 59.70
N GLY I 120 19.73 -2.07 60.41
CA GLY I 120 19.14 -2.70 61.57
C GLY I 120 19.90 -2.47 62.86
N GLY I 121 20.91 -1.62 62.86
CA GLY I 121 21.66 -1.33 64.08
C GLY I 121 20.96 -0.29 64.94
N VAL I 122 21.04 -0.50 66.25
CA VAL I 122 20.39 0.38 67.22
C VAL I 122 21.32 1.55 67.53
N SER I 123 20.79 2.76 67.44
CA SER I 123 21.52 3.99 67.72
C SER I 123 20.82 4.76 68.83
N VAL I 124 21.59 5.62 69.49
CA VAL I 124 21.07 6.43 70.58
C VAL I 124 21.60 7.86 70.46
N ALA I 125 20.76 8.82 70.85
CA ALA I 125 21.06 10.24 70.73
C ALA I 125 20.76 10.93 72.05
N LYS I 126 21.76 11.67 72.55
CA LYS I 126 21.64 12.44 73.78
C LYS I 126 22.54 13.65 73.72
N ASN I 127 21.96 14.83 73.98
CA ASN I 127 22.70 16.10 74.06
C ASN I 127 23.49 16.40 72.79
N GLY I 128 22.99 15.92 71.64
CA GLY I 128 23.67 16.14 70.38
C GLY I 128 24.67 15.09 70.00
N ASP I 129 24.91 14.08 70.84
CA ASP I 129 25.86 13.02 70.56
C ASP I 129 25.10 11.76 70.17
N LEU I 130 25.51 11.15 69.06
CA LEU I 130 24.85 9.97 68.50
C LEU I 130 25.81 8.80 68.52
N HIS I 131 25.50 7.80 69.33
CA HIS I 131 26.25 6.56 69.40
C HIS I 131 25.55 5.53 68.51
N ARG I 132 26.28 5.02 67.52
CA ARG I 132 25.74 4.05 66.59
C ARG I 132 26.10 2.63 67.02
N GLU I 133 25.34 1.66 66.51
CA GLU I 133 25.61 0.24 66.67
C GLU I 133 25.79 -0.15 68.13
N LEU I 134 24.66 -0.16 68.85
CA LEU I 134 24.61 -0.54 70.25
C LEU I 134 24.19 -1.99 70.41
N THR I 135 24.72 -2.64 71.44
CA THR I 135 24.32 -3.99 71.78
C THR I 135 23.08 -3.97 72.67
N GLU I 136 22.46 -5.14 72.83
CA GLU I 136 21.23 -5.24 73.59
C GLU I 136 21.45 -4.83 75.04
N GLU I 137 22.58 -5.23 75.63
CA GLU I 137 22.85 -4.83 77.01
C GLU I 137 23.39 -3.41 77.10
N ALA I 138 23.96 -2.88 76.01
CA ALA I 138 24.32 -1.47 75.99
C ALA I 138 23.08 -0.58 76.04
N LEU I 139 22.07 -0.91 75.21
CA LEU I 139 20.79 -0.21 75.29
C LEU I 139 20.10 -0.45 76.64
N LYS I 140 20.24 -1.65 77.19
CA LYS I 140 19.61 -1.93 78.48
C LYS I 140 20.19 -1.06 79.59
N GLU I 141 21.52 -1.01 79.66
CA GLU I 141 22.20 -0.14 80.64
C GLU I 141 21.88 1.33 80.40
N MET I 142 21.85 1.76 79.13
CA MET I 142 21.48 3.14 78.84
C MET I 142 20.07 3.46 79.32
N LEU I 143 19.12 2.55 79.09
CA LEU I 143 17.75 2.80 79.51
C LEU I 143 17.54 2.61 80.99
N GLU I 144 18.46 1.93 81.68
CA GLU I 144 18.40 1.93 83.14
C GLU I 144 19.03 3.18 83.73
N ALA I 145 19.92 3.84 82.97
CA ALA I 145 20.44 5.13 83.39
C ALA I 145 19.35 6.19 83.43
N GLU I 146 18.34 6.07 82.57
CA GLU I 146 17.21 7.00 82.59
C GLU I 146 16.47 6.94 83.92
N GLU J 1 -21.79 14.27 72.76
CA GLU J 1 -22.14 15.35 71.85
C GLU J 1 -21.16 15.41 70.66
N ALA J 2 -19.87 15.44 70.96
CA ALA J 2 -18.82 15.28 69.96
C ALA J 2 -18.38 13.82 69.81
N GLN J 3 -19.38 12.94 69.67
CA GLN J 3 -19.11 11.54 69.36
C GLN J 3 -19.07 11.30 67.86
N GLN J 4 -19.66 12.21 67.07
CA GLN J 4 -19.59 12.15 65.62
C GLN J 4 -18.14 12.20 65.14
N LYS J 5 -17.29 12.98 65.82
CA LYS J 5 -15.87 12.98 65.52
C LYS J 5 -15.25 11.59 65.61
N THR J 6 -15.75 10.74 66.52
CA THR J 6 -15.19 9.42 66.71
C THR J 6 -15.73 8.45 65.66
N ILE J 7 -17.03 8.57 65.35
CA ILE J 7 -17.64 7.81 64.29
C ILE J 7 -16.94 8.08 62.96
N GLU J 8 -16.54 9.33 62.73
CA GLU J 8 -15.78 9.64 61.52
C GLU J 8 -14.48 8.82 61.44
N ALA J 9 -13.76 8.71 62.56
CA ALA J 9 -12.54 7.91 62.57
C ALA J 9 -12.84 6.43 62.32
N ILE J 10 -13.89 5.91 62.96
CA ILE J 10 -14.23 4.50 62.81
C ILE J 10 -14.62 4.20 61.37
N THR J 11 -15.47 5.05 60.78
CA THR J 11 -15.91 4.82 59.41
C THR J 11 -14.73 4.91 58.44
N LYS J 12 -13.83 5.88 58.63
CA LYS J 12 -12.69 5.97 57.72
C LYS J 12 -11.79 4.75 57.85
N ALA J 13 -11.53 4.28 59.08
CA ALA J 13 -10.69 3.11 59.25
C ALA J 13 -11.33 1.86 58.64
N ILE J 14 -12.63 1.67 58.85
CA ILE J 14 -13.29 0.47 58.34
C ILE J 14 -13.38 0.52 56.82
N ASN J 15 -13.69 1.68 56.25
CA ASN J 15 -13.72 1.79 54.81
C ASN J 15 -12.33 1.60 54.21
N TYR J 16 -11.29 2.03 54.92
CA TYR J 16 -9.93 1.81 54.43
C TYR J 16 -9.59 0.33 54.41
N MET J 17 -9.81 -0.38 55.52
CA MET J 17 -9.46 -1.80 55.53
C MET J 17 -10.38 -2.61 54.63
N ALA J 18 -11.60 -2.13 54.41
CA ALA J 18 -12.53 -2.82 53.51
C ALA J 18 -12.16 -2.61 52.05
N LYS J 19 -11.72 -1.39 51.69
CA LYS J 19 -11.35 -1.12 50.31
C LYS J 19 -10.23 -2.03 49.86
N ARG J 20 -9.38 -2.46 50.80
CA ARG J 20 -8.35 -3.44 50.53
C ARG J 20 -8.87 -4.78 51.05
N ARG J 21 -8.03 -5.58 51.69
CA ARG J 21 -8.46 -6.86 52.25
C ARG J 21 -7.79 -7.07 53.60
N ILE J 22 -8.08 -6.16 54.54
CA ILE J 22 -7.49 -6.20 55.87
C ILE J 22 -8.55 -6.64 56.87
N GLY J 23 -8.33 -7.80 57.48
CA GLY J 23 -9.27 -8.30 58.47
C GLY J 23 -9.33 -7.38 59.68
N ALA J 24 -10.55 -7.20 60.20
CA ALA J 24 -10.74 -6.29 61.32
C ALA J 24 -11.86 -6.82 62.22
N LEU J 25 -11.76 -6.47 63.50
CA LEU J 25 -12.72 -6.93 64.50
C LEU J 25 -12.76 -5.88 65.61
N LEU J 26 -13.79 -5.05 65.61
CA LEU J 26 -13.91 -3.90 66.51
C LEU J 26 -15.22 -4.05 67.27
N THR J 27 -15.15 -3.98 68.60
CA THR J 27 -16.26 -4.43 69.45
C THR J 27 -17.10 -3.29 70.05
N ILE J 28 -16.48 -2.23 70.56
CA ILE J 28 -17.17 -1.09 71.16
C ILE J 28 -18.03 -1.50 72.36
N GLU J 29 -17.70 -1.01 73.54
CA GLU J 29 -18.51 -1.26 74.72
C GLU J 29 -19.68 -0.29 74.77
N ARG J 30 -20.80 -0.75 75.33
CA ARG J 30 -21.94 0.13 75.54
C ARG J 30 -22.37 0.13 77.01
N ASP J 31 -23.18 -0.86 77.40
CA ASP J 31 -23.68 -0.94 78.77
C ASP J 31 -23.15 -2.12 79.55
N THR J 32 -22.89 -3.25 78.91
CA THR J 32 -22.36 -4.41 79.58
C THR J 32 -20.86 -4.25 79.83
N GLY J 33 -20.42 -4.55 81.05
CA GLY J 33 -19.00 -4.46 81.36
C GLY J 33 -18.23 -5.55 80.67
N MET J 34 -17.21 -5.16 79.90
CA MET J 34 -16.42 -6.11 79.13
C MET J 34 -15.01 -6.28 79.69
N GLY J 35 -14.81 -5.93 80.96
CA GLY J 35 -13.49 -6.03 81.56
C GLY J 35 -12.91 -7.42 81.53
N ASP J 36 -13.75 -8.45 81.66
CA ASP J 36 -13.27 -9.83 81.60
C ASP J 36 -12.59 -10.13 80.27
N TYR J 37 -13.09 -9.53 79.18
CA TYR J 37 -12.49 -9.71 77.87
C TYR J 37 -11.44 -8.66 77.56
N ILE J 38 -11.53 -7.48 78.18
CA ILE J 38 -10.50 -6.46 78.01
C ILE J 38 -9.18 -6.94 78.60
N GLU J 39 -9.23 -7.56 79.77
CA GLU J 39 -8.03 -7.98 80.46
C GLU J 39 -7.34 -9.18 79.81
N THR J 40 -7.84 -9.67 78.67
CA THR J 40 -7.20 -10.75 77.94
C THR J 40 -6.29 -10.27 76.81
N GLY J 41 -6.37 -9.00 76.44
CA GLY J 41 -5.58 -8.45 75.37
C GLY J 41 -4.46 -7.56 75.88
N ILE J 42 -3.87 -6.82 74.93
CA ILE J 42 -2.80 -5.86 75.24
C ILE J 42 -3.47 -4.53 75.59
N PRO J 43 -3.36 -4.06 76.83
CA PRO J 43 -4.04 -2.81 77.21
C PRO J 43 -3.40 -1.60 76.53
N LEU J 44 -4.25 -0.70 76.03
CA LEU J 44 -3.79 0.52 75.38
C LEU J 44 -4.33 1.77 76.04
N ASN J 45 -5.64 1.84 76.30
CA ASN J 45 -6.28 3.05 76.82
C ASN J 45 -5.91 4.28 75.98
N ALA J 46 -5.90 4.10 74.67
CA ALA J 46 -5.44 5.10 73.73
C ALA J 46 -6.60 5.94 73.18
N LYS J 47 -6.27 7.16 72.78
CA LYS J 47 -7.20 7.97 72.00
C LYS J 47 -7.40 7.28 70.66
N VAL J 48 -8.58 7.46 70.07
CA VAL J 48 -8.99 6.60 68.98
C VAL J 48 -8.22 6.93 67.70
N SER J 49 -8.78 7.77 66.82
CA SER J 49 -8.20 8.12 65.52
C SER J 49 -8.14 6.91 64.60
N SER J 50 -8.42 7.12 63.31
CA SER J 50 -8.46 6.02 62.34
C SER J 50 -7.10 5.34 62.16
N GLU J 51 -6.03 6.13 62.13
CA GLU J 51 -4.70 5.61 61.83
C GLU J 51 -4.29 4.52 62.82
N LEU J 52 -4.57 4.72 64.10
CA LEU J 52 -4.20 3.73 65.10
C LEU J 52 -4.92 2.41 64.85
N LEU J 53 -6.22 2.47 64.54
CA LEU J 53 -6.99 1.25 64.26
C LEU J 53 -6.43 0.50 63.05
N ILE J 54 -6.21 1.25 61.95
CA ILE J 54 -5.66 0.64 60.74
C ILE J 54 -4.33 -0.02 61.05
N ASN J 55 -3.46 0.67 61.79
CA ASN J 55 -2.17 0.09 62.16
C ASN J 55 -2.35 -1.14 63.03
N ILE J 56 -3.38 -1.16 63.88
CA ILE J 56 -3.60 -2.32 64.73
C ILE J 56 -3.89 -3.56 63.88
N PHE J 57 -4.76 -3.43 62.87
CA PHE J 57 -5.15 -4.64 62.16
C PHE J 57 -4.27 -4.94 60.95
N ILE J 58 -2.99 -4.57 60.97
CA ILE J 58 -2.10 -4.85 59.84
C ILE J 58 -1.55 -6.28 59.91
N PRO J 59 -1.43 -6.98 58.76
CA PRO J 59 -0.77 -8.30 58.76
C PRO J 59 0.58 -8.34 59.47
N ASN J 60 1.10 -9.55 59.73
CA ASN J 60 2.39 -9.78 60.38
C ASN J 60 2.50 -9.21 61.80
N THR J 61 1.79 -8.12 62.08
CA THR J 61 2.00 -7.36 63.31
C THR J 61 1.62 -8.19 64.54
N PRO J 62 2.12 -7.82 65.72
CA PRO J 62 1.78 -8.57 66.94
C PRO J 62 0.32 -8.52 67.35
N LEU J 63 -0.19 -7.35 67.72
CA LEU J 63 -1.55 -7.27 68.27
C LEU J 63 -2.56 -6.98 67.17
N HIS J 64 -2.70 -7.95 66.27
CA HIS J 64 -3.64 -7.90 65.17
C HIS J 64 -4.53 -9.13 65.08
N ASP J 65 -4.12 -10.25 65.64
CA ASP J 65 -4.89 -11.50 65.62
C ASP J 65 -5.78 -11.51 66.85
N GLY J 66 -7.02 -11.07 66.68
CA GLY J 66 -7.94 -10.88 67.78
C GLY J 66 -8.75 -9.64 67.54
N ALA J 67 -9.39 -9.15 68.60
CA ALA J 67 -10.29 -8.02 68.48
C ALA J 67 -9.84 -6.90 69.41
N VAL J 68 -9.96 -5.67 68.92
CA VAL J 68 -9.81 -4.48 69.75
C VAL J 68 -11.18 -4.12 70.31
N ILE J 69 -11.21 -3.69 71.55
CA ILE J 69 -12.45 -3.34 72.21
C ILE J 69 -12.42 -1.86 72.51
N MET J 70 -13.45 -1.14 72.07
CA MET J 70 -13.54 0.31 72.25
C MET J 70 -14.41 0.58 73.47
N LYS J 71 -13.88 1.36 74.41
CA LYS J 71 -14.62 1.67 75.60
C LYS J 71 -15.06 3.14 75.47
N ASN J 72 -15.09 3.86 76.59
CA ASN J 72 -15.63 5.23 76.57
C ASN J 72 -14.80 6.11 75.63
N ASN J 73 -15.05 5.96 74.33
CA ASN J 73 -14.42 6.77 73.27
C ASN J 73 -12.90 6.64 73.31
N GLU J 74 -12.41 5.48 73.74
CA GLU J 74 -10.99 5.20 73.79
C GLU J 74 -10.78 3.73 73.44
N ILE J 75 -9.70 3.45 72.71
CA ILE J 75 -9.35 2.07 72.42
C ILE J 75 -8.75 1.46 73.68
N ALA J 76 -9.57 0.75 74.45
CA ALA J 76 -9.13 0.22 75.73
C ALA J 76 -8.03 -0.82 75.57
N ALA J 77 -8.21 -1.77 74.64
CA ALA J 77 -7.23 -2.81 74.44
C ALA J 77 -7.37 -3.37 73.04
N ALA J 78 -6.34 -4.10 72.62
CA ALA J 78 -6.31 -4.78 71.32
C ALA J 78 -5.85 -6.21 71.52
N ALA J 79 -6.03 -7.01 70.47
CA ALA J 79 -5.68 -8.43 70.47
C ALA J 79 -6.37 -9.19 71.61
N CYS J 80 -7.61 -8.80 71.89
CA CYS J 80 -8.40 -9.49 72.90
C CYS J 80 -9.07 -10.71 72.28
N TYR J 81 -9.34 -11.70 73.11
CA TYR J 81 -9.92 -12.96 72.66
C TYR J 81 -11.38 -12.98 73.08
N LEU J 82 -12.25 -13.16 72.13
CA LEU J 82 -13.70 -13.17 72.26
C LEU J 82 -14.23 -14.59 72.20
N PRO J 83 -15.33 -14.89 72.90
CA PRO J 83 -15.87 -16.25 72.86
C PRO J 83 -16.59 -16.52 71.55
N LEU J 84 -16.43 -17.75 71.06
CA LEU J 84 -17.05 -18.15 69.81
C LEU J 84 -18.49 -18.62 70.05
N SER J 85 -19.32 -18.43 69.03
CA SER J 85 -20.76 -18.69 69.16
C SER J 85 -21.05 -20.14 68.80
N GLU J 86 -21.55 -20.89 69.79
CA GLU J 86 -21.90 -22.29 69.56
C GLU J 86 -23.15 -22.44 68.72
N SER J 87 -23.89 -21.34 68.50
CA SER J 87 -25.10 -21.40 67.71
C SER J 87 -24.76 -21.80 66.27
N PRO J 88 -25.64 -22.55 65.60
CA PRO J 88 -25.40 -22.93 64.21
C PRO J 88 -25.71 -21.77 63.26
N PHE J 89 -26.60 -22.03 62.30
CA PHE J 89 -27.33 -20.98 61.60
C PHE J 89 -26.50 -20.12 60.65
N ILE J 90 -25.18 -20.26 60.62
CA ILE J 90 -24.40 -19.31 59.83
C ILE J 90 -23.11 -19.92 59.26
N SER J 91 -22.48 -20.84 60.00
CA SER J 91 -21.13 -21.35 59.75
C SER J 91 -20.68 -21.32 58.29
N LYS J 92 -21.59 -21.66 57.38
CA LYS J 92 -21.31 -21.69 55.94
C LYS J 92 -20.89 -20.33 55.39
N GLU J 93 -19.60 -20.02 55.50
CA GLU J 93 -18.97 -18.73 55.16
C GLU J 93 -17.68 -18.68 55.97
N LEU J 94 -17.29 -19.85 56.50
CA LEU J 94 -16.04 -20.08 57.23
C LEU J 94 -16.27 -19.73 58.70
N GLY J 95 -16.28 -18.43 59.03
CA GLY J 95 -16.51 -18.03 60.40
C GLY J 95 -15.27 -17.50 61.08
N THR J 96 -14.82 -18.21 62.12
CA THR J 96 -13.66 -17.85 62.93
C THR J 96 -13.80 -16.43 63.46
N ARG J 97 -13.51 -15.45 62.60
CA ARG J 97 -13.67 -14.05 62.98
C ARG J 97 -15.13 -13.72 63.19
N HIS J 98 -15.99 -14.09 62.24
CA HIS J 98 -17.42 -13.86 62.38
C HIS J 98 -17.99 -14.66 63.55
N ARG J 99 -17.54 -15.90 63.73
CA ARG J 99 -18.00 -16.68 64.88
C ARG J 99 -17.68 -15.96 66.19
N ALA J 100 -16.45 -15.47 66.32
CA ALA J 100 -16.05 -14.78 67.55
C ALA J 100 -16.85 -13.49 67.74
N ALA J 101 -17.13 -12.78 66.63
CA ALA J 101 -17.93 -11.57 66.72
C ALA J 101 -19.34 -11.87 67.18
N VAL J 102 -19.98 -12.86 66.56
CA VAL J 102 -21.35 -13.23 66.90
C VAL J 102 -21.44 -13.76 68.33
N GLY J 103 -20.40 -14.43 68.82
CA GLY J 103 -20.43 -14.97 70.17
C GLY J 103 -20.62 -13.90 71.24
N ILE J 104 -19.96 -12.75 71.08
CA ILE J 104 -20.05 -11.69 72.06
C ILE J 104 -21.39 -10.93 72.00
N SER J 105 -22.13 -11.03 70.89
CA SER J 105 -23.37 -10.29 70.80
C SER J 105 -24.54 -10.91 71.57
N GLU J 106 -24.50 -12.21 71.88
CA GLU J 106 -25.53 -12.75 72.77
C GLU J 106 -25.26 -12.36 74.23
N VAL J 107 -23.99 -12.26 74.60
CA VAL J 107 -23.63 -12.01 75.99
C VAL J 107 -23.60 -10.51 76.30
N THR J 108 -23.38 -9.66 75.30
CA THR J 108 -23.25 -8.23 75.51
C THR J 108 -24.14 -7.49 74.53
N ASP J 109 -24.41 -6.23 74.84
CA ASP J 109 -25.11 -5.32 73.94
C ASP J 109 -24.17 -4.65 72.95
N SER J 110 -22.88 -5.01 72.96
CA SER J 110 -21.88 -4.36 72.14
C SER J 110 -22.19 -4.50 70.65
N LEU J 111 -21.76 -3.51 69.87
CA LEU J 111 -21.91 -3.50 68.42
C LEU J 111 -20.54 -3.79 67.83
N THR J 112 -20.40 -4.96 67.19
CA THR J 112 -19.10 -5.44 66.74
C THR J 112 -19.04 -5.35 65.22
N ILE J 113 -18.06 -4.60 64.70
CA ILE J 113 -17.84 -4.45 63.27
C ILE J 113 -16.76 -5.43 62.82
N ILE J 114 -16.93 -6.00 61.64
CA ILE J 114 -16.01 -7.00 61.11
C ILE J 114 -15.72 -6.69 59.65
N VAL J 115 -14.47 -6.91 59.24
CA VAL J 115 -14.05 -6.78 57.84
C VAL J 115 -13.50 -8.13 57.40
N SER J 116 -14.04 -8.64 56.29
CA SER J 116 -13.70 -9.98 55.83
C SER J 116 -12.33 -9.98 55.17
N GLU J 117 -11.48 -10.94 55.58
CA GLU J 117 -10.17 -11.07 54.98
C GLU J 117 -10.23 -11.61 53.55
N GLU J 118 -11.34 -12.27 53.17
CA GLU J 118 -11.51 -12.82 51.83
C GLU J 118 -12.25 -11.86 50.91
N THR J 119 -13.35 -11.27 51.39
CA THR J 119 -14.21 -10.43 50.56
C THR J 119 -13.95 -8.94 50.74
N GLY J 120 -13.64 -8.51 51.96
CA GLY J 120 -13.59 -7.09 52.22
C GLY J 120 -14.93 -6.49 52.55
N GLY J 121 -15.97 -7.31 52.71
CA GLY J 121 -17.28 -6.80 53.05
C GLY J 121 -17.37 -6.50 54.54
N VAL J 122 -18.06 -5.43 54.87
CA VAL J 122 -18.21 -5.00 56.26
C VAL J 122 -19.39 -5.73 56.87
N SER J 123 -19.17 -6.33 58.04
CA SER J 123 -20.21 -7.03 58.77
C SER J 123 -20.34 -6.41 60.16
N VAL J 124 -21.53 -6.57 60.75
CA VAL J 124 -21.83 -6.04 62.08
C VAL J 124 -22.63 -7.08 62.85
N ALA J 125 -22.38 -7.17 64.15
CA ALA J 125 -23.04 -8.13 65.01
C ALA J 125 -23.62 -7.39 66.21
N LYS J 126 -24.93 -7.55 66.43
CA LYS J 126 -25.61 -6.88 67.53
C LYS J 126 -26.78 -7.75 67.96
N ASN J 127 -26.87 -7.99 69.27
CA ASN J 127 -27.96 -8.78 69.86
C ASN J 127 -28.01 -10.20 69.30
N GLY J 128 -26.86 -10.71 68.86
CA GLY J 128 -26.76 -12.06 68.33
C GLY J 128 -27.01 -12.19 66.84
N ASP J 129 -27.34 -11.11 66.16
CA ASP J 129 -27.63 -11.11 64.74
C ASP J 129 -26.47 -10.48 63.98
N LEU J 130 -26.07 -11.12 62.87
CA LEU J 130 -24.92 -10.72 62.09
C LEU J 130 -25.42 -10.22 60.72
N HIS J 131 -25.22 -8.93 60.48
CA HIS J 131 -25.62 -8.30 59.22
C HIS J 131 -24.45 -8.32 58.25
N ARG J 132 -24.65 -8.97 57.10
CA ARG J 132 -23.61 -9.11 56.09
C ARG J 132 -23.77 -8.05 55.00
N GLU J 133 -22.66 -7.80 54.30
CA GLU J 133 -22.63 -6.96 53.11
C GLU J 133 -23.28 -5.59 53.39
N LEU J 134 -22.53 -4.78 54.13
CA LEU J 134 -22.96 -3.44 54.47
C LEU J 134 -22.32 -2.42 53.54
N THR J 135 -23.07 -1.38 53.19
CA THR J 135 -22.49 -0.31 52.40
C THR J 135 -21.82 0.72 53.31
N GLU J 136 -21.04 1.61 52.70
CA GLU J 136 -20.28 2.57 53.49
C GLU J 136 -21.19 3.48 54.30
N GLU J 137 -22.28 3.95 53.68
CA GLU J 137 -23.24 4.79 54.38
C GLU J 137 -24.27 3.99 55.17
N ALA J 138 -24.48 2.72 54.82
CA ALA J 138 -25.33 1.86 55.65
C ALA J 138 -24.70 1.60 57.01
N LEU J 139 -23.40 1.28 57.03
CA LEU J 139 -22.68 1.16 58.30
C LEU J 139 -22.67 2.49 59.05
N LYS J 140 -22.42 3.58 58.34
CA LYS J 140 -22.39 4.90 58.98
C LYS J 140 -23.73 5.20 59.65
N GLU J 141 -24.82 5.03 58.91
CA GLU J 141 -26.16 5.16 59.49
C GLU J 141 -26.40 4.10 60.55
N MET J 142 -25.92 2.87 60.32
CA MET J 142 -26.03 1.82 61.32
C MET J 142 -25.34 2.17 62.63
N LEU J 143 -24.20 2.84 62.56
CA LEU J 143 -23.39 3.21 63.73
C LEU J 143 -24.04 4.26 64.59
N GLU J 144 -25.30 4.63 64.35
CA GLU J 144 -25.98 5.55 65.24
C GLU J 144 -26.50 4.83 66.49
N ALA J 145 -25.78 3.81 66.97
CA ALA J 145 -26.12 3.23 68.26
C ALA J 145 -25.98 4.26 69.37
N GLU J 146 -25.04 5.18 69.21
CA GLU J 146 -24.95 6.32 70.11
C GLU J 146 -26.22 7.17 69.96
N PHE J 147 -26.72 7.66 71.08
CA PHE J 147 -28.02 8.32 71.13
C PHE J 147 -28.17 9.43 70.08
N GLU K 1 -10.99 73.61 -37.88
CA GLU K 1 -12.31 73.48 -38.50
C GLU K 1 -12.77 72.04 -38.35
N ALA K 2 -12.78 71.29 -39.46
CA ALA K 2 -12.92 69.85 -39.38
C ALA K 2 -11.58 69.15 -39.37
N GLN K 3 -10.51 69.88 -39.07
CA GLN K 3 -9.20 69.27 -38.84
C GLN K 3 -8.91 69.02 -37.37
N GLN K 4 -9.54 69.76 -36.47
CA GLN K 4 -9.36 69.50 -35.04
C GLN K 4 -9.92 68.13 -34.68
N LYS K 5 -11.14 67.83 -35.11
CA LYS K 5 -11.60 66.46 -35.08
C LYS K 5 -10.75 65.63 -36.05
N THR K 6 -10.96 64.32 -36.03
CA THR K 6 -10.12 63.33 -36.70
C THR K 6 -8.69 63.37 -36.15
N ILE K 7 -8.08 64.56 -36.06
CA ILE K 7 -6.78 64.68 -35.39
C ILE K 7 -6.91 64.30 -33.92
N GLU K 8 -7.95 64.83 -33.26
CA GLU K 8 -8.20 64.45 -31.88
C GLU K 8 -8.43 62.94 -31.76
N ALA K 9 -9.17 62.37 -32.72
CA ALA K 9 -9.42 60.94 -32.71
C ALA K 9 -8.13 60.16 -32.86
N ILE K 10 -7.25 60.59 -33.78
CA ILE K 10 -6.01 59.87 -34.01
C ILE K 10 -5.13 59.90 -32.76
N THR K 11 -4.99 61.07 -32.14
CA THR K 11 -4.16 61.17 -30.93
C THR K 11 -4.73 60.35 -29.79
N LYS K 12 -6.05 60.39 -29.60
CA LYS K 12 -6.64 59.60 -28.52
C LYS K 12 -6.45 58.10 -28.77
N ALA K 13 -6.66 57.65 -30.01
CA ALA K 13 -6.47 56.24 -30.35
C ALA K 13 -5.01 55.82 -30.15
N ILE K 14 -4.07 56.67 -30.57
CA ILE K 14 -2.66 56.33 -30.47
C ILE K 14 -2.24 56.26 -29.01
N ASN K 15 -2.70 57.19 -28.18
CA ASN K 15 -2.37 57.12 -26.75
C ASN K 15 -3.02 55.93 -26.08
N TYR K 16 -4.22 55.57 -26.54
CA TYR K 16 -4.92 54.40 -26.00
C TYR K 16 -4.11 53.15 -26.27
N MET K 17 -3.69 52.96 -27.52
CA MET K 17 -2.89 51.77 -27.83
C MET K 17 -1.48 51.84 -27.30
N ALA K 18 -0.94 53.04 -27.06
CA ALA K 18 0.42 53.13 -26.54
C ALA K 18 0.47 52.70 -25.07
N LYS K 19 -0.51 53.12 -24.27
CA LYS K 19 -0.49 52.73 -22.86
C LYS K 19 -0.58 51.21 -22.68
N ARG K 20 -1.16 50.50 -23.65
CA ARG K 20 -1.32 49.05 -23.59
C ARG K 20 -0.25 48.29 -24.33
N ARG K 21 0.35 48.88 -25.38
CA ARG K 21 1.44 48.32 -26.16
C ARG K 21 0.87 47.42 -27.24
N ILE K 22 0.02 48.01 -28.07
CA ILE K 22 -0.63 47.33 -29.18
C ILE K 22 -0.03 47.87 -30.47
N GLY K 23 0.59 47.00 -31.26
CA GLY K 23 1.22 47.45 -32.49
C GLY K 23 0.20 48.08 -33.44
N ALA K 24 0.59 49.19 -34.04
CA ALA K 24 -0.32 49.94 -34.90
C ALA K 24 0.47 50.60 -36.02
N LEU K 25 -0.22 50.83 -37.15
CA LEU K 25 0.41 51.37 -38.35
C LEU K 25 -0.64 52.16 -39.12
N LEU K 26 -0.57 53.49 -39.06
CA LEU K 26 -1.59 54.36 -39.64
C LEU K 26 -0.92 55.33 -40.60
N THR K 27 -1.33 55.29 -41.87
CA THR K 27 -0.69 56.03 -42.95
C THR K 27 -1.67 57.09 -43.45
N ILE K 28 -1.32 58.36 -43.30
CA ILE K 28 -2.17 59.46 -43.74
C ILE K 28 -1.69 59.90 -45.11
N GLU K 29 -2.59 59.89 -46.08
CA GLU K 29 -2.29 60.38 -47.42
C GLU K 29 -2.38 61.90 -47.47
N ARG K 30 -1.52 62.50 -48.28
CA ARG K 30 -1.58 63.93 -48.50
C ARG K 30 -1.63 64.27 -49.99
N ASP K 31 -0.49 64.25 -50.67
CA ASP K 31 -0.43 64.64 -52.07
C ASP K 31 -0.17 63.49 -53.03
N THR K 32 0.60 62.48 -52.62
CA THR K 32 0.86 61.33 -53.49
C THR K 32 -0.34 60.40 -53.48
N GLY K 33 -0.78 60.00 -54.67
CA GLY K 33 -1.89 59.07 -54.78
C GLY K 33 -1.47 57.67 -54.35
N MET K 34 -2.14 57.11 -53.35
CA MET K 34 -1.79 55.79 -52.83
C MET K 34 -2.87 54.75 -53.10
N GLY K 35 -3.71 54.96 -54.11
CA GLY K 35 -4.78 54.02 -54.39
C GLY K 35 -4.27 52.62 -54.65
N ASP K 36 -3.09 52.48 -55.26
CA ASP K 36 -2.50 51.17 -55.47
C ASP K 36 -2.26 50.44 -54.15
N TYR K 37 -2.00 51.18 -53.07
CA TYR K 37 -1.85 50.57 -51.76
C TYR K 37 -3.17 50.43 -51.02
N ILE K 38 -4.16 51.27 -51.33
CA ILE K 38 -5.48 51.13 -50.74
C ILE K 38 -6.14 49.84 -51.23
N GLU K 39 -6.00 49.54 -52.52
CA GLU K 39 -6.66 48.39 -53.12
C GLU K 39 -6.07 47.05 -52.68
N THR K 40 -5.10 47.04 -51.77
CA THR K 40 -4.54 45.79 -51.25
C THR K 40 -5.16 45.36 -49.92
N GLY K 41 -5.89 46.23 -49.24
CA GLY K 41 -6.47 45.94 -47.95
C GLY K 41 -7.97 45.73 -48.01
N ILE K 42 -8.57 45.73 -46.81
CA ILE K 42 -10.01 45.56 -46.66
C ILE K 42 -10.65 46.96 -46.76
N PRO K 43 -11.44 47.24 -47.79
CA PRO K 43 -11.99 48.60 -47.93
C PRO K 43 -13.03 48.89 -46.86
N LEU K 44 -12.95 50.10 -46.29
CA LEU K 44 -13.90 50.57 -45.29
C LEU K 44 -14.56 51.88 -45.69
N ASN K 45 -13.78 52.86 -46.13
CA ASN K 45 -14.30 54.20 -46.43
C ASN K 45 -15.16 54.72 -45.30
N ALA K 46 -14.70 54.51 -44.07
CA ALA K 46 -15.44 54.84 -42.88
C ALA K 46 -15.03 56.21 -42.35
N LYS K 47 -15.94 56.87 -41.67
CA LYS K 47 -15.63 58.13 -41.00
C LYS K 47 -14.68 57.86 -39.83
N VAL K 48 -13.76 58.78 -39.60
CA VAL K 48 -12.66 58.54 -38.67
C VAL K 48 -13.15 58.75 -37.24
N SER K 49 -12.86 57.80 -36.38
CA SER K 49 -13.21 57.88 -34.96
C SER K 49 -12.18 57.08 -34.18
N SER K 50 -11.89 57.54 -32.96
CA SER K 50 -10.88 56.87 -32.14
C SER K 50 -11.26 55.42 -31.86
N GLU K 51 -12.53 55.17 -31.56
CA GLU K 51 -12.98 53.82 -31.24
C GLU K 51 -12.79 52.88 -32.42
N LEU K 52 -13.13 53.33 -33.63
CA LEU K 52 -12.96 52.49 -34.81
C LEU K 52 -11.49 52.17 -35.04
N LEU K 53 -10.62 53.17 -34.91
CA LEU K 53 -9.18 52.93 -35.09
C LEU K 53 -8.67 51.91 -34.08
N ILE K 54 -9.04 52.08 -32.80
CA ILE K 54 -8.68 51.10 -31.79
C ILE K 54 -9.18 49.71 -32.17
N ASN K 55 -10.42 49.63 -32.67
CA ASN K 55 -11.00 48.36 -33.08
C ASN K 55 -10.21 47.71 -34.20
N ILE K 56 -9.66 48.53 -35.10
CA ILE K 56 -8.94 47.97 -36.24
C ILE K 56 -7.71 47.20 -35.77
N PHE K 57 -6.87 47.84 -34.95
CA PHE K 57 -5.57 47.27 -34.62
C PHE K 57 -5.60 46.41 -33.37
N ILE K 58 -6.62 45.61 -33.13
CA ILE K 58 -6.63 44.78 -31.93
C ILE K 58 -5.61 43.68 -32.17
N PRO K 59 -4.90 43.18 -31.11
CA PRO K 59 -3.76 42.27 -31.30
C PRO K 59 -3.89 41.24 -32.41
N ASN K 60 -4.92 40.40 -32.40
CA ASN K 60 -5.07 39.44 -33.48
C ASN K 60 -6.52 39.47 -33.97
N THR K 61 -6.70 39.84 -35.23
CA THR K 61 -8.00 40.11 -35.81
C THR K 61 -7.87 40.13 -37.31
N PRO K 62 -8.96 39.98 -38.05
CA PRO K 62 -8.86 40.06 -39.52
C PRO K 62 -8.40 41.43 -39.99
N LEU K 63 -8.74 42.49 -39.28
CA LEU K 63 -8.36 43.85 -39.68
C LEU K 63 -7.13 44.32 -38.96
N HIS K 64 -6.12 43.48 -38.79
CA HIS K 64 -4.92 43.85 -38.06
C HIS K 64 -3.63 43.55 -38.79
N ASP K 65 -3.62 42.64 -39.75
CA ASP K 65 -2.42 42.28 -40.49
C ASP K 65 -2.33 43.23 -41.67
N GLY K 66 -1.62 44.34 -41.48
CA GLY K 66 -1.54 45.39 -42.46
C GLY K 66 -1.59 46.75 -41.80
N ALA K 67 -1.84 47.76 -42.62
CA ALA K 67 -1.82 49.16 -42.20
C ALA K 67 -3.15 49.82 -42.53
N VAL K 68 -3.55 50.76 -41.70
CA VAL K 68 -4.73 51.58 -41.96
C VAL K 68 -4.32 52.75 -42.83
N ILE K 69 -5.15 53.07 -43.81
CA ILE K 69 -4.90 54.15 -44.77
C ILE K 69 -5.98 55.20 -44.61
N MET K 70 -5.56 56.46 -44.39
CA MET K 70 -6.51 57.56 -44.26
C MET K 70 -6.47 58.43 -45.50
N LYS K 71 -7.59 58.53 -46.20
CA LYS K 71 -7.75 59.43 -47.33
C LYS K 71 -8.83 60.43 -46.96
N ASN K 72 -8.61 61.70 -47.31
CA ASN K 72 -9.49 62.80 -46.90
C ASN K 72 -9.52 62.77 -45.37
N ASN K 73 -10.70 62.68 -44.75
CA ASN K 73 -10.85 62.47 -43.32
C ASN K 73 -11.61 61.17 -43.07
N GLU K 74 -11.28 60.15 -43.88
CA GLU K 74 -11.94 58.85 -43.82
C GLU K 74 -10.90 57.73 -43.86
N ILE K 75 -11.17 56.67 -43.10
CA ILE K 75 -10.35 55.46 -43.15
C ILE K 75 -10.72 54.74 -44.44
N ALA K 76 -9.92 54.94 -45.50
CA ALA K 76 -10.24 54.36 -46.80
C ALA K 76 -10.23 52.83 -46.76
N ALA K 77 -9.21 52.25 -46.14
CA ALA K 77 -9.10 50.80 -46.06
C ALA K 77 -8.21 50.44 -44.87
N ALA K 78 -8.28 49.17 -44.49
CA ALA K 78 -7.46 48.64 -43.41
C ALA K 78 -6.78 47.37 -43.89
N ALA K 79 -5.79 46.93 -43.11
CA ALA K 79 -4.99 45.75 -43.44
C ALA K 79 -4.33 45.89 -44.82
N CYS K 80 -3.93 47.11 -45.15
CA CYS K 80 -3.22 47.37 -46.39
C CYS K 80 -1.74 47.09 -46.22
N TYR K 81 -1.10 46.68 -47.31
CA TYR K 81 0.32 46.35 -47.29
C TYR K 81 1.14 47.35 -48.07
N LEU K 82 2.17 47.86 -47.43
CA LEU K 82 3.18 48.85 -47.73
C LEU K 82 4.50 48.17 -48.06
N PRO K 83 5.30 48.75 -48.94
CA PRO K 83 6.59 48.14 -49.30
C PRO K 83 7.65 48.35 -48.24
N LEU K 84 8.50 47.33 -48.09
CA LEU K 84 9.57 47.39 -47.11
C LEU K 84 10.75 48.18 -47.68
N SER K 85 11.45 48.91 -46.81
CA SER K 85 12.48 49.82 -47.31
C SER K 85 13.89 49.23 -47.32
N GLU K 86 14.12 48.12 -46.61
CA GLU K 86 15.45 47.49 -46.55
C GLU K 86 16.57 48.50 -46.30
N SER K 87 16.31 49.48 -45.41
CA SER K 87 17.33 50.48 -45.14
C SER K 87 18.08 50.14 -43.84
N PRO K 88 19.37 50.46 -43.77
CA PRO K 88 20.14 50.13 -42.56
C PRO K 88 19.90 51.06 -41.39
N PHE K 89 19.35 52.25 -41.61
CA PHE K 89 19.12 53.20 -40.52
C PHE K 89 17.91 52.82 -39.68
N ILE K 90 17.12 51.84 -40.10
CA ILE K 90 16.16 51.21 -39.21
C ILE K 90 16.93 50.30 -38.25
N SER K 91 16.83 50.57 -36.97
CA SER K 91 17.44 49.69 -35.98
C SER K 91 16.87 48.28 -36.14
N LYS K 92 17.74 47.29 -36.13
CA LYS K 92 17.27 45.92 -36.09
C LYS K 92 16.83 45.58 -34.68
N GLU K 93 16.33 44.35 -34.50
CA GLU K 93 15.67 43.83 -33.32
C GLU K 93 14.21 44.33 -33.27
N LEU K 94 13.85 45.33 -34.07
CA LEU K 94 12.48 45.68 -34.33
C LEU K 94 12.20 45.39 -35.79
N GLY K 95 11.30 46.14 -36.42
CA GLY K 95 11.05 46.03 -37.84
C GLY K 95 9.59 45.77 -38.15
N THR K 96 9.34 44.96 -39.18
CA THR K 96 8.04 44.60 -39.71
C THR K 96 7.21 45.85 -40.03
N ARG K 97 6.52 46.38 -39.02
CA ARG K 97 5.74 47.59 -39.19
C ARG K 97 6.62 48.81 -39.43
N HIS K 98 7.71 48.95 -38.68
CA HIS K 98 8.59 50.10 -38.86
C HIS K 98 9.22 50.11 -40.25
N ARG K 99 9.69 48.94 -40.73
CA ARG K 99 10.20 48.87 -42.10
C ARG K 99 9.13 49.27 -43.11
N ALA K 100 7.90 48.78 -42.94
CA ALA K 100 6.85 49.13 -43.89
C ALA K 100 6.55 50.62 -43.85
N ALA K 101 6.60 51.22 -42.66
CA ALA K 101 6.33 52.64 -42.52
C ALA K 101 7.37 53.48 -43.25
N VAL K 102 8.66 53.20 -43.00
CA VAL K 102 9.68 53.97 -43.69
C VAL K 102 9.66 53.68 -45.19
N GLY K 103 9.34 52.44 -45.58
CA GLY K 103 9.28 52.12 -46.99
C GLY K 103 8.18 52.88 -47.72
N ILE K 104 7.02 53.01 -47.09
CA ILE K 104 5.93 53.76 -47.73
C ILE K 104 6.18 55.25 -47.65
N SER K 105 6.97 55.71 -46.67
CA SER K 105 7.30 57.13 -46.58
C SER K 105 8.40 57.53 -47.55
N GLU K 106 9.19 56.56 -48.03
CA GLU K 106 10.20 56.86 -49.04
C GLU K 106 9.57 57.15 -50.39
N VAL K 107 8.48 56.45 -50.72
CA VAL K 107 7.89 56.58 -52.05
C VAL K 107 6.82 57.67 -52.11
N THR K 108 6.20 58.02 -50.98
CA THR K 108 5.05 58.91 -50.97
C THR K 108 5.23 60.06 -49.99
N ASP K 109 4.36 61.05 -50.13
CA ASP K 109 4.27 62.18 -49.21
C ASP K 109 3.49 61.84 -47.95
N SER K 110 3.07 60.60 -47.79
CA SER K 110 2.26 60.18 -46.66
C SER K 110 3.01 60.33 -45.34
N LEU K 111 2.24 60.55 -44.27
CA LEU K 111 2.75 60.64 -42.91
C LEU K 111 2.37 59.37 -42.16
N THR K 112 3.36 58.58 -41.74
CA THR K 112 3.07 57.26 -41.19
C THR K 112 3.33 57.24 -39.68
N ILE K 113 2.31 56.92 -38.91
CA ILE K 113 2.41 56.76 -37.46
C ILE K 113 2.55 55.27 -37.15
N ILE K 114 3.37 54.96 -36.15
CA ILE K 114 3.62 53.57 -35.76
C ILE K 114 3.56 53.48 -34.25
N VAL K 115 2.98 52.39 -33.75
CA VAL K 115 2.97 52.08 -32.32
C VAL K 115 3.63 50.73 -32.14
N SER K 116 4.66 50.68 -31.31
CA SER K 116 5.45 49.46 -31.16
C SER K 116 4.75 48.45 -30.28
N GLU K 117 4.62 47.22 -30.78
CA GLU K 117 4.05 46.15 -29.96
C GLU K 117 5.03 45.67 -28.90
N GLU K 118 6.31 46.02 -29.02
CA GLU K 118 7.32 45.58 -28.07
C GLU K 118 7.52 46.60 -26.94
N THR K 119 7.65 47.88 -27.28
CA THR K 119 7.93 48.94 -26.31
C THR K 119 6.70 49.76 -25.96
N GLY K 120 5.80 50.00 -26.91
CA GLY K 120 4.73 50.95 -26.75
C GLY K 120 5.09 52.37 -27.09
N GLY K 121 6.27 52.61 -27.65
CA GLY K 121 6.66 53.96 -28.03
C GLY K 121 6.09 54.33 -29.39
N VAL K 122 5.69 55.59 -29.51
CA VAL K 122 5.10 56.11 -30.74
C VAL K 122 6.23 56.59 -31.65
N SER K 123 6.19 56.16 -32.90
CA SER K 123 7.18 56.53 -33.91
C SER K 123 6.47 57.17 -35.10
N VAL K 124 7.23 57.94 -35.88
CA VAL K 124 6.69 58.62 -37.04
C VAL K 124 7.68 58.50 -38.21
N ALA K 125 7.13 58.43 -39.41
CA ALA K 125 7.89 58.24 -40.64
C ALA K 125 7.47 59.26 -41.68
N LYS K 126 8.45 59.98 -42.22
CA LYS K 126 8.23 60.98 -43.25
C LYS K 126 9.47 61.08 -44.13
N ASN K 127 9.26 60.96 -45.45
CA ASN K 127 10.31 61.12 -46.45
C ASN K 127 11.49 60.17 -46.22
N GLY K 128 11.23 59.01 -45.63
CA GLY K 128 12.27 58.05 -45.35
C GLY K 128 12.94 58.21 -44.01
N ASP K 129 12.54 59.20 -43.21
CA ASP K 129 13.13 59.42 -41.90
C ASP K 129 12.17 58.92 -40.82
N LEU K 130 12.70 58.15 -39.88
CA LEU K 130 11.93 57.52 -38.82
C LEU K 130 12.36 58.10 -37.47
N HIS K 131 11.49 58.87 -36.85
CA HIS K 131 11.71 59.42 -35.53
C HIS K 131 11.05 58.50 -34.50
N ARG K 132 11.85 57.96 -33.59
CA ARG K 132 11.34 57.05 -32.57
C ARG K 132 11.08 57.80 -31.26
N GLU K 133 10.24 57.19 -30.42
CA GLU K 133 9.97 57.65 -29.06
C GLU K 133 9.53 59.11 -29.06
N LEU K 134 8.28 59.31 -29.49
CA LEU K 134 7.67 60.63 -29.51
C LEU K 134 6.77 60.83 -28.30
N THR K 135 6.71 62.08 -27.83
CA THR K 135 5.81 62.46 -26.76
C THR K 135 4.43 62.81 -27.32
N GLU K 136 3.45 62.92 -26.43
CA GLU K 136 2.08 63.19 -26.85
C GLU K 136 1.97 64.53 -27.56
N GLU K 137 2.67 65.55 -27.04
CA GLU K 137 2.62 66.86 -27.68
C GLU K 137 3.52 66.94 -28.90
N ALA K 138 4.55 66.09 -28.99
CA ALA K 138 5.31 66.01 -30.22
C ALA K 138 4.47 65.46 -31.36
N LEU K 139 3.73 64.37 -31.09
CA LEU K 139 2.77 63.85 -32.07
C LEU K 139 1.68 64.87 -32.37
N LYS K 140 1.23 65.61 -31.36
CA LYS K 140 0.18 66.60 -31.58
C LYS K 140 0.66 67.70 -32.52
N GLU K 141 1.85 68.24 -32.26
CA GLU K 141 2.42 69.26 -33.13
C GLU K 141 2.67 68.73 -34.53
N MET K 142 3.18 67.50 -34.66
CA MET K 142 3.37 66.93 -35.97
C MET K 142 2.06 66.78 -36.73
N LEU K 143 1.00 66.35 -36.05
CA LEU K 143 -0.28 66.17 -36.72
C LEU K 143 -1.00 67.48 -36.96
N GLU K 144 -0.65 68.54 -36.25
CA GLU K 144 -1.18 69.87 -36.59
C GLU K 144 -0.40 70.51 -37.72
N ALA K 145 0.84 70.07 -37.95
CA ALA K 145 1.58 70.54 -39.12
C ALA K 145 0.92 70.12 -40.42
N GLU K 146 0.26 68.96 -40.42
CA GLU K 146 -0.49 68.50 -41.59
C GLU K 146 -1.62 69.46 -41.96
N GLU L 1 -29.10 42.04 -57.52
CA GLU L 1 -28.54 40.89 -56.83
C GLU L 1 -27.11 41.16 -56.36
N ALA L 2 -26.78 42.45 -56.22
CA ALA L 2 -25.56 42.83 -55.54
C ALA L 2 -25.79 43.04 -54.04
N GLN L 3 -26.88 42.50 -53.52
CA GLN L 3 -27.13 42.44 -52.09
C GLN L 3 -26.65 41.13 -51.49
N GLN L 4 -26.44 40.10 -52.32
CA GLN L 4 -25.88 38.85 -51.82
C GLN L 4 -24.53 39.11 -51.17
N LYS L 5 -23.65 39.85 -51.86
CA LYS L 5 -22.50 40.43 -51.18
C LYS L 5 -23.05 41.43 -50.17
N THR L 6 -22.99 41.04 -48.89
CA THR L 6 -23.56 41.67 -47.70
C THR L 6 -24.19 40.57 -46.86
N ILE L 7 -25.07 39.79 -47.48
CA ILE L 7 -25.58 38.60 -46.82
C ILE L 7 -24.46 37.61 -46.57
N GLU L 8 -23.61 37.39 -47.57
CA GLU L 8 -22.46 36.52 -47.40
C GLU L 8 -21.57 37.01 -46.28
N ALA L 9 -21.33 38.32 -46.22
CA ALA L 9 -20.50 38.88 -45.15
C ALA L 9 -21.14 38.65 -43.79
N ILE L 10 -22.45 38.89 -43.67
CA ILE L 10 -23.12 38.75 -42.39
C ILE L 10 -23.09 37.30 -41.93
N THR L 11 -23.41 36.36 -42.81
CA THR L 11 -23.37 34.95 -42.41
C THR L 11 -21.97 34.50 -42.05
N LYS L 12 -20.96 34.95 -42.80
CA LYS L 12 -19.59 34.56 -42.45
C LYS L 12 -19.21 35.11 -41.08
N ALA L 13 -19.54 36.39 -40.83
CA ALA L 13 -19.21 36.99 -39.53
C ALA L 13 -19.96 36.29 -38.40
N ILE L 14 -21.24 36.01 -38.59
CA ILE L 14 -22.04 35.42 -37.52
C ILE L 14 -21.59 33.99 -37.25
N ASN L 15 -21.31 33.21 -38.30
CA ASN L 15 -20.81 31.87 -38.08
C ASN L 15 -19.43 31.89 -37.44
N TYR L 16 -18.62 32.90 -37.79
CA TYR L 16 -17.30 33.02 -37.20
C TYR L 16 -17.41 33.29 -35.70
N MET L 17 -18.22 34.29 -35.32
CA MET L 17 -18.34 34.61 -33.89
C MET L 17 -19.09 33.53 -33.14
N ALA L 18 -19.93 32.75 -33.83
CA ALA L 18 -20.64 31.66 -33.16
C ALA L 18 -19.70 30.50 -32.86
N LYS L 19 -18.84 30.15 -33.83
CA LYS L 19 -17.87 29.08 -33.58
C LYS L 19 -16.91 29.45 -32.47
N ARG L 20 -16.69 30.75 -32.25
CA ARG L 20 -15.81 31.25 -31.20
C ARG L 20 -16.54 31.64 -29.94
N ARG L 21 -17.85 31.85 -30.02
CA ARG L 21 -18.71 32.22 -28.90
C ARG L 21 -18.39 33.67 -28.54
N ILE L 22 -18.55 34.53 -29.54
CA ILE L 22 -18.29 35.96 -29.43
C ILE L 22 -19.63 36.70 -29.46
N GLY L 23 -19.93 37.42 -28.39
CA GLY L 23 -21.19 38.14 -28.33
C GLY L 23 -21.31 39.15 -29.45
N ALA L 24 -22.50 39.22 -30.05
CA ALA L 24 -22.75 40.08 -31.20
C ALA L 24 -24.19 40.55 -31.20
N LEU L 25 -24.42 41.71 -31.81
CA LEU L 25 -25.75 42.32 -31.88
C LEU L 25 -25.80 43.17 -33.15
N LEU L 26 -26.47 42.65 -34.17
CA LEU L 26 -26.51 43.26 -35.50
C LEU L 26 -27.96 43.50 -35.85
N THR L 27 -28.30 44.74 -36.23
CA THR L 27 -29.69 45.16 -36.29
C THR L 27 -30.25 45.29 -37.69
N ILE L 28 -29.54 45.93 -38.62
CA ILE L 28 -29.99 46.12 -40.01
C ILE L 28 -31.28 46.91 -40.10
N GLU L 29 -31.23 48.07 -40.75
CA GLU L 29 -32.43 48.88 -40.97
C GLU L 29 -33.20 48.34 -42.17
N ARG L 30 -34.52 48.50 -42.13
CA ARG L 30 -35.36 48.14 -43.28
C ARG L 30 -36.22 49.33 -43.71
N ASP L 31 -37.39 49.50 -43.09
CA ASP L 31 -38.30 50.57 -43.44
C ASP L 31 -38.48 51.61 -42.35
N THR L 32 -38.40 51.21 -41.09
CA THR L 32 -38.52 52.14 -39.98
C THR L 32 -37.21 52.90 -39.81
N GLY L 33 -37.32 54.22 -39.65
CA GLY L 33 -36.13 55.04 -39.48
C GLY L 33 -35.48 54.80 -38.13
N MET L 34 -34.19 54.46 -38.14
CA MET L 34 -33.45 54.17 -36.93
C MET L 34 -32.45 55.27 -36.59
N GLY L 35 -32.66 56.47 -37.12
CA GLY L 35 -31.72 57.55 -36.85
C GLY L 35 -31.59 57.87 -35.38
N ASP L 36 -32.69 57.76 -34.63
CA ASP L 36 -32.65 57.99 -33.19
C ASP L 36 -31.70 57.02 -32.51
N TYR L 37 -31.61 55.79 -33.01
CA TYR L 37 -30.70 54.80 -32.45
C TYR L 37 -29.32 54.84 -33.10
N ILE L 38 -29.22 55.30 -34.35
CA ILE L 38 -27.91 55.46 -34.97
C ILE L 38 -27.13 56.58 -34.29
N GLU L 39 -27.80 57.70 -33.98
CA GLU L 39 -27.12 58.85 -33.41
C GLU L 39 -26.70 58.66 -31.96
N THR L 40 -26.93 57.49 -31.36
CA THR L 40 -26.45 57.23 -30.01
C THR L 40 -25.15 56.46 -29.97
N GLY L 41 -24.71 55.90 -31.10
CA GLY L 41 -23.49 55.14 -31.17
C GLY L 41 -22.37 55.90 -31.86
N ILE L 42 -21.31 55.18 -32.17
CA ILE L 42 -20.14 55.74 -32.84
C ILE L 42 -20.38 55.66 -34.35
N PRO L 43 -20.51 56.78 -35.05
CA PRO L 43 -20.81 56.72 -36.48
C PRO L 43 -19.62 56.17 -37.28
N LEU L 44 -19.94 55.28 -38.22
CA LEU L 44 -18.94 54.69 -39.10
C LEU L 44 -19.24 54.92 -40.57
N ASN L 45 -20.47 54.66 -41.01
CA ASN L 45 -20.84 54.74 -42.42
C ASN L 45 -19.85 53.94 -43.28
N ALA L 46 -19.47 52.77 -42.78
CA ALA L 46 -18.44 51.94 -43.39
C ALA L 46 -19.07 50.89 -44.31
N LYS L 47 -18.28 50.45 -45.29
CA LYS L 47 -18.70 49.35 -46.14
C LYS L 47 -18.74 48.06 -45.35
N VAL L 48 -19.72 47.22 -45.66
CA VAL L 48 -19.99 46.02 -44.86
C VAL L 48 -19.02 44.92 -45.28
N SER L 49 -18.36 44.32 -44.30
CA SER L 49 -17.44 43.21 -44.55
C SER L 49 -17.40 42.34 -43.31
N SER L 50 -17.21 41.04 -43.52
CA SER L 50 -17.16 40.10 -42.40
C SER L 50 -16.03 40.47 -41.44
N GLU L 51 -14.88 40.87 -41.99
CA GLU L 51 -13.73 41.21 -41.17
C GLU L 51 -14.05 42.40 -40.27
N LEU L 52 -14.71 43.41 -40.82
CA LEU L 52 -15.06 44.58 -40.01
C LEU L 52 -16.03 44.22 -38.89
N LEU L 53 -17.05 43.42 -39.19
CA LEU L 53 -18.00 43.01 -38.17
C LEU L 53 -17.33 42.22 -37.05
N ILE L 54 -16.50 41.24 -37.43
CA ILE L 54 -15.76 40.46 -36.44
C ILE L 54 -14.91 41.38 -35.58
N ASN L 55 -14.22 42.35 -36.20
CA ASN L 55 -13.44 43.29 -35.43
C ASN L 55 -14.33 44.12 -34.51
N ILE L 56 -15.54 44.43 -34.95
CA ILE L 56 -16.44 45.25 -34.14
C ILE L 56 -16.75 44.52 -32.84
N PHE L 57 -17.13 43.26 -32.92
CA PHE L 57 -17.59 42.60 -31.70
C PHE L 57 -16.47 41.88 -30.94
N ILE L 58 -15.26 42.40 -30.96
CA ILE L 58 -14.15 41.77 -30.24
C ILE L 58 -14.27 42.14 -28.76
N PRO L 59 -13.98 41.20 -27.83
CA PRO L 59 -14.09 41.47 -26.40
C PRO L 59 -13.58 42.83 -25.91
N ASN L 60 -12.28 42.92 -25.66
CA ASN L 60 -11.65 44.13 -25.11
C ASN L 60 -12.10 45.44 -25.79
N THR L 61 -12.39 45.40 -27.08
CA THR L 61 -12.47 46.64 -27.85
C THR L 61 -13.61 47.56 -27.40
N PRO L 62 -13.49 48.86 -27.68
CA PRO L 62 -14.58 49.79 -27.32
C PRO L 62 -15.85 49.64 -28.15
N LEU L 63 -15.76 49.21 -29.40
CA LEU L 63 -16.95 49.17 -30.25
C LEU L 63 -17.64 47.81 -30.21
N HIS L 64 -17.82 47.24 -29.03
CA HIS L 64 -18.44 45.93 -28.93
C HIS L 64 -19.60 45.86 -27.96
N ASP L 65 -19.67 46.76 -26.98
CA ASP L 65 -20.77 46.75 -26.01
C ASP L 65 -21.85 47.66 -26.57
N GLY L 66 -22.81 47.06 -27.26
CA GLY L 66 -23.85 47.76 -27.97
C GLY L 66 -24.15 47.06 -29.28
N ALA L 67 -24.88 47.74 -30.16
CA ALA L 67 -25.34 47.15 -31.41
C ALA L 67 -24.90 47.98 -32.61
N VAL L 68 -24.57 47.29 -33.70
CA VAL L 68 -24.31 47.93 -34.99
C VAL L 68 -25.62 47.98 -35.79
N ILE L 69 -25.82 49.10 -36.49
CA ILE L 69 -27.01 49.32 -37.31
C ILE L 69 -26.58 49.43 -38.77
N MET L 70 -27.21 48.64 -39.64
CA MET L 70 -26.87 48.58 -41.05
C MET L 70 -27.89 49.34 -41.89
N LYS L 71 -27.42 50.31 -42.67
CA LYS L 71 -28.25 51.12 -43.56
C LYS L 71 -27.88 50.87 -45.03
N ASN L 72 -28.58 49.90 -45.66
CA ASN L 72 -28.34 49.54 -47.06
C ASN L 72 -26.87 49.26 -47.35
N ASN L 73 -26.40 48.07 -46.99
CA ASN L 73 -25.06 47.59 -47.32
C ASN L 73 -23.96 48.48 -46.75
N GLU L 74 -24.24 49.16 -45.64
CA GLU L 74 -23.22 49.93 -44.94
C GLU L 74 -23.47 49.84 -43.45
N ILE L 75 -22.39 49.70 -42.67
CA ILE L 75 -22.48 49.74 -41.22
C ILE L 75 -22.58 51.21 -40.81
N ALA L 76 -23.81 51.67 -40.54
CA ALA L 76 -24.03 53.09 -40.26
C ALA L 76 -23.31 53.51 -38.97
N ALA L 77 -23.44 52.72 -37.92
CA ALA L 77 -22.81 53.05 -36.64
C ALA L 77 -22.66 51.78 -35.82
N ALA L 78 -21.82 51.86 -34.79
CA ALA L 78 -21.58 50.76 -33.86
C ALA L 78 -21.72 51.25 -32.43
N ALA L 79 -21.81 50.30 -31.50
CA ALA L 79 -21.98 50.60 -30.09
C ALA L 79 -23.22 51.45 -29.84
N CYS L 80 -24.27 51.16 -30.60
CA CYS L 80 -25.54 51.85 -30.45
C CYS L 80 -26.34 51.25 -29.30
N TYR L 81 -27.24 52.07 -28.74
CA TYR L 81 -28.00 51.70 -27.57
C TYR L 81 -29.42 51.33 -28.02
N LEU L 82 -29.83 50.12 -27.71
CA LEU L 82 -31.14 49.64 -28.11
C LEU L 82 -32.07 49.59 -26.90
N PRO L 83 -33.37 49.81 -27.09
CA PRO L 83 -34.28 49.75 -25.94
C PRO L 83 -34.56 48.30 -25.56
N LEU L 84 -34.63 48.05 -24.27
CA LEU L 84 -34.88 46.72 -23.74
C LEU L 84 -36.37 46.43 -23.68
N SER L 85 -36.71 45.16 -23.84
CA SER L 85 -38.11 44.73 -23.91
C SER L 85 -38.62 44.43 -22.51
N GLU L 86 -39.82 44.93 -22.21
CA GLU L 86 -40.44 44.73 -20.89
C GLU L 86 -41.46 43.60 -20.92
N SER L 87 -41.19 42.56 -21.72
CA SER L 87 -42.02 41.38 -21.89
C SER L 87 -41.39 40.18 -21.19
N PRO L 88 -42.21 39.25 -20.66
CA PRO L 88 -41.66 38.05 -20.01
C PRO L 88 -41.21 36.99 -21.02
N LYS L 92 -37.56 34.17 -20.01
CA LYS L 92 -36.74 34.67 -18.91
C LYS L 92 -35.42 33.89 -18.83
N GLU L 93 -34.47 34.42 -18.05
CA GLU L 93 -33.11 33.86 -17.91
C GLU L 93 -32.30 34.00 -19.19
N LEU L 94 -32.34 35.17 -19.83
CA LEU L 94 -31.48 35.45 -20.96
C LEU L 94 -30.44 36.50 -20.51
N GLY L 95 -29.93 37.28 -21.47
CA GLY L 95 -29.00 38.32 -21.11
C GLY L 95 -29.49 39.70 -21.50
N THR L 96 -28.56 40.60 -21.82
CA THR L 96 -28.95 41.95 -22.19
C THR L 96 -29.07 42.15 -23.71
N ARG L 97 -28.28 41.40 -24.49
CA ARG L 97 -28.37 41.51 -25.95
C ARG L 97 -29.69 40.97 -26.46
N HIS L 98 -30.13 39.81 -25.96
CA HIS L 98 -31.42 39.26 -26.40
C HIS L 98 -32.56 40.20 -26.04
N ARG L 99 -32.51 40.76 -24.83
CA ARG L 99 -33.52 41.73 -24.40
C ARG L 99 -33.53 42.95 -25.32
N ALA L 100 -32.35 43.47 -25.65
CA ALA L 100 -32.27 44.64 -26.52
C ALA L 100 -32.75 44.33 -27.93
N ALA L 101 -32.46 43.12 -28.41
CA ALA L 101 -32.91 42.71 -29.73
C ALA L 101 -34.43 42.67 -29.79
N VAL L 102 -35.05 42.03 -28.79
CA VAL L 102 -36.52 41.97 -28.78
C VAL L 102 -37.10 43.37 -28.62
N GLY L 103 -36.45 44.21 -27.82
CA GLY L 103 -36.95 45.57 -27.64
C GLY L 103 -36.91 46.38 -28.92
N ILE L 104 -35.82 46.27 -29.69
CA ILE L 104 -35.75 47.02 -30.94
C ILE L 104 -36.62 46.39 -32.02
N SER L 105 -36.91 45.09 -31.92
CA SER L 105 -37.80 44.46 -32.88
C SER L 105 -39.26 44.76 -32.58
N GLU L 106 -39.56 45.17 -31.34
CA GLU L 106 -40.92 45.60 -31.02
C GLU L 106 -41.22 46.97 -31.63
N VAL L 107 -40.22 47.85 -31.69
CA VAL L 107 -40.47 49.21 -32.15
C VAL L 107 -40.31 49.35 -33.67
N THR L 108 -39.50 48.49 -34.29
CA THR L 108 -39.18 48.62 -35.71
C THR L 108 -39.38 47.30 -36.41
N ASP L 109 -39.41 47.37 -37.75
CA ASP L 109 -39.46 46.17 -38.58
C ASP L 109 -38.09 45.55 -38.80
N SER L 110 -37.05 46.09 -38.16
CA SER L 110 -35.68 45.64 -38.37
C SER L 110 -35.53 44.16 -37.97
N LEU L 111 -34.57 43.48 -38.64
CA LEU L 111 -34.25 42.09 -38.35
C LEU L 111 -32.92 42.07 -37.60
N THR L 112 -32.95 41.69 -36.34
CA THR L 112 -31.81 41.82 -35.44
C THR L 112 -31.22 40.43 -35.15
N ILE L 113 -29.94 40.26 -35.48
CA ILE L 113 -29.21 39.02 -35.23
C ILE L 113 -28.42 39.16 -33.95
N ILE L 114 -28.35 38.07 -33.17
CA ILE L 114 -27.65 38.05 -31.89
C ILE L 114 -26.85 36.76 -31.79
N VAL L 115 -25.66 36.86 -31.19
CA VAL L 115 -24.80 35.71 -30.93
C VAL L 115 -24.56 35.63 -29.43
N SER L 116 -24.81 34.45 -28.85
CA SER L 116 -24.74 34.27 -27.40
C SER L 116 -23.31 34.17 -26.91
N GLU L 117 -22.98 34.96 -25.89
CA GLU L 117 -21.64 34.92 -25.29
C GLU L 117 -21.42 33.66 -24.46
N GLU L 118 -22.49 33.00 -24.01
CA GLU L 118 -22.37 31.79 -23.21
C GLU L 118 -22.42 30.54 -24.07
N THR L 119 -23.36 30.48 -25.01
CA THR L 119 -23.60 29.30 -25.83
C THR L 119 -22.96 29.41 -27.21
N GLY L 120 -22.97 30.60 -27.80
CA GLY L 120 -22.60 30.74 -29.20
C GLY L 120 -23.73 30.46 -30.16
N GLY L 121 -24.95 30.31 -29.67
CA GLY L 121 -26.08 30.07 -30.55
C GLY L 121 -26.58 31.37 -31.17
N VAL L 122 -26.98 31.28 -32.43
CA VAL L 122 -27.43 32.44 -33.18
C VAL L 122 -28.92 32.62 -32.94
N SER L 123 -29.31 33.84 -32.57
CA SER L 123 -30.70 34.19 -32.33
C SER L 123 -31.07 35.34 -33.25
N VAL L 124 -32.37 35.46 -33.54
CA VAL L 124 -32.86 36.54 -34.40
C VAL L 124 -34.16 37.07 -33.82
N ALA L 125 -34.38 38.37 -33.99
CA ALA L 125 -35.55 39.04 -33.44
C ALA L 125 -36.23 39.85 -34.54
N LYS L 126 -37.52 39.60 -34.76
CA LYS L 126 -38.28 40.31 -35.77
C LYS L 126 -39.74 40.36 -35.34
N ASN L 127 -40.32 41.57 -35.39
CA ASN L 127 -41.73 41.79 -35.07
C ASN L 127 -42.05 41.38 -33.63
N GLY L 128 -41.06 41.45 -32.75
CA GLY L 128 -41.24 41.11 -31.36
C GLY L 128 -41.03 39.65 -31.01
N ASP L 129 -40.75 38.80 -32.01
CA ASP L 129 -40.54 37.38 -31.80
C ASP L 129 -39.06 37.06 -31.90
N LEU L 130 -38.56 36.26 -30.96
CA LEU L 130 -37.16 35.92 -30.85
C LEU L 130 -36.99 34.44 -31.14
N HIS L 131 -36.33 34.12 -32.25
CA HIS L 131 -36.07 32.73 -32.64
C HIS L 131 -34.70 32.32 -32.10
N ARG L 132 -34.69 31.28 -31.28
CA ARG L 132 -33.47 30.78 -30.67
C ARG L 132 -32.92 29.59 -31.46
N GLU L 133 -31.62 29.36 -31.30
CA GLU L 133 -30.94 28.16 -31.79
C GLU L 133 -31.22 27.96 -33.28
N LEU L 134 -30.58 28.81 -34.08
CA LEU L 134 -30.66 28.72 -35.54
C LEU L 134 -29.44 28.00 -36.08
N THR L 135 -29.65 27.24 -37.16
CA THR L 135 -28.54 26.63 -37.85
C THR L 135 -27.97 27.61 -38.87
N GLU L 136 -26.79 27.28 -39.39
CA GLU L 136 -26.13 28.19 -40.32
C GLU L 136 -26.98 28.42 -41.56
N GLU L 137 -27.60 27.36 -42.08
CA GLU L 137 -28.49 27.46 -43.22
C GLU L 137 -29.91 27.87 -42.84
N ALA L 138 -30.30 27.69 -41.57
CA ALA L 138 -31.57 28.26 -41.12
C ALA L 138 -31.51 29.77 -41.19
N LEU L 139 -30.44 30.36 -40.66
CA LEU L 139 -30.12 31.75 -40.94
C LEU L 139 -29.79 31.84 -42.43
N LYS L 140 -29.46 33.05 -42.90
CA LYS L 140 -29.16 33.30 -44.31
C LYS L 140 -30.41 33.11 -45.17
N GLU L 141 -31.07 31.95 -45.05
CA GLU L 141 -32.39 31.82 -45.68
C GLU L 141 -33.36 32.77 -44.98
N MET L 142 -33.27 32.85 -43.65
CA MET L 142 -33.99 33.88 -42.92
C MET L 142 -33.55 35.26 -43.38
N LEU L 143 -32.26 35.41 -43.68
CA LEU L 143 -31.71 36.68 -44.16
C LEU L 143 -32.17 37.00 -45.56
N GLU L 144 -32.87 36.07 -46.24
CA GLU L 144 -33.51 36.38 -47.51
C GLU L 144 -34.78 37.23 -47.32
N ALA L 145 -34.86 37.95 -46.21
CA ALA L 145 -35.97 38.89 -46.00
C ALA L 145 -36.00 39.97 -47.07
N GLU L 146 -34.83 40.37 -47.58
CA GLU L 146 -34.76 41.28 -48.72
C GLU L 146 -35.33 40.63 -49.98
N PHE L 147 -36.60 40.21 -49.91
CA PHE L 147 -37.27 39.51 -51.01
C PHE L 147 -36.46 38.32 -51.52
#